data_9NB6
#
_entry.id   9NB6
#
_cell.length_a   1.00
_cell.length_b   1.00
_cell.length_c   1.00
_cell.angle_alpha   90.00
_cell.angle_beta   90.00
_cell.angle_gamma   90.00
#
_symmetry.space_group_name_H-M   'P 1'
#
loop_
_entity.id
_entity.type
_entity.pdbx_description
1 polymer 'Scavenger receptor cysteine-rich type 1 protein M130'
2 polymer 'Hemoglobin subunit alpha'
3 polymer 'Hemoglobin subunit beta'
4 polymer 'Isoform 2 of Haptoglobin'
5 non-polymer 2-acetamido-2-deoxy-beta-D-glucopyranose
6 non-polymer 'CALCIUM ION'
7 non-polymer 'PROTOPORPHYRIN IX CONTAINING FE'
8 non-polymer 'OXYGEN MOLECULE'
#
loop_
_entity_poly.entity_id
_entity_poly.type
_entity_poly.pdbx_seq_one_letter_code
_entity_poly.pdbx_strand_id
1 'polypeptide(L)'
;SSLGGTDKELRLVDGENKCSGRVEVKVQEEWGTVCNNGWSMEAVSVICNQLGCPTAIKAPGWANSSAGSGRIWMDHVSCR
GNESALWDCKHDGWGKHSNCTHQQDAGVTCSDGSNLEMRLTRGGNMCSGRIEIKFQGRWGTVCDDNFNIDHASVICRQLE
CGSAVSFSGSSNFGEGSGPIWFDDLICNGNESALWNCKHQGWGKHNCDHAEDAGVICSKGADLSLRLVDGVTECSGRLEV
RFQGEWGTICDDGWDSYDAAVACKQLGCPTAVTAIGRVNASKGFGHIWLDSVSCQGHEPAIWQCKHHEWGKHYCNHNEDA
GVTCSDGSDLELRLRGGGSRCAGTVEVEIQRLLGKVCDRGWGLKEADVVCRQLGCGSALKTSYQVYSKIQATNTWLFLSS
CNGNETSLWDCKNWQWGGLTCDHYEEAKITCSAHREPRLVGGDIPCSGRVEVKHGDTWGSICDSDFSLEAASVLCRELQC
GTVVSILGGAHFGEGNGQIWAEEFQCEGHESHLSLCPVAPRPEGTCSHSRDVGVVCSRYTEIRLVNGKTPCEGRVELKTL
GAWGSLCNSHWDIEDAHVLCQQLKCGVALSTPGGARFGKGNGQIWRHMFHCTGTEQHMGDCPVTALGASLCPSEQVASVI
CSGNQSQTLSSCNSSSLGPTRPTIPEESAVACIESGQLRLVNGGGRCAGRVEIYHEGSWGTICDDSWDLSDAHVVCRQLG
CGEAINATGSAHFGEGTGPIWLDEMKCNGKESRIWQCHSHGWGQQNCRHKEDAGVICSEFMSLRLTSEASREACAGRLEV
FYNGAWGTVGKSSMSETTVGVVCRQLGCADKGKINPASLDKAMSIPMWVDNVQCPKGPDTLWQCPSSPWEKRLASPSEET
WITCDNKIRLQEGPTSCSGRVEIWHGGSWGTVCDDSWDLDDAQVVCQQLGCGPALKAFKEAEFGQGTGPIWLNEVKCKGN
ESSLWDCPARRWGHSECGHKEDAAVNCTDISVQKTPQKATTGRSHHHHHHHH
;
A,B,C
2 'polypeptide(L)'
;MVLSPADKTNVKAAWGKVGAHAGEYGAEALERMFLSFPTTKTYFPHFDLSHGSAQVKGHGKKVADALTNAVAHVDDMPNA
LSALSDLHAHKLRVDPVNFKLLSHCLLVTLAAHLPAEFTPAVHASLDKFLASVSTVLTSKYR
;
D
3 'polypeptide(L)'
;MVHLTPEEKSAVTALWGKVNVDEVGGEALGRLLVVYPWTQRFFESFGDLSTPDAVMGNPKVKAHGKKVLGAFSDGLAHLD
NLKGTFATLSELHCDKLHVDPENFRLLGNVLVCVLAHHFGKEFTPPVQAAYQKVVAGVANALAHKYH
;
E
4 'polypeptide(L)'
;MSALGAVIALLLWGQLFAVDSGNDVTDIADDGCPKPPEIAHGYVEHSVRYQCKNYYKLRTEGDGVYTLNNEKQWINKAVG
DKLPECEAVCGKPKNPANPVQRILGGHLDAKGSFPWQAKMVSHHNLTTGATLINEQWLLTTAKNLFLNHSENATAKDIAP
TLTLYVGKKQLVEIEKVVLHPNYSQVDIGLIKLKQKVSVNERVMPICLPSKDYAEVGRVGYVSGWGRNANFKFTDHLKYV
MLPVADQDQCIRHYEGSTVPEKKTPKSPVGVQPILNEHTFCAGMSKYQEDTCYGDAGSAFAVHDLEEDTWYATGILSFDK
SCAVAEYGVYVKVTSIQDWVQKTIAEN
;
F,G
#
# COMPACT_ATOMS: atom_id res chain seq x y z
N GLY A 113 -42.93 40.91 65.60
CA GLY A 113 -42.07 41.94 65.04
C GLY A 113 -42.61 42.54 63.75
N SER A 114 -43.35 43.65 63.89
CA SER A 114 -43.93 44.32 62.73
C SER A 114 -42.97 45.25 62.02
N ASN A 115 -41.80 45.53 62.62
CA ASN A 115 -40.85 46.45 62.01
C ASN A 115 -40.15 45.82 60.81
N LEU A 116 -39.92 44.51 60.85
CA LEU A 116 -39.17 43.84 59.80
C LEU A 116 -39.94 43.83 58.49
N GLU A 117 -39.21 43.62 57.40
CA GLU A 117 -39.79 43.65 56.06
C GLU A 117 -39.20 42.54 55.21
N MET A 118 -40.03 41.94 54.36
CA MET A 118 -39.62 40.88 53.45
C MET A 118 -39.67 41.37 52.01
N ARG A 119 -38.67 40.95 51.22
CA ARG A 119 -38.61 41.34 49.82
C ARG A 119 -37.94 40.22 49.02
N LEU A 120 -38.23 40.17 47.73
CA LEU A 120 -37.62 39.22 46.81
C LEU A 120 -36.78 39.99 45.80
N THR A 121 -35.60 39.48 45.49
CA THR A 121 -34.63 40.16 44.64
C THR A 121 -34.16 39.25 43.51
N ARG A 122 -33.85 39.87 42.37
CA ARG A 122 -33.25 39.22 41.22
C ARG A 122 -34.10 38.10 40.64
N GLY A 123 -35.42 38.21 40.74
CA GLY A 123 -36.29 37.19 40.18
C GLY A 123 -36.91 37.51 38.83
N GLY A 124 -36.75 38.73 38.34
CA GLY A 124 -37.39 39.15 37.12
C GLY A 124 -38.84 39.57 37.28
N ASN A 125 -39.43 39.37 38.46
CA ASN A 125 -40.80 39.76 38.73
C ASN A 125 -40.92 40.03 40.22
N MET A 126 -41.98 40.76 40.58
CA MET A 126 -42.16 41.13 41.99
C MET A 126 -42.40 39.91 42.87
N CYS A 127 -43.03 38.88 42.33
CA CYS A 127 -43.42 37.71 43.12
C CYS A 127 -42.39 36.58 43.08
N SER A 128 -41.25 36.79 42.45
CA SER A 128 -40.21 35.76 42.38
C SER A 128 -38.85 36.37 42.69
N GLY A 129 -37.97 35.56 43.25
CA GLY A 129 -36.61 36.00 43.51
C GLY A 129 -36.07 35.38 44.78
N ARG A 130 -34.88 35.86 45.15
CA ARG A 130 -34.24 35.41 46.37
C ARG A 130 -34.78 36.18 47.57
N ILE A 131 -35.06 35.46 48.66
CA ILE A 131 -35.62 36.07 49.85
C ILE A 131 -34.66 37.10 50.41
N GLU A 132 -35.20 38.25 50.81
CA GLU A 132 -34.41 39.31 51.44
C GLU A 132 -35.22 39.87 52.60
N ILE A 133 -34.72 39.69 53.82
CA ILE A 133 -35.39 40.10 55.04
C ILE A 133 -34.55 41.19 55.70
N LYS A 134 -35.20 42.27 56.10
CA LYS A 134 -34.51 43.42 56.71
C LYS A 134 -34.76 43.42 58.20
N PHE A 135 -33.68 43.49 58.97
CA PHE A 135 -33.74 43.60 60.43
C PHE A 135 -32.57 44.42 60.92
N GLN A 136 -32.84 45.31 61.88
CA GLN A 136 -31.87 46.26 62.39
C GLN A 136 -31.31 47.14 61.27
N GLY A 137 -32.10 47.40 60.25
CA GLY A 137 -31.67 48.22 59.13
C GLY A 137 -30.76 47.52 58.14
N ARG A 138 -30.60 46.20 58.26
CA ARG A 138 -29.70 45.43 57.39
C ARG A 138 -30.50 44.35 56.66
N TRP A 139 -30.21 44.21 55.37
CA TRP A 139 -30.87 43.20 54.55
C TRP A 139 -30.07 41.90 54.55
N GLY A 140 -30.79 40.79 54.66
CA GLY A 140 -30.15 39.49 54.76
C GLY A 140 -30.89 38.44 53.96
N THR A 141 -30.42 37.20 54.08
CA THR A 141 -30.96 36.09 53.29
C THR A 141 -31.07 34.85 54.18
N VAL A 142 -31.95 33.94 53.76
CA VAL A 142 -32.19 32.69 54.47
C VAL A 142 -31.36 31.58 53.83
N CYS A 143 -30.71 30.78 54.66
CA CYS A 143 -29.89 29.69 54.17
C CYS A 143 -30.77 28.59 53.56
N ASP A 144 -30.15 27.80 52.67
CA ASP A 144 -30.87 26.76 51.95
C ASP A 144 -31.15 25.52 52.79
N ASP A 145 -30.53 25.40 53.95
CA ASP A 145 -30.70 24.20 54.77
C ASP A 145 -32.13 24.07 55.26
N ASN A 146 -32.69 22.87 55.09
CA ASN A 146 -34.05 22.54 55.51
C ASN A 146 -35.07 23.50 54.90
N PHE A 147 -34.96 23.73 53.61
CA PHE A 147 -35.94 24.51 52.86
C PHE A 147 -36.87 23.56 52.12
N ASN A 148 -38.17 23.67 52.38
CA ASN A 148 -39.17 22.83 51.76
C ASN A 148 -40.23 23.70 51.09
N ILE A 149 -41.20 23.05 50.45
CA ILE A 149 -42.33 23.76 49.86
C ILE A 149 -43.12 24.49 50.92
N ASP A 150 -43.18 23.94 52.14
CA ASP A 150 -43.85 24.61 53.24
C ASP A 150 -43.22 25.98 53.51
N HIS A 151 -41.88 26.06 53.46
CA HIS A 151 -41.22 27.35 53.57
C HIS A 151 -41.60 28.27 52.42
N ALA A 152 -41.65 27.74 51.21
CA ALA A 152 -42.01 28.55 50.04
C ALA A 152 -43.45 29.04 50.14
N SER A 153 -44.36 28.18 50.60
CA SER A 153 -45.76 28.58 50.73
C SER A 153 -45.92 29.70 51.75
N VAL A 154 -45.19 29.61 52.87
CA VAL A 154 -45.27 30.64 53.90
C VAL A 154 -44.77 31.98 53.35
N ILE A 155 -43.66 31.96 52.62
CA ILE A 155 -43.11 33.20 52.08
C ILE A 155 -44.07 33.80 51.06
N CYS A 156 -44.61 32.97 50.16
CA CYS A 156 -45.54 33.47 49.16
C CYS A 156 -46.79 34.05 49.81
N ARG A 157 -47.24 33.44 50.91
CA ARG A 157 -48.40 33.97 51.63
C ARG A 157 -48.10 35.31 52.28
N GLN A 158 -46.90 35.46 52.85
CA GLN A 158 -46.53 36.74 53.47
C GLN A 158 -46.50 37.86 52.44
N LEU A 159 -45.97 37.58 51.24
CA LEU A 159 -46.02 38.55 50.15
C LEU A 159 -47.42 38.73 49.61
N GLU A 160 -48.35 37.82 49.95
CA GLU A 160 -49.71 37.82 49.44
C GLU A 160 -49.75 37.63 47.93
N CYS A 161 -48.69 37.06 47.34
CA CYS A 161 -48.68 36.84 45.90
C CYS A 161 -49.61 35.70 45.50
N GLY A 162 -49.56 34.60 46.22
CA GLY A 162 -50.39 33.45 45.88
C GLY A 162 -49.71 32.17 46.35
N SER A 163 -50.01 31.09 45.63
CA SER A 163 -49.42 29.80 45.95
C SER A 163 -47.96 29.75 45.53
N ALA A 164 -47.23 28.79 46.08
CA ALA A 164 -45.80 28.62 45.83
C ALA A 164 -45.62 27.54 44.76
N VAL A 165 -45.19 27.96 43.57
CA VAL A 165 -44.95 27.01 42.50
C VAL A 165 -43.77 26.11 42.83
N SER A 166 -42.66 26.70 43.27
CA SER A 166 -41.45 25.95 43.54
C SER A 166 -40.55 26.77 44.45
N PHE A 167 -39.46 26.14 44.89
CA PHE A 167 -38.43 26.79 45.69
C PHE A 167 -37.07 26.45 45.10
N SER A 168 -36.13 27.39 45.21
CA SER A 168 -34.80 27.22 44.65
C SER A 168 -33.75 27.53 45.70
N GLY A 169 -32.73 26.68 45.78
CA GLY A 169 -31.64 26.85 46.69
C GLY A 169 -30.31 27.06 45.99
N SER A 170 -29.24 27.05 46.78
CA SER A 170 -27.86 27.20 46.32
C SER A 170 -27.63 28.54 45.62
N SER A 171 -28.49 29.52 45.85
CA SER A 171 -28.37 30.85 45.29
C SER A 171 -28.32 30.81 43.76
N ASN A 172 -29.32 30.15 43.16
CA ASN A 172 -29.44 30.16 41.70
C ASN A 172 -29.84 31.54 41.19
N PHE A 173 -30.64 32.27 41.96
CA PHE A 173 -31.02 33.63 41.56
C PHE A 173 -29.82 34.55 41.52
N GLY A 174 -28.83 34.30 42.38
CA GLY A 174 -27.62 35.09 42.40
C GLY A 174 -26.90 35.01 43.73
N GLU A 175 -25.58 35.19 43.71
CA GLU A 175 -24.80 35.17 44.94
C GLU A 175 -25.15 36.41 45.76
N GLY A 176 -25.88 36.21 46.85
CA GLY A 176 -26.35 37.32 47.64
C GLY A 176 -25.28 37.96 48.50
N SER A 177 -25.64 39.08 49.11
CA SER A 177 -24.75 39.82 49.97
C SER A 177 -25.46 40.09 51.30
N GLY A 178 -24.70 40.67 52.24
CA GLY A 178 -25.23 40.96 53.55
C GLY A 178 -25.19 39.77 54.47
N PRO A 179 -25.66 39.94 55.72
CA PRO A 179 -25.64 38.83 56.67
C PRO A 179 -26.68 37.77 56.36
N ILE A 180 -26.67 36.68 57.12
CA ILE A 180 -27.65 35.62 57.00
C ILE A 180 -28.41 35.53 58.32
N TRP A 181 -29.74 35.62 58.25
CA TRP A 181 -30.55 35.72 59.46
C TRP A 181 -30.98 34.34 59.98
N PHE A 182 -31.71 33.59 59.16
CA PHE A 182 -32.34 32.35 59.60
C PHE A 182 -31.67 31.15 58.96
N ASP A 183 -31.25 30.20 59.80
CA ASP A 183 -30.61 28.97 59.36
C ASP A 183 -31.21 27.80 60.13
N ASP A 184 -31.39 26.67 59.42
CA ASP A 184 -31.92 25.45 60.00
C ASP A 184 -33.32 25.65 60.59
N LEU A 185 -34.06 26.62 60.07
CA LEU A 185 -35.40 26.89 60.55
C LEU A 185 -36.38 25.81 60.07
N ILE A 186 -37.39 25.56 60.88
CA ILE A 186 -38.46 24.62 60.56
C ILE A 186 -39.79 25.36 60.61
N CYS A 187 -40.52 25.33 59.51
CA CYS A 187 -41.80 26.02 59.39
C CYS A 187 -42.85 25.03 58.93
N ASN A 188 -43.93 24.90 59.70
CA ASN A 188 -44.93 23.87 59.44
C ASN A 188 -45.79 24.18 58.22
N GLY A 189 -45.74 25.40 57.70
CA GLY A 189 -46.54 25.80 56.57
C GLY A 189 -47.79 26.56 56.92
N ASN A 190 -48.25 26.47 58.17
CA ASN A 190 -49.43 27.21 58.59
C ASN A 190 -49.09 28.64 59.01
N GLU A 191 -47.86 28.88 59.46
CA GLU A 191 -47.49 30.19 59.97
C GLU A 191 -47.58 31.24 58.87
N SER A 192 -48.12 32.40 59.22
CA SER A 192 -48.32 33.47 58.24
C SER A 192 -46.99 34.00 57.72
N ALA A 193 -46.05 34.29 58.62
CA ALA A 193 -44.76 34.85 58.26
C ALA A 193 -43.63 33.95 58.72
N LEU A 194 -42.52 34.01 57.99
CA LEU A 194 -41.37 33.17 58.30
C LEU A 194 -40.81 33.49 59.69
N TRP A 195 -40.77 34.77 60.04
CA TRP A 195 -40.09 35.19 61.27
C TRP A 195 -40.82 34.71 62.52
N ASN A 196 -42.08 34.27 62.37
CA ASN A 196 -42.84 33.79 63.52
C ASN A 196 -42.64 32.32 63.82
N CYS A 197 -42.48 31.47 62.80
CA CYS A 197 -42.35 30.05 63.05
C CYS A 197 -40.94 29.73 63.58
N LYS A 198 -40.83 28.56 64.20
CA LYS A 198 -39.67 28.24 65.01
C LYS A 198 -38.41 28.12 64.17
N HIS A 199 -37.32 28.69 64.66
CA HIS A 199 -35.99 28.50 64.09
C HIS A 199 -35.03 28.18 65.21
N GLN A 200 -33.93 27.47 64.86
CA GLN A 200 -32.99 27.03 65.88
C GLN A 200 -32.33 28.21 66.59
N GLY A 201 -31.96 29.25 65.83
CA GLY A 201 -31.37 30.43 66.42
C GLY A 201 -31.66 31.66 65.58
N TRP A 202 -31.38 32.82 66.17
CA TRP A 202 -31.57 34.10 65.51
C TRP A 202 -30.20 34.69 65.19
N GLY A 203 -29.98 34.99 63.91
CA GLY A 203 -28.69 35.51 63.48
C GLY A 203 -27.57 34.50 63.48
N LYS A 204 -27.88 33.21 63.67
CA LYS A 204 -26.89 32.16 63.73
C LYS A 204 -26.98 31.30 62.48
N HIS A 205 -25.81 30.96 61.92
CA HIS A 205 -25.77 30.27 60.64
C HIS A 205 -24.50 29.42 60.56
N ASN A 206 -24.63 28.24 59.96
CA ASN A 206 -23.48 27.44 59.57
C ASN A 206 -23.24 27.50 58.07
N CYS A 207 -23.85 28.45 57.38
CA CYS A 207 -23.83 28.54 55.93
C CYS A 207 -22.93 29.68 55.46
N ASP A 208 -22.71 29.71 54.15
CA ASP A 208 -22.02 30.78 53.46
C ASP A 208 -22.99 31.40 52.45
N HIS A 209 -22.48 32.30 51.61
CA HIS A 209 -23.33 33.02 50.68
C HIS A 209 -23.52 32.29 49.35
N ALA A 210 -23.17 31.02 49.27
CA ALA A 210 -23.56 30.16 48.17
C ALA A 210 -24.75 29.28 48.52
N GLU A 211 -25.36 29.50 49.68
CA GLU A 211 -26.52 28.74 50.13
C GLU A 211 -27.75 29.63 50.32
N ASP A 212 -27.74 30.83 49.74
CA ASP A 212 -28.90 31.70 49.82
C ASP A 212 -30.09 31.06 49.13
N ALA A 213 -31.27 31.24 49.70
CA ALA A 213 -32.48 30.59 49.21
C ALA A 213 -33.36 31.60 48.49
N GLY A 214 -34.26 31.07 47.66
CA GLY A 214 -35.20 31.89 46.92
C GLY A 214 -36.41 31.08 46.53
N VAL A 215 -37.53 31.79 46.38
CA VAL A 215 -38.81 31.15 46.08
C VAL A 215 -39.39 31.77 44.82
N ILE A 216 -40.27 31.03 44.16
CA ILE A 216 -40.99 31.48 42.98
C ILE A 216 -42.48 31.23 43.22
N CYS A 217 -43.26 32.30 43.25
CA CYS A 217 -44.69 32.19 43.54
C CYS A 217 -45.45 31.94 42.23
N SER A 218 -46.78 32.03 42.29
CA SER A 218 -47.63 31.69 41.16
C SER A 218 -48.33 32.88 40.52
N LYS A 219 -48.34 34.04 41.17
CA LYS A 219 -49.09 35.19 40.64
C LYS A 219 -48.52 35.66 39.31
N GLY A 220 -47.19 35.75 39.21
CA GLY A 220 -46.59 36.34 38.03
C GLY A 220 -46.31 35.37 36.91
N ALA A 221 -46.23 34.07 37.21
CA ALA A 221 -45.83 33.09 36.19
C ALA A 221 -46.96 32.83 35.20
N ASP A 222 -48.15 32.52 35.71
CA ASP A 222 -49.37 32.24 34.95
C ASP A 222 -49.31 30.87 34.27
N LEU A 223 -48.13 30.25 34.24
CA LEU A 223 -47.93 28.82 34.09
C LEU A 223 -48.90 28.10 33.15
N SER A 224 -48.94 28.48 31.87
CA SER A 224 -49.82 27.81 30.92
C SER A 224 -49.03 26.89 30.00
N LEU A 225 -49.76 26.07 29.26
CA LEU A 225 -49.19 25.10 28.33
C LEU A 225 -49.96 25.15 27.02
N ARG A 226 -49.26 24.87 25.91
CA ARG A 226 -49.86 24.96 24.59
C ARG A 226 -49.03 24.15 23.60
N LEU A 227 -49.60 23.94 22.41
CA LEU A 227 -48.93 23.29 21.30
C LEU A 227 -48.87 24.23 20.11
N VAL A 228 -47.78 24.16 19.35
CA VAL A 228 -47.55 25.06 18.24
C VAL A 228 -46.98 24.28 17.06
N ASP A 229 -47.43 24.65 15.86
CA ASP A 229 -46.87 24.20 14.58
C ASP A 229 -46.97 22.69 14.39
N GLY A 230 -48.03 22.06 14.91
CA GLY A 230 -48.24 20.64 14.70
C GLY A 230 -49.20 20.35 13.57
N VAL A 231 -49.44 19.05 13.36
CA VAL A 231 -50.40 18.65 12.34
C VAL A 231 -51.82 19.04 12.74
N THR A 232 -52.19 18.76 13.99
CA THR A 232 -53.51 19.09 14.51
C THR A 232 -53.36 19.94 15.77
N GLU A 233 -54.47 20.16 16.47
CA GLU A 233 -54.48 21.09 17.59
C GLU A 233 -53.68 20.57 18.77
N CYS A 234 -53.71 19.26 19.03
CA CYS A 234 -53.02 18.72 20.19
C CYS A 234 -51.97 17.69 19.81
N SER A 235 -51.16 17.99 18.79
CA SER A 235 -50.02 17.14 18.46
C SER A 235 -48.98 18.03 17.80
N GLY A 236 -47.89 18.31 18.50
CA GLY A 236 -46.86 19.19 17.98
C GLY A 236 -45.89 19.59 19.07
N ARG A 237 -45.13 20.64 18.78
CA ARG A 237 -44.14 21.14 19.73
C ARG A 237 -44.83 21.72 20.97
N LEU A 238 -44.28 21.42 22.14
CA LEU A 238 -44.85 21.86 23.41
C LEU A 238 -44.17 23.14 23.87
N GLU A 239 -44.97 24.11 24.32
CA GLU A 239 -44.47 25.39 24.78
C GLU A 239 -45.06 25.73 26.13
N VAL A 240 -44.31 26.50 26.93
CA VAL A 240 -44.69 26.88 28.28
C VAL A 240 -44.62 28.40 28.39
N ARG A 241 -45.69 29.00 28.91
CA ARG A 241 -45.75 30.43 29.17
C ARG A 241 -45.37 30.67 30.63
N PHE A 242 -44.11 30.99 30.88
CA PHE A 242 -43.64 31.32 32.20
C PHE A 242 -43.28 32.80 32.25
N GLN A 243 -43.80 33.49 33.26
CA GLN A 243 -43.52 34.92 33.47
C GLN A 243 -43.91 35.75 32.25
N GLY A 244 -44.97 35.34 31.56
CA GLY A 244 -45.46 36.08 30.41
C GLY A 244 -44.70 35.84 29.13
N GLU A 245 -43.75 34.92 29.11
CA GLU A 245 -42.96 34.61 27.93
C GLU A 245 -43.11 33.13 27.59
N TRP A 246 -43.20 32.83 26.31
CA TRP A 246 -43.41 31.46 25.86
C TRP A 246 -42.06 30.83 25.51
N GLY A 247 -41.74 29.73 26.20
CA GLY A 247 -40.52 29.00 25.94
C GLY A 247 -40.79 27.55 25.62
N THR A 248 -39.77 26.71 25.60
CA THR A 248 -39.90 25.31 25.26
C THR A 248 -39.34 24.43 26.36
N ILE A 249 -39.45 23.12 26.15
CA ILE A 249 -39.00 22.11 27.10
C ILE A 249 -37.98 21.22 26.42
N CYS A 250 -36.86 20.98 27.09
CA CYS A 250 -35.80 20.14 26.52
C CYS A 250 -36.26 18.69 26.43
N ASP A 251 -35.68 17.96 25.47
CA ASP A 251 -36.15 16.61 25.19
C ASP A 251 -35.54 15.59 26.15
N ASP A 252 -34.49 15.98 26.88
CA ASP A 252 -33.86 15.03 27.81
C ASP A 252 -34.82 14.68 28.94
N GLY A 253 -34.96 13.38 29.18
CA GLY A 253 -35.87 12.90 30.21
C GLY A 253 -37.32 12.85 29.81
N TRP A 254 -37.64 13.15 28.55
CA TRP A 254 -39.02 13.17 28.08
C TRP A 254 -39.45 11.73 27.77
N ASP A 255 -40.26 11.16 28.65
CA ASP A 255 -40.73 9.79 28.53
C ASP A 255 -42.20 9.78 28.15
N SER A 256 -42.74 8.58 27.94
CA SER A 256 -44.15 8.45 27.60
C SER A 256 -45.03 8.78 28.80
N TYR A 257 -44.51 8.64 30.02
CA TYR A 257 -45.26 9.04 31.21
C TYR A 257 -45.47 10.55 31.24
N ASP A 258 -44.44 11.31 30.85
CA ASP A 258 -44.57 12.77 30.80
C ASP A 258 -45.56 13.19 29.73
N ALA A 259 -45.62 12.44 28.62
CA ALA A 259 -46.59 12.73 27.58
C ALA A 259 -48.02 12.54 28.08
N ALA A 260 -48.24 11.48 28.86
CA ALA A 260 -49.58 11.21 29.37
C ALA A 260 -50.06 12.33 30.29
N VAL A 261 -49.16 12.85 31.14
CA VAL A 261 -49.54 13.94 32.04
C VAL A 261 -49.89 15.18 31.25
N ALA A 262 -49.08 15.53 30.25
CA ALA A 262 -49.34 16.71 29.45
C ALA A 262 -50.63 16.57 28.66
N CYS A 263 -50.87 15.39 28.07
CA CYS A 263 -52.08 15.19 27.27
C CYS A 263 -53.34 15.37 28.12
N LYS A 264 -53.33 14.83 29.34
CA LYS A 264 -54.46 15.04 30.24
C LYS A 264 -54.61 16.50 30.61
N GLN A 265 -53.49 17.19 30.85
CA GLN A 265 -53.54 18.60 31.22
C GLN A 265 -54.18 19.45 30.14
N LEU A 266 -53.80 19.24 28.88
CA LEU A 266 -54.35 20.05 27.80
C LEU A 266 -55.82 19.73 27.55
N GLY A 267 -56.17 18.45 27.46
CA GLY A 267 -57.55 18.07 27.28
C GLY A 267 -57.79 16.93 26.30
N CYS A 268 -56.88 16.74 25.35
CA CYS A 268 -57.04 15.69 24.36
C CYS A 268 -56.89 14.32 25.02
N PRO A 269 -57.48 13.28 24.43
CA PRO A 269 -57.53 11.97 25.10
C PRO A 269 -56.13 11.37 25.28
N THR A 270 -56.00 10.56 26.32
CA THR A 270 -54.76 9.87 26.66
C THR A 270 -54.74 8.42 26.20
N ALA A 271 -55.44 8.12 25.10
CA ALA A 271 -55.46 6.74 24.60
C ALA A 271 -54.08 6.32 24.12
N VAL A 272 -53.44 7.14 23.29
CA VAL A 272 -52.08 6.92 22.82
C VAL A 272 -51.30 8.21 23.02
N THR A 273 -50.22 8.14 23.78
CA THR A 273 -49.36 9.28 24.04
C THR A 273 -47.97 8.99 23.51
N ALA A 274 -47.43 9.91 22.71
CA ALA A 274 -46.12 9.74 22.09
C ALA A 274 -45.28 10.98 22.32
N ILE A 275 -43.98 10.77 22.40
CA ILE A 275 -43.03 11.85 22.63
C ILE A 275 -42.56 12.40 21.29
N GLY A 276 -42.04 13.62 21.33
CA GLY A 276 -41.48 14.22 20.13
C GLY A 276 -42.49 15.07 19.38
N ARG A 277 -42.00 16.16 18.80
CA ARG A 277 -42.81 17.06 18.00
C ARG A 277 -42.87 16.57 16.55
N VAL A 278 -43.96 16.93 15.87
CA VAL A 278 -44.22 16.48 14.52
C VAL A 278 -44.41 17.70 13.62
N ASN A 279 -43.66 17.75 12.51
CA ASN A 279 -43.91 18.71 11.44
C ASN A 279 -43.57 20.12 11.91
N ALA A 280 -43.23 20.28 13.18
CA ALA A 280 -42.88 21.57 13.74
C ALA A 280 -41.41 21.87 13.51
N SER A 281 -41.07 23.16 13.58
CA SER A 281 -39.70 23.60 13.36
C SER A 281 -38.98 23.77 14.70
N LYS A 282 -37.70 24.12 14.61
CA LYS A 282 -36.93 24.46 15.79
C LYS A 282 -37.58 25.65 16.50
N GLY A 283 -37.69 25.55 17.81
CA GLY A 283 -38.39 26.56 18.59
C GLY A 283 -37.65 27.87 18.65
N PHE A 284 -38.20 28.78 19.46
CA PHE A 284 -37.68 30.13 19.60
C PHE A 284 -37.74 30.55 21.05
N GLY A 285 -36.79 31.38 21.46
CA GLY A 285 -36.81 31.95 22.80
C GLY A 285 -36.19 31.04 23.84
N HIS A 286 -36.65 31.21 25.07
CA HIS A 286 -36.07 30.51 26.21
C HIS A 286 -36.42 29.02 26.19
N ILE A 287 -35.64 28.24 26.92
CA ILE A 287 -35.95 26.85 27.22
C ILE A 287 -36.15 26.78 28.72
N TRP A 288 -37.41 26.77 29.16
CA TRP A 288 -37.71 26.91 30.57
C TRP A 288 -37.51 25.60 31.33
N LEU A 289 -38.29 24.58 30.98
CA LEU A 289 -38.24 23.31 31.69
C LEU A 289 -37.21 22.38 31.07
N ASP A 290 -36.77 21.40 31.85
CA ASP A 290 -35.80 20.42 31.38
C ASP A 290 -35.76 19.26 32.36
N SER A 291 -35.56 18.06 31.81
CA SER A 291 -35.43 16.84 32.60
C SER A 291 -36.61 16.66 33.55
N VAL A 292 -37.81 16.97 33.06
CA VAL A 292 -39.01 16.79 33.86
C VAL A 292 -39.30 15.30 33.98
N SER A 293 -39.47 14.84 35.23
CA SER A 293 -39.69 13.43 35.53
C SER A 293 -41.05 13.28 36.19
N CYS A 294 -42.09 13.10 35.37
CA CYS A 294 -43.44 12.89 35.85
C CYS A 294 -43.67 11.41 36.08
N GLN A 295 -44.41 11.09 37.16
CA GLN A 295 -44.74 9.70 37.43
C GLN A 295 -45.77 9.17 36.45
N GLY A 296 -46.74 10.00 36.07
CA GLY A 296 -47.76 9.60 35.13
C GLY A 296 -49.17 9.91 35.61
N HIS A 297 -49.28 10.52 36.79
CA HIS A 297 -50.58 10.82 37.37
C HIS A 297 -50.69 12.23 37.94
N GLU A 298 -49.65 13.04 37.84
CA GLU A 298 -49.73 14.41 38.34
C GLU A 298 -50.76 15.20 37.54
N PRO A 299 -51.55 16.06 38.19
CA PRO A 299 -52.54 16.85 37.44
C PRO A 299 -51.92 17.77 36.40
N ALA A 300 -50.71 18.26 36.64
CA ALA A 300 -50.05 19.16 35.70
C ALA A 300 -48.56 18.91 35.75
N ILE A 301 -47.88 19.34 34.68
CA ILE A 301 -46.45 19.09 34.56
C ILE A 301 -45.66 19.85 35.63
N TRP A 302 -46.09 21.07 35.98
CA TRP A 302 -45.37 21.85 36.98
C TRP A 302 -45.33 21.15 38.33
N GLN A 303 -46.32 20.29 38.61
CA GLN A 303 -46.33 19.56 39.87
C GLN A 303 -45.23 18.50 39.92
N CYS A 304 -44.77 18.03 38.76
CA CYS A 304 -43.73 17.02 38.72
C CYS A 304 -42.40 17.58 39.17
N LYS A 305 -41.51 16.67 39.57
CA LYS A 305 -40.15 17.04 39.93
C LYS A 305 -39.33 17.22 38.66
N HIS A 306 -38.87 18.44 38.42
CA HIS A 306 -38.14 18.78 37.21
C HIS A 306 -36.88 19.55 37.57
N HIS A 307 -35.90 19.52 36.68
CA HIS A 307 -34.66 20.23 36.90
C HIS A 307 -34.85 21.72 36.76
N GLU A 308 -33.84 22.48 37.15
CA GLU A 308 -33.95 23.92 37.26
C GLU A 308 -34.24 24.56 35.90
N TRP A 309 -34.74 25.79 35.95
CA TRP A 309 -35.05 26.54 34.74
C TRP A 309 -33.81 26.90 33.95
N GLY A 310 -32.62 26.78 34.55
CA GLY A 310 -31.37 26.93 33.85
C GLY A 310 -30.63 25.61 33.72
N LYS A 311 -29.32 25.72 33.53
CA LYS A 311 -28.41 24.57 33.54
C LYS A 311 -28.69 23.61 32.39
N HIS A 312 -27.88 22.55 32.30
CA HIS A 312 -28.01 21.39 31.42
C HIS A 312 -27.66 21.71 29.97
N TYR A 313 -27.46 22.97 29.61
CA TYR A 313 -26.89 23.36 28.31
C TYR A 313 -27.67 22.76 27.15
N CYS A 314 -28.94 23.13 27.05
CA CYS A 314 -29.79 22.56 26.03
C CYS A 314 -29.71 23.34 24.72
N ASN A 315 -30.00 22.64 23.63
CA ASN A 315 -29.99 23.20 22.29
C ASN A 315 -31.41 23.24 21.74
N HIS A 316 -31.70 24.23 20.90
CA HIS A 316 -33.06 24.46 20.45
C HIS A 316 -33.55 23.38 19.49
N ASN A 317 -32.66 22.56 18.94
CA ASN A 317 -33.09 21.40 18.18
C ASN A 317 -33.66 20.30 19.07
N GLU A 318 -33.49 20.41 20.39
CA GLU A 318 -33.95 19.41 21.34
C GLU A 318 -35.28 19.77 21.98
N ASP A 319 -36.11 20.56 21.29
CA ASP A 319 -37.38 20.98 21.87
C ASP A 319 -38.36 19.82 21.87
N ALA A 320 -38.97 19.58 23.02
CA ALA A 320 -39.85 18.43 23.21
C ALA A 320 -41.25 18.74 22.67
N GLY A 321 -41.96 17.67 22.36
CA GLY A 321 -43.33 17.76 21.88
C GLY A 321 -44.13 16.58 22.39
N VAL A 322 -45.43 16.59 22.06
CA VAL A 322 -46.35 15.54 22.48
C VAL A 322 -47.24 15.16 21.31
N THR A 323 -47.82 13.96 21.40
CA THR A 323 -48.73 13.46 20.38
C THR A 323 -49.80 12.62 21.07
N CYS A 324 -50.99 13.18 21.23
CA CYS A 324 -52.11 12.50 21.86
C CYS A 324 -53.11 12.11 20.78
N SER A 325 -53.56 10.85 20.81
CA SER A 325 -54.46 10.35 19.79
C SER A 325 -55.39 9.30 20.39
N ASP A 326 -56.50 9.06 19.70
CA ASP A 326 -57.49 8.09 20.14
C ASP A 326 -57.13 6.65 19.80
N GLY A 327 -56.13 6.43 18.93
CA GLY A 327 -55.71 5.10 18.56
C GLY A 327 -56.22 4.63 17.21
N SER A 328 -57.18 5.32 16.62
CA SER A 328 -57.72 4.93 15.33
C SER A 328 -57.03 5.62 14.16
N ASP A 329 -56.37 6.76 14.40
CA ASP A 329 -55.74 7.50 13.32
C ASP A 329 -54.42 6.87 12.88
N LEU A 330 -53.68 6.24 13.80
CA LEU A 330 -52.40 5.64 13.45
C LEU A 330 -52.60 4.41 12.59
N GLU A 331 -51.82 4.30 11.52
CA GLU A 331 -51.88 3.16 10.61
C GLU A 331 -50.46 2.79 10.18
N LEU A 332 -50.24 1.49 10.00
CA LEU A 332 -48.96 0.96 9.56
C LEU A 332 -49.13 0.22 8.24
N ARG A 333 -48.29 0.56 7.27
CA ARG A 333 -48.35 -0.06 5.95
C ARG A 333 -46.95 -0.29 5.42
N LEU A 334 -46.84 -1.23 4.49
CA LEU A 334 -45.60 -1.52 3.79
C LEU A 334 -45.77 -1.15 2.33
N ARG A 335 -44.86 -0.34 1.80
CA ARG A 335 -44.95 0.16 0.44
C ARG A 335 -43.61 0.00 -0.26
N GLY A 336 -43.69 -0.25 -1.58
CA GLY A 336 -42.50 -0.36 -2.40
C GLY A 336 -42.05 -1.77 -2.72
N GLY A 337 -42.74 -2.79 -2.18
CA GLY A 337 -42.35 -4.17 -2.38
C GLY A 337 -43.33 -4.93 -3.26
N GLY A 338 -43.04 -6.24 -3.37
CA GLY A 338 -43.88 -7.09 -4.20
C GLY A 338 -45.31 -7.21 -3.67
N SER A 339 -45.44 -7.44 -2.37
CA SER A 339 -46.74 -7.56 -1.73
C SER A 339 -46.75 -6.73 -0.45
N ARG A 340 -47.89 -6.78 0.24
CA ARG A 340 -48.05 -6.00 1.47
C ARG A 340 -47.15 -6.50 2.59
N CYS A 341 -46.57 -7.69 2.47
CA CYS A 341 -45.75 -8.27 3.51
C CYS A 341 -44.26 -8.02 3.32
N ALA A 342 -43.88 -7.18 2.36
CA ALA A 342 -42.49 -6.82 2.15
C ALA A 342 -42.42 -5.43 1.54
N GLY A 343 -41.52 -4.61 2.07
CA GLY A 343 -41.33 -3.28 1.54
C GLY A 343 -40.85 -2.33 2.62
N THR A 344 -40.71 -1.07 2.23
CA THR A 344 -40.30 -0.03 3.15
C THR A 344 -41.43 0.31 4.11
N VAL A 345 -41.10 0.41 5.40
CA VAL A 345 -42.11 0.72 6.41
C VAL A 345 -42.55 2.18 6.26
N GLU A 346 -43.87 2.38 6.21
CA GLU A 346 -44.45 3.71 6.10
C GLU A 346 -45.51 3.87 7.18
N VAL A 347 -45.47 5.00 7.88
CA VAL A 347 -46.37 5.28 8.99
C VAL A 347 -47.18 6.52 8.64
N GLU A 348 -48.50 6.42 8.77
CA GLU A 348 -49.42 7.54 8.59
C GLU A 348 -50.11 7.79 9.93
N ILE A 349 -49.79 8.92 10.55
CA ILE A 349 -50.38 9.31 11.83
C ILE A 349 -50.96 10.69 11.66
N GLN A 350 -52.26 10.83 11.96
CA GLN A 350 -52.98 12.09 11.83
C GLN A 350 -52.83 12.66 10.42
N ARG A 351 -53.03 11.79 9.43
CA ARG A 351 -53.01 12.15 8.00
C ARG A 351 -51.60 12.44 7.52
N LEU A 352 -50.65 12.54 8.46
CA LEU A 352 -49.27 12.88 8.12
C LEU A 352 -48.49 11.62 7.78
N LEU A 353 -47.81 11.64 6.63
CA LEU A 353 -47.04 10.50 6.18
C LEU A 353 -45.61 10.58 6.71
N GLY A 354 -45.02 9.41 6.94
CA GLY A 354 -43.68 9.37 7.48
C GLY A 354 -43.09 7.99 7.32
N LYS A 355 -41.88 7.83 7.83
CA LYS A 355 -41.14 6.57 7.75
C LYS A 355 -40.53 6.25 9.12
N VAL A 356 -39.71 5.21 9.16
CA VAL A 356 -39.09 4.72 10.39
C VAL A 356 -37.59 4.63 10.18
N CYS A 357 -36.82 5.17 11.11
CA CYS A 357 -35.37 5.15 11.02
C CYS A 357 -34.82 3.77 11.38
N ASP A 358 -33.60 3.51 10.92
CA ASP A 358 -33.00 2.18 11.00
C ASP A 358 -32.09 1.97 12.21
N ARG A 359 -31.86 3.00 13.03
CA ARG A 359 -30.84 2.88 14.07
C ARG A 359 -31.22 1.82 15.10
N GLY A 360 -32.47 1.79 15.54
CA GLY A 360 -32.94 0.82 16.50
C GLY A 360 -33.53 -0.43 15.91
N TRP A 361 -33.50 -0.59 14.60
CA TRP A 361 -34.16 -1.72 13.95
C TRP A 361 -33.39 -3.01 14.21
N GLY A 362 -34.14 -4.10 14.35
CA GLY A 362 -33.56 -5.41 14.53
C GLY A 362 -34.57 -6.47 14.16
N LEU A 363 -34.17 -7.73 14.33
CA LEU A 363 -35.07 -8.83 14.01
C LEU A 363 -36.22 -8.92 15.01
N LYS A 364 -36.01 -8.45 16.24
CA LYS A 364 -37.10 -8.44 17.22
C LYS A 364 -38.15 -7.41 16.84
N GLU A 365 -37.71 -6.19 16.48
CA GLU A 365 -38.64 -5.16 16.05
C GLU A 365 -39.29 -5.53 14.72
N ALA A 366 -38.54 -6.18 13.83
CA ALA A 366 -39.11 -6.63 12.56
C ALA A 366 -40.22 -7.63 12.78
N ASP A 367 -40.15 -8.42 13.85
CA ASP A 367 -41.16 -9.44 14.11
C ASP A 367 -42.48 -8.81 14.55
N VAL A 368 -42.41 -7.79 15.41
CA VAL A 368 -43.63 -7.20 15.96
C VAL A 368 -44.39 -6.44 14.87
N VAL A 369 -43.69 -5.85 13.92
CA VAL A 369 -44.36 -5.12 12.85
C VAL A 369 -45.06 -6.10 11.90
N CYS A 370 -44.38 -7.19 11.54
CA CYS A 370 -45.00 -8.19 10.67
C CYS A 370 -46.19 -8.85 11.35
N ARG A 371 -46.06 -9.14 12.65
CA ARG A 371 -47.18 -9.75 13.38
C ARG A 371 -48.39 -8.83 13.42
N GLN A 372 -48.16 -7.53 13.62
CA GLN A 372 -49.28 -6.58 13.65
C GLN A 372 -50.03 -6.55 12.33
N LEU A 373 -49.29 -6.58 11.22
CA LEU A 373 -49.91 -6.61 9.90
C LEU A 373 -50.61 -7.94 9.62
N GLY A 374 -50.38 -8.97 10.43
CA GLY A 374 -50.97 -10.26 10.22
C GLY A 374 -50.26 -11.14 9.22
N CYS A 375 -49.12 -10.70 8.69
CA CYS A 375 -48.40 -11.50 7.70
C CYS A 375 -47.80 -12.75 8.32
N GLY A 376 -47.05 -12.59 9.39
CA GLY A 376 -46.39 -13.72 10.03
C GLY A 376 -45.08 -13.26 10.64
N SER A 377 -44.11 -14.17 10.65
CA SER A 377 -42.80 -13.87 11.21
C SER A 377 -41.96 -13.07 10.22
N ALA A 378 -40.90 -12.45 10.74
CA ALA A 378 -39.98 -11.65 9.94
C ALA A 378 -38.70 -12.44 9.69
N LEU A 379 -38.26 -12.46 8.44
CA LEU A 379 -37.10 -13.24 8.02
C LEU A 379 -35.90 -12.39 7.65
N LYS A 380 -36.11 -11.36 6.82
CA LYS A 380 -35.01 -10.55 6.30
C LYS A 380 -35.30 -9.08 6.57
N THR A 381 -34.26 -8.34 6.95
CA THR A 381 -34.36 -6.91 7.21
C THR A 381 -34.11 -6.07 5.97
N SER A 382 -34.03 -6.70 4.80
CA SER A 382 -33.94 -5.99 3.53
C SER A 382 -34.98 -6.58 2.59
N TYR A 383 -35.36 -5.79 1.59
CA TYR A 383 -36.39 -6.21 0.65
C TYR A 383 -36.01 -5.81 -0.76
N GLN A 384 -36.47 -6.61 -1.73
CA GLN A 384 -36.21 -6.34 -3.13
C GLN A 384 -37.24 -5.34 -3.66
N VAL A 385 -36.74 -4.29 -4.32
CA VAL A 385 -37.57 -3.17 -4.71
C VAL A 385 -38.24 -3.42 -6.06
N TYR A 386 -39.56 -3.24 -6.10
CA TYR A 386 -40.31 -3.26 -7.35
C TYR A 386 -40.66 -1.87 -7.86
N SER A 387 -40.51 -0.84 -7.03
CA SER A 387 -40.82 0.53 -7.42
C SER A 387 -40.06 1.47 -6.48
N LYS A 388 -40.36 2.76 -6.59
CA LYS A 388 -39.75 3.78 -5.77
C LYS A 388 -40.83 4.51 -4.96
N ILE A 389 -40.59 4.69 -3.67
CA ILE A 389 -41.52 5.36 -2.79
C ILE A 389 -41.06 6.80 -2.60
N GLN A 390 -42.03 7.70 -2.39
CA GLN A 390 -41.72 9.11 -2.23
C GLN A 390 -40.99 9.35 -0.90
N ALA A 391 -40.06 10.30 -0.93
CA ALA A 391 -39.31 10.64 0.27
C ALA A 391 -40.10 11.60 1.15
N THR A 392 -39.93 11.46 2.46
CA THR A 392 -40.65 12.28 3.43
C THR A 392 -39.68 12.73 4.51
N ASN A 393 -39.84 13.98 4.95
CA ASN A 393 -38.93 14.55 5.95
C ASN A 393 -39.20 14.03 7.35
N THR A 394 -40.46 13.70 7.67
CA THR A 394 -40.80 13.25 9.01
C THR A 394 -40.36 11.80 9.21
N TRP A 395 -39.95 11.48 10.44
CA TRP A 395 -39.43 10.16 10.77
C TRP A 395 -40.01 9.67 12.08
N LEU A 396 -39.98 8.35 12.26
CA LEU A 396 -40.37 7.69 13.49
C LEU A 396 -39.19 6.89 14.02
N PHE A 397 -38.93 6.99 15.32
CA PHE A 397 -37.77 6.37 15.94
C PHE A 397 -38.20 5.36 17.00
N LEU A 398 -37.57 4.19 16.97
CA LEU A 398 -37.82 3.13 17.94
C LEU A 398 -36.66 3.04 18.92
N SER A 399 -36.97 3.06 20.20
CA SER A 399 -35.94 2.89 21.23
C SER A 399 -35.63 1.42 21.46
N SER A 400 -36.64 0.67 21.89
CA SER A 400 -36.50 -0.77 22.08
C SER A 400 -37.89 -1.40 22.04
N CYS A 401 -37.93 -2.68 21.70
CA CYS A 401 -39.19 -3.40 21.56
C CYS A 401 -38.97 -4.82 22.03
N ASN A 402 -39.84 -5.30 22.93
CA ASN A 402 -39.62 -6.58 23.60
C ASN A 402 -39.69 -7.77 22.65
N GLY A 403 -40.37 -7.64 21.52
CA GLY A 403 -40.45 -8.69 20.54
C GLY A 403 -41.67 -9.59 20.64
N ASN A 404 -42.48 -9.45 21.68
CA ASN A 404 -43.70 -10.23 21.84
C ASN A 404 -44.95 -9.38 21.91
N GLU A 405 -44.85 -8.08 21.65
CA GLU A 405 -46.01 -7.21 21.74
C GLU A 405 -46.95 -7.43 20.56
N THR A 406 -48.21 -7.02 20.75
CA THR A 406 -49.21 -7.19 19.70
C THR A 406 -48.98 -6.21 18.55
N SER A 407 -48.70 -4.95 18.87
CA SER A 407 -48.55 -3.92 17.85
C SER A 407 -47.31 -3.09 18.14
N LEU A 408 -46.88 -2.33 17.11
CA LEU A 408 -45.71 -1.48 17.26
C LEU A 408 -45.97 -0.33 18.23
N TRP A 409 -47.21 0.18 18.26
CA TRP A 409 -47.53 1.31 19.13
C TRP A 409 -47.40 0.95 20.60
N ASP A 410 -47.55 -0.32 20.96
CA ASP A 410 -47.61 -0.72 22.36
C ASP A 410 -46.24 -0.70 23.05
N CYS A 411 -45.17 -1.09 22.36
CA CYS A 411 -43.87 -1.16 23.02
C CYS A 411 -43.28 0.23 23.19
N LYS A 412 -42.55 0.41 24.29
CA LYS A 412 -42.43 1.70 24.92
C LYS A 412 -41.53 2.67 24.15
N ASN A 413 -41.86 3.97 24.26
CA ASN A 413 -41.01 5.06 23.84
C ASN A 413 -40.66 4.99 22.35
N TRP A 414 -41.69 5.14 21.52
CA TRP A 414 -41.51 5.34 20.09
C TRP A 414 -41.68 6.83 19.80
N GLN A 415 -40.62 7.47 19.30
CA GLN A 415 -40.63 8.90 19.07
C GLN A 415 -41.15 9.20 17.67
N TRP A 416 -42.11 10.10 17.58
CA TRP A 416 -42.76 10.47 16.32
C TRP A 416 -42.27 11.87 15.95
N GLY A 417 -41.29 11.93 15.07
CA GLY A 417 -40.74 13.20 14.63
C GLY A 417 -39.81 13.81 15.66
N GLY A 418 -39.23 14.95 15.27
CA GLY A 418 -38.39 15.75 16.14
C GLY A 418 -36.90 15.51 16.00
N LEU A 419 -36.50 14.42 15.36
CA LEU A 419 -35.10 14.10 15.16
C LEU A 419 -34.86 13.68 13.71
N THR A 420 -33.61 13.75 13.30
CA THR A 420 -33.21 13.39 11.94
C THR A 420 -32.05 12.39 12.00
N CYS A 421 -32.05 11.44 11.07
CA CYS A 421 -30.95 10.48 10.93
C CYS A 421 -30.55 10.46 9.46
N ASP A 422 -29.67 11.40 9.09
CA ASP A 422 -29.14 11.43 7.73
C ASP A 422 -28.07 10.35 7.54
N HIS A 423 -27.26 10.10 8.56
CA HIS A 423 -26.28 9.02 8.50
C HIS A 423 -26.97 7.67 8.37
N TYR A 424 -28.06 7.47 9.10
CA TYR A 424 -28.83 6.24 8.98
C TYR A 424 -29.73 6.31 7.75
N GLU A 425 -30.50 5.24 7.52
CA GLU A 425 -31.34 5.13 6.35
C GLU A 425 -32.70 4.62 6.76
N GLU A 426 -33.51 4.25 5.77
CA GLU A 426 -34.87 3.78 6.02
C GLU A 426 -34.85 2.39 6.63
N ALA A 427 -36.00 1.97 7.14
CA ALA A 427 -36.18 0.65 7.72
C ALA A 427 -36.95 -0.23 6.75
N LYS A 428 -36.42 -1.41 6.46
CA LYS A 428 -37.01 -2.35 5.54
C LYS A 428 -37.19 -3.71 6.21
N ILE A 429 -38.26 -4.42 5.82
CA ILE A 429 -38.55 -5.74 6.35
C ILE A 429 -39.06 -6.63 5.23
N THR A 430 -39.10 -7.93 5.50
CA THR A 430 -39.64 -8.91 4.55
C THR A 430 -40.25 -10.04 5.38
N CYS A 431 -41.57 -9.99 5.56
CA CYS A 431 -42.24 -10.98 6.36
C CYS A 431 -42.29 -12.32 5.63
N SER A 432 -42.71 -13.36 6.35
CA SER A 432 -42.72 -14.72 5.82
C SER A 432 -43.97 -15.01 4.99
N ALA A 433 -44.92 -14.08 4.90
CA ALA A 433 -46.10 -14.25 4.07
C ALA A 433 -45.91 -13.68 2.67
N HIS A 434 -44.70 -13.21 2.36
CA HIS A 434 -44.42 -12.74 1.00
C HIS A 434 -44.64 -13.86 -0.01
N ARG A 435 -44.09 -15.04 0.26
CA ARG A 435 -44.26 -16.21 -0.61
C ARG A 435 -44.49 -17.41 0.30
N GLU A 436 -45.75 -17.81 0.46
CA GLU A 436 -46.09 -18.96 1.27
C GLU A 436 -46.48 -20.12 0.38
N PRO A 437 -45.69 -21.19 0.32
CA PRO A 437 -46.02 -22.32 -0.58
C PRO A 437 -46.94 -23.34 0.07
N ARG A 438 -47.64 -24.07 -0.79
CA ARG A 438 -48.58 -25.09 -0.34
C ARG A 438 -48.71 -26.15 -1.42
N LEU A 439 -48.90 -27.39 -1.00
CA LEU A 439 -49.08 -28.52 -1.90
C LEU A 439 -50.53 -28.99 -1.82
N VAL A 440 -51.18 -29.11 -2.97
CA VAL A 440 -52.61 -29.39 -3.05
C VAL A 440 -52.83 -30.67 -3.85
N GLY A 441 -53.80 -31.47 -3.40
CA GLY A 441 -54.23 -32.62 -4.17
C GLY A 441 -53.23 -33.74 -4.34
N GLY A 442 -52.52 -34.10 -3.27
CA GLY A 442 -51.59 -35.22 -3.31
C GLY A 442 -52.05 -36.35 -2.40
N ASP A 443 -52.01 -37.57 -2.93
CA ASP A 443 -52.43 -38.72 -2.15
C ASP A 443 -51.45 -38.99 -1.00
N ILE A 444 -50.16 -39.02 -1.30
CA ILE A 444 -49.13 -39.19 -0.27
C ILE A 444 -48.99 -37.89 0.50
N PRO A 445 -48.54 -37.92 1.75
CA PRO A 445 -48.62 -36.72 2.60
C PRO A 445 -47.88 -35.50 2.06
N CYS A 446 -46.73 -35.68 1.41
CA CYS A 446 -45.86 -34.56 1.06
C CYS A 446 -45.73 -34.38 -0.44
N SER A 447 -46.84 -34.44 -1.17
CA SER A 447 -46.85 -34.22 -2.60
C SER A 447 -48.14 -33.51 -3.00
N GLY A 448 -48.11 -32.91 -4.16
CA GLY A 448 -49.29 -32.24 -4.70
C GLY A 448 -48.88 -31.07 -5.59
N ARG A 449 -49.90 -30.40 -6.10
CA ARG A 449 -49.67 -29.24 -6.96
C ARG A 449 -49.13 -28.08 -6.14
N VAL A 450 -48.14 -27.39 -6.69
CA VAL A 450 -47.49 -26.28 -6.00
C VAL A 450 -48.32 -25.02 -6.16
N GLU A 451 -48.68 -24.40 -5.04
CA GLU A 451 -49.40 -23.13 -5.03
C GLU A 451 -48.65 -22.14 -4.16
N VAL A 452 -48.42 -20.94 -4.69
CA VAL A 452 -47.67 -19.89 -4.01
C VAL A 452 -48.62 -18.73 -3.74
N LYS A 453 -48.56 -18.18 -2.54
CA LYS A 453 -49.43 -17.09 -2.13
C LYS A 453 -48.71 -15.76 -2.22
N HIS A 454 -49.33 -14.81 -2.91
CA HIS A 454 -48.86 -13.42 -2.92
C HIS A 454 -49.85 -12.59 -2.11
N GLY A 455 -49.37 -11.97 -1.04
CA GLY A 455 -50.26 -11.22 -0.18
C GLY A 455 -51.33 -12.08 0.44
N ASP A 456 -52.58 -11.93 -0.04
CA ASP A 456 -53.70 -12.70 0.48
C ASP A 456 -54.42 -13.49 -0.60
N THR A 457 -53.74 -13.80 -1.70
CA THR A 457 -54.33 -14.56 -2.80
C THR A 457 -53.39 -15.67 -3.24
N TRP A 458 -53.99 -16.74 -3.78
CA TRP A 458 -53.27 -17.95 -4.14
C TRP A 458 -53.16 -18.08 -5.66
N GLY A 459 -52.11 -18.76 -6.10
CA GLY A 459 -51.90 -18.99 -7.52
C GLY A 459 -50.90 -20.10 -7.76
N SER A 460 -51.04 -20.76 -8.90
CA SER A 460 -50.15 -21.85 -9.27
C SER A 460 -48.88 -21.30 -9.94
N ILE A 461 -47.93 -22.21 -10.18
CA ILE A 461 -46.63 -21.85 -10.74
C ILE A 461 -46.33 -22.79 -11.91
N CYS A 462 -45.93 -22.22 -13.05
CA CYS A 462 -45.61 -23.01 -14.22
C CYS A 462 -44.29 -23.75 -14.04
N ASP A 463 -44.14 -24.84 -14.79
CA ASP A 463 -42.93 -25.67 -14.69
C ASP A 463 -41.68 -24.89 -15.08
N SER A 464 -41.77 -24.11 -16.16
CA SER A 464 -40.59 -23.39 -16.65
C SER A 464 -40.03 -22.43 -15.60
N ASP A 465 -40.89 -21.90 -14.73
CA ASP A 465 -40.41 -21.00 -13.68
C ASP A 465 -39.69 -21.77 -12.58
N PHE A 466 -40.15 -22.98 -12.27
CA PHE A 466 -39.66 -23.74 -11.13
C PHE A 466 -38.52 -24.65 -11.56
N SER A 467 -37.36 -24.47 -10.93
CA SER A 467 -36.20 -25.32 -11.17
C SER A 467 -36.03 -26.29 -10.00
N LEU A 468 -34.95 -27.07 -10.05
CA LEU A 468 -34.67 -28.03 -8.98
C LEU A 468 -34.28 -27.33 -7.69
N GLU A 469 -33.49 -26.25 -7.80
CA GLU A 469 -33.08 -25.52 -6.61
C GLU A 469 -34.28 -24.87 -5.91
N ALA A 470 -35.23 -24.36 -6.70
CA ALA A 470 -36.44 -23.78 -6.12
C ALA A 470 -37.27 -24.84 -5.40
N ALA A 471 -37.34 -26.05 -5.96
CA ALA A 471 -38.14 -27.11 -5.35
C ALA A 471 -37.54 -27.57 -4.02
N SER A 472 -36.20 -27.57 -3.92
CA SER A 472 -35.56 -27.98 -2.68
C SER A 472 -35.91 -27.03 -1.54
N VAL A 473 -35.93 -25.73 -1.82
CA VAL A 473 -36.32 -24.74 -0.81
C VAL A 473 -37.77 -24.97 -0.38
N LEU A 474 -38.64 -25.23 -1.35
CA LEU A 474 -40.06 -25.41 -1.04
C LEU A 474 -40.29 -26.60 -0.12
N CYS A 475 -39.61 -27.73 -0.40
CA CYS A 475 -39.73 -28.88 0.48
C CYS A 475 -39.17 -28.58 1.87
N ARG A 476 -38.05 -27.87 1.93
CA ARG A 476 -37.45 -27.53 3.21
C ARG A 476 -38.34 -26.56 3.99
N GLU A 477 -38.94 -25.58 3.31
CA GLU A 477 -39.81 -24.62 3.98
C GLU A 477 -41.04 -25.31 4.57
N LEU A 478 -41.63 -26.24 3.82
CA LEU A 478 -42.82 -26.95 4.28
C LEU A 478 -42.52 -27.99 5.34
N GLN A 479 -41.24 -28.19 5.69
CA GLN A 479 -40.79 -29.24 6.59
C GLN A 479 -41.17 -30.62 6.07
N CYS A 480 -41.17 -30.80 4.75
CA CYS A 480 -41.45 -32.09 4.13
C CYS A 480 -40.18 -32.81 3.71
N GLY A 481 -39.01 -32.37 4.17
CA GLY A 481 -37.77 -33.04 3.85
C GLY A 481 -37.09 -32.51 2.62
N THR A 482 -36.29 -33.35 1.97
CA THR A 482 -35.60 -32.99 0.74
C THR A 482 -36.43 -33.39 -0.47
N VAL A 483 -36.07 -32.83 -1.62
CA VAL A 483 -36.81 -33.08 -2.85
C VAL A 483 -36.46 -34.46 -3.38
N VAL A 484 -37.49 -35.27 -3.65
CA VAL A 484 -37.27 -36.57 -4.27
C VAL A 484 -37.44 -36.48 -5.78
N SER A 485 -38.51 -35.82 -6.23
CA SER A 485 -38.75 -35.68 -7.66
C SER A 485 -39.66 -34.48 -7.89
N ILE A 486 -39.65 -33.99 -9.13
CA ILE A 486 -40.49 -32.88 -9.56
C ILE A 486 -41.18 -33.30 -10.85
N LEU A 487 -42.49 -33.06 -10.93
CA LEU A 487 -43.29 -33.46 -12.07
C LEU A 487 -44.07 -32.27 -12.61
N GLY A 488 -44.16 -32.19 -13.95
CA GLY A 488 -44.87 -31.14 -14.62
C GLY A 488 -46.00 -31.64 -15.49
N GLY A 489 -46.54 -30.74 -16.29
CA GLY A 489 -47.64 -31.07 -17.18
C GLY A 489 -48.92 -31.45 -16.47
N ALA A 490 -49.19 -30.85 -15.30
CA ALA A 490 -50.41 -31.10 -14.54
C ALA A 490 -50.60 -32.59 -14.26
N HIS A 491 -49.52 -33.24 -13.83
CA HIS A 491 -49.59 -34.68 -13.55
C HIS A 491 -50.54 -34.96 -12.39
N PHE A 492 -50.39 -34.22 -11.30
CA PHE A 492 -51.24 -34.45 -10.13
C PHE A 492 -52.68 -34.04 -10.42
N GLY A 493 -52.88 -33.04 -11.26
CA GLY A 493 -54.22 -32.64 -11.65
C GLY A 493 -54.17 -31.30 -12.36
N GLU A 494 -55.29 -30.97 -12.99
CA GLU A 494 -55.42 -29.69 -13.68
C GLU A 494 -55.87 -28.64 -12.67
N GLY A 495 -55.08 -27.59 -12.53
CA GLY A 495 -55.36 -26.56 -11.53
C GLY A 495 -56.50 -25.64 -11.94
N ASN A 496 -56.80 -24.70 -11.05
CA ASN A 496 -57.82 -23.69 -11.28
C ASN A 496 -57.39 -22.39 -10.63
N GLY A 497 -57.63 -21.28 -11.31
CA GLY A 497 -57.30 -19.96 -10.80
C GLY A 497 -56.31 -19.23 -11.68
N GLN A 498 -55.74 -18.17 -11.10
CA GLN A 498 -54.76 -17.36 -11.82
C GLN A 498 -53.35 -17.87 -11.57
N ILE A 499 -52.45 -17.59 -12.51
CA ILE A 499 -51.08 -18.09 -12.49
C ILE A 499 -50.12 -16.92 -12.36
N TRP A 500 -49.12 -17.08 -11.50
CA TRP A 500 -48.08 -16.06 -11.36
C TRP A 500 -47.18 -16.05 -12.58
N ALA A 501 -46.56 -14.90 -12.81
CA ALA A 501 -45.69 -14.70 -13.97
C ALA A 501 -44.21 -14.77 -13.64
N GLU A 502 -43.81 -14.29 -12.47
CA GLU A 502 -42.40 -14.26 -12.10
C GLU A 502 -41.84 -15.68 -11.98
N GLU A 503 -40.57 -15.82 -12.34
CA GLU A 503 -39.88 -17.10 -12.29
C GLU A 503 -38.83 -17.06 -11.18
N PHE A 504 -38.91 -18.03 -10.27
CA PHE A 504 -38.01 -18.05 -9.12
C PHE A 504 -36.58 -18.34 -9.57
N GLN A 505 -35.63 -17.54 -9.07
CA GLN A 505 -34.20 -17.71 -9.32
C GLN A 505 -33.51 -17.69 -7.96
N CYS A 506 -33.45 -18.84 -7.30
CA CYS A 506 -32.92 -18.95 -5.95
C CYS A 506 -31.60 -19.71 -5.98
N GLU A 507 -30.75 -19.41 -4.99
CA GLU A 507 -29.43 -20.05 -4.93
C GLU A 507 -29.54 -21.54 -4.74
N GLY A 508 -30.44 -21.99 -3.87
CA GLY A 508 -30.67 -23.41 -3.69
C GLY A 508 -30.76 -23.84 -2.24
N HIS A 509 -30.10 -23.12 -1.34
CA HIS A 509 -30.07 -23.46 0.07
C HIS A 509 -30.77 -22.42 0.94
N GLU A 510 -31.64 -21.61 0.36
CA GLU A 510 -32.42 -20.66 1.14
C GLU A 510 -33.41 -21.39 2.04
N SER A 511 -33.54 -20.91 3.27
CA SER A 511 -34.44 -21.54 4.23
C SER A 511 -35.91 -21.19 3.99
N HIS A 512 -36.18 -20.16 3.20
CA HIS A 512 -37.55 -19.76 2.90
C HIS A 512 -37.65 -19.35 1.44
N LEU A 513 -38.86 -19.43 0.90
CA LEU A 513 -39.09 -19.05 -0.49
C LEU A 513 -38.94 -17.55 -0.71
N SER A 514 -39.28 -16.75 0.30
CA SER A 514 -39.27 -15.29 0.14
C SER A 514 -37.87 -14.74 0.04
N LEU A 515 -36.91 -15.34 0.75
CA LEU A 515 -35.56 -14.79 0.80
C LEU A 515 -34.89 -14.81 -0.57
N CYS A 516 -35.04 -15.89 -1.32
CA CYS A 516 -34.34 -16.01 -2.59
C CYS A 516 -34.87 -14.97 -3.58
N PRO A 517 -33.97 -14.33 -4.34
CA PRO A 517 -34.42 -13.29 -5.27
C PRO A 517 -35.26 -13.86 -6.41
N VAL A 518 -36.13 -13.01 -6.95
CA VAL A 518 -37.01 -13.38 -8.06
C VAL A 518 -36.97 -12.27 -9.09
N ALA A 519 -37.27 -12.61 -10.34
CA ALA A 519 -37.29 -11.68 -11.44
C ALA A 519 -38.60 -11.85 -12.23
N PRO A 520 -39.33 -10.77 -12.48
CA PRO A 520 -40.61 -10.91 -13.19
C PRO A 520 -40.41 -11.35 -14.63
N ARG A 521 -41.43 -12.03 -15.15
CA ARG A 521 -41.46 -12.56 -16.50
C ARG A 521 -42.79 -12.22 -17.15
N PRO A 522 -42.86 -12.24 -18.48
CA PRO A 522 -44.14 -11.94 -19.15
C PRO A 522 -45.25 -12.90 -18.73
N GLU A 523 -46.47 -12.37 -18.67
CA GLU A 523 -47.61 -13.14 -18.21
C GLU A 523 -48.22 -13.93 -19.38
N GLY A 524 -48.77 -15.08 -19.05
CA GLY A 524 -49.46 -15.91 -20.03
C GLY A 524 -48.57 -16.77 -20.90
N THR A 525 -47.26 -16.73 -20.70
CA THR A 525 -46.37 -17.55 -21.51
C THR A 525 -46.54 -19.04 -21.22
N CYS A 526 -47.04 -19.38 -20.04
CA CYS A 526 -47.27 -20.76 -19.64
C CYS A 526 -48.77 -21.02 -19.57
N SER A 527 -49.22 -22.08 -20.23
CA SER A 527 -50.62 -22.47 -20.15
C SER A 527 -50.92 -23.05 -18.78
N HIS A 528 -52.21 -23.19 -18.48
CA HIS A 528 -52.62 -23.72 -17.18
C HIS A 528 -52.19 -25.17 -17.01
N SER A 529 -52.07 -25.91 -18.11
CA SER A 529 -51.63 -27.29 -18.04
C SER A 529 -50.14 -27.43 -17.76
N ARG A 530 -49.39 -26.33 -17.76
CA ARG A 530 -47.95 -26.36 -17.52
C ARG A 530 -47.59 -26.09 -16.06
N ASP A 531 -48.56 -26.13 -15.15
CA ASP A 531 -48.26 -25.96 -13.74
C ASP A 531 -47.46 -27.16 -13.23
N VAL A 532 -46.77 -26.95 -12.11
CA VAL A 532 -45.76 -27.88 -11.63
C VAL A 532 -46.27 -28.62 -10.40
N GLY A 533 -45.69 -29.79 -10.17
CA GLY A 533 -45.94 -30.54 -8.94
C GLY A 533 -44.63 -30.97 -8.33
N VAL A 534 -44.65 -31.17 -7.01
CA VAL A 534 -43.44 -31.45 -6.24
C VAL A 534 -43.71 -32.61 -5.29
N VAL A 535 -42.77 -33.55 -5.23
CA VAL A 535 -42.80 -34.65 -4.28
C VAL A 535 -41.58 -34.54 -3.39
N CYS A 536 -41.79 -34.49 -2.08
CA CYS A 536 -40.69 -34.40 -1.13
C CYS A 536 -40.40 -35.79 -0.54
N SER A 537 -39.32 -35.87 0.25
CA SER A 537 -38.81 -37.16 0.71
C SER A 537 -39.64 -37.77 1.83
N ARG A 538 -40.29 -36.93 2.66
CA ARG A 538 -41.04 -37.43 3.81
C ARG A 538 -42.45 -37.84 3.39
N TYR A 539 -42.50 -38.88 2.55
CA TYR A 539 -43.75 -39.39 2.03
C TYR A 539 -44.17 -40.70 2.69
N THR A 540 -43.54 -41.08 3.80
CA THR A 540 -43.82 -42.34 4.47
C THR A 540 -44.72 -42.13 5.68
N GLU A 541 -45.68 -43.03 5.86
CA GLU A 541 -46.58 -43.01 7.00
C GLU A 541 -46.49 -44.36 7.71
N ILE A 542 -45.91 -44.37 8.90
CA ILE A 542 -45.75 -45.59 9.69
C ILE A 542 -46.33 -45.35 11.07
N ARG A 543 -47.15 -46.30 11.53
CA ARG A 543 -47.95 -46.12 12.72
C ARG A 543 -47.72 -47.29 13.67
N LEU A 544 -47.83 -47.01 14.97
CA LEU A 544 -47.77 -48.03 16.03
C LEU A 544 -49.19 -48.32 16.49
N VAL A 545 -49.58 -49.61 16.56
CA VAL A 545 -50.97 -49.99 16.83
C VAL A 545 -51.03 -51.13 17.86
N ASN A 546 -52.26 -51.51 18.22
CA ASN A 546 -52.58 -52.53 19.23
C ASN A 546 -52.18 -52.16 20.66
N GLY A 547 -51.27 -51.21 20.83
CA GLY A 547 -50.71 -50.91 22.15
C GLY A 547 -51.35 -49.67 22.77
N LYS A 548 -51.69 -49.79 24.06
CA LYS A 548 -52.45 -48.73 24.73
C LYS A 548 -51.65 -47.43 24.78
N THR A 549 -50.37 -47.52 25.04
CA THR A 549 -49.51 -46.34 24.98
C THR A 549 -48.98 -46.16 23.57
N PRO A 550 -49.12 -44.98 22.99
CA PRO A 550 -48.64 -44.77 21.61
C PRO A 550 -47.15 -44.98 21.45
N CYS A 551 -46.38 -44.92 22.54
CA CYS A 551 -44.94 -45.14 22.46
C CYS A 551 -44.57 -46.62 22.33
N GLU A 552 -45.54 -47.53 22.42
CA GLU A 552 -45.29 -48.96 22.27
C GLU A 552 -46.36 -49.58 21.40
N GLY A 553 -46.02 -50.67 20.73
CA GLY A 553 -46.96 -51.39 19.91
C GLY A 553 -46.29 -51.97 18.69
N ARG A 554 -47.07 -52.74 17.94
CA ARG A 554 -46.58 -53.36 16.72
C ARG A 554 -46.46 -52.32 15.60
N VAL A 555 -45.41 -52.46 14.79
CA VAL A 555 -45.12 -51.51 13.72
C VAL A 555 -46.08 -51.77 12.56
N GLU A 556 -46.72 -50.71 12.08
CA GLU A 556 -47.63 -50.77 10.95
C GLU A 556 -47.19 -49.77 9.90
N LEU A 557 -47.20 -50.19 8.64
CA LEU A 557 -46.77 -49.36 7.52
C LEU A 557 -47.88 -49.29 6.49
N LYS A 558 -48.07 -48.10 5.93
CA LYS A 558 -49.08 -47.86 4.90
C LYS A 558 -48.39 -47.55 3.58
N THR A 559 -48.48 -48.49 2.64
CA THR A 559 -48.01 -48.27 1.28
C THR A 559 -48.99 -48.92 0.33
N LEU A 560 -49.04 -48.39 -0.90
CA LEU A 560 -49.95 -48.88 -1.94
C LEU A 560 -51.41 -48.80 -1.49
N GLY A 561 -51.71 -47.84 -0.61
CA GLY A 561 -53.08 -47.63 -0.18
C GLY A 561 -53.61 -48.66 0.80
N ALA A 562 -52.73 -49.37 1.51
CA ALA A 562 -53.17 -50.35 2.49
C ALA A 562 -52.19 -50.36 3.66
N TRP A 563 -52.69 -50.79 4.82
CA TRP A 563 -51.88 -50.89 6.02
C TRP A 563 -51.35 -52.31 6.18
N GLY A 564 -50.12 -52.43 6.67
CA GLY A 564 -49.50 -53.72 6.83
C GLY A 564 -48.41 -53.69 7.88
N SER A 565 -48.20 -54.84 8.52
CA SER A 565 -47.16 -54.95 9.55
C SER A 565 -45.78 -55.06 8.91
N LEU A 566 -44.77 -54.58 9.62
CA LEU A 566 -43.41 -54.61 9.12
C LEU A 566 -42.72 -55.92 9.51
N CYS A 567 -41.70 -56.29 8.74
CA CYS A 567 -40.96 -57.51 9.02
C CYS A 567 -40.06 -57.32 10.21
N ASN A 568 -39.89 -58.38 11.01
CA ASN A 568 -39.03 -58.32 12.18
C ASN A 568 -37.56 -58.20 11.79
N SER A 569 -37.17 -58.84 10.69
CA SER A 569 -35.77 -58.82 10.26
C SER A 569 -35.35 -57.41 9.87
N HIS A 570 -34.06 -57.13 10.05
CA HIS A 570 -33.45 -55.85 9.74
C HIS A 570 -34.07 -54.69 10.52
N TRP A 571 -34.59 -54.97 11.71
CA TRP A 571 -35.14 -53.96 12.60
C TRP A 571 -34.22 -53.88 13.82
N ASP A 572 -33.24 -52.98 13.77
CA ASP A 572 -32.28 -52.82 14.85
C ASP A 572 -32.59 -51.54 15.63
N ILE A 573 -31.70 -51.20 16.56
CA ILE A 573 -31.93 -50.05 17.44
C ILE A 573 -31.92 -48.75 16.64
N GLU A 574 -31.02 -48.64 15.66
CA GLU A 574 -30.86 -47.37 14.95
C GLU A 574 -32.12 -46.99 14.19
N ASP A 575 -32.75 -47.94 13.50
CA ASP A 575 -34.00 -47.63 12.81
C ASP A 575 -35.13 -47.38 13.80
N ALA A 576 -35.07 -48.03 14.98
CA ALA A 576 -36.12 -47.85 15.98
C ALA A 576 -36.15 -46.42 16.52
N HIS A 577 -34.97 -45.82 16.72
CA HIS A 577 -34.91 -44.47 17.25
C HIS A 577 -35.57 -43.47 16.29
N VAL A 578 -35.34 -43.64 14.99
CA VAL A 578 -35.90 -42.71 14.01
C VAL A 578 -37.42 -42.78 14.01
N LEU A 579 -37.98 -44.00 14.07
CA LEU A 579 -39.43 -44.14 14.05
C LEU A 579 -40.07 -43.47 15.26
N CYS A 580 -39.49 -43.69 16.45
CA CYS A 580 -40.01 -43.04 17.65
C CYS A 580 -39.84 -41.53 17.57
N GLN A 581 -38.76 -41.06 16.93
CA GLN A 581 -38.60 -39.63 16.72
C GLN A 581 -39.68 -39.08 15.81
N GLN A 582 -40.04 -39.83 14.75
CA GLN A 582 -41.14 -39.41 13.88
C GLN A 582 -42.45 -39.35 14.64
N LEU A 583 -42.71 -40.35 15.49
CA LEU A 583 -43.94 -40.38 16.29
C LEU A 583 -43.96 -39.32 17.37
N LYS A 584 -42.85 -38.60 17.58
CA LYS A 584 -42.68 -37.57 18.59
C LYS A 584 -42.72 -38.12 20.01
N CYS A 585 -42.68 -39.44 20.17
CA CYS A 585 -42.57 -40.01 21.51
C CYS A 585 -41.24 -39.63 22.16
N GLY A 586 -40.14 -39.71 21.40
CA GLY A 586 -38.83 -39.38 21.89
C GLY A 586 -37.85 -40.49 21.57
N VAL A 587 -36.78 -40.56 22.36
CA VAL A 587 -35.78 -41.61 22.16
C VAL A 587 -36.34 -42.94 22.63
N ALA A 588 -35.82 -44.03 22.06
CA ALA A 588 -36.24 -45.38 22.40
C ALA A 588 -35.03 -46.17 22.89
N LEU A 589 -35.27 -47.08 23.83
CA LEU A 589 -34.19 -47.88 24.42
C LEU A 589 -34.32 -49.37 24.18
N SER A 590 -35.48 -49.86 23.75
CA SER A 590 -35.68 -51.29 23.62
C SER A 590 -36.67 -51.58 22.51
N THR A 591 -36.40 -52.64 21.75
CA THR A 591 -37.32 -53.20 20.77
C THR A 591 -37.63 -54.65 21.13
N PRO A 592 -38.90 -55.04 21.20
CA PRO A 592 -39.22 -56.40 21.62
C PRO A 592 -38.67 -57.45 20.67
N GLY A 593 -38.21 -58.56 21.24
CA GLY A 593 -37.84 -59.73 20.45
C GLY A 593 -39.05 -60.60 20.24
N GLY A 594 -39.66 -60.51 19.06
CA GLY A 594 -40.99 -61.02 18.86
C GLY A 594 -42.02 -60.00 19.30
N ALA A 595 -43.29 -60.40 19.26
CA ALA A 595 -44.37 -59.49 19.61
C ALA A 595 -45.50 -60.25 20.28
N ARG A 596 -45.90 -59.76 21.46
CA ARG A 596 -47.14 -60.23 22.07
C ARG A 596 -48.36 -59.66 21.35
N PHE A 597 -48.16 -58.63 20.53
CA PHE A 597 -49.26 -57.95 19.86
C PHE A 597 -49.79 -58.75 18.68
N GLY A 598 -49.00 -59.66 18.13
CA GLY A 598 -49.39 -60.48 17.00
C GLY A 598 -48.97 -59.87 15.68
N LYS A 599 -49.20 -60.64 14.62
CA LYS A 599 -48.88 -60.19 13.27
C LYS A 599 -49.89 -59.19 12.73
N GLY A 600 -51.13 -59.26 13.18
CA GLY A 600 -52.18 -58.40 12.69
C GLY A 600 -52.88 -58.95 11.46
N ASN A 601 -54.01 -58.32 11.14
CA ASN A 601 -54.83 -58.78 10.02
C ASN A 601 -54.23 -58.39 8.68
N GLY A 602 -53.52 -57.27 8.60
CA GLY A 602 -53.01 -56.79 7.34
C GLY A 602 -51.87 -57.63 6.80
N GLN A 603 -51.59 -57.44 5.52
CA GLN A 603 -50.50 -58.14 4.87
C GLN A 603 -49.15 -57.75 5.46
N ILE A 604 -48.23 -58.69 5.50
CA ILE A 604 -46.92 -58.45 6.08
C ILE A 604 -46.06 -57.72 5.05
N TRP A 605 -45.67 -56.49 5.37
CA TRP A 605 -44.79 -55.71 4.52
C TRP A 605 -43.36 -56.18 4.68
N ARG A 606 -42.63 -56.24 3.57
CA ARG A 606 -41.26 -56.71 3.55
C ARG A 606 -40.25 -55.56 3.50
N HIS A 607 -40.71 -54.33 3.75
CA HIS A 607 -39.81 -53.18 3.74
C HIS A 607 -38.70 -53.36 4.77
N MET A 608 -37.47 -53.05 4.37
CA MET A 608 -36.33 -53.00 5.28
C MET A 608 -35.67 -51.65 5.19
N PHE A 609 -35.28 -51.10 6.34
CA PHE A 609 -34.74 -49.76 6.42
C PHE A 609 -33.30 -49.80 6.92
N HIS A 610 -32.48 -48.91 6.39
CA HIS A 610 -31.07 -48.80 6.77
C HIS A 610 -30.83 -47.36 7.23
N CYS A 611 -31.08 -47.10 8.50
CA CYS A 611 -30.95 -45.77 9.07
C CYS A 611 -29.59 -45.60 9.73
N THR A 612 -29.02 -44.40 9.60
CA THR A 612 -27.77 -44.09 10.30
C THR A 612 -28.00 -43.84 11.78
N GLY A 613 -29.16 -43.31 12.14
CA GLY A 613 -29.51 -43.04 13.53
C GLY A 613 -29.63 -41.57 13.88
N THR A 614 -29.26 -40.66 12.97
CA THR A 614 -29.34 -39.24 13.25
C THR A 614 -30.43 -38.52 12.45
N GLU A 615 -30.86 -39.08 11.33
CA GLU A 615 -31.91 -38.45 10.54
C GLU A 615 -33.24 -38.47 11.30
N GLN A 616 -34.02 -37.41 11.11
CA GLN A 616 -35.23 -37.22 11.91
C GLN A 616 -36.33 -38.19 11.51
N HIS A 617 -36.57 -38.35 10.22
CA HIS A 617 -37.74 -39.06 9.71
C HIS A 617 -37.33 -40.31 8.96
N MET A 618 -38.25 -41.28 8.90
CA MET A 618 -38.00 -42.53 8.20
C MET A 618 -37.87 -42.34 6.70
N GLY A 619 -38.39 -41.23 6.16
CA GLY A 619 -38.25 -40.98 4.73
C GLY A 619 -36.81 -40.72 4.32
N ASP A 620 -36.04 -40.06 5.18
CA ASP A 620 -34.64 -39.79 4.87
C ASP A 620 -33.79 -41.06 4.91
N CYS A 621 -34.24 -42.09 5.62
CA CYS A 621 -33.51 -43.35 5.65
C CYS A 621 -33.57 -44.01 4.28
N PRO A 622 -32.45 -44.47 3.74
CA PRO A 622 -32.49 -45.26 2.50
C PRO A 622 -33.32 -46.53 2.72
N VAL A 623 -34.11 -46.89 1.71
CA VAL A 623 -35.03 -48.00 1.79
C VAL A 623 -34.76 -48.94 0.62
N THR A 624 -34.81 -50.24 0.89
CA THR A 624 -34.70 -51.27 -0.14
C THR A 624 -35.80 -52.30 0.10
N ALA A 625 -36.69 -52.46 -0.87
CA ALA A 625 -37.80 -53.39 -0.74
C ALA A 625 -38.04 -54.25 -1.96
N LEU A 626 -37.30 -54.04 -3.06
CA LEU A 626 -37.49 -54.81 -4.27
C LEU A 626 -37.06 -56.26 -4.02
N GLY A 627 -38.03 -57.16 -3.96
CA GLY A 627 -37.74 -58.57 -3.77
C GLY A 627 -37.19 -58.94 -2.42
N ALA A 628 -37.62 -58.25 -1.37
CA ALA A 628 -37.15 -58.58 -0.02
C ALA A 628 -37.64 -59.97 0.38
N SER A 629 -36.86 -60.63 1.23
CA SER A 629 -37.20 -61.99 1.64
C SER A 629 -38.49 -62.00 2.45
N LEU A 630 -39.28 -63.07 2.26
CA LEU A 630 -40.55 -63.18 2.94
C LEU A 630 -40.36 -63.29 4.44
N CYS A 631 -41.22 -62.58 5.20
CA CYS A 631 -41.15 -62.59 6.64
C CYS A 631 -42.20 -63.56 7.19
N PRO A 632 -41.82 -64.54 8.00
CA PRO A 632 -42.82 -65.45 8.57
C PRO A 632 -43.83 -64.70 9.43
N SER A 633 -44.96 -65.37 9.67
CA SER A 633 -46.10 -64.70 10.31
C SER A 633 -45.76 -64.19 11.70
N GLU A 634 -45.10 -65.01 12.51
CA GLU A 634 -44.81 -64.63 13.88
C GLU A 634 -43.67 -63.62 14.00
N GLN A 635 -42.93 -63.36 12.94
CA GLN A 635 -41.83 -62.39 12.96
C GLN A 635 -42.36 -61.04 12.50
N VAL A 636 -42.73 -60.21 13.46
CA VAL A 636 -43.23 -58.86 13.20
C VAL A 636 -42.51 -57.88 14.12
N ALA A 637 -42.15 -56.72 13.58
CA ALA A 637 -41.36 -55.75 14.31
C ALA A 637 -42.21 -54.95 15.29
N SER A 638 -41.54 -54.39 16.30
CA SER A 638 -42.17 -53.54 17.30
C SER A 638 -41.09 -52.69 17.95
N VAL A 639 -41.52 -51.64 18.64
CA VAL A 639 -40.59 -50.73 19.31
C VAL A 639 -41.26 -50.20 20.57
N ILE A 640 -40.45 -49.98 21.60
CA ILE A 640 -40.91 -49.45 22.89
C ILE A 640 -40.21 -48.11 23.09
N CYS A 641 -40.86 -47.02 22.69
CA CYS A 641 -40.29 -45.70 22.89
C CYS A 641 -40.42 -45.28 24.35
N SER A 642 -39.50 -44.42 24.80
CA SER A 642 -39.49 -44.00 26.20
C SER A 642 -40.65 -43.07 26.50
N GLY A 643 -40.90 -42.10 25.62
CA GLY A 643 -41.90 -41.08 25.87
C GLY A 643 -41.34 -39.74 26.30
N ASN A 644 -40.02 -39.59 26.35
CA ASN A 644 -39.37 -38.33 26.71
C ASN A 644 -38.61 -37.82 25.51
N GLN A 645 -38.88 -36.57 25.12
CA GLN A 645 -38.22 -35.94 23.97
C GLN A 645 -37.17 -34.97 24.50
N SER A 646 -35.98 -35.51 24.79
CA SER A 646 -34.91 -34.71 25.36
C SER A 646 -33.56 -35.35 25.06
N GLN A 647 -32.58 -34.48 24.79
CA GLN A 647 -31.16 -34.85 24.71
C GLN A 647 -30.82 -35.67 23.46
N THR A 648 -31.85 -36.03 22.68
CA THR A 648 -31.74 -36.81 21.43
C THR A 648 -30.62 -37.84 21.47
N LEU A 649 -29.78 -37.89 20.43
CA LEU A 649 -28.65 -38.80 20.35
C LEU A 649 -27.36 -38.01 20.21
N SER A 650 -26.34 -38.41 20.95
CA SER A 650 -25.04 -37.77 20.93
C SER A 650 -23.97 -38.79 20.58
N SER A 651 -23.03 -38.38 19.72
CA SER A 651 -21.98 -39.28 19.27
C SER A 651 -21.07 -39.67 20.43
N CYS A 652 -20.71 -40.95 20.48
CA CYS A 652 -19.85 -41.46 21.55
C CYS A 652 -18.60 -42.13 20.97
N VAL A 670 -25.14 -46.21 25.65
CA VAL A 670 -26.40 -46.27 24.90
C VAL A 670 -26.76 -44.88 24.37
N ALA A 671 -27.71 -44.85 23.43
CA ALA A 671 -28.17 -43.60 22.82
C ALA A 671 -27.02 -42.81 22.22
N CYS A 672 -26.22 -43.49 21.41
CA CYS A 672 -25.05 -42.90 20.77
C CYS A 672 -25.14 -43.03 19.25
N ILE A 673 -24.62 -42.03 18.54
CA ILE A 673 -24.59 -42.07 17.09
C ILE A 673 -23.44 -42.90 16.55
N GLU A 674 -22.58 -43.42 17.44
CA GLU A 674 -21.45 -44.27 17.09
C GLU A 674 -20.39 -43.50 16.30
N SER A 675 -19.24 -44.12 16.09
CA SER A 675 -18.13 -43.49 15.39
C SER A 675 -17.47 -44.48 14.45
N GLY A 676 -16.77 -43.96 13.45
CA GLY A 676 -16.09 -44.80 12.48
C GLY A 676 -16.99 -45.62 11.60
N GLN A 677 -18.07 -45.03 11.10
CA GLN A 677 -18.99 -45.73 10.20
C GLN A 677 -18.49 -45.57 8.77
N LEU A 678 -18.32 -46.69 8.07
CA LEU A 678 -17.81 -46.66 6.71
C LEU A 678 -18.89 -46.20 5.73
N ARG A 679 -18.46 -45.55 4.66
CA ARG A 679 -19.35 -45.13 3.58
C ARG A 679 -18.71 -45.47 2.25
N LEU A 680 -19.55 -45.67 1.24
CA LEU A 680 -19.12 -45.97 -0.11
C LEU A 680 -19.55 -44.85 -1.03
N VAL A 681 -18.61 -44.32 -1.81
CA VAL A 681 -18.85 -43.16 -2.66
C VAL A 681 -18.56 -43.53 -4.11
N ASN A 682 -19.19 -42.79 -5.02
CA ASN A 682 -18.99 -42.87 -6.46
C ASN A 682 -19.31 -44.25 -7.03
N GLY A 683 -19.95 -45.13 -6.26
CA GLY A 683 -20.23 -46.48 -6.70
C GLY A 683 -21.54 -46.68 -7.42
N GLY A 684 -22.33 -45.62 -7.59
CA GLY A 684 -23.63 -45.74 -8.22
C GLY A 684 -24.72 -46.30 -7.33
N GLY A 685 -24.43 -46.54 -6.06
CA GLY A 685 -25.41 -47.07 -5.14
C GLY A 685 -24.89 -46.98 -3.72
N ARG A 686 -25.68 -47.51 -2.80
CA ARG A 686 -25.32 -47.52 -1.38
C ARG A 686 -24.55 -48.77 -0.97
N CYS A 687 -24.45 -49.77 -1.86
CA CYS A 687 -23.80 -51.03 -1.52
C CYS A 687 -22.44 -51.20 -2.18
N ALA A 688 -22.08 -50.33 -3.13
CA ALA A 688 -20.79 -50.42 -3.81
C ALA A 688 -20.16 -49.04 -3.90
N GLY A 689 -18.85 -49.02 -3.95
CA GLY A 689 -18.11 -47.78 -4.06
C GLY A 689 -16.79 -47.86 -3.34
N ARG A 690 -16.02 -46.78 -3.47
CA ARG A 690 -14.74 -46.69 -2.78
C ARG A 690 -14.97 -46.58 -1.26
N VAL A 691 -14.16 -47.32 -0.51
CA VAL A 691 -14.33 -47.38 0.94
C VAL A 691 -13.80 -46.10 1.57
N GLU A 692 -14.53 -45.58 2.55
CA GLU A 692 -14.10 -44.40 3.29
C GLU A 692 -14.29 -44.67 4.78
N ILE A 693 -13.36 -44.16 5.59
CA ILE A 693 -13.37 -44.37 7.03
C ILE A 693 -13.41 -43.00 7.70
N TYR A 694 -14.35 -42.83 8.64
CA TYR A 694 -14.49 -41.59 9.38
C TYR A 694 -13.65 -41.68 10.65
N HIS A 695 -12.53 -40.98 10.67
CA HIS A 695 -11.67 -40.89 11.84
C HIS A 695 -11.51 -39.44 12.24
N GLU A 696 -11.72 -39.15 13.53
CA GLU A 696 -11.70 -37.79 14.06
C GLU A 696 -12.74 -36.98 13.32
N GLY A 697 -12.38 -35.92 12.60
CA GLY A 697 -13.34 -35.16 11.84
C GLY A 697 -13.05 -35.17 10.35
N SER A 698 -12.44 -36.24 9.85
CA SER A 698 -12.07 -36.35 8.46
C SER A 698 -12.35 -37.76 7.96
N TRP A 699 -12.55 -37.87 6.65
CA TRP A 699 -12.80 -39.15 5.99
C TRP A 699 -11.56 -39.56 5.19
N GLY A 700 -11.19 -40.85 5.30
CA GLY A 700 -10.00 -41.34 4.66
C GLY A 700 -10.24 -42.67 3.96
N THR A 701 -9.32 -43.01 3.07
CA THR A 701 -9.39 -44.21 2.25
C THR A 701 -8.46 -45.28 2.81
N ILE A 702 -8.34 -46.39 2.08
CA ILE A 702 -7.50 -47.52 2.44
C ILE A 702 -6.64 -47.88 1.24
N CYS A 703 -5.36 -48.13 1.47
CA CYS A 703 -4.47 -48.56 0.39
C CYS A 703 -4.92 -49.91 -0.14
N ASP A 704 -4.77 -50.10 -1.44
CA ASP A 704 -5.31 -51.28 -2.12
C ASP A 704 -4.47 -52.52 -1.93
N ASP A 705 -3.24 -52.39 -1.44
CA ASP A 705 -2.38 -53.55 -1.25
C ASP A 705 -2.92 -54.44 -0.13
N SER A 706 -2.77 -55.76 -0.32
CA SER A 706 -3.25 -56.76 0.64
C SER A 706 -4.76 -56.62 0.89
N TRP A 707 -5.50 -56.31 -0.18
CA TRP A 707 -6.96 -56.19 -0.13
C TRP A 707 -7.55 -57.31 -0.98
N ASP A 708 -8.41 -58.12 -0.38
CA ASP A 708 -8.98 -59.27 -1.05
C ASP A 708 -10.43 -59.45 -0.60
N LEU A 709 -11.05 -60.54 -1.06
CA LEU A 709 -12.45 -60.80 -0.72
C LEU A 709 -12.62 -61.01 0.77
N SER A 710 -11.71 -61.75 1.40
CA SER A 710 -11.79 -61.97 2.85
C SER A 710 -11.61 -60.66 3.60
N ASP A 711 -10.86 -59.71 3.04
CA ASP A 711 -10.71 -58.41 3.67
C ASP A 711 -11.95 -57.54 3.50
N ALA A 712 -12.61 -57.62 2.36
CA ALA A 712 -13.82 -56.85 2.09
C ALA A 712 -15.08 -57.53 2.58
N HIS A 713 -14.98 -58.78 3.07
CA HIS A 713 -16.15 -59.48 3.57
C HIS A 713 -16.74 -58.77 4.79
N VAL A 714 -15.88 -58.26 5.68
CA VAL A 714 -16.35 -57.61 6.89
C VAL A 714 -17.03 -56.28 6.56
N VAL A 715 -16.49 -55.54 5.58
CA VAL A 715 -17.05 -54.23 5.24
C VAL A 715 -18.47 -54.37 4.71
N CYS A 716 -18.69 -55.35 3.84
CA CYS A 716 -20.04 -55.56 3.30
C CYS A 716 -21.02 -56.00 4.39
N ARG A 717 -20.53 -56.73 5.39
CA ARG A 717 -21.41 -57.18 6.47
C ARG A 717 -21.77 -56.03 7.41
N GLN A 718 -20.79 -55.17 7.73
CA GLN A 718 -21.05 -54.06 8.64
C GLN A 718 -22.05 -53.08 8.04
N LEU A 719 -21.94 -52.81 6.74
CA LEU A 719 -22.89 -51.93 6.07
C LEU A 719 -24.26 -52.56 5.91
N GLY A 720 -24.40 -53.85 6.19
CA GLY A 720 -25.68 -54.53 6.05
C GLY A 720 -25.97 -55.06 4.66
N CYS A 721 -25.11 -54.78 3.67
CA CYS A 721 -25.35 -55.27 2.32
C CYS A 721 -25.27 -56.79 2.26
N GLY A 722 -24.27 -57.37 2.91
CA GLY A 722 -24.12 -58.82 2.89
C GLY A 722 -22.69 -59.28 2.68
N GLU A 723 -22.45 -60.04 1.62
CA GLU A 723 -21.15 -60.61 1.33
C GLU A 723 -20.50 -59.90 0.14
N ALA A 724 -19.17 -59.78 0.19
CA ALA A 724 -18.43 -59.04 -0.83
C ALA A 724 -18.21 -59.94 -2.04
N ILE A 725 -18.91 -59.63 -3.14
CA ILE A 725 -18.69 -60.37 -4.38
C ILE A 725 -17.34 -60.01 -4.99
N ASN A 726 -17.01 -58.72 -5.01
CA ASN A 726 -15.76 -58.26 -5.61
C ASN A 726 -15.08 -57.27 -4.67
N ALA A 727 -13.76 -57.24 -4.74
CA ALA A 727 -12.94 -56.31 -3.96
C ALA A 727 -11.98 -55.62 -4.91
N THR A 728 -12.32 -54.41 -5.33
CA THR A 728 -11.56 -53.67 -6.32
C THR A 728 -10.42 -52.89 -5.65
N GLY A 729 -9.34 -52.71 -6.40
CA GLY A 729 -8.19 -51.96 -5.94
C GLY A 729 -7.73 -50.97 -6.99
N SER A 730 -6.59 -50.35 -6.69
CA SER A 730 -5.93 -49.39 -7.60
C SER A 730 -6.86 -48.23 -7.95
N ALA A 731 -7.67 -47.81 -6.98
CA ALA A 731 -8.59 -46.68 -7.15
C ALA A 731 -9.51 -46.88 -8.36
N HIS A 732 -10.03 -48.09 -8.51
CA HIS A 732 -10.87 -48.41 -9.66
C HIS A 732 -12.15 -47.59 -9.65
N PHE A 733 -12.78 -47.44 -8.49
CA PHE A 733 -14.02 -46.68 -8.41
C PHE A 733 -13.75 -45.18 -8.53
N GLY A 734 -12.63 -44.72 -7.99
CA GLY A 734 -12.31 -43.31 -8.08
C GLY A 734 -11.12 -42.99 -7.19
N GLU A 735 -10.75 -41.71 -7.21
CA GLU A 735 -9.61 -41.22 -6.45
C GLU A 735 -10.10 -40.48 -5.21
N GLY A 736 -9.51 -40.79 -4.07
CA GLY A 736 -9.87 -40.14 -2.82
C GLY A 736 -8.83 -39.13 -2.37
N THR A 737 -9.25 -37.86 -2.26
CA THR A 737 -8.31 -36.81 -1.87
C THR A 737 -7.99 -36.83 -0.38
N GLY A 738 -8.78 -37.54 0.42
CA GLY A 738 -8.56 -37.60 1.85
C GLY A 738 -7.32 -38.38 2.22
N PRO A 739 -6.77 -38.11 3.41
CA PRO A 739 -5.59 -38.85 3.85
C PRO A 739 -5.88 -40.32 4.05
N ILE A 740 -4.88 -41.15 3.76
CA ILE A 740 -5.01 -42.60 3.90
C ILE A 740 -4.87 -42.95 5.37
N TRP A 741 -5.97 -43.35 6.01
CA TRP A 741 -5.95 -43.64 7.43
C TRP A 741 -5.21 -44.93 7.73
N LEU A 742 -5.45 -45.97 6.95
CA LEU A 742 -4.89 -47.29 7.21
C LEU A 742 -4.14 -47.80 5.99
N ASP A 743 -3.33 -48.83 6.20
CA ASP A 743 -2.55 -49.45 5.13
C ASP A 743 -2.13 -50.85 5.56
N GLU A 744 -2.09 -51.77 4.59
CA GLU A 744 -1.73 -53.17 4.81
C GLU A 744 -2.72 -53.85 5.76
N MET A 745 -3.97 -53.94 5.30
CA MET A 745 -4.99 -54.74 5.99
C MET A 745 -4.75 -56.23 5.79
N LYS A 746 -5.00 -56.99 6.85
CA LYS A 746 -5.04 -58.45 6.79
C LYS A 746 -6.04 -58.91 7.83
N CYS A 747 -7.13 -59.55 7.38
CA CYS A 747 -8.24 -59.87 8.25
C CYS A 747 -8.68 -61.30 8.03
N ASN A 748 -9.29 -61.89 9.07
CA ASN A 748 -9.77 -63.26 8.97
C ASN A 748 -10.98 -63.37 8.05
N GLY A 749 -11.84 -62.35 8.05
CA GLY A 749 -13.06 -62.37 7.27
C GLY A 749 -14.32 -62.65 8.06
N LYS A 750 -14.21 -63.07 9.31
CA LYS A 750 -15.35 -63.32 10.17
C LYS A 750 -15.51 -62.25 11.25
N GLU A 751 -14.74 -61.18 11.17
CA GLU A 751 -14.85 -60.11 12.16
C GLU A 751 -16.17 -59.36 12.02
N SER A 752 -16.72 -58.94 13.16
CA SER A 752 -17.98 -58.20 13.13
C SER A 752 -17.80 -56.80 12.56
N ARG A 753 -16.65 -56.17 12.82
CA ARG A 753 -16.38 -54.83 12.32
C ARG A 753 -14.94 -54.76 11.81
N ILE A 754 -14.66 -53.72 11.03
CA ILE A 754 -13.38 -53.61 10.36
C ILE A 754 -12.25 -53.38 11.36
N TRP A 755 -12.53 -52.76 12.50
CA TRP A 755 -11.47 -52.37 13.42
C TRP A 755 -10.76 -53.58 14.03
N GLN A 756 -11.50 -54.66 14.30
CA GLN A 756 -10.90 -55.84 14.90
C GLN A 756 -9.90 -56.52 13.97
N CYS A 757 -9.95 -56.25 12.68
CA CYS A 757 -8.99 -56.83 11.75
C CYS A 757 -7.58 -56.28 12.01
N HIS A 758 -6.58 -57.10 11.72
CA HIS A 758 -5.20 -56.71 11.95
C HIS A 758 -4.80 -55.57 11.03
N SER A 759 -4.02 -54.63 11.58
CA SER A 759 -3.55 -53.49 10.82
C SER A 759 -2.21 -53.03 11.38
N HIS A 760 -1.45 -52.31 10.55
CA HIS A 760 -0.17 -51.78 11.00
C HIS A 760 -0.34 -50.75 12.10
N GLY A 761 -1.35 -49.90 11.99
CA GLY A 761 -1.62 -48.89 12.99
C GLY A 761 -2.24 -47.66 12.37
N TRP A 762 -2.84 -46.83 13.22
CA TRP A 762 -3.46 -45.60 12.75
C TRP A 762 -2.41 -44.65 12.18
N GLY A 763 -2.70 -44.09 11.01
CA GLY A 763 -1.82 -43.15 10.37
C GLY A 763 -0.61 -43.75 9.68
N GLN A 764 -0.41 -45.06 9.76
CA GLN A 764 0.70 -45.73 9.08
C GLN A 764 0.39 -45.75 7.59
N GLN A 765 1.03 -44.85 6.85
CA GLN A 765 0.79 -44.71 5.42
C GLN A 765 2.10 -44.81 4.65
N ASN A 766 2.09 -45.62 3.60
CA ASN A 766 3.16 -45.62 2.61
C ASN A 766 2.63 -45.69 1.18
N CYS A 767 1.33 -45.90 0.99
CA CYS A 767 0.71 -45.90 -0.33
C CYS A 767 0.36 -44.46 -0.71
N ARG A 768 -0.45 -44.31 -1.76
CA ARG A 768 -0.91 -43.00 -2.19
C ARG A 768 -2.32 -43.11 -2.72
N HIS A 769 -2.92 -41.96 -3.03
CA HIS A 769 -4.29 -41.93 -3.52
C HIS A 769 -4.45 -42.55 -4.90
N LYS A 770 -3.35 -42.80 -5.61
CA LYS A 770 -3.43 -43.47 -6.90
C LYS A 770 -3.87 -44.93 -6.77
N GLU A 771 -3.81 -45.49 -5.57
CA GLU A 771 -4.20 -46.88 -5.31
C GLU A 771 -5.15 -46.90 -4.12
N ASP A 772 -6.44 -46.72 -4.40
CA ASP A 772 -7.49 -46.74 -3.39
C ASP A 772 -8.23 -48.08 -3.45
N ALA A 773 -8.86 -48.42 -2.34
CA ALA A 773 -9.56 -49.69 -2.19
C ALA A 773 -11.07 -49.47 -2.21
N GLY A 774 -11.77 -50.35 -2.95
CA GLY A 774 -13.21 -50.30 -2.99
C GLY A 774 -13.79 -51.71 -3.01
N VAL A 775 -15.09 -51.79 -2.73
CA VAL A 775 -15.79 -53.06 -2.66
C VAL A 775 -17.03 -53.01 -3.53
N ILE A 776 -17.52 -54.20 -3.89
CA ILE A 776 -18.77 -54.37 -4.61
C ILE A 776 -19.54 -55.45 -3.87
N CYS A 777 -20.48 -55.04 -3.03
CA CYS A 777 -21.22 -55.98 -2.20
C CYS A 777 -22.18 -56.81 -3.04
N SER A 778 -22.79 -57.82 -2.41
CA SER A 778 -23.71 -58.70 -3.12
C SER A 778 -24.97 -57.96 -3.55
N GLU A 779 -25.50 -57.09 -2.68
CA GLU A 779 -26.75 -56.39 -2.96
C GLU A 779 -26.51 -55.09 -3.73
N PHE A 780 -25.85 -55.23 -4.87
CA PHE A 780 -25.64 -54.11 -5.79
C PHE A 780 -26.57 -54.30 -6.97
N MET A 781 -27.53 -53.39 -7.12
CA MET A 781 -28.55 -53.49 -8.15
C MET A 781 -28.42 -52.33 -9.12
N SER A 782 -28.52 -52.64 -10.41
CA SER A 782 -28.49 -51.64 -11.47
C SER A 782 -29.42 -52.09 -12.59
N LEU A 783 -29.93 -51.13 -13.35
CA LEU A 783 -30.90 -51.38 -14.40
C LEU A 783 -30.41 -50.82 -15.72
N ARG A 784 -30.46 -51.64 -16.76
CA ARG A 784 -30.14 -51.20 -18.11
C ARG A 784 -31.13 -51.83 -19.08
N LEU A 785 -31.40 -51.12 -20.18
CA LEU A 785 -32.29 -51.61 -21.23
C LEU A 785 -31.43 -52.14 -22.37
N THR A 786 -31.66 -53.40 -22.73
CA THR A 786 -30.80 -54.11 -23.68
C THR A 786 -31.47 -54.19 -25.04
N SER A 787 -30.71 -53.86 -26.08
CA SER A 787 -31.11 -54.08 -27.46
C SER A 787 -30.05 -54.94 -28.14
N GLU A 788 -30.45 -55.60 -29.23
CA GLU A 788 -29.51 -56.44 -29.97
C GLU A 788 -28.38 -55.61 -30.55
N ALA A 789 -28.70 -54.45 -31.14
CA ALA A 789 -27.68 -53.60 -31.73
C ALA A 789 -26.85 -52.90 -30.68
N SER A 790 -27.50 -52.34 -29.66
CA SER A 790 -26.83 -51.53 -28.64
C SER A 790 -27.08 -52.13 -27.26
N ARG A 791 -26.02 -52.19 -26.45
CA ARG A 791 -26.15 -52.73 -25.10
C ARG A 791 -27.10 -51.87 -24.26
N GLU A 792 -27.00 -50.55 -24.38
CA GLU A 792 -27.90 -49.62 -23.71
C GLU A 792 -28.74 -48.90 -24.76
N ALA A 793 -30.03 -48.78 -24.50
CA ALA A 793 -30.94 -48.13 -25.44
C ALA A 793 -32.15 -47.61 -24.68
N CYS A 794 -32.91 -46.74 -25.34
CA CYS A 794 -34.13 -46.19 -24.74
C CYS A 794 -35.30 -47.16 -24.83
N ALA A 795 -35.15 -48.27 -25.54
CA ALA A 795 -36.19 -49.27 -25.64
C ALA A 795 -35.54 -50.65 -25.71
N GLY A 796 -36.29 -51.66 -25.31
CA GLY A 796 -35.84 -53.03 -25.35
C GLY A 796 -36.17 -53.75 -24.07
N ARG A 797 -35.42 -54.83 -23.81
CA ARG A 797 -35.66 -55.65 -22.64
C ARG A 797 -35.14 -54.98 -21.39
N LEU A 798 -35.90 -55.11 -20.29
CA LEU A 798 -35.49 -54.56 -19.00
C LEU A 798 -34.73 -55.63 -18.23
N GLU A 799 -33.47 -55.35 -17.90
CA GLU A 799 -32.60 -56.30 -17.22
C GLU A 799 -32.15 -55.71 -15.89
N VAL A 800 -32.21 -56.52 -14.84
CA VAL A 800 -31.77 -56.11 -13.52
C VAL A 800 -30.53 -56.91 -13.15
N PHE A 801 -29.66 -56.27 -12.37
CA PHE A 801 -28.38 -56.85 -11.98
C PHE A 801 -28.39 -57.12 -10.49
N TYR A 802 -28.09 -58.36 -10.11
CA TYR A 802 -28.10 -58.75 -8.70
C TYR A 802 -27.16 -59.93 -8.49
N ASN A 803 -26.35 -59.85 -7.44
CA ASN A 803 -25.43 -60.92 -7.07
C ASN A 803 -24.50 -61.30 -8.22
N GLY A 804 -24.05 -60.31 -8.97
CA GLY A 804 -23.14 -60.54 -10.07
C GLY A 804 -23.76 -61.17 -11.29
N ALA A 805 -25.09 -61.16 -11.41
CA ALA A 805 -25.78 -61.76 -12.54
C ALA A 805 -26.83 -60.80 -13.08
N TRP A 806 -27.23 -61.03 -14.32
CA TRP A 806 -28.23 -60.21 -14.99
C TRP A 806 -29.48 -61.05 -15.27
N GLY A 807 -30.64 -60.41 -15.15
CA GLY A 807 -31.90 -61.07 -15.40
C GLY A 807 -33.00 -60.05 -15.64
N THR A 808 -34.06 -60.51 -16.29
CA THR A 808 -35.15 -59.62 -16.64
C THR A 808 -36.13 -59.49 -15.47
N VAL A 809 -37.09 -58.57 -15.63
CA VAL A 809 -38.13 -58.32 -14.63
C VAL A 809 -39.43 -58.88 -15.18
N GLY A 810 -40.18 -59.58 -14.32
CA GLY A 810 -41.40 -60.21 -14.78
C GLY A 810 -42.43 -59.20 -15.25
N LYS A 811 -43.17 -59.58 -16.28
CA LYS A 811 -44.22 -58.73 -16.86
C LYS A 811 -45.51 -58.78 -16.06
N SER A 812 -45.66 -59.73 -15.14
CA SER A 812 -46.91 -59.91 -14.43
C SER A 812 -47.19 -58.75 -13.48
N SER A 813 -48.44 -58.29 -13.48
CA SER A 813 -48.94 -57.32 -12.50
C SER A 813 -48.21 -55.99 -12.57
N MET A 814 -47.70 -55.60 -13.74
CA MET A 814 -47.07 -54.30 -13.90
C MET A 814 -48.13 -53.23 -14.11
N SER A 815 -47.92 -52.08 -13.49
CA SER A 815 -48.83 -50.95 -13.58
C SER A 815 -48.21 -49.82 -14.39
N GLU A 816 -48.94 -48.71 -14.46
CA GLU A 816 -48.44 -47.54 -15.21
C GLU A 816 -47.33 -46.84 -14.44
N THR A 817 -47.46 -46.75 -13.11
CA THR A 817 -46.46 -46.07 -12.31
C THR A 817 -45.11 -46.78 -12.38
N THR A 818 -45.14 -48.11 -12.47
CA THR A 818 -43.89 -48.86 -12.64
C THR A 818 -43.19 -48.49 -13.93
N VAL A 819 -43.95 -48.32 -15.01
CA VAL A 819 -43.36 -47.90 -16.29
C VAL A 819 -42.79 -46.50 -16.18
N GLY A 820 -43.48 -45.62 -15.45
CA GLY A 820 -42.99 -44.26 -15.29
C GLY A 820 -41.69 -44.19 -14.51
N VAL A 821 -41.57 -45.00 -13.46
CA VAL A 821 -40.37 -44.97 -12.63
C VAL A 821 -39.17 -45.50 -13.41
N VAL A 822 -39.36 -46.59 -14.16
CA VAL A 822 -38.27 -47.19 -14.91
C VAL A 822 -37.74 -46.22 -15.96
N CYS A 823 -38.66 -45.57 -16.69
CA CYS A 823 -38.25 -44.64 -17.73
C CYS A 823 -37.48 -43.45 -17.16
N ARG A 824 -37.95 -42.89 -16.04
CA ARG A 824 -37.27 -41.76 -15.43
C ARG A 824 -35.90 -42.17 -14.87
N GLN A 825 -35.81 -43.33 -14.24
CA GLN A 825 -34.55 -43.76 -13.64
C GLN A 825 -33.48 -43.96 -14.71
N LEU A 826 -33.84 -44.59 -15.84
CA LEU A 826 -32.89 -44.81 -16.92
C LEU A 826 -32.49 -43.52 -17.62
N GLY A 827 -33.18 -42.41 -17.38
CA GLY A 827 -32.87 -41.16 -18.01
C GLY A 827 -33.38 -41.01 -19.43
N CYS A 828 -34.31 -41.85 -19.86
CA CYS A 828 -34.76 -41.82 -21.24
C CYS A 828 -35.91 -40.85 -21.46
N ALA A 829 -36.97 -40.94 -20.64
CA ALA A 829 -38.14 -40.10 -20.83
C ALA A 829 -38.90 -40.02 -19.52
N ASP A 830 -39.85 -39.07 -19.47
CA ASP A 830 -40.67 -38.89 -18.28
C ASP A 830 -41.73 -39.96 -18.15
N LYS A 831 -42.11 -40.60 -19.26
CA LYS A 831 -43.16 -41.61 -19.27
C LYS A 831 -42.88 -42.60 -20.38
N GLY A 832 -43.51 -43.78 -20.28
CA GLY A 832 -43.31 -44.81 -21.27
C GLY A 832 -44.52 -45.73 -21.44
N LYS A 833 -44.32 -46.87 -22.08
CA LYS A 833 -45.38 -47.83 -22.31
C LYS A 833 -44.80 -49.23 -22.45
N ILE A 834 -45.61 -50.23 -22.15
CA ILE A 834 -45.18 -51.62 -22.25
C ILE A 834 -45.27 -52.07 -23.71
N ASN A 835 -44.23 -52.77 -24.17
CA ASN A 835 -44.13 -53.21 -25.54
C ASN A 835 -44.00 -54.74 -25.59
N PRO A 836 -44.55 -55.37 -26.63
CA PRO A 836 -44.39 -56.82 -26.78
C PRO A 836 -42.93 -57.20 -27.02
N ALA A 837 -42.59 -58.43 -26.64
CA ALA A 837 -41.22 -58.90 -26.76
C ALA A 837 -40.78 -58.96 -28.21
N SER A 838 -39.51 -58.64 -28.45
CA SER A 838 -38.95 -58.71 -29.79
C SER A 838 -38.83 -60.14 -30.26
N LEU A 839 -38.80 -60.31 -31.59
CA LEU A 839 -38.70 -61.66 -32.16
C LEU A 839 -37.35 -62.29 -31.86
N ASP A 840 -36.29 -61.48 -31.83
CA ASP A 840 -34.94 -61.97 -31.59
C ASP A 840 -34.43 -61.49 -30.24
N LYS A 841 -33.65 -62.35 -29.58
CA LYS A 841 -33.05 -62.03 -28.30
C LYS A 841 -31.54 -62.24 -28.38
N ALA A 842 -30.80 -61.43 -27.63
CA ALA A 842 -29.34 -61.58 -27.60
C ALA A 842 -28.95 -62.86 -26.88
N MET A 843 -29.50 -63.09 -25.70
CA MET A 843 -29.24 -64.28 -24.92
C MET A 843 -30.27 -64.36 -23.81
N SER A 844 -30.52 -65.57 -23.33
CA SER A 844 -31.59 -65.84 -22.36
C SER A 844 -31.01 -65.98 -20.96
N ILE A 845 -31.62 -65.29 -20.01
CA ILE A 845 -31.21 -65.36 -18.60
C ILE A 845 -32.45 -65.49 -17.73
N PRO A 846 -32.36 -66.12 -16.56
CA PRO A 846 -33.51 -66.21 -15.67
C PRO A 846 -33.93 -64.85 -15.14
N MET A 847 -35.23 -64.70 -14.90
CA MET A 847 -35.78 -63.45 -14.39
C MET A 847 -35.52 -63.35 -12.89
N TRP A 848 -34.77 -62.33 -12.48
CA TRP A 848 -34.38 -62.22 -11.08
C TRP A 848 -35.56 -61.88 -10.19
N VAL A 849 -36.48 -61.04 -10.66
CA VAL A 849 -37.58 -60.56 -9.84
C VAL A 849 -38.88 -60.63 -10.64
N ASP A 850 -40.00 -60.57 -9.92
CA ASP A 850 -41.32 -60.63 -10.53
C ASP A 850 -42.33 -59.98 -9.60
N ASN A 851 -43.50 -59.65 -10.17
CA ASN A 851 -44.63 -59.09 -9.43
C ASN A 851 -44.26 -57.79 -8.73
N VAL A 852 -43.84 -56.81 -9.53
CA VAL A 852 -43.44 -55.50 -9.02
C VAL A 852 -44.65 -54.58 -9.04
N GLN A 853 -44.96 -53.98 -7.89
CA GLN A 853 -46.07 -53.05 -7.75
C GLN A 853 -45.52 -51.75 -7.17
N CYS A 854 -45.12 -50.84 -8.05
CA CYS A 854 -44.50 -49.59 -7.62
C CYS A 854 -45.53 -48.67 -6.98
N PRO A 855 -45.26 -48.15 -5.78
CA PRO A 855 -46.17 -47.19 -5.16
C PRO A 855 -46.03 -45.80 -5.77
N LYS A 856 -46.71 -44.82 -5.19
CA LYS A 856 -46.61 -43.43 -5.63
C LYS A 856 -45.58 -42.69 -4.79
N GLY A 857 -44.60 -42.11 -5.45
CA GLY A 857 -43.55 -41.36 -4.77
C GLY A 857 -42.18 -42.00 -4.55
N PRO A 858 -41.86 -43.16 -5.15
CA PRO A 858 -40.47 -43.61 -5.06
C PRO A 858 -39.64 -43.15 -6.24
N ASP A 859 -38.42 -42.68 -5.94
CA ASP A 859 -37.54 -42.17 -6.98
C ASP A 859 -37.07 -43.28 -7.90
N THR A 860 -36.71 -44.43 -7.34
CA THR A 860 -36.13 -45.53 -8.10
C THR A 860 -36.86 -46.83 -7.81
N LEU A 861 -36.62 -47.83 -8.66
CA LEU A 861 -37.32 -49.10 -8.56
C LEU A 861 -36.99 -49.87 -7.29
N TRP A 862 -35.85 -49.58 -6.64
CA TRP A 862 -35.45 -50.35 -5.47
C TRP A 862 -36.41 -50.20 -4.30
N GLN A 863 -37.23 -49.15 -4.28
CA GLN A 863 -38.19 -48.93 -3.22
C GLN A 863 -39.58 -49.46 -3.56
N CYS A 864 -39.72 -50.21 -4.65
CA CYS A 864 -41.00 -50.77 -5.04
C CYS A 864 -41.13 -52.19 -4.51
N PRO A 865 -42.10 -52.48 -3.64
CA PRO A 865 -42.23 -53.84 -3.12
C PRO A 865 -42.59 -54.83 -4.22
N SER A 866 -42.15 -56.08 -4.04
CA SER A 866 -42.38 -57.11 -5.03
C SER A 866 -42.16 -58.48 -4.38
N SER A 867 -42.33 -59.52 -5.18
CA SER A 867 -42.08 -60.88 -4.71
C SER A 867 -40.57 -61.09 -4.50
N PRO A 868 -40.19 -61.96 -3.56
CA PRO A 868 -38.76 -62.12 -3.24
C PRO A 868 -37.94 -62.57 -4.44
N TRP A 869 -36.65 -62.25 -4.39
CA TRP A 869 -35.74 -62.60 -5.47
C TRP A 869 -35.74 -64.09 -5.74
N GLU A 870 -35.81 -64.46 -7.01
CA GLU A 870 -35.75 -65.86 -7.42
C GLU A 870 -35.03 -65.94 -8.76
N LYS A 871 -34.28 -67.03 -8.93
CA LYS A 871 -33.55 -67.28 -10.17
C LYS A 871 -34.25 -68.42 -10.90
N ARG A 872 -34.94 -68.09 -11.99
CA ARG A 872 -35.76 -69.06 -12.70
C ARG A 872 -36.01 -68.58 -14.12
N LEU A 873 -35.70 -69.41 -15.10
CA LEU A 873 -36.00 -69.08 -16.49
C LEU A 873 -37.49 -69.16 -16.75
N ALA A 874 -37.94 -68.41 -17.76
CA ALA A 874 -39.37 -68.36 -18.08
C ALA A 874 -39.53 -67.99 -19.55
N SER A 875 -40.79 -68.01 -20.00
CA SER A 875 -41.11 -67.71 -21.37
C SER A 875 -40.89 -66.23 -21.67
N PRO A 876 -40.71 -65.88 -22.95
CA PRO A 876 -40.55 -64.46 -23.30
C PRO A 876 -41.75 -63.60 -22.96
N SER A 877 -42.93 -64.19 -22.81
CA SER A 877 -44.11 -63.41 -22.43
C SER A 877 -43.94 -62.80 -21.04
N GLU A 878 -43.38 -63.57 -20.11
CA GLU A 878 -43.16 -63.04 -18.76
C GLU A 878 -42.05 -61.99 -18.74
N GLU A 879 -41.12 -62.05 -19.70
CA GLU A 879 -40.07 -61.06 -19.78
C GLU A 879 -40.64 -59.69 -20.16
N THR A 880 -40.00 -58.65 -19.66
CA THR A 880 -40.46 -57.27 -19.85
C THR A 880 -39.66 -56.60 -20.96
N TRP A 881 -40.36 -55.98 -21.90
CA TRP A 881 -39.76 -55.10 -22.90
C TRP A 881 -40.49 -53.77 -22.85
N ILE A 882 -39.75 -52.70 -22.56
CA ILE A 882 -40.33 -51.39 -22.32
C ILE A 882 -39.94 -50.46 -23.46
N THR A 883 -40.76 -49.42 -23.65
CA THR A 883 -40.52 -48.41 -24.68
C THR A 883 -40.88 -47.06 -24.11
N CYS A 884 -39.87 -46.25 -23.79
CA CYS A 884 -40.11 -44.92 -23.24
C CYS A 884 -40.64 -43.98 -24.32
N ASP A 885 -41.14 -42.83 -23.86
CA ASP A 885 -41.65 -41.84 -24.80
C ASP A 885 -40.52 -41.22 -25.62
N ASN A 886 -40.89 -40.69 -26.78
CA ASN A 886 -39.88 -40.15 -27.69
C ASN A 886 -39.24 -38.89 -27.13
N LYS A 887 -37.93 -38.76 -27.36
CA LYS A 887 -37.18 -37.62 -26.86
C LYS A 887 -37.42 -36.34 -27.64
N ILE A 888 -37.84 -36.45 -28.91
CA ILE A 888 -37.99 -35.29 -29.79
C ILE A 888 -39.45 -35.17 -30.19
N ARG A 889 -39.97 -33.94 -30.13
CA ARG A 889 -41.35 -33.66 -30.48
C ARG A 889 -41.46 -32.26 -31.06
N LEU A 890 -42.56 -32.02 -31.75
CA LEU A 890 -42.91 -30.69 -32.25
C LEU A 890 -44.20 -30.24 -31.60
N GLN A 891 -44.25 -28.98 -31.16
CA GLN A 891 -45.36 -28.46 -30.39
C GLN A 891 -45.76 -27.09 -30.92
N GLU A 892 -47.01 -26.71 -30.61
CA GLU A 892 -47.64 -25.42 -30.85
C GLU A 892 -48.00 -25.21 -32.32
N GLY A 893 -47.62 -26.13 -33.21
CA GLY A 893 -47.93 -25.98 -34.61
C GLY A 893 -49.39 -26.23 -34.92
N PRO A 894 -49.89 -25.62 -36.01
CA PRO A 894 -51.29 -25.87 -36.40
C PRO A 894 -51.57 -27.32 -36.73
N THR A 895 -50.60 -28.06 -37.26
CA THR A 895 -50.75 -29.46 -37.61
C THR A 895 -49.95 -30.34 -36.66
N SER A 896 -50.12 -31.65 -36.83
CA SER A 896 -49.42 -32.60 -35.97
C SER A 896 -47.96 -32.74 -36.36
N CYS A 897 -47.65 -32.65 -37.65
CA CYS A 897 -46.29 -32.83 -38.14
C CYS A 897 -45.50 -31.53 -38.22
N SER A 898 -46.06 -30.41 -37.77
CA SER A 898 -45.40 -29.12 -37.82
C SER A 898 -45.49 -28.44 -36.47
N GLY A 899 -44.47 -27.66 -36.14
CA GLY A 899 -44.45 -26.92 -34.89
C GLY A 899 -43.04 -26.56 -34.50
N ARG A 900 -42.94 -25.99 -33.30
CA ARG A 900 -41.63 -25.65 -32.75
C ARG A 900 -40.95 -26.92 -32.24
N VAL A 901 -39.66 -27.05 -32.54
CA VAL A 901 -38.93 -28.25 -32.16
C VAL A 901 -38.68 -28.24 -30.65
N GLU A 902 -39.07 -29.32 -29.99
CA GLU A 902 -38.91 -29.47 -28.55
C GLU A 902 -38.18 -30.77 -28.26
N ILE A 903 -37.13 -30.72 -27.45
CA ILE A 903 -36.32 -31.88 -27.14
C ILE A 903 -36.31 -32.08 -25.63
N TRP A 904 -36.06 -33.32 -25.22
CA TRP A 904 -36.09 -33.72 -23.82
C TRP A 904 -34.70 -34.18 -23.40
N HIS A 905 -34.17 -33.57 -22.34
CA HIS A 905 -32.87 -33.94 -21.81
C HIS A 905 -32.73 -33.33 -20.42
N GLY A 906 -32.09 -34.08 -19.52
CA GLY A 906 -31.90 -33.60 -18.16
C GLY A 906 -33.16 -33.56 -17.32
N GLY A 907 -34.17 -34.35 -17.67
CA GLY A 907 -35.41 -34.39 -16.93
C GLY A 907 -36.43 -33.35 -17.31
N SER A 908 -36.12 -32.47 -18.27
CA SER A 908 -37.03 -31.41 -18.66
C SER A 908 -36.97 -31.21 -20.17
N TRP A 909 -38.05 -30.68 -20.72
CA TRP A 909 -38.13 -30.33 -22.13
C TRP A 909 -37.42 -29.01 -22.39
N GLY A 910 -37.23 -28.70 -23.66
CA GLY A 910 -36.56 -27.46 -24.04
C GLY A 910 -36.58 -27.25 -25.54
N THR A 911 -36.04 -26.11 -25.96
CA THR A 911 -36.02 -25.71 -27.35
C THR A 911 -34.61 -25.85 -27.93
N VAL A 912 -34.49 -25.52 -29.21
CA VAL A 912 -33.21 -25.48 -29.92
C VAL A 912 -33.17 -24.19 -30.72
N CYS A 913 -32.05 -23.48 -30.65
CA CYS A 913 -31.95 -22.18 -31.28
C CYS A 913 -31.88 -22.31 -32.80
N ASP A 914 -32.06 -21.19 -33.48
CA ASP A 914 -32.15 -21.13 -34.93
C ASP A 914 -30.83 -20.84 -35.62
N ASP A 915 -29.74 -20.69 -34.88
CA ASP A 915 -28.46 -20.38 -35.49
C ASP A 915 -27.99 -21.56 -36.33
N SER A 916 -27.74 -21.30 -37.62
CA SER A 916 -27.37 -22.32 -38.60
C SER A 916 -28.41 -23.43 -38.68
N TRP A 917 -29.69 -23.07 -38.53
CA TRP A 917 -30.79 -24.02 -38.62
C TRP A 917 -31.13 -24.21 -40.09
N ASP A 918 -30.41 -25.10 -40.77
CA ASP A 918 -30.59 -25.32 -42.19
C ASP A 918 -31.73 -26.30 -42.44
N LEU A 919 -32.07 -26.48 -43.73
CA LEU A 919 -33.08 -27.45 -44.10
C LEU A 919 -32.57 -28.88 -43.91
N ASP A 920 -31.25 -29.09 -44.00
CA ASP A 920 -30.69 -30.40 -43.74
C ASP A 920 -30.93 -30.81 -42.29
N ASP A 921 -30.78 -29.87 -41.35
CA ASP A 921 -31.07 -30.16 -39.95
C ASP A 921 -32.53 -30.49 -39.74
N ALA A 922 -33.42 -29.77 -40.44
CA ALA A 922 -34.86 -30.05 -40.32
C ALA A 922 -35.20 -31.44 -40.82
N GLN A 923 -34.45 -31.94 -41.80
CA GLN A 923 -34.69 -33.28 -42.31
C GLN A 923 -34.47 -34.33 -41.23
N VAL A 924 -33.43 -34.15 -40.41
CA VAL A 924 -33.14 -35.10 -39.34
C VAL A 924 -34.27 -35.14 -38.33
N VAL A 925 -34.78 -33.96 -37.94
CA VAL A 925 -35.82 -33.90 -36.93
C VAL A 925 -37.10 -34.57 -37.43
N CYS A 926 -37.48 -34.31 -38.69
CA CYS A 926 -38.66 -34.94 -39.25
C CYS A 926 -38.49 -36.46 -39.32
N GLN A 927 -37.29 -36.91 -39.69
CA GLN A 927 -37.03 -38.35 -39.76
C GLN A 927 -37.10 -38.98 -38.37
N GLN A 928 -36.61 -38.28 -37.35
CA GLN A 928 -36.65 -38.82 -35.99
C GLN A 928 -38.08 -39.02 -35.52
N LEU A 929 -38.93 -38.01 -35.70
CA LEU A 929 -40.33 -38.14 -35.33
C LEU A 929 -41.02 -39.17 -36.21
N GLY A 930 -40.73 -39.15 -37.52
CA GLY A 930 -41.37 -40.03 -38.48
C GLY A 930 -42.20 -39.33 -39.53
N CYS A 931 -42.25 -38.00 -39.53
CA CYS A 931 -43.01 -37.27 -40.53
C CYS A 931 -42.26 -37.29 -41.87
N GLY A 932 -42.85 -36.64 -42.87
CA GLY A 932 -42.28 -36.61 -44.19
C GLY A 932 -41.11 -35.65 -44.28
N PRO A 933 -40.54 -35.53 -45.48
CA PRO A 933 -39.40 -34.63 -45.68
C PRO A 933 -39.76 -33.18 -45.37
N ALA A 934 -38.78 -32.46 -44.83
CA ALA A 934 -38.99 -31.08 -44.41
C ALA A 934 -38.91 -30.15 -45.62
N LEU A 935 -40.02 -29.48 -45.92
CA LEU A 935 -40.03 -28.53 -47.03
C LEU A 935 -39.36 -27.21 -46.67
N LYS A 936 -39.44 -26.78 -45.42
CA LYS A 936 -38.92 -25.48 -45.02
C LYS A 936 -38.51 -25.52 -43.56
N ALA A 937 -37.36 -24.93 -43.26
CA ALA A 937 -36.87 -24.75 -41.90
C ALA A 937 -36.89 -23.27 -41.57
N PHE A 938 -37.57 -22.91 -40.50
CA PHE A 938 -37.80 -21.50 -40.16
C PHE A 938 -36.88 -21.07 -39.02
N LYS A 939 -37.08 -19.84 -38.57
CA LYS A 939 -36.25 -19.24 -37.53
C LYS A 939 -37.04 -18.11 -36.87
N GLU A 940 -36.45 -17.55 -35.82
CA GLU A 940 -36.97 -16.38 -35.13
C GLU A 940 -38.34 -16.64 -34.50
N ALA A 941 -38.60 -17.89 -34.12
CA ALA A 941 -39.79 -18.27 -33.34
C ALA A 941 -41.08 -17.83 -34.04
N GLU A 942 -41.32 -18.42 -35.21
CA GLU A 942 -42.51 -18.07 -35.98
C GLU A 942 -43.79 -18.41 -35.24
N PHE A 943 -43.87 -19.61 -34.68
CA PHE A 943 -45.15 -20.12 -34.17
C PHE A 943 -45.50 -19.47 -32.83
N GLY A 944 -44.50 -19.28 -31.97
CA GLY A 944 -44.74 -18.68 -30.68
C GLY A 944 -43.45 -18.60 -29.89
N GLN A 945 -43.52 -17.92 -28.77
CA GLN A 945 -42.36 -17.77 -27.91
C GLN A 945 -42.13 -19.06 -27.11
N GLY A 946 -40.92 -19.59 -27.17
CA GLY A 946 -40.64 -20.84 -26.52
C GLY A 946 -40.68 -20.73 -24.99
N THR A 947 -40.91 -21.87 -24.36
CA THR A 947 -40.97 -21.98 -22.91
C THR A 947 -39.99 -23.04 -22.45
N GLY A 948 -39.14 -22.70 -21.49
CA GLY A 948 -38.17 -23.63 -20.97
C GLY A 948 -36.75 -23.26 -21.37
N PRO A 949 -35.79 -24.09 -21.00
CA PRO A 949 -34.39 -23.81 -21.32
C PRO A 949 -34.09 -24.05 -22.80
N ILE A 950 -32.93 -23.55 -23.21
CA ILE A 950 -32.43 -23.73 -24.58
C ILE A 950 -31.25 -24.69 -24.50
N TRP A 951 -31.36 -25.81 -25.23
CA TRP A 951 -30.37 -26.88 -25.11
C TRP A 951 -29.28 -26.77 -26.19
N LEU A 952 -29.67 -26.83 -27.45
CA LEU A 952 -28.72 -26.93 -28.55
C LEU A 952 -28.53 -25.59 -29.26
N ASN A 953 -27.37 -25.46 -29.90
CA ASN A 953 -27.04 -24.27 -30.68
C ASN A 953 -26.10 -24.67 -31.80
N GLU A 954 -26.09 -23.85 -32.85
CA GLU A 954 -25.20 -24.00 -34.02
C GLU A 954 -25.18 -25.44 -34.55
N VAL A 955 -26.30 -26.16 -34.38
CA VAL A 955 -26.36 -27.55 -34.80
C VAL A 955 -26.27 -27.63 -36.32
N LYS A 956 -25.38 -28.49 -36.80
CA LYS A 956 -25.12 -28.67 -38.23
C LYS A 956 -25.26 -30.16 -38.57
N CYS A 957 -26.43 -30.55 -39.05
CA CYS A 957 -26.69 -31.92 -39.44
C CYS A 957 -26.41 -32.09 -40.93
N LYS A 958 -25.66 -33.14 -41.27
CA LYS A 958 -25.36 -33.43 -42.67
C LYS A 958 -26.52 -34.09 -43.41
N GLY A 959 -27.57 -34.50 -42.70
CA GLY A 959 -28.72 -35.14 -43.30
C GLY A 959 -28.70 -36.65 -43.26
N ASN A 960 -27.52 -37.25 -43.06
CA ASN A 960 -27.41 -38.70 -42.99
C ASN A 960 -27.53 -39.25 -41.57
N GLU A 961 -27.62 -38.38 -40.57
CA GLU A 961 -27.71 -38.84 -39.19
C GLU A 961 -29.12 -39.29 -38.87
N SER A 962 -29.23 -40.40 -38.14
CA SER A 962 -30.54 -40.93 -37.76
C SER A 962 -31.16 -40.15 -36.62
N SER A 963 -30.35 -39.63 -35.70
CA SER A 963 -30.84 -38.93 -34.52
C SER A 963 -30.16 -37.58 -34.40
N LEU A 964 -30.88 -36.63 -33.81
CA LEU A 964 -30.31 -35.30 -33.59
C LEU A 964 -29.15 -35.34 -32.60
N TRP A 965 -29.12 -36.34 -31.72
CA TRP A 965 -28.04 -36.47 -30.76
C TRP A 965 -26.72 -36.86 -31.42
N ASP A 966 -26.78 -37.44 -32.63
CA ASP A 966 -25.55 -37.78 -33.34
C ASP A 966 -24.88 -36.54 -33.95
N CYS A 967 -25.67 -35.54 -34.34
CA CYS A 967 -25.10 -34.35 -34.95
C CYS A 967 -24.28 -33.56 -33.94
N PRO A 968 -23.16 -32.98 -34.36
CA PRO A 968 -22.37 -32.15 -33.44
C PRO A 968 -22.98 -30.77 -33.26
N ALA A 969 -22.98 -30.30 -32.02
CA ALA A 969 -23.55 -29.01 -31.68
C ALA A 969 -23.05 -28.61 -30.29
N ARG A 970 -23.62 -27.53 -29.75
CA ARG A 970 -23.32 -27.11 -28.37
C ARG A 970 -24.05 -28.07 -27.43
N ARG A 971 -23.42 -29.21 -27.20
CA ARG A 971 -24.07 -30.33 -26.52
C ARG A 971 -24.28 -30.00 -25.05
N TRP A 972 -25.52 -29.67 -24.68
CA TRP A 972 -25.89 -29.35 -23.30
C TRP A 972 -25.00 -28.25 -22.73
N GLY A 973 -24.66 -27.28 -23.56
CA GLY A 973 -23.85 -26.16 -23.11
C GLY A 973 -24.66 -24.89 -22.94
N HIS A 974 -24.12 -23.93 -22.22
CA HIS A 974 -24.78 -22.63 -22.08
C HIS A 974 -24.89 -21.97 -23.45
N SER A 975 -26.12 -21.64 -23.84
CA SER A 975 -26.40 -21.09 -25.16
C SER A 975 -26.49 -19.58 -25.07
N GLU A 976 -25.66 -18.88 -25.85
CA GLU A 976 -25.74 -17.43 -25.94
C GLU A 976 -27.02 -16.98 -26.62
N CYS A 977 -27.74 -17.89 -27.27
CA CYS A 977 -28.94 -17.55 -28.01
C CYS A 977 -30.09 -17.27 -27.06
N GLY A 978 -30.85 -16.21 -27.35
CA GLY A 978 -31.97 -15.82 -26.53
C GLY A 978 -33.21 -16.65 -26.78
N HIS A 979 -34.29 -16.25 -26.11
CA HIS A 979 -35.55 -16.98 -26.24
C HIS A 979 -36.45 -16.42 -27.34
N LYS A 980 -35.98 -15.47 -28.12
CA LYS A 980 -36.71 -15.01 -29.29
C LYS A 980 -36.34 -15.78 -30.56
N GLU A 981 -35.31 -16.63 -30.50
CA GLU A 981 -34.74 -17.27 -31.68
C GLU A 981 -34.98 -18.78 -31.71
N ASP A 982 -36.03 -19.26 -31.04
CA ASP A 982 -36.30 -20.69 -31.03
C ASP A 982 -36.69 -21.18 -32.41
N ALA A 983 -36.09 -22.30 -32.83
CA ALA A 983 -36.31 -22.84 -34.16
C ALA A 983 -37.70 -23.46 -34.28
N ALA A 984 -38.11 -23.71 -35.52
CA ALA A 984 -39.37 -24.35 -35.82
C ALA A 984 -39.21 -25.10 -37.13
N VAL A 985 -39.87 -26.27 -37.22
CA VAL A 985 -39.71 -27.16 -38.36
C VAL A 985 -41.10 -27.60 -38.83
N ASN A 986 -41.33 -27.51 -40.14
CA ASN A 986 -42.59 -27.93 -40.76
C ASN A 986 -42.29 -29.10 -41.68
N CYS A 987 -42.81 -30.27 -41.35
CA CYS A 987 -42.69 -31.45 -42.19
C CYS A 987 -44.03 -31.76 -42.85
N THR A 988 -44.00 -32.60 -43.87
CA THR A 988 -45.22 -33.04 -44.52
C THR A 988 -45.69 -34.36 -43.91
N ASP A 989 -46.95 -34.69 -44.17
CA ASP A 989 -47.55 -35.90 -43.63
C ASP A 989 -46.90 -37.14 -44.22
N ASN B 115 22.63 77.54 20.91
CA ASN B 115 24.00 77.44 20.40
C ASN B 115 24.55 76.03 20.59
N LEU B 116 23.67 75.03 20.52
CA LEU B 116 24.08 73.66 20.73
C LEU B 116 24.84 73.13 19.51
N GLU B 117 26.00 72.54 19.76
CA GLU B 117 26.84 72.00 18.70
C GLU B 117 27.52 70.74 19.22
N MET B 118 27.99 69.91 18.29
CA MET B 118 28.56 68.61 18.61
C MET B 118 30.03 68.53 18.24
N ARG B 119 30.83 67.99 19.14
CA ARG B 119 32.19 67.56 18.85
C ARG B 119 32.41 66.21 19.53
N LEU B 120 33.23 65.37 18.92
CA LEU B 120 33.54 64.05 19.44
C LEU B 120 35.00 64.03 19.86
N THR B 121 35.25 63.72 21.13
CA THR B 121 36.55 63.90 21.75
C THR B 121 37.02 62.60 22.37
N ARG B 122 38.36 62.41 22.40
CA ARG B 122 39.07 61.25 22.91
C ARG B 122 38.90 60.01 22.03
N GLY B 123 38.14 60.10 20.93
CA GLY B 123 38.03 58.99 20.01
C GLY B 123 39.14 58.89 19.00
N GLY B 124 40.13 59.78 19.08
CA GLY B 124 41.21 59.83 18.11
C GLY B 124 40.87 60.61 16.86
N ASN B 125 39.68 61.17 16.78
CA ASN B 125 39.18 61.77 15.55
C ASN B 125 37.90 62.54 15.82
N MET B 126 37.67 63.57 15.01
CA MET B 126 36.42 64.32 15.05
C MET B 126 35.25 63.44 14.61
N CYS B 127 35.53 62.39 13.81
CA CYS B 127 34.45 61.53 13.31
C CYS B 127 33.83 60.71 14.44
N SER B 128 34.64 60.09 15.29
CA SER B 128 34.15 59.21 16.34
C SER B 128 34.78 59.58 17.68
N GLY B 129 33.97 59.52 18.73
CA GLY B 129 34.45 59.85 20.06
C GLY B 129 33.29 60.07 21.00
N ARG B 130 33.65 60.36 22.25
CA ARG B 130 32.63 60.62 23.26
C ARG B 130 31.81 61.85 22.89
N ILE B 131 30.53 61.83 23.26
CA ILE B 131 29.64 62.93 22.93
C ILE B 131 30.05 64.19 23.69
N GLU B 132 29.92 65.33 23.01
CA GLU B 132 30.18 66.63 23.64
C GLU B 132 29.21 67.62 23.02
N ILE B 133 28.29 68.16 23.83
CA ILE B 133 27.28 69.10 23.38
C ILE B 133 27.52 70.43 24.07
N LYS B 134 27.76 71.47 23.28
CA LYS B 134 28.17 72.78 23.81
C LYS B 134 26.94 73.67 23.97
N PHE B 135 26.72 74.13 25.20
CA PHE B 135 25.74 75.16 25.48
C PHE B 135 26.38 76.19 26.40
N GLN B 136 26.31 77.46 26.01
CA GLN B 136 27.03 78.54 26.68
C GLN B 136 28.53 78.25 26.75
N GLY B 137 29.05 77.54 25.76
CA GLY B 137 30.47 77.25 25.67
C GLY B 137 30.95 76.06 26.47
N ARG B 138 30.05 75.29 27.08
CA ARG B 138 30.42 74.13 27.88
C ARG B 138 29.91 72.86 27.21
N TRP B 139 30.81 71.92 26.96
CA TRP B 139 30.46 70.67 26.30
C TRP B 139 30.02 69.62 27.31
N GLY B 140 29.14 68.73 26.87
CA GLY B 140 28.59 67.72 27.75
C GLY B 140 28.27 66.44 27.01
N THR B 141 28.37 65.32 27.72
CA THR B 141 28.21 63.99 27.14
C THR B 141 26.88 63.37 27.57
N VAL B 142 26.10 62.92 26.59
CA VAL B 142 24.75 62.40 26.85
C VAL B 142 24.83 61.05 27.56
N CYS B 143 23.89 60.81 28.47
CA CYS B 143 23.84 59.57 29.23
C CYS B 143 23.52 58.38 28.33
N ASP B 144 23.87 57.19 28.82
CA ASP B 144 23.73 55.97 28.02
C ASP B 144 22.29 55.49 27.93
N ASP B 145 21.48 55.70 28.96
CA ASP B 145 20.12 55.19 28.96
C ASP B 145 19.29 55.87 27.89
N ASN B 146 18.41 55.08 27.25
CA ASN B 146 17.52 55.50 26.18
C ASN B 146 18.26 55.92 24.91
N PHE B 147 19.58 55.72 24.86
CA PHE B 147 20.32 55.96 23.63
C PHE B 147 19.93 54.94 22.58
N ASN B 148 19.74 55.40 21.34
CA ASN B 148 19.20 54.56 20.28
C ASN B 148 20.12 54.58 19.07
N ILE B 149 19.94 53.59 18.20
CA ILE B 149 20.74 53.51 16.98
C ILE B 149 20.39 54.67 16.05
N ASP B 150 19.10 54.92 15.84
CA ASP B 150 18.69 56.09 15.08
C ASP B 150 19.06 57.38 15.81
N HIS B 151 19.06 57.34 17.15
CA HIS B 151 19.58 58.46 17.92
C HIS B 151 21.05 58.70 17.59
N ALA B 152 21.84 57.62 17.51
CA ALA B 152 23.23 57.76 17.12
C ALA B 152 23.38 58.20 15.68
N SER B 153 22.44 57.82 14.82
CA SER B 153 22.48 58.25 13.42
C SER B 153 22.36 59.76 13.30
N VAL B 154 21.45 60.37 14.09
CA VAL B 154 21.32 61.82 14.07
C VAL B 154 22.57 62.48 14.61
N ILE B 155 23.21 61.84 15.60
CA ILE B 155 24.43 62.42 16.19
C ILE B 155 25.53 62.52 15.14
N CYS B 156 25.86 61.40 14.49
CA CYS B 156 26.94 61.40 13.51
C CYS B 156 26.62 62.28 12.31
N ARG B 157 25.33 62.48 12.02
CA ARG B 157 24.97 63.43 10.97
C ARG B 157 25.29 64.86 11.35
N GLN B 158 25.27 65.19 12.66
CA GLN B 158 25.65 66.53 13.08
C GLN B 158 27.13 66.79 12.89
N LEU B 159 27.97 65.79 13.17
CA LEU B 159 29.37 65.91 12.81
C LEU B 159 29.56 65.94 11.30
N GLU B 160 28.56 65.52 10.52
CA GLU B 160 28.53 65.49 9.06
C GLU B 160 29.57 64.55 8.48
N CYS B 161 30.24 63.74 9.33
CA CYS B 161 31.23 62.80 8.83
C CYS B 161 30.59 61.66 8.05
N GLY B 162 29.56 61.04 8.61
CA GLY B 162 28.96 59.88 7.98
C GLY B 162 28.02 59.18 8.95
N SER B 163 27.69 57.93 8.63
CA SER B 163 26.83 57.14 9.48
C SER B 163 27.62 56.56 10.64
N ALA B 164 26.88 56.14 11.68
CA ALA B 164 27.48 55.49 12.83
C ALA B 164 27.24 53.99 12.77
N VAL B 165 28.18 53.22 13.34
CA VAL B 165 28.03 51.78 13.35
C VAL B 165 26.88 51.36 14.27
N SER B 166 26.73 52.07 15.41
CA SER B 166 25.70 51.75 16.40
C SER B 166 25.75 52.78 17.52
N PHE B 167 24.81 52.69 18.46
CA PHE B 167 24.85 53.49 19.67
C PHE B 167 25.64 52.76 20.75
N SER B 168 26.48 53.51 21.46
CA SER B 168 27.30 52.97 22.52
C SER B 168 27.10 53.79 23.80
N GLY B 169 27.26 53.11 24.94
CA GLY B 169 27.07 53.74 26.23
C GLY B 169 28.36 53.77 27.05
N SER B 170 28.28 54.49 28.17
CA SER B 170 29.33 54.65 29.18
C SER B 170 30.57 55.36 28.66
N SER B 171 30.58 55.83 27.40
CA SER B 171 31.73 56.50 26.80
C SER B 171 33.02 55.71 27.05
N ASN B 172 33.06 54.50 26.51
CA ASN B 172 34.18 53.60 26.77
C ASN B 172 35.49 54.16 26.22
N PHE B 173 35.43 54.96 25.16
CA PHE B 173 36.66 55.46 24.55
C PHE B 173 37.27 56.60 25.36
N GLY B 174 36.46 57.47 25.93
CA GLY B 174 36.99 58.64 26.61
C GLY B 174 36.11 59.06 27.78
N GLU B 175 36.73 59.75 28.73
CA GLU B 175 36.03 60.23 29.91
C GLU B 175 35.39 61.58 29.64
N GLY B 176 34.15 61.75 30.09
CA GLY B 176 33.44 62.99 29.85
C GLY B 176 34.00 64.15 30.67
N SER B 177 33.69 65.36 30.21
CA SER B 177 34.16 66.57 30.86
C SER B 177 33.13 67.68 30.69
N GLY B 178 33.04 68.54 31.71
CA GLY B 178 32.16 69.68 31.67
C GLY B 178 30.72 69.33 32.00
N PRO B 179 29.89 70.35 32.24
CA PRO B 179 28.48 70.09 32.51
C PRO B 179 27.75 69.60 31.27
N ILE B 180 26.69 68.83 31.51
CA ILE B 180 25.91 68.23 30.45
C ILE B 180 24.48 68.75 30.53
N TRP B 181 23.80 68.80 29.38
CA TRP B 181 22.50 69.42 29.27
C TRP B 181 21.35 68.45 29.01
N PHE B 182 21.63 67.26 28.46
CA PHE B 182 20.61 66.29 28.10
C PHE B 182 20.84 64.99 28.85
N ASP B 183 19.77 64.44 29.42
CA ASP B 183 19.84 63.20 30.17
C ASP B 183 18.82 62.20 29.63
N ASP B 184 19.21 60.92 29.61
CA ASP B 184 18.35 59.84 29.15
C ASP B 184 17.77 60.15 27.77
N LEU B 185 18.61 60.68 26.90
CA LEU B 185 18.13 61.23 25.63
C LEU B 185 17.62 60.13 24.71
N ILE B 186 16.41 60.33 24.19
CA ILE B 186 15.81 59.45 23.19
C ILE B 186 15.41 60.31 22.01
N CYS B 187 15.68 59.80 20.80
CA CYS B 187 15.41 60.55 19.58
C CYS B 187 14.76 59.64 18.54
N ASN B 188 13.77 60.18 17.83
CA ASN B 188 13.05 59.40 16.83
C ASN B 188 13.84 59.20 15.55
N GLY B 189 14.71 60.16 15.21
CA GLY B 189 15.50 60.10 13.99
C GLY B 189 14.96 60.95 12.86
N ASN B 190 13.67 61.32 12.92
CA ASN B 190 13.11 62.20 11.89
C ASN B 190 13.73 63.59 11.95
N GLU B 191 13.99 64.07 13.17
CA GLU B 191 14.56 65.41 13.34
C GLU B 191 15.95 65.50 12.72
N SER B 192 16.26 66.67 12.17
CA SER B 192 17.58 66.90 11.59
C SER B 192 18.67 66.86 12.65
N ALA B 193 18.41 67.44 13.82
CA ALA B 193 19.41 67.55 14.88
C ALA B 193 18.80 67.10 16.20
N LEU B 194 19.69 66.80 17.15
CA LEU B 194 19.25 66.44 18.49
C LEU B 194 18.54 67.59 19.19
N TRP B 195 18.84 68.83 18.79
CA TRP B 195 18.20 69.98 19.42
C TRP B 195 16.70 70.00 19.11
N ASN B 196 16.32 69.62 17.89
CA ASN B 196 14.91 69.44 17.57
C ASN B 196 14.37 68.16 18.19
N CYS B 197 15.24 67.20 18.48
CA CYS B 197 14.83 65.95 19.12
C CYS B 197 14.35 66.22 20.54
N LYS B 198 13.41 65.38 20.99
CA LYS B 198 12.86 65.53 22.33
C LYS B 198 13.93 65.23 23.39
N HIS B 199 13.98 66.06 24.42
CA HIS B 199 14.89 65.88 25.54
C HIS B 199 14.10 65.63 26.80
N GLN B 200 14.46 64.57 27.54
CA GLN B 200 13.83 64.32 28.84
C GLN B 200 14.14 65.45 29.81
N GLY B 201 15.37 65.94 29.80
CA GLY B 201 15.75 67.07 30.63
C GLY B 201 16.65 68.05 29.91
N TRP B 202 16.40 69.34 30.10
CA TRP B 202 17.17 70.39 29.46
C TRP B 202 18.10 71.02 30.49
N GLY B 203 19.39 71.06 30.18
CA GLY B 203 20.38 71.66 31.06
C GLY B 203 20.83 70.81 32.21
N LYS B 204 20.57 69.49 32.18
CA LYS B 204 20.94 68.62 33.28
C LYS B 204 21.25 67.23 32.74
N HIS B 205 22.01 66.47 33.54
CA HIS B 205 22.33 65.09 33.21
C HIS B 205 22.13 64.22 34.46
N ASN B 206 21.52 63.06 34.27
CA ASN B 206 21.33 62.11 35.37
C ASN B 206 22.41 61.06 35.43
N CYS B 207 23.01 60.71 34.29
CA CYS B 207 24.09 59.74 34.27
C CYS B 207 25.41 60.42 34.60
N ASP B 208 26.22 59.75 35.43
CA ASP B 208 27.51 60.32 35.77
C ASP B 208 28.46 60.21 34.57
N HIS B 209 29.60 60.91 34.69
CA HIS B 209 30.51 61.02 33.55
C HIS B 209 31.01 59.67 33.08
N ALA B 210 31.09 58.69 33.98
CA ALA B 210 31.45 57.34 33.58
C ALA B 210 30.31 56.60 32.88
N GLU B 211 29.06 56.97 33.17
CA GLU B 211 27.91 56.32 32.55
C GLU B 211 27.41 57.03 31.30
N ASP B 212 27.82 58.27 31.06
CA ASP B 212 27.34 59.00 29.89
C ASP B 212 27.83 58.33 28.61
N ALA B 213 26.98 58.32 27.60
CA ALA B 213 27.22 57.55 26.39
C ALA B 213 28.31 58.18 25.52
N GLY B 214 28.85 57.35 24.63
CA GLY B 214 29.78 57.82 23.62
C GLY B 214 29.39 57.26 22.26
N VAL B 215 29.88 57.93 21.22
CA VAL B 215 29.46 57.65 19.84
C VAL B 215 30.68 57.14 19.06
N ILE B 216 30.53 55.96 18.46
CA ILE B 216 31.50 55.42 17.52
C ILE B 216 30.88 55.48 16.13
N CYS B 217 31.62 56.07 15.18
CA CYS B 217 31.08 56.40 13.87
C CYS B 217 31.74 55.55 12.80
N SER B 218 30.95 55.16 11.79
CA SER B 218 31.46 54.26 10.75
C SER B 218 32.56 54.90 9.92
N LYS B 219 32.38 56.17 9.54
CA LYS B 219 33.41 56.85 8.76
C LYS B 219 34.69 56.99 9.56
N GLY B 220 34.57 57.24 10.87
CA GLY B 220 35.74 57.25 11.73
C GLY B 220 36.39 55.88 11.85
N ALA B 221 35.58 54.83 11.85
CA ALA B 221 36.13 53.48 11.83
C ALA B 221 36.80 53.20 10.49
N ASP B 222 37.85 52.39 10.53
CA ASP B 222 38.65 52.10 9.33
C ASP B 222 37.97 51.02 8.51
N LEU B 223 36.90 51.43 7.83
CA LEU B 223 36.08 50.53 7.02
C LEU B 223 36.36 50.76 5.55
N SER B 224 36.62 49.69 4.81
CA SER B 224 36.87 49.78 3.37
C SER B 224 36.51 48.45 2.72
N LEU B 225 35.61 48.48 1.76
CA LEU B 225 35.21 47.28 1.05
C LEU B 225 36.27 46.89 0.03
N ARG B 226 36.41 45.58 -0.21
CA ARG B 226 37.40 45.07 -1.15
C ARG B 226 36.97 43.70 -1.63
N LEU B 227 37.61 43.25 -2.72
CA LEU B 227 37.36 41.94 -3.30
C LEU B 227 38.64 41.13 -3.30
N VAL B 228 38.54 39.86 -2.91
CA VAL B 228 39.69 38.99 -2.70
C VAL B 228 39.47 37.67 -3.42
N ASP B 229 40.50 37.21 -4.12
CA ASP B 229 40.57 35.85 -4.67
C ASP B 229 39.46 35.59 -5.69
N GLY B 230 39.43 36.40 -6.74
CA GLY B 230 38.51 36.22 -7.84
C GLY B 230 39.24 36.02 -9.15
N VAL B 231 38.44 35.81 -10.20
CA VAL B 231 39.01 35.71 -11.55
C VAL B 231 39.68 37.01 -11.95
N THR B 232 39.02 38.14 -11.67
CA THR B 232 39.62 39.45 -11.90
C THR B 232 39.45 40.31 -10.65
N GLU B 233 39.78 41.60 -10.75
CA GLU B 233 39.68 42.46 -9.58
C GLU B 233 38.23 42.82 -9.24
N CYS B 234 37.29 42.55 -10.13
CA CYS B 234 35.88 42.83 -9.88
C CYS B 234 35.07 41.59 -9.53
N SER B 235 35.73 40.47 -9.22
CA SER B 235 35.05 39.25 -8.80
C SER B 235 35.78 38.67 -7.60
N GLY B 236 35.06 37.88 -6.82
CA GLY B 236 35.63 37.20 -5.68
C GLY B 236 34.80 37.39 -4.44
N ARG B 237 35.42 37.17 -3.29
CA ARG B 237 34.75 37.25 -2.00
C ARG B 237 34.90 38.66 -1.42
N LEU B 238 33.78 39.22 -0.97
CA LEU B 238 33.80 40.55 -0.37
C LEU B 238 34.44 40.51 1.01
N GLU B 239 35.10 41.61 1.36
CA GLU B 239 35.76 41.75 2.65
C GLU B 239 35.45 43.11 3.24
N VAL B 240 35.22 43.15 4.55
CA VAL B 240 35.02 44.38 5.29
C VAL B 240 36.04 44.45 6.41
N ARG B 241 36.80 45.54 6.46
CA ARG B 241 37.76 45.77 7.52
C ARG B 241 37.06 46.50 8.66
N PHE B 242 36.78 45.79 9.74
CA PHE B 242 36.15 46.37 10.93
C PHE B 242 37.14 46.35 12.08
N GLN B 243 37.30 47.51 12.72
CA GLN B 243 38.17 47.65 13.89
C GLN B 243 39.60 47.23 13.60
N GLY B 244 40.03 47.36 12.34
CA GLY B 244 41.33 46.91 11.92
C GLY B 244 41.44 45.44 11.58
N GLU B 245 40.34 44.69 11.66
CA GLU B 245 40.32 43.26 11.34
C GLU B 245 39.43 43.04 10.13
N TRP B 246 39.95 42.31 9.14
CA TRP B 246 39.24 42.07 7.90
C TRP B 246 38.32 40.87 8.06
N GLY B 247 37.05 41.04 7.67
CA GLY B 247 36.07 39.98 7.75
C GLY B 247 35.18 39.97 6.52
N THR B 248 34.51 38.84 6.33
CA THR B 248 33.67 38.64 5.16
C THR B 248 32.25 39.12 5.45
N ILE B 249 31.34 38.84 4.53
CA ILE B 249 29.93 39.21 4.64
C ILE B 249 29.09 37.96 4.51
N CYS B 250 28.13 37.78 5.41
CA CYS B 250 27.30 36.58 5.39
C CYS B 250 26.46 36.52 4.11
N ASP B 251 26.23 35.31 3.63
CA ASP B 251 25.48 35.13 2.38
C ASP B 251 24.00 35.45 2.57
N ASP B 252 23.44 35.15 3.74
CA ASP B 252 22.02 35.37 3.97
C ASP B 252 21.67 36.85 3.85
N GLY B 253 20.59 37.13 3.12
CA GLY B 253 20.16 38.49 2.87
C GLY B 253 20.81 39.17 1.69
N TRP B 254 21.77 38.52 1.04
CA TRP B 254 22.43 39.13 -0.10
C TRP B 254 21.50 39.13 -1.31
N ASP B 255 21.35 40.29 -1.95
CA ASP B 255 20.44 40.45 -3.06
C ASP B 255 21.18 41.09 -4.24
N SER B 256 20.52 41.12 -5.40
CA SER B 256 21.09 41.80 -6.55
C SER B 256 21.21 43.29 -6.30
N TYR B 257 20.31 43.87 -5.50
CA TYR B 257 20.46 45.27 -5.12
C TYR B 257 21.73 45.50 -4.33
N ASP B 258 22.03 44.60 -3.39
CA ASP B 258 23.27 44.73 -2.61
C ASP B 258 24.49 44.61 -3.49
N ALA B 259 24.46 43.68 -4.46
CA ALA B 259 25.56 43.55 -5.41
C ALA B 259 25.72 44.81 -6.25
N ALA B 260 24.60 45.44 -6.62
CA ALA B 260 24.67 46.68 -7.38
C ALA B 260 25.34 47.80 -6.58
N VAL B 261 25.05 47.89 -5.29
CA VAL B 261 25.68 48.91 -4.46
C VAL B 261 27.17 48.66 -4.32
N ALA B 262 27.56 47.40 -4.10
CA ALA B 262 28.96 47.07 -3.91
C ALA B 262 29.77 47.38 -5.17
N CYS B 263 29.24 47.05 -6.34
CA CYS B 263 29.94 47.34 -7.59
C CYS B 263 30.12 48.84 -7.78
N LYS B 264 29.10 49.63 -7.46
CA LYS B 264 29.22 51.08 -7.52
C LYS B 264 30.27 51.58 -6.54
N GLN B 265 30.30 51.01 -5.34
CA GLN B 265 31.26 51.45 -4.34
C GLN B 265 32.69 51.14 -4.76
N LEU B 266 32.93 49.95 -5.31
CA LEU B 266 34.30 49.54 -5.62
C LEU B 266 34.90 50.38 -6.74
N GLY B 267 34.19 50.53 -7.86
CA GLY B 267 34.66 51.42 -8.90
C GLY B 267 34.63 50.90 -10.32
N CYS B 268 34.21 49.65 -10.52
CA CYS B 268 34.15 49.14 -11.88
C CYS B 268 32.70 48.89 -12.29
N PRO B 269 32.40 48.83 -13.60
CA PRO B 269 31.03 49.06 -14.07
C PRO B 269 30.02 48.08 -13.47
N THR B 270 28.80 48.59 -13.31
CA THR B 270 27.70 47.86 -12.69
C THR B 270 26.65 47.42 -13.71
N ALA B 271 27.07 47.20 -14.96
CA ALA B 271 26.11 46.84 -16.00
C ALA B 271 25.42 45.51 -15.68
N VAL B 272 26.19 44.52 -15.25
CA VAL B 272 25.66 43.22 -14.84
C VAL B 272 26.31 42.86 -13.51
N THR B 273 25.48 42.55 -12.51
CA THR B 273 25.96 42.27 -11.16
C THR B 273 25.37 40.94 -10.69
N ALA B 274 26.23 40.07 -10.15
CA ALA B 274 25.81 38.80 -9.59
C ALA B 274 26.01 38.82 -8.08
N ILE B 275 25.38 37.85 -7.40
CA ILE B 275 25.34 37.83 -5.94
C ILE B 275 26.22 36.72 -5.37
N GLY B 276 27.06 36.09 -6.18
CA GLY B 276 27.87 34.98 -5.74
C GLY B 276 29.35 35.29 -5.83
N ARG B 277 30.15 34.57 -5.05
CA ARG B 277 31.59 34.67 -5.12
C ARG B 277 32.13 33.66 -6.12
N VAL B 278 33.16 34.06 -6.85
CA VAL B 278 33.67 33.29 -7.98
C VAL B 278 35.03 32.74 -7.61
N ASN B 279 35.19 31.42 -7.71
CA ASN B 279 36.51 30.77 -7.70
C ASN B 279 37.24 30.99 -6.37
N ALA B 280 36.57 31.60 -5.40
CA ALA B 280 37.16 31.97 -4.13
C ALA B 280 36.94 30.88 -3.09
N SER B 281 37.78 30.85 -2.07
CA SER B 281 37.61 29.96 -0.93
C SER B 281 37.08 30.75 0.27
N LYS B 282 36.52 30.01 1.23
CA LYS B 282 35.98 30.64 2.42
C LYS B 282 37.10 31.27 3.24
N GLY B 283 36.82 32.47 3.78
CA GLY B 283 37.81 33.19 4.55
C GLY B 283 37.78 32.84 6.03
N PHE B 284 38.74 33.39 6.75
CA PHE B 284 38.85 33.22 8.20
C PHE B 284 38.84 34.57 8.88
N GLY B 285 38.10 34.67 9.97
CA GLY B 285 37.95 35.91 10.70
C GLY B 285 36.53 36.06 11.20
N HIS B 286 36.18 37.28 11.60
CA HIS B 286 34.88 37.59 12.15
C HIS B 286 33.97 38.12 11.04
N ILE B 287 32.81 37.49 10.86
CA ILE B 287 31.86 37.94 9.85
C ILE B 287 31.17 39.19 10.38
N TRP B 288 31.62 40.36 9.90
CA TRP B 288 31.17 41.62 10.47
C TRP B 288 29.76 42.00 10.03
N LEU B 289 29.31 41.53 8.87
CA LEU B 289 28.01 41.91 8.32
C LEU B 289 27.16 40.67 8.06
N ASP B 290 25.88 40.78 8.38
CA ASP B 290 24.92 39.69 8.17
C ASP B 290 23.57 40.30 7.84
N SER B 291 22.84 39.63 6.95
CA SER B 291 21.52 40.05 6.48
C SER B 291 21.53 41.52 6.07
N VAL B 292 22.36 41.85 5.09
CA VAL B 292 22.44 43.21 4.57
C VAL B 292 21.31 43.43 3.58
N SER B 293 20.35 44.27 3.95
CA SER B 293 19.18 44.54 3.13
C SER B 293 19.23 45.99 2.64
N CYS B 294 19.46 46.16 1.35
CA CYS B 294 19.64 47.48 0.76
C CYS B 294 18.64 47.69 -0.36
N GLN B 295 18.23 48.95 -0.54
CA GLN B 295 17.31 49.29 -1.62
C GLN B 295 18.01 49.33 -2.98
N GLY B 296 19.31 49.59 -3.01
CA GLY B 296 20.05 49.61 -4.25
C GLY B 296 20.57 50.98 -4.64
N HIS B 297 19.77 52.01 -4.38
CA HIS B 297 20.13 53.39 -4.75
C HIS B 297 20.83 54.12 -3.62
N GLU B 298 21.92 53.56 -3.12
CA GLU B 298 22.68 54.16 -2.03
C GLU B 298 24.15 54.22 -2.39
N PRO B 299 24.89 55.19 -1.83
CA PRO B 299 26.31 55.33 -2.19
C PRO B 299 27.20 54.25 -1.59
N ALA B 300 26.87 53.73 -0.41
CA ALA B 300 27.71 52.75 0.24
C ALA B 300 26.84 51.81 1.07
N ILE B 301 27.38 50.61 1.33
CA ILE B 301 26.64 49.62 2.09
C ILE B 301 26.63 49.93 3.59
N TRP B 302 27.52 50.78 4.06
CA TRP B 302 27.46 51.21 5.46
C TRP B 302 26.18 52.01 5.73
N GLN B 303 25.81 52.89 4.79
CA GLN B 303 24.55 53.62 4.93
C GLN B 303 23.36 52.68 4.80
N CYS B 304 23.54 51.57 4.08
CA CYS B 304 22.50 50.56 3.96
C CYS B 304 22.21 49.93 5.32
N LYS B 305 20.97 49.47 5.49
CA LYS B 305 20.56 48.90 6.76
C LYS B 305 21.23 47.55 6.99
N HIS B 306 22.27 47.55 7.81
CA HIS B 306 22.94 46.32 8.22
C HIS B 306 22.40 45.90 9.58
N HIS B 307 22.22 44.59 9.76
CA HIS B 307 21.60 44.08 10.97
C HIS B 307 22.41 44.45 12.21
N GLU B 308 23.70 44.11 12.22
CA GLU B 308 24.53 44.31 13.40
C GLU B 308 25.98 44.04 13.03
N TRP B 309 26.89 44.81 13.59
CA TRP B 309 28.32 44.65 13.34
C TRP B 309 28.85 43.51 14.21
N GLY B 310 29.35 42.46 13.57
CA GLY B 310 29.92 41.34 14.30
C GLY B 310 28.93 40.31 14.79
N LYS B 311 27.78 40.17 14.13
CA LYS B 311 26.82 39.15 14.54
C LYS B 311 27.38 37.74 14.34
N HIS B 312 28.00 37.49 13.19
CA HIS B 312 28.72 36.24 12.90
C HIS B 312 27.83 35.01 13.00
N TYR B 313 26.51 35.18 12.95
CA TYR B 313 25.60 34.04 13.11
C TYR B 313 25.80 33.02 11.99
N CYS B 314 26.00 33.49 10.77
CA CYS B 314 26.15 32.58 9.64
C CYS B 314 27.47 31.81 9.72
N ASN B 315 27.47 30.62 9.14
CA ASN B 315 28.68 29.81 9.09
C ASN B 315 29.71 30.45 8.16
N HIS B 316 30.99 30.23 8.49
CA HIS B 316 32.07 30.83 7.72
C HIS B 316 32.28 30.17 6.36
N ASN B 317 31.63 29.04 6.10
CA ASN B 317 31.72 28.42 4.78
C ASN B 317 31.11 29.31 3.71
N GLU B 318 29.99 29.97 4.01
CA GLU B 318 29.33 30.85 3.07
C GLU B 318 29.75 32.29 3.33
N ASP B 319 30.15 32.98 2.27
CA ASP B 319 30.51 34.38 2.33
C ASP B 319 30.02 35.07 1.07
N ALA B 320 29.48 36.28 1.24
CA ALA B 320 28.89 36.99 0.11
C ALA B 320 29.97 37.41 -0.89
N GLY B 321 29.67 37.22 -2.18
CA GLY B 321 30.55 37.65 -3.23
C GLY B 321 29.77 38.43 -4.29
N VAL B 322 30.51 39.08 -5.18
CA VAL B 322 29.92 39.92 -6.20
C VAL B 322 30.70 39.76 -7.51
N THR B 323 29.98 39.93 -8.62
CA THR B 323 30.57 39.82 -9.95
C THR B 323 30.18 41.05 -10.74
N CYS B 324 31.06 42.04 -10.77
CA CYS B 324 30.83 43.27 -11.53
C CYS B 324 31.36 43.07 -12.95
N SER B 325 30.47 43.09 -13.92
CA SER B 325 30.83 42.82 -15.31
C SER B 325 30.25 43.90 -16.21
N ASP B 326 31.00 44.21 -17.27
CA ASP B 326 30.55 45.21 -18.25
C ASP B 326 29.46 44.66 -19.17
N GLY B 327 29.30 43.34 -19.23
CA GLY B 327 28.34 42.72 -20.11
C GLY B 327 28.92 42.13 -21.38
N SER B 328 30.22 42.34 -21.63
CA SER B 328 30.87 41.80 -22.82
C SER B 328 31.47 40.42 -22.61
N ASP B 329 31.96 40.13 -21.40
CA ASP B 329 32.62 38.86 -21.16
C ASP B 329 31.63 37.70 -21.03
N LEU B 330 30.40 37.98 -20.57
CA LEU B 330 29.43 36.92 -20.37
C LEU B 330 29.10 36.23 -21.69
N GLU B 331 29.11 34.89 -21.67
CA GLU B 331 28.82 34.10 -22.84
C GLU B 331 28.23 32.76 -22.41
N LEU B 332 27.36 32.21 -23.24
CA LEU B 332 26.69 30.95 -22.98
C LEU B 332 26.76 30.07 -24.21
N ARG B 333 27.05 28.79 -24.01
CA ARG B 333 27.18 27.86 -25.13
C ARG B 333 26.71 26.49 -24.69
N LEU B 334 26.40 25.65 -25.68
CA LEU B 334 25.97 24.27 -25.46
C LEU B 334 27.01 23.34 -26.07
N ARG B 335 27.47 22.39 -25.28
CA ARG B 335 28.55 21.50 -25.68
C ARG B 335 28.20 20.05 -25.36
N GLY B 336 28.78 19.13 -26.12
CA GLY B 336 28.60 17.72 -25.88
C GLY B 336 27.46 17.07 -26.62
N GLY B 337 26.89 17.73 -27.62
CA GLY B 337 25.77 17.19 -28.36
C GLY B 337 26.02 17.22 -29.86
N GLY B 338 24.98 16.82 -30.61
CA GLY B 338 25.09 16.76 -32.05
C GLY B 338 25.25 18.13 -32.69
N SER B 339 24.50 19.11 -32.19
CA SER B 339 24.52 20.46 -32.74
C SER B 339 24.74 21.46 -31.63
N ARG B 340 24.94 22.72 -32.03
CA ARG B 340 25.16 23.79 -31.07
C ARG B 340 23.93 24.08 -30.21
N CYS B 341 22.75 23.60 -30.63
CA CYS B 341 21.51 23.89 -29.92
C CYS B 341 21.15 22.83 -28.89
N ALA B 342 21.90 21.74 -28.81
CA ALA B 342 21.63 20.67 -27.87
C ALA B 342 22.91 20.24 -27.17
N GLY B 343 22.84 20.12 -25.86
CA GLY B 343 23.98 19.69 -25.07
C GLY B 343 23.86 20.17 -23.65
N THR B 344 25.00 20.17 -22.97
CA THR B 344 25.06 20.63 -21.58
C THR B 344 25.35 22.12 -21.54
N VAL B 345 24.57 22.84 -20.73
CA VAL B 345 24.72 24.29 -20.64
C VAL B 345 26.05 24.62 -19.99
N GLU B 346 26.96 25.20 -20.77
CA GLU B 346 28.26 25.63 -20.30
C GLU B 346 28.32 27.15 -20.33
N VAL B 347 28.65 27.75 -19.21
CA VAL B 347 28.75 29.21 -19.11
C VAL B 347 30.23 29.58 -19.06
N GLU B 348 30.53 30.81 -19.50
CA GLU B 348 31.88 31.34 -19.48
C GLU B 348 31.80 32.81 -19.13
N ILE B 349 32.06 33.13 -17.86
CA ILE B 349 32.01 34.50 -17.35
C ILE B 349 33.43 34.91 -16.99
N GLN B 350 33.93 35.96 -17.63
CA GLN B 350 35.30 36.43 -17.43
C GLN B 350 36.30 35.31 -17.66
N ARG B 351 36.07 34.52 -18.72
CA ARG B 351 36.95 33.43 -19.14
C ARG B 351 37.07 32.34 -18.08
N LEU B 352 36.03 32.15 -17.28
CA LEU B 352 35.95 31.03 -16.35
C LEU B 352 34.80 30.13 -16.77
N LEU B 353 35.10 28.86 -17.01
CA LEU B 353 34.14 27.91 -17.55
C LEU B 353 33.48 27.12 -16.42
N GLY B 354 32.16 27.04 -16.46
CA GLY B 354 31.40 26.31 -15.46
C GLY B 354 30.15 25.72 -16.08
N LYS B 355 29.28 25.21 -15.22
CA LYS B 355 28.02 24.61 -15.62
C LYS B 355 26.85 25.33 -14.93
N VAL B 356 25.66 24.79 -15.12
CA VAL B 356 24.44 25.32 -14.50
C VAL B 356 23.85 24.22 -13.64
N CYS B 357 23.58 24.54 -12.37
CA CYS B 357 23.03 23.55 -11.46
C CYS B 357 21.57 23.25 -11.78
N ASP B 358 21.14 22.03 -11.46
CA ASP B 358 19.81 21.54 -11.77
C ASP B 358 18.82 21.75 -10.63
N ARG B 359 19.03 22.77 -9.79
CA ARG B 359 18.16 22.98 -8.64
C ARG B 359 16.74 23.36 -9.08
N GLY B 360 16.63 24.36 -9.95
CA GLY B 360 15.33 24.82 -10.40
C GLY B 360 15.19 24.78 -11.90
N TRP B 361 16.07 24.02 -12.56
CA TRP B 361 16.04 23.92 -14.00
C TRP B 361 14.78 23.19 -14.47
N GLY B 362 14.05 23.80 -15.39
CA GLY B 362 12.84 23.22 -15.94
C GLY B 362 12.66 23.69 -17.37
N LEU B 363 11.54 23.27 -17.96
CA LEU B 363 11.24 23.69 -19.33
C LEU B 363 11.04 25.19 -19.43
N LYS B 364 10.39 25.79 -18.43
CA LYS B 364 10.12 27.23 -18.48
C LYS B 364 11.42 28.03 -18.47
N GLU B 365 12.36 27.65 -17.61
CA GLU B 365 13.67 28.32 -17.60
C GLU B 365 14.48 27.96 -18.83
N ALA B 366 14.13 26.87 -19.52
CA ALA B 366 14.90 26.42 -20.65
C ALA B 366 14.63 27.24 -21.90
N ASP B 367 13.45 27.85 -22.01
CA ASP B 367 13.17 28.68 -23.18
C ASP B 367 14.06 29.90 -23.24
N VAL B 368 14.47 30.42 -22.08
CA VAL B 368 15.35 31.59 -22.05
C VAL B 368 16.69 31.25 -22.70
N VAL B 369 17.28 30.11 -22.33
CA VAL B 369 18.55 29.70 -22.92
C VAL B 369 18.39 29.40 -24.40
N CYS B 370 17.34 28.66 -24.76
CA CYS B 370 17.15 28.28 -26.16
C CYS B 370 16.95 29.52 -27.03
N ARG B 371 16.16 30.48 -26.56
CA ARG B 371 15.98 31.73 -27.29
C ARG B 371 17.28 32.52 -27.37
N GLN B 372 18.05 32.55 -26.28
CA GLN B 372 19.29 33.32 -26.25
C GLN B 372 20.28 32.83 -27.29
N LEU B 373 20.44 31.51 -27.41
CA LEU B 373 21.33 30.95 -28.43
C LEU B 373 20.77 31.10 -29.83
N GLY B 374 19.52 31.51 -29.98
CA GLY B 374 18.92 31.61 -31.30
C GLY B 374 18.51 30.28 -31.89
N CYS B 375 18.12 29.31 -31.07
CA CYS B 375 17.79 27.97 -31.51
C CYS B 375 16.35 27.61 -31.15
N GLY B 376 15.42 28.55 -31.34
CA GLY B 376 14.04 28.25 -31.06
C GLY B 376 13.75 28.06 -29.58
N SER B 377 12.73 27.25 -29.31
CA SER B 377 12.32 26.94 -27.95
C SER B 377 12.97 25.64 -27.49
N ALA B 378 12.58 25.15 -26.31
CA ALA B 378 13.17 23.97 -25.70
C ALA B 378 12.14 22.86 -25.63
N LEU B 379 12.57 21.64 -26.00
CA LEU B 379 11.69 20.47 -26.00
C LEU B 379 12.01 19.51 -24.86
N LYS B 380 13.27 19.07 -24.74
CA LYS B 380 13.66 18.05 -23.80
C LYS B 380 14.79 18.54 -22.92
N THR B 381 14.78 18.11 -21.66
CA THR B 381 15.82 18.50 -20.70
C THR B 381 17.08 17.68 -20.86
N SER B 382 17.05 16.58 -21.60
CA SER B 382 18.21 15.75 -21.82
C SER B 382 18.68 15.89 -23.27
N TYR B 383 19.72 15.13 -23.61
CA TYR B 383 20.25 15.14 -24.97
C TYR B 383 20.97 13.83 -25.22
N GLN B 384 21.43 13.65 -26.45
CA GLN B 384 22.18 12.47 -26.84
C GLN B 384 23.65 12.82 -26.92
N VAL B 385 24.48 12.04 -26.23
CA VAL B 385 25.90 12.37 -26.09
C VAL B 385 26.66 11.93 -27.33
N TYR B 386 27.34 12.88 -27.98
CA TYR B 386 28.24 12.59 -29.08
C TYR B 386 29.71 12.79 -28.74
N SER B 387 30.00 13.50 -27.66
CA SER B 387 31.36 13.71 -27.20
C SER B 387 31.34 13.98 -25.71
N LYS B 388 32.51 13.86 -25.08
CA LYS B 388 32.64 14.04 -23.64
C LYS B 388 33.08 15.46 -23.34
N ILE B 389 32.25 16.18 -22.57
CA ILE B 389 32.64 17.51 -22.11
C ILE B 389 33.67 17.38 -21.00
N GLN B 390 34.36 18.49 -20.71
CA GLN B 390 35.38 18.50 -19.68
C GLN B 390 34.73 18.59 -18.30
N ALA B 391 35.57 18.74 -17.28
CA ALA B 391 35.11 18.84 -15.90
C ALA B 391 35.38 20.24 -15.38
N THR B 392 34.34 20.87 -14.84
CA THR B 392 34.43 22.23 -14.30
C THR B 392 33.97 22.23 -12.86
N ASN B 393 34.50 23.18 -12.10
CA ASN B 393 34.24 23.24 -10.66
C ASN B 393 33.26 24.33 -10.26
N THR B 394 33.11 25.38 -11.05
CA THR B 394 32.23 26.48 -10.72
C THR B 394 30.84 26.22 -11.29
N TRP B 395 29.82 26.64 -10.54
CA TRP B 395 28.43 26.39 -10.89
C TRP B 395 27.63 27.68 -10.82
N LEU B 396 26.70 27.83 -11.77
CA LEU B 396 25.76 28.94 -11.80
C LEU B 396 24.42 28.48 -11.26
N PHE B 397 23.85 29.25 -10.34
CA PHE B 397 22.60 28.90 -9.67
C PHE B 397 21.53 29.91 -10.04
N LEU B 398 20.36 29.42 -10.43
CA LEU B 398 19.26 30.24 -10.90
C LEU B 398 18.14 30.22 -9.87
N SER B 399 17.58 31.40 -9.58
CA SER B 399 16.48 31.49 -8.62
C SER B 399 15.14 31.19 -9.29
N SER B 400 14.75 32.00 -10.27
CA SER B 400 13.49 31.83 -10.97
C SER B 400 13.49 32.73 -12.21
N CYS B 401 12.71 32.33 -13.20
CA CYS B 401 12.58 33.09 -14.44
C CYS B 401 11.12 33.11 -14.87
N ASN B 402 10.66 34.27 -15.35
CA ASN B 402 9.29 34.38 -15.83
C ASN B 402 9.07 33.63 -17.14
N GLY B 403 10.12 33.41 -17.92
CA GLY B 403 10.03 32.70 -19.17
C GLY B 403 10.01 33.58 -20.41
N ASN B 404 9.74 34.87 -20.25
CA ASN B 404 9.71 35.80 -21.37
C ASN B 404 10.99 36.61 -21.50
N GLU B 405 12.01 36.30 -20.70
CA GLU B 405 13.25 37.07 -20.73
C GLU B 405 14.00 36.85 -22.04
N THR B 406 14.69 37.91 -22.49
CA THR B 406 15.44 37.81 -23.73
C THR B 406 16.71 36.99 -23.55
N SER B 407 17.42 37.19 -22.45
CA SER B 407 18.68 36.51 -22.18
C SER B 407 18.69 35.99 -20.76
N LEU B 408 19.53 34.98 -20.52
CA LEU B 408 19.63 34.38 -19.19
C LEU B 408 20.13 35.38 -18.16
N TRP B 409 20.92 36.36 -18.58
CA TRP B 409 21.50 37.32 -17.65
C TRP B 409 20.46 38.27 -17.07
N ASP B 410 19.29 38.40 -17.71
CA ASP B 410 18.26 39.29 -17.22
C ASP B 410 17.36 38.63 -16.17
N CYS B 411 17.49 37.33 -15.95
CA CYS B 411 16.73 36.67 -14.89
C CYS B 411 17.18 37.19 -13.53
N LYS B 412 16.22 37.37 -12.64
CA LYS B 412 16.48 38.02 -11.36
C LYS B 412 17.24 37.10 -10.41
N ASN B 413 18.29 37.64 -9.80
CA ASN B 413 19.02 36.98 -8.71
C ASN B 413 19.60 35.63 -9.15
N TRP B 414 20.54 35.69 -10.10
CA TRP B 414 21.30 34.52 -10.50
C TRP B 414 22.67 34.58 -9.84
N GLN B 415 23.02 33.52 -9.12
CA GLN B 415 24.26 33.47 -8.34
C GLN B 415 25.32 32.72 -9.13
N TRP B 416 26.50 33.32 -9.24
CA TRP B 416 27.62 32.75 -10.00
C TRP B 416 28.68 32.28 -9.02
N GLY B 417 28.83 30.97 -8.89
CA GLY B 417 29.81 30.40 -7.99
C GLY B 417 29.41 30.55 -6.52
N GLY B 418 30.35 30.17 -5.67
CA GLY B 418 30.18 30.31 -4.24
C GLY B 418 29.35 29.23 -3.58
N LEU B 419 28.87 28.24 -4.34
CA LEU B 419 28.05 27.18 -3.77
C LEU B 419 28.26 25.91 -4.58
N THR B 420 27.99 24.78 -3.94
CA THR B 420 28.11 23.47 -4.56
C THR B 420 26.81 22.70 -4.39
N CYS B 421 26.38 22.03 -5.46
CA CYS B 421 25.21 21.15 -5.41
C CYS B 421 25.66 19.76 -5.86
N ASP B 422 26.09 18.95 -4.89
CA ASP B 422 26.60 17.62 -5.19
C ASP B 422 25.47 16.67 -5.57
N HIS B 423 24.35 16.73 -4.84
CA HIS B 423 23.22 15.84 -5.12
C HIS B 423 22.66 16.10 -6.51
N TYR B 424 22.53 17.36 -6.90
CA TYR B 424 22.01 17.71 -8.21
C TYR B 424 23.10 17.55 -9.26
N GLU B 425 22.68 17.43 -10.52
CA GLU B 425 23.57 17.21 -11.64
C GLU B 425 23.64 18.48 -12.49
N GLU B 426 24.44 18.40 -13.56
CA GLU B 426 24.54 19.52 -14.49
C GLU B 426 23.24 19.66 -15.29
N ALA B 427 22.87 20.91 -15.57
CA ALA B 427 21.64 21.17 -16.31
C ALA B 427 21.89 20.99 -17.80
N LYS B 428 21.01 20.27 -18.47
CA LYS B 428 21.13 20.04 -19.90
C LYS B 428 19.92 20.58 -20.56
N ILE B 429 19.91 20.58 -21.87
CA ILE B 429 18.79 21.13 -22.63
C ILE B 429 18.97 20.73 -24.09
N THR B 430 17.85 20.53 -24.79
CA THR B 430 17.84 20.24 -26.21
C THR B 430 16.85 21.19 -26.88
N CYS B 431 17.37 22.11 -27.70
CA CYS B 431 16.52 23.08 -28.37
C CYS B 431 15.72 22.41 -29.49
N SER B 432 14.69 23.11 -29.95
CA SER B 432 13.85 22.59 -31.02
C SER B 432 14.58 22.60 -32.36
N ALA B 433 15.50 23.54 -32.56
CA ALA B 433 16.24 23.65 -33.81
C ALA B 433 17.38 22.65 -33.91
N HIS B 434 17.45 21.67 -33.00
CA HIS B 434 18.47 20.64 -33.09
C HIS B 434 18.28 19.82 -34.36
N ARG B 435 17.05 19.40 -34.65
CA ARG B 435 16.69 18.66 -35.86
C ARG B 435 15.47 19.35 -36.45
N GLU B 436 15.68 20.25 -37.41
CA GLU B 436 14.57 20.99 -38.00
C GLU B 436 14.36 20.52 -39.44
N PRO B 437 13.27 19.81 -39.73
CA PRO B 437 13.04 19.35 -41.10
C PRO B 437 12.18 20.31 -41.92
N ARG B 438 12.24 20.12 -43.24
CA ARG B 438 11.48 20.93 -44.17
C ARG B 438 11.29 20.16 -45.46
N LEU B 439 10.29 20.55 -46.24
CA LEU B 439 9.97 19.93 -47.51
C LEU B 439 10.11 20.97 -48.62
N VAL B 440 10.94 20.66 -49.61
CA VAL B 440 11.21 21.57 -50.72
C VAL B 440 11.06 20.83 -52.04
N GLY B 441 10.89 21.60 -53.11
CA GLY B 441 10.80 21.05 -54.44
C GLY B 441 9.45 20.49 -54.83
N GLY B 442 8.41 20.76 -54.05
CA GLY B 442 7.09 20.22 -54.35
C GLY B 442 6.01 21.27 -54.51
N ASP B 443 5.27 21.20 -55.62
CA ASP B 443 4.14 22.10 -55.80
C ASP B 443 3.01 21.79 -54.83
N ILE B 444 2.83 20.52 -54.51
CA ILE B 444 1.82 20.13 -53.51
C ILE B 444 2.22 20.70 -52.15
N PRO B 445 1.28 21.23 -51.36
CA PRO B 445 1.68 21.91 -50.11
C PRO B 445 2.44 21.03 -49.13
N CYS B 446 2.10 19.75 -49.03
CA CYS B 446 2.70 18.86 -48.03
C CYS B 446 3.43 17.70 -48.70
N SER B 447 4.20 18.00 -49.74
CA SER B 447 4.99 17.00 -50.45
C SER B 447 6.24 17.66 -51.00
N GLY B 448 7.39 17.04 -50.75
CA GLY B 448 8.65 17.60 -51.21
C GLY B 448 9.81 16.75 -50.74
N ARG B 449 11.01 17.21 -51.08
CA ARG B 449 12.22 16.52 -50.67
C ARG B 449 12.56 16.86 -49.22
N VAL B 450 13.09 15.88 -48.50
CA VAL B 450 13.39 16.05 -47.08
C VAL B 450 14.74 16.73 -46.92
N GLU B 451 14.78 17.78 -46.12
CA GLU B 451 16.01 18.46 -45.75
C GLU B 451 15.98 18.74 -44.26
N VAL B 452 17.01 18.28 -43.55
CA VAL B 452 17.08 18.40 -42.10
C VAL B 452 18.19 19.39 -41.77
N LYS B 453 17.88 20.33 -40.88
CA LYS B 453 18.84 21.33 -40.44
C LYS B 453 19.43 20.93 -39.09
N HIS B 454 20.74 20.82 -39.04
CA HIS B 454 21.44 20.45 -37.81
C HIS B 454 21.89 21.71 -37.07
N GLY B 455 20.93 22.56 -36.77
CA GLY B 455 21.21 23.83 -36.10
C GLY B 455 21.56 25.01 -36.98
N ASP B 456 22.50 24.84 -37.90
CA ASP B 456 22.97 25.95 -38.71
C ASP B 456 23.00 25.64 -40.20
N THR B 457 23.15 24.37 -40.56
CA THR B 457 23.34 23.95 -41.94
C THR B 457 22.18 23.08 -42.41
N TRP B 458 21.74 23.33 -43.64
CA TRP B 458 20.73 22.50 -44.28
C TRP B 458 21.40 21.39 -45.07
N GLY B 459 20.95 20.16 -44.87
CA GLY B 459 21.51 19.02 -45.56
C GLY B 459 20.45 18.00 -45.89
N SER B 460 20.63 17.33 -47.03
CA SER B 460 19.69 16.31 -47.46
C SER B 460 19.89 15.03 -46.66
N ILE B 461 18.95 14.10 -46.82
CA ILE B 461 18.95 12.83 -46.10
C ILE B 461 18.93 11.71 -47.12
N CYS B 462 19.83 10.75 -46.98
CA CYS B 462 19.85 9.60 -47.88
C CYS B 462 18.67 8.68 -47.59
N ASP B 463 18.22 7.98 -48.63
CA ASP B 463 17.01 7.16 -48.50
C ASP B 463 17.21 6.01 -47.52
N SER B 464 18.41 5.40 -47.53
CA SER B 464 18.66 4.26 -46.65
C SER B 464 18.66 4.64 -45.18
N ASP B 465 18.74 5.92 -44.85
CA ASP B 465 18.74 6.39 -43.47
C ASP B 465 17.35 6.75 -42.97
N PHE B 466 16.33 6.65 -43.82
CA PHE B 466 14.98 7.07 -43.48
C PHE B 466 14.06 5.84 -43.43
N SER B 467 13.34 5.70 -42.33
CA SER B 467 12.39 4.62 -42.16
C SER B 467 10.96 5.17 -42.15
N LEU B 468 9.98 4.27 -42.10
CA LEU B 468 8.59 4.69 -42.05
C LEU B 468 8.27 5.45 -40.78
N GLU B 469 8.83 5.01 -39.64
CA GLU B 469 8.58 5.69 -38.38
C GLU B 469 9.13 7.12 -38.40
N ALA B 470 10.33 7.30 -38.95
CA ALA B 470 10.91 8.64 -39.03
C ALA B 470 10.09 9.53 -39.95
N ALA B 471 9.60 8.98 -41.06
CA ALA B 471 8.79 9.77 -42.00
C ALA B 471 7.47 10.18 -41.36
N SER B 472 6.87 9.30 -40.55
CA SER B 472 5.62 9.64 -39.89
C SER B 472 5.81 10.79 -38.91
N VAL B 473 6.94 10.82 -38.21
CA VAL B 473 7.24 11.92 -37.30
C VAL B 473 7.43 13.21 -38.09
N LEU B 474 8.09 13.13 -39.25
CA LEU B 474 8.35 14.32 -40.05
C LEU B 474 7.06 14.98 -40.51
N CYS B 475 6.10 14.19 -40.98
CA CYS B 475 4.81 14.76 -41.39
C CYS B 475 4.09 15.38 -40.19
N ARG B 476 4.19 14.72 -39.03
CA ARG B 476 3.56 15.27 -37.82
C ARG B 476 4.19 16.58 -37.40
N GLU B 477 5.53 16.67 -37.44
CA GLU B 477 6.21 17.89 -37.06
C GLU B 477 5.89 19.03 -38.01
N LEU B 478 5.79 18.74 -39.31
CA LEU B 478 5.49 19.73 -40.32
C LEU B 478 4.00 20.08 -40.39
N GLN B 479 3.18 19.53 -39.50
CA GLN B 479 1.74 19.75 -39.49
C GLN B 479 1.10 19.31 -40.81
N CYS B 480 1.46 18.12 -41.29
CA CYS B 480 0.88 17.56 -42.50
C CYS B 480 0.11 16.27 -42.24
N GLY B 481 0.07 15.80 -41.00
CA GLY B 481 -0.81 14.72 -40.59
C GLY B 481 -0.31 13.30 -40.72
N THR B 482 -0.26 12.75 -41.93
CA THR B 482 -0.01 11.33 -42.11
C THR B 482 0.82 11.09 -43.37
N VAL B 483 1.82 10.23 -43.24
CA VAL B 483 2.68 9.88 -44.37
C VAL B 483 1.91 8.98 -45.32
N VAL B 484 1.96 9.30 -46.61
CA VAL B 484 1.31 8.51 -47.64
C VAL B 484 2.29 7.58 -48.34
N SER B 485 3.47 8.10 -48.72
CA SER B 485 4.45 7.31 -49.43
C SER B 485 5.85 7.87 -49.16
N ILE B 486 6.86 7.04 -49.39
CA ILE B 486 8.26 7.43 -49.29
C ILE B 486 8.89 7.18 -50.66
N LEU B 487 9.44 8.22 -51.24
CA LEU B 487 9.96 8.17 -52.61
C LEU B 487 11.45 8.49 -52.60
N GLY B 488 12.27 7.52 -53.02
CA GLY B 488 13.69 7.71 -53.14
C GLY B 488 14.10 8.09 -54.56
N GLY B 489 15.41 8.14 -54.76
CA GLY B 489 15.94 8.44 -56.08
C GLY B 489 15.80 9.88 -56.51
N ALA B 490 15.64 10.81 -55.56
CA ALA B 490 15.48 12.23 -55.84
C ALA B 490 14.33 12.47 -56.83
N HIS B 491 13.21 11.81 -56.56
CA HIS B 491 12.03 11.97 -57.43
C HIS B 491 11.51 13.39 -57.41
N PHE B 492 11.45 14.01 -56.23
CA PHE B 492 10.86 15.33 -56.12
C PHE B 492 11.78 16.43 -56.64
N GLY B 493 13.09 16.24 -56.51
CA GLY B 493 14.07 17.20 -56.99
C GLY B 493 15.47 16.84 -56.56
N GLU B 494 16.45 17.00 -57.45
CA GLU B 494 17.82 16.65 -57.14
C GLU B 494 18.36 17.60 -56.09
N GLY B 495 18.51 17.11 -54.86
CA GLY B 495 18.98 17.95 -53.78
C GLY B 495 20.43 18.35 -53.94
N ASN B 496 20.77 19.49 -53.34
CA ASN B 496 22.13 20.01 -53.35
C ASN B 496 22.62 20.14 -51.92
N GLY B 497 23.84 20.66 -51.78
CA GLY B 497 24.44 20.75 -50.48
C GLY B 497 24.95 19.40 -49.99
N GLN B 498 25.33 19.37 -48.72
CA GLN B 498 25.87 18.15 -48.14
C GLN B 498 24.75 17.16 -47.82
N ILE B 499 25.11 15.88 -47.78
CA ILE B 499 24.19 14.80 -47.43
C ILE B 499 24.72 14.12 -46.18
N TRP B 500 23.90 14.06 -45.14
CA TRP B 500 24.35 13.53 -43.86
C TRP B 500 24.15 12.03 -43.80
N ALA B 501 25.13 11.34 -43.21
CA ALA B 501 25.10 9.89 -43.07
C ALA B 501 24.40 9.44 -41.79
N GLU B 502 23.87 10.36 -41.00
CA GLU B 502 23.14 9.99 -39.80
C GLU B 502 21.91 9.16 -40.16
N GLU B 503 21.68 8.10 -39.37
CA GLU B 503 20.58 7.19 -39.61
C GLU B 503 19.60 7.27 -38.44
N PHE B 504 18.33 7.48 -38.75
CA PHE B 504 17.32 7.67 -37.73
C PHE B 504 16.76 6.32 -37.29
N GLN B 505 16.81 6.06 -35.98
CA GLN B 505 16.22 4.88 -35.37
C GLN B 505 15.03 5.39 -34.55
N CYS B 506 13.88 5.49 -35.20
CA CYS B 506 12.72 6.16 -34.64
C CYS B 506 11.70 5.17 -34.10
N GLU B 507 11.21 5.43 -32.89
CA GLU B 507 10.12 4.65 -32.33
C GLU B 507 8.84 4.84 -33.14
N GLY B 508 8.56 6.07 -33.56
CA GLY B 508 7.40 6.40 -34.37
C GLY B 508 6.43 7.38 -33.74
N HIS B 509 6.46 7.52 -32.41
CA HIS B 509 5.52 8.38 -31.71
C HIS B 509 6.16 9.69 -31.23
N GLU B 510 7.38 9.99 -31.68
CA GLU B 510 8.04 11.22 -31.27
C GLU B 510 7.38 12.42 -31.92
N SER B 511 7.26 13.51 -31.15
CA SER B 511 6.65 14.72 -31.67
C SER B 511 7.53 15.40 -32.71
N HIS B 512 8.84 15.42 -32.47
CA HIS B 512 9.79 16.02 -33.39
C HIS B 512 10.90 15.03 -33.71
N LEU B 513 11.68 15.36 -34.75
CA LEU B 513 12.83 14.53 -35.10
C LEU B 513 13.96 14.69 -34.09
N SER B 514 13.99 15.82 -33.36
CA SER B 514 15.06 16.06 -32.42
C SER B 514 15.05 15.05 -31.27
N LEU B 515 13.86 14.73 -30.76
CA LEU B 515 13.76 13.78 -29.66
C LEU B 515 13.95 12.34 -30.11
N CYS B 516 14.03 12.09 -31.40
CA CYS B 516 14.11 10.71 -31.89
C CYS B 516 15.57 10.25 -31.90
N PRO B 517 15.88 9.13 -31.27
CA PRO B 517 17.28 8.66 -31.23
C PRO B 517 17.81 8.35 -32.63
N VAL B 518 19.09 8.65 -32.84
CA VAL B 518 19.76 8.45 -34.11
C VAL B 518 21.05 7.68 -33.88
N ALA B 519 21.59 7.13 -34.96
CA ALA B 519 22.83 6.35 -34.92
C ALA B 519 23.76 6.86 -36.01
N PRO B 520 24.95 7.35 -35.67
CA PRO B 520 25.86 7.83 -36.71
C PRO B 520 26.45 6.69 -37.51
N ARG B 521 26.97 7.03 -38.69
CA ARG B 521 27.53 6.08 -39.64
C ARG B 521 28.80 6.67 -40.21
N PRO B 522 29.67 5.83 -40.78
CA PRO B 522 30.88 6.35 -41.44
C PRO B 522 30.52 7.31 -42.57
N GLU B 523 31.34 8.34 -42.74
CA GLU B 523 31.03 9.42 -43.66
C GLU B 523 31.16 8.94 -45.12
N GLY B 524 30.47 9.66 -46.00
CA GLY B 524 30.54 9.37 -47.42
C GLY B 524 29.81 8.13 -47.87
N THR B 525 28.84 7.66 -47.08
CA THR B 525 28.14 6.42 -47.43
C THR B 525 27.21 6.61 -48.61
N CYS B 526 26.49 7.74 -48.67
CA CYS B 526 25.46 7.95 -49.66
C CYS B 526 25.82 9.13 -50.57
N SER B 527 25.22 9.13 -51.76
CA SER B 527 25.44 10.16 -52.76
C SER B 527 24.18 11.00 -52.93
N HIS B 528 24.24 11.93 -53.89
CA HIS B 528 23.12 12.83 -54.12
C HIS B 528 21.96 12.15 -54.83
N SER B 529 22.24 11.16 -55.67
CA SER B 529 21.20 10.52 -56.47
C SER B 529 20.29 9.61 -55.67
N ARG B 530 20.38 9.58 -54.34
CA ARG B 530 19.53 8.73 -53.51
C ARG B 530 18.81 9.55 -52.45
N ASP B 531 18.45 10.79 -52.76
CA ASP B 531 17.75 11.64 -51.81
C ASP B 531 16.35 11.10 -51.55
N VAL B 532 15.86 11.34 -50.33
CA VAL B 532 14.58 10.82 -49.87
C VAL B 532 13.50 11.88 -50.08
N GLY B 533 12.32 11.44 -50.50
CA GLY B 533 11.18 12.31 -50.62
C GLY B 533 9.99 11.73 -49.87
N VAL B 534 9.16 12.63 -49.36
CA VAL B 534 8.02 12.26 -48.52
C VAL B 534 6.78 12.95 -49.05
N VAL B 535 5.69 12.19 -49.17
CA VAL B 535 4.38 12.72 -49.54
C VAL B 535 3.47 12.51 -48.33
N CYS B 536 3.06 13.59 -47.68
CA CYS B 536 2.15 13.51 -46.55
C CYS B 536 0.71 13.60 -47.05
N SER B 537 -0.24 13.76 -46.13
CA SER B 537 -1.66 13.65 -46.44
C SER B 537 -2.30 15.00 -46.79
N ARG B 538 -2.05 16.03 -46.00
CA ARG B 538 -2.77 17.29 -46.14
C ARG B 538 -2.34 18.05 -47.39
N TYR B 539 -2.94 17.74 -48.53
CA TYR B 539 -2.58 18.33 -49.80
C TYR B 539 -3.49 19.46 -50.25
N THR B 540 -4.72 19.53 -49.71
CA THR B 540 -5.67 20.53 -50.19
C THR B 540 -5.31 21.91 -49.68
N GLU B 541 -5.48 22.90 -50.56
CA GLU B 541 -5.26 24.31 -50.22
C GLU B 541 -6.53 25.10 -50.50
N ILE B 542 -7.04 25.78 -49.48
CA ILE B 542 -8.28 26.55 -49.58
C ILE B 542 -8.05 27.90 -48.93
N ARG B 543 -8.56 28.95 -49.56
CA ARG B 543 -8.42 30.31 -49.07
C ARG B 543 -9.73 31.06 -49.27
N LEU B 544 -9.81 32.24 -48.64
CA LEU B 544 -10.97 33.12 -48.76
C LEU B 544 -10.52 34.42 -49.42
N VAL B 545 -11.22 34.81 -50.49
CA VAL B 545 -10.80 35.94 -51.31
C VAL B 545 -11.96 36.94 -51.47
N ASN B 546 -11.57 38.19 -51.73
CA ASN B 546 -12.46 39.28 -52.13
C ASN B 546 -13.32 39.74 -50.95
N GLY B 547 -13.26 39.02 -49.84
CA GLY B 547 -13.96 39.45 -48.64
C GLY B 547 -13.20 40.58 -47.96
N LYS B 548 -13.95 41.59 -47.52
CA LYS B 548 -13.31 42.76 -46.89
C LYS B 548 -12.59 42.35 -45.61
N THR B 549 -13.22 41.53 -44.79
CA THR B 549 -12.56 40.97 -43.61
C THR B 549 -11.62 39.84 -44.04
N PRO B 550 -10.42 39.75 -43.47
CA PRO B 550 -9.55 38.62 -43.79
C PRO B 550 -10.15 37.27 -43.43
N CYS B 551 -11.01 37.23 -42.43
CA CYS B 551 -11.63 35.98 -41.98
C CYS B 551 -12.92 35.65 -42.74
N GLU B 552 -13.40 36.54 -43.60
CA GLU B 552 -14.65 36.34 -44.32
C GLU B 552 -14.40 36.47 -45.81
N GLY B 553 -15.00 35.59 -46.59
CA GLY B 553 -14.86 35.64 -48.03
C GLY B 553 -15.32 34.35 -48.66
N ARG B 554 -15.49 34.41 -49.98
CA ARG B 554 -15.88 33.23 -50.73
C ARG B 554 -14.76 32.20 -50.72
N VAL B 555 -15.14 30.93 -50.70
CA VAL B 555 -14.16 29.84 -50.58
C VAL B 555 -13.61 29.53 -51.96
N GLU B 556 -12.28 29.55 -52.08
CA GLU B 556 -11.60 29.17 -53.31
C GLU B 556 -10.65 28.02 -53.01
N LEU B 557 -10.67 27.01 -53.88
CA LEU B 557 -9.84 25.82 -53.75
C LEU B 557 -9.03 25.64 -55.02
N LYS B 558 -7.76 25.29 -54.86
CA LYS B 558 -6.87 25.06 -55.99
C LYS B 558 -6.60 23.57 -56.13
N THR B 559 -6.79 23.06 -57.35
CA THR B 559 -6.56 21.66 -57.65
C THR B 559 -6.32 21.54 -59.15
N LEU B 560 -5.39 20.66 -59.53
CA LEU B 560 -5.02 20.43 -60.92
C LEU B 560 -4.46 21.68 -61.57
N GLY B 561 -3.80 22.53 -60.78
CA GLY B 561 -3.11 23.68 -61.31
C GLY B 561 -3.95 24.90 -61.59
N ALA B 562 -5.18 24.95 -61.11
CA ALA B 562 -6.06 26.09 -61.33
C ALA B 562 -6.83 26.42 -60.06
N TRP B 563 -7.21 27.68 -59.92
CA TRP B 563 -8.04 28.11 -58.81
C TRP B 563 -9.50 28.15 -59.23
N GLY B 564 -10.38 27.87 -58.28
CA GLY B 564 -11.80 27.87 -58.55
C GLY B 564 -12.59 28.03 -57.26
N SER B 565 -13.90 28.21 -57.42
CA SER B 565 -14.79 28.46 -56.30
C SER B 565 -15.54 27.19 -55.94
N LEU B 566 -15.60 26.89 -54.65
CA LEU B 566 -16.29 25.68 -54.18
C LEU B 566 -17.79 25.84 -54.32
N CYS B 567 -18.45 24.77 -54.74
CA CYS B 567 -19.89 24.78 -54.89
C CYS B 567 -20.59 24.90 -53.54
N ASN B 568 -21.71 25.61 -53.53
CA ASN B 568 -22.49 25.78 -52.30
C ASN B 568 -23.27 24.53 -51.93
N SER B 569 -23.62 23.70 -52.91
CA SER B 569 -24.38 22.48 -52.64
C SER B 569 -23.56 21.54 -51.76
N HIS B 570 -24.22 20.97 -50.76
CA HIS B 570 -23.61 20.07 -49.78
C HIS B 570 -22.51 20.74 -48.97
N TRP B 571 -22.55 22.07 -48.87
CA TRP B 571 -21.67 22.84 -48.01
C TRP B 571 -22.48 23.36 -46.85
N ASP B 572 -22.10 22.98 -45.62
CA ASP B 572 -22.88 23.35 -44.45
C ASP B 572 -22.00 23.90 -43.34
N ILE B 573 -22.58 24.06 -42.13
CA ILE B 573 -21.88 24.71 -41.03
C ILE B 573 -20.69 23.89 -40.58
N GLU B 574 -20.79 22.56 -40.60
CA GLU B 574 -19.67 21.73 -40.17
C GLU B 574 -18.44 21.96 -41.04
N ASP B 575 -18.64 22.08 -42.35
CA ASP B 575 -17.54 22.42 -43.24
C ASP B 575 -16.99 23.81 -42.92
N ALA B 576 -17.89 24.77 -42.66
CA ALA B 576 -17.46 26.15 -42.43
C ALA B 576 -16.61 26.27 -41.17
N HIS B 577 -16.97 25.55 -40.11
CA HIS B 577 -16.23 25.64 -38.86
C HIS B 577 -14.79 25.16 -39.03
N VAL B 578 -14.60 24.07 -39.76
CA VAL B 578 -13.26 23.53 -39.97
C VAL B 578 -12.42 24.52 -40.79
N LEU B 579 -13.02 25.13 -41.82
CA LEU B 579 -12.31 26.12 -42.61
C LEU B 579 -11.87 27.29 -41.75
N CYS B 580 -12.74 27.77 -40.86
CA CYS B 580 -12.34 28.80 -39.91
C CYS B 580 -11.22 28.31 -39.00
N GLN B 581 -11.31 27.05 -38.56
CA GLN B 581 -10.30 26.51 -37.66
C GLN B 581 -8.94 26.42 -38.33
N GLN B 582 -8.90 25.97 -39.59
CA GLN B 582 -7.63 25.84 -40.29
C GLN B 582 -6.97 27.19 -40.48
N LEU B 583 -7.76 28.20 -40.85
CA LEU B 583 -7.25 29.56 -41.04
C LEU B 583 -6.96 30.27 -39.73
N LYS B 584 -7.18 29.61 -38.59
CA LYS B 584 -6.92 30.12 -37.25
C LYS B 584 -7.80 31.31 -36.87
N CYS B 585 -8.81 31.62 -37.68
CA CYS B 585 -9.74 32.70 -37.32
C CYS B 585 -10.60 32.30 -36.13
N GLY B 586 -10.96 31.02 -36.02
CA GLY B 586 -11.76 30.56 -34.91
C GLY B 586 -12.98 29.75 -35.32
N VAL B 587 -14.16 30.27 -35.02
CA VAL B 587 -15.40 29.56 -35.28
C VAL B 587 -16.10 30.21 -36.47
N ALA B 588 -17.06 29.48 -37.04
CA ALA B 588 -17.90 29.98 -38.13
C ALA B 588 -19.30 30.20 -37.59
N LEU B 589 -19.63 31.46 -37.31
CA LEU B 589 -20.95 31.76 -36.74
C LEU B 589 -22.07 31.46 -37.75
N SER B 590 -21.85 31.77 -39.02
CA SER B 590 -22.86 31.53 -40.04
C SER B 590 -22.20 31.59 -41.42
N THR B 591 -22.87 30.97 -42.38
CA THR B 591 -22.44 31.00 -43.78
C THR B 591 -23.45 31.77 -44.61
N PRO B 592 -23.05 32.84 -45.28
CA PRO B 592 -24.02 33.62 -46.07
C PRO B 592 -24.62 32.80 -47.20
N GLY B 593 -25.90 33.02 -47.45
CA GLY B 593 -26.56 32.32 -48.53
C GLY B 593 -26.12 32.86 -49.88
N GLY B 594 -26.04 31.95 -50.85
CA GLY B 594 -25.54 32.33 -52.16
C GLY B 594 -24.12 32.85 -52.08
N ALA B 595 -23.89 34.01 -52.69
CA ALA B 595 -22.59 34.66 -52.67
C ALA B 595 -22.80 36.17 -52.81
N ARG B 596 -22.81 36.87 -51.68
CA ARG B 596 -22.83 38.34 -51.73
C ARG B 596 -21.51 38.87 -52.27
N PHE B 597 -20.44 38.08 -52.17
CA PHE B 597 -19.13 38.47 -52.66
C PHE B 597 -18.95 38.22 -54.15
N GLY B 598 -19.83 37.44 -54.76
CA GLY B 598 -19.73 37.16 -56.18
C GLY B 598 -19.05 35.83 -56.45
N LYS B 599 -19.37 35.23 -57.59
CA LYS B 599 -18.79 33.95 -57.95
C LYS B 599 -17.35 34.10 -58.43
N GLY B 600 -17.04 35.21 -59.11
CA GLY B 600 -15.73 35.44 -59.67
C GLY B 600 -15.57 34.86 -61.07
N ASN B 601 -14.42 35.16 -61.66
CA ASN B 601 -14.14 34.72 -63.03
C ASN B 601 -13.78 33.24 -63.11
N GLY B 602 -13.36 32.63 -61.99
CA GLY B 602 -12.92 31.26 -62.04
C GLY B 602 -14.07 30.27 -62.19
N GLN B 603 -13.70 29.04 -62.51
CA GLN B 603 -14.67 27.96 -62.64
C GLN B 603 -15.04 27.41 -61.27
N ILE B 604 -16.00 26.48 -61.27
CA ILE B 604 -16.52 25.91 -60.03
C ILE B 604 -15.95 24.52 -59.84
N TRP B 605 -15.34 24.28 -58.68
CA TRP B 605 -14.83 22.97 -58.31
C TRP B 605 -15.91 22.23 -57.53
N ARG B 606 -16.52 21.24 -58.16
CA ARG B 606 -17.59 20.46 -57.54
C ARG B 606 -16.96 19.47 -56.57
N HIS B 607 -16.82 19.88 -55.32
CA HIS B 607 -16.26 19.04 -54.27
C HIS B 607 -17.24 18.94 -53.13
N MET B 608 -17.27 17.79 -52.47
CA MET B 608 -18.22 17.49 -51.40
C MET B 608 -17.44 17.12 -50.15
N PHE B 609 -17.27 18.09 -49.26
CA PHE B 609 -16.49 17.92 -48.03
C PHE B 609 -17.45 17.44 -46.94
N HIS B 610 -17.38 16.16 -46.61
CA HIS B 610 -18.18 15.60 -45.52
C HIS B 610 -17.36 15.68 -44.24
N CYS B 611 -17.65 16.69 -43.42
CA CYS B 611 -16.87 16.99 -42.23
C CYS B 611 -17.68 16.72 -40.97
N THR B 612 -17.07 16.06 -39.99
CA THR B 612 -17.72 15.86 -38.70
C THR B 612 -17.73 17.12 -37.86
N GLY B 613 -16.76 18.00 -38.05
CA GLY B 613 -16.67 19.23 -37.30
C GLY B 613 -15.67 19.23 -36.17
N THR B 614 -15.01 18.10 -35.90
CA THR B 614 -14.03 18.00 -34.83
C THR B 614 -12.59 18.02 -35.32
N GLU B 615 -12.37 17.90 -36.62
CA GLU B 615 -11.02 17.91 -37.16
C GLU B 615 -10.47 19.34 -37.23
N GLN B 616 -9.15 19.44 -37.42
CA GLN B 616 -8.48 20.73 -37.41
C GLN B 616 -8.15 21.26 -38.79
N HIS B 617 -7.98 20.38 -39.78
CA HIS B 617 -7.64 20.79 -41.14
C HIS B 617 -8.57 20.10 -42.13
N MET B 618 -8.79 20.78 -43.26
CA MET B 618 -9.69 20.24 -44.28
C MET B 618 -9.13 18.98 -44.95
N GLY B 619 -7.82 18.76 -44.85
CA GLY B 619 -7.25 17.52 -45.36
C GLY B 619 -7.72 16.31 -44.60
N ASP B 620 -7.94 16.46 -43.29
CA ASP B 620 -8.50 15.36 -42.50
C ASP B 620 -9.98 15.15 -42.77
N CYS B 621 -10.65 16.14 -43.37
CA CYS B 621 -12.04 15.96 -43.76
C CYS B 621 -12.13 15.00 -44.93
N PRO B 622 -12.95 13.96 -44.86
CA PRO B 622 -13.18 13.11 -46.04
C PRO B 622 -13.70 13.93 -47.20
N VAL B 623 -13.16 13.69 -48.38
CA VAL B 623 -13.47 14.46 -49.58
C VAL B 623 -13.93 13.51 -50.66
N THR B 624 -15.04 13.84 -51.32
CA THR B 624 -15.56 13.09 -52.46
C THR B 624 -15.81 14.06 -53.60
N ALA B 625 -15.20 13.78 -54.75
CA ALA B 625 -15.37 14.63 -55.92
C ALA B 625 -15.60 13.86 -57.21
N LEU B 626 -15.42 12.53 -57.23
CA LEU B 626 -15.62 11.76 -58.45
C LEU B 626 -17.11 11.72 -58.82
N GLY B 627 -17.41 12.13 -60.04
CA GLY B 627 -18.76 12.03 -60.54
C GLY B 627 -19.77 12.99 -59.94
N ALA B 628 -19.30 14.07 -59.31
CA ALA B 628 -20.22 15.05 -58.73
C ALA B 628 -20.98 15.77 -59.84
N SER B 629 -22.27 16.01 -59.61
CA SER B 629 -23.10 16.68 -60.59
C SER B 629 -22.69 18.14 -60.76
N LEU B 630 -22.98 18.70 -61.93
CA LEU B 630 -22.61 20.09 -62.19
C LEU B 630 -23.30 21.02 -61.20
N CYS B 631 -22.53 21.92 -60.62
CA CYS B 631 -23.06 22.88 -59.67
C CYS B 631 -23.82 23.99 -60.41
N PRO B 632 -24.91 24.49 -59.82
CA PRO B 632 -25.55 25.68 -60.39
C PRO B 632 -24.60 26.86 -60.41
N SER B 633 -24.69 27.67 -61.47
CA SER B 633 -23.75 28.76 -61.66
C SER B 633 -23.84 29.79 -60.54
N GLU B 634 -25.05 30.11 -60.10
CA GLU B 634 -25.22 31.16 -59.09
C GLU B 634 -24.63 30.75 -57.75
N GLN B 635 -24.83 29.50 -57.35
CA GLN B 635 -24.46 29.06 -56.01
C GLN B 635 -22.94 28.88 -55.91
N VAL B 636 -22.32 29.63 -55.01
CA VAL B 636 -20.89 29.50 -54.71
C VAL B 636 -20.72 29.56 -53.20
N ALA B 637 -19.99 28.60 -52.64
CA ALA B 637 -19.85 28.51 -51.20
C ALA B 637 -19.06 29.69 -50.65
N SER B 638 -19.50 30.21 -49.50
CA SER B 638 -18.83 31.30 -48.84
C SER B 638 -19.01 31.14 -47.33
N VAL B 639 -18.09 31.74 -46.57
CA VAL B 639 -18.08 31.60 -45.13
C VAL B 639 -17.83 32.95 -44.48
N ILE B 640 -18.37 33.12 -43.27
CA ILE B 640 -18.09 34.26 -42.42
C ILE B 640 -17.59 33.71 -41.09
N CYS B 641 -16.30 33.89 -40.82
CA CYS B 641 -15.73 33.43 -39.56
C CYS B 641 -16.21 34.30 -38.42
N SER B 642 -16.22 33.72 -37.22
CA SER B 642 -16.62 34.48 -36.04
C SER B 642 -15.62 35.59 -35.71
N GLY B 643 -14.35 35.37 -36.02
CA GLY B 643 -13.32 36.35 -35.75
C GLY B 643 -12.66 36.25 -34.39
N ASN B 644 -13.19 35.42 -33.49
CA ASN B 644 -12.61 35.22 -32.18
C ASN B 644 -11.83 33.91 -32.16
N GLN B 645 -10.69 33.92 -31.48
CA GLN B 645 -9.77 32.78 -31.44
C GLN B 645 -9.94 31.96 -30.18
N SER B 646 -11.18 31.84 -29.67
CA SER B 646 -11.43 31.08 -28.46
C SER B 646 -12.80 30.43 -28.57
N GLN B 647 -13.04 29.44 -27.71
CA GLN B 647 -14.29 28.67 -27.69
C GLN B 647 -14.57 28.05 -29.05
N THR B 648 -13.67 27.13 -29.43
CA THR B 648 -13.69 26.56 -30.78
C THR B 648 -15.02 25.88 -31.08
N LEU B 649 -15.33 24.81 -30.35
CA LEU B 649 -16.54 24.04 -30.61
C LEU B 649 -16.79 23.09 -29.45
N SER B 650 -18.06 22.89 -29.12
CA SER B 650 -18.48 21.94 -28.11
C SER B 650 -19.59 21.08 -28.68
N SER B 651 -19.49 19.77 -28.50
CA SER B 651 -20.53 18.86 -28.96
C SER B 651 -21.82 19.14 -28.21
N CYS B 652 -22.93 19.22 -28.96
CA CYS B 652 -24.21 19.58 -28.38
C CYS B 652 -25.25 18.48 -28.61
N VAL B 670 -24.25 28.41 -30.85
CA VAL B 670 -23.45 28.21 -32.03
C VAL B 670 -22.37 27.16 -31.78
N ALA B 671 -21.79 26.64 -32.85
CA ALA B 671 -20.74 25.62 -32.77
C ALA B 671 -21.22 24.40 -31.99
N CYS B 672 -22.43 23.95 -32.28
CA CYS B 672 -23.03 22.80 -31.62
C CYS B 672 -23.14 21.66 -32.61
N ILE B 673 -22.54 20.52 -32.27
CA ILE B 673 -22.66 19.28 -33.03
C ILE B 673 -23.50 18.32 -32.20
N GLU B 674 -24.65 17.93 -32.72
CA GLU B 674 -25.59 17.12 -31.96
C GLU B 674 -25.02 15.73 -31.71
N SER B 675 -25.20 15.24 -30.49
CA SER B 675 -24.76 13.90 -30.14
C SER B 675 -25.59 12.86 -30.90
N GLY B 676 -24.93 11.83 -31.38
CA GLY B 676 -25.60 10.80 -32.15
C GLY B 676 -25.05 10.65 -33.55
N GLN B 677 -23.79 11.03 -33.74
CA GLN B 677 -23.15 10.87 -35.04
C GLN B 677 -23.01 9.39 -35.38
N LEU B 678 -23.17 9.06 -36.65
CA LEU B 678 -23.18 7.67 -37.11
C LEU B 678 -21.87 7.36 -37.81
N ARG B 679 -21.24 6.25 -37.42
CA ARG B 679 -20.12 5.69 -38.14
C ARG B 679 -20.54 4.36 -38.75
N LEU B 680 -20.19 4.16 -40.03
CA LEU B 680 -20.41 2.89 -40.71
C LEU B 680 -19.04 2.23 -40.87
N VAL B 681 -18.76 1.26 -40.01
CA VAL B 681 -17.43 0.70 -39.87
C VAL B 681 -17.34 -0.63 -40.60
N ASN B 682 -16.11 -1.01 -40.97
CA ASN B 682 -15.83 -2.28 -41.63
C ASN B 682 -16.65 -2.44 -42.92
N GLY B 683 -16.82 -1.35 -43.64
CA GLY B 683 -17.58 -1.38 -44.88
C GLY B 683 -16.77 -1.11 -46.12
N GLY B 684 -15.50 -0.72 -45.92
CA GLY B 684 -14.66 -0.32 -47.03
C GLY B 684 -14.89 1.09 -47.51
N GLY B 685 -15.72 1.87 -46.82
CA GLY B 685 -16.00 3.24 -47.19
C GLY B 685 -16.80 3.90 -46.09
N ARG B 686 -17.04 5.20 -46.27
CA ARG B 686 -17.79 5.96 -45.27
C ARG B 686 -19.28 5.66 -45.32
N CYS B 687 -19.79 5.26 -46.49
CA CYS B 687 -21.23 5.10 -46.69
C CYS B 687 -21.72 3.68 -46.49
N ALA B 688 -20.86 2.75 -46.10
CA ALA B 688 -21.29 1.37 -45.85
C ALA B 688 -20.64 0.86 -44.57
N GLY B 689 -21.37 0.01 -43.86
CA GLY B 689 -20.86 -0.58 -42.64
C GLY B 689 -21.95 -0.67 -41.60
N ARG B 690 -21.57 -1.22 -40.44
CA ARG B 690 -22.50 -1.33 -39.33
C ARG B 690 -22.77 0.05 -38.74
N VAL B 691 -23.98 0.21 -38.21
CA VAL B 691 -24.44 1.49 -37.68
C VAL B 691 -24.06 1.58 -36.21
N GLU B 692 -23.44 2.69 -35.82
CA GLU B 692 -23.07 2.92 -34.44
C GLU B 692 -23.60 4.27 -33.97
N ILE B 693 -24.14 4.29 -32.76
CA ILE B 693 -24.72 5.48 -32.14
C ILE B 693 -23.86 5.84 -30.92
N TYR B 694 -23.49 7.11 -30.82
CA TYR B 694 -22.64 7.57 -29.73
C TYR B 694 -23.45 8.42 -28.74
N HIS B 695 -23.27 8.11 -27.46
CA HIS B 695 -23.76 8.97 -26.38
C HIS B 695 -22.94 8.65 -25.14
N GLU B 696 -23.13 9.48 -24.11
CA GLU B 696 -22.27 9.44 -22.92
C GLU B 696 -20.81 9.51 -23.32
N GLY B 697 -20.09 8.41 -23.11
CA GLY B 697 -18.70 8.32 -23.51
C GLY B 697 -18.37 7.01 -24.20
N SER B 698 -19.36 6.44 -24.88
CA SER B 698 -19.18 5.14 -25.54
C SER B 698 -20.10 5.06 -26.74
N TRP B 699 -19.79 4.13 -27.64
CA TRP B 699 -20.60 3.87 -28.82
C TRP B 699 -21.35 2.57 -28.67
N GLY B 700 -22.48 2.47 -29.37
CA GLY B 700 -23.32 1.29 -29.30
C GLY B 700 -23.90 0.97 -30.67
N THR B 701 -24.62 -0.14 -30.73
CA THR B 701 -25.18 -0.64 -31.97
C THR B 701 -26.70 -0.79 -31.82
N ILE B 702 -27.36 -1.20 -32.91
CA ILE B 702 -28.80 -1.38 -32.96
C ILE B 702 -29.11 -2.79 -33.40
N CYS B 703 -30.13 -3.39 -32.79
CA CYS B 703 -30.56 -4.73 -33.20
C CYS B 703 -31.15 -4.69 -34.60
N ASP B 704 -31.20 -5.86 -35.23
CA ASP B 704 -31.80 -5.99 -36.55
C ASP B 704 -33.26 -6.43 -36.49
N ASP B 705 -33.84 -6.52 -35.30
CA ASP B 705 -35.25 -6.87 -35.17
C ASP B 705 -36.11 -5.79 -35.84
N SER B 706 -36.84 -6.20 -36.87
CA SER B 706 -37.66 -5.28 -37.68
C SER B 706 -36.83 -4.17 -38.28
N TRP B 707 -35.57 -4.46 -38.62
CA TRP B 707 -34.69 -3.49 -39.27
C TRP B 707 -35.08 -3.41 -40.74
N ASP B 708 -36.09 -2.58 -41.03
CA ASP B 708 -36.58 -2.40 -42.38
C ASP B 708 -35.66 -1.49 -43.18
N LEU B 709 -35.83 -1.52 -44.50
CA LEU B 709 -35.06 -0.63 -45.36
C LEU B 709 -35.37 0.84 -45.09
N SER B 710 -36.57 1.14 -44.59
CA SER B 710 -36.89 2.52 -44.23
C SER B 710 -36.08 2.98 -43.03
N ASP B 711 -35.58 2.05 -42.22
CA ASP B 711 -34.67 2.43 -41.14
C ASP B 711 -33.31 2.81 -41.69
N ALA B 712 -32.83 2.07 -42.68
CA ALA B 712 -31.55 2.42 -43.32
C ALA B 712 -31.69 3.65 -44.21
N HIS B 713 -32.91 3.96 -44.65
CA HIS B 713 -33.14 5.17 -45.42
C HIS B 713 -32.86 6.40 -44.59
N VAL B 714 -33.26 6.38 -43.32
CA VAL B 714 -33.00 7.52 -42.43
C VAL B 714 -31.51 7.63 -42.15
N VAL B 715 -30.85 6.51 -41.90
CA VAL B 715 -29.43 6.52 -41.56
C VAL B 715 -28.60 7.08 -42.71
N CYS B 716 -28.89 6.62 -43.93
CA CYS B 716 -28.13 7.10 -45.09
C CYS B 716 -28.38 8.58 -45.35
N ARG B 717 -29.64 9.03 -45.22
CA ARG B 717 -29.95 10.43 -45.47
C ARG B 717 -29.26 11.34 -44.46
N GLN B 718 -29.27 10.95 -43.19
CA GLN B 718 -28.62 11.77 -42.16
C GLN B 718 -27.12 11.89 -42.41
N LEU B 719 -26.48 10.79 -42.80
CA LEU B 719 -25.05 10.82 -43.08
C LEU B 719 -24.71 11.63 -44.32
N GLY B 720 -25.70 11.94 -45.15
CA GLY B 720 -25.43 12.60 -46.41
C GLY B 720 -25.03 11.66 -47.53
N CYS B 721 -25.18 10.35 -47.32
CA CYS B 721 -24.81 9.34 -48.29
C CYS B 721 -25.94 9.01 -49.26
N GLY B 722 -27.08 9.70 -49.16
CA GLY B 722 -28.17 9.47 -50.08
C GLY B 722 -29.21 8.51 -49.55
N GLU B 723 -29.73 7.65 -50.43
CA GLU B 723 -30.75 6.67 -50.07
C GLU B 723 -30.12 5.29 -49.87
N ALA B 724 -30.76 4.49 -49.03
CA ALA B 724 -30.25 3.16 -48.72
C ALA B 724 -30.49 2.21 -49.88
N ILE B 725 -29.63 1.19 -49.96
CA ILE B 725 -29.75 0.12 -50.95
C ILE B 725 -29.99 -1.23 -50.29
N ASN B 726 -29.25 -1.52 -49.22
CA ASN B 726 -29.47 -2.72 -48.41
C ASN B 726 -29.58 -2.31 -46.95
N ALA B 727 -30.21 -3.19 -46.17
CA ALA B 727 -30.31 -3.04 -44.71
C ALA B 727 -29.96 -4.41 -44.12
N THR B 728 -28.67 -4.63 -43.91
CA THR B 728 -28.19 -5.94 -43.47
C THR B 728 -28.39 -6.12 -41.97
N GLY B 729 -28.28 -7.37 -41.53
CA GLY B 729 -28.40 -7.71 -40.13
C GLY B 729 -27.56 -8.92 -39.76
N SER B 730 -27.72 -9.41 -38.53
CA SER B 730 -26.99 -10.57 -38.02
C SER B 730 -25.48 -10.35 -38.11
N ALA B 731 -25.05 -9.11 -37.83
CA ALA B 731 -23.63 -8.73 -37.80
C ALA B 731 -22.93 -9.07 -39.12
N HIS B 732 -23.45 -8.48 -40.20
CA HIS B 732 -22.86 -8.69 -41.51
C HIS B 732 -21.44 -8.12 -41.59
N PHE B 733 -21.26 -6.91 -41.05
CA PHE B 733 -19.97 -6.24 -41.11
C PHE B 733 -19.12 -6.45 -39.87
N GLY B 734 -19.59 -7.22 -38.90
CA GLY B 734 -18.87 -7.49 -37.68
C GLY B 734 -19.72 -7.29 -36.45
N GLU B 735 -19.16 -7.71 -35.32
CA GLU B 735 -19.83 -7.64 -34.03
C GLU B 735 -19.25 -6.48 -33.23
N GLY B 736 -20.12 -5.57 -32.79
CA GLY B 736 -19.69 -4.46 -31.97
C GLY B 736 -19.38 -4.87 -30.54
N THR B 737 -18.77 -3.93 -29.80
CA THR B 737 -18.39 -4.17 -28.42
C THR B 737 -19.12 -3.29 -27.42
N GLY B 738 -19.62 -2.13 -27.83
CA GLY B 738 -20.31 -1.23 -26.93
C GLY B 738 -21.71 -1.69 -26.60
N PRO B 739 -22.32 -1.08 -25.59
CA PRO B 739 -23.68 -1.47 -25.20
C PRO B 739 -24.70 -1.07 -26.24
N ILE B 740 -25.62 -1.99 -26.55
CA ILE B 740 -26.66 -1.74 -27.53
C ILE B 740 -27.60 -0.67 -26.99
N TRP B 741 -27.84 0.37 -27.79
CA TRP B 741 -28.64 1.51 -27.36
C TRP B 741 -30.11 1.37 -27.74
N LEU B 742 -30.39 1.22 -29.03
CA LEU B 742 -31.75 1.20 -29.54
C LEU B 742 -32.12 -0.21 -29.99
N ASP B 743 -33.44 -0.47 -30.05
CA ASP B 743 -33.94 -1.79 -30.39
C ASP B 743 -35.35 -1.66 -30.97
N GLU B 744 -35.68 -2.59 -31.87
CA GLU B 744 -36.99 -2.66 -32.51
C GLU B 744 -37.38 -1.31 -33.11
N MET B 745 -36.60 -0.88 -34.09
CA MET B 745 -36.77 0.43 -34.70
C MET B 745 -37.74 0.35 -35.87
N LYS B 746 -38.80 1.15 -35.81
CA LYS B 746 -39.68 1.39 -36.94
C LYS B 746 -39.69 2.89 -37.22
N CYS B 747 -39.65 3.26 -38.50
CA CYS B 747 -39.51 4.66 -38.86
C CYS B 747 -40.21 4.92 -40.18
N ASN B 748 -40.81 6.10 -40.29
CA ASN B 748 -41.49 6.49 -41.52
C ASN B 748 -40.51 6.88 -42.62
N GLY B 749 -39.36 7.46 -42.25
CA GLY B 749 -38.37 7.89 -43.21
C GLY B 749 -38.36 9.37 -43.48
N LYS B 750 -39.31 10.13 -42.92
CA LYS B 750 -39.36 11.57 -43.18
C LYS B 750 -38.37 12.34 -42.32
N GLU B 751 -38.21 11.93 -41.05
CA GLU B 751 -37.34 12.66 -40.15
C GLU B 751 -35.87 12.46 -40.51
N SER B 752 -35.08 13.53 -40.32
CA SER B 752 -33.68 13.49 -40.70
C SER B 752 -32.86 12.64 -39.73
N ARG B 753 -33.09 12.79 -38.43
CA ARG B 753 -32.28 12.12 -37.43
C ARG B 753 -32.87 10.78 -37.05
N ILE B 754 -31.98 9.84 -36.71
CA ILE B 754 -32.40 8.50 -36.32
C ILE B 754 -33.14 8.52 -34.99
N TRP B 755 -32.86 9.52 -34.14
CA TRP B 755 -33.44 9.58 -32.82
C TRP B 755 -34.94 9.89 -32.83
N GLN B 756 -35.44 10.48 -33.93
CA GLN B 756 -36.84 10.85 -34.00
C GLN B 756 -37.75 9.67 -34.30
N CYS B 757 -37.20 8.54 -34.78
CA CYS B 757 -38.02 7.38 -35.04
C CYS B 757 -38.50 6.76 -33.73
N HIS B 758 -39.57 5.97 -33.83
CA HIS B 758 -40.12 5.32 -32.66
C HIS B 758 -39.17 4.25 -32.14
N SER B 759 -38.93 4.27 -30.82
CA SER B 759 -38.02 3.33 -30.18
C SER B 759 -38.62 2.88 -28.87
N HIS B 760 -38.20 1.69 -28.42
CA HIS B 760 -38.71 1.14 -27.17
C HIS B 760 -38.10 1.82 -25.94
N GLY B 761 -37.04 2.60 -26.12
CA GLY B 761 -36.41 3.32 -25.04
C GLY B 761 -34.90 3.28 -25.18
N TRP B 762 -34.22 3.60 -24.09
CA TRP B 762 -32.76 3.60 -24.04
C TRP B 762 -32.30 2.37 -23.28
N GLY B 763 -31.46 1.56 -23.92
CA GLY B 763 -31.04 0.30 -23.35
C GLY B 763 -32.10 -0.77 -23.34
N GLN B 764 -33.29 -0.50 -23.89
CA GLN B 764 -34.39 -1.46 -23.91
C GLN B 764 -34.13 -2.49 -25.00
N GLN B 765 -33.10 -3.30 -24.77
CA GLN B 765 -32.66 -4.31 -25.72
C GLN B 765 -32.81 -5.70 -25.11
N ASN B 766 -33.05 -6.68 -25.98
CA ASN B 766 -33.12 -8.08 -25.59
C ASN B 766 -32.32 -8.94 -26.56
N CYS B 767 -31.36 -8.34 -27.26
CA CYS B 767 -30.58 -9.01 -28.29
C CYS B 767 -29.18 -9.30 -27.77
N ARG B 768 -28.33 -9.81 -28.66
CA ARG B 768 -26.93 -10.05 -28.37
C ARG B 768 -26.08 -9.42 -29.46
N HIS B 769 -24.76 -9.43 -29.25
CA HIS B 769 -23.85 -8.83 -30.22
C HIS B 769 -23.80 -9.57 -31.55
N LYS B 770 -24.35 -10.78 -31.62
CA LYS B 770 -24.48 -11.46 -32.90
C LYS B 770 -25.47 -10.76 -33.81
N GLU B 771 -26.37 -9.96 -33.26
CA GLU B 771 -27.37 -9.20 -34.02
C GLU B 771 -26.96 -7.73 -34.00
N ASP B 772 -26.28 -7.30 -35.05
CA ASP B 772 -25.85 -5.91 -35.19
C ASP B 772 -26.24 -5.42 -36.57
N ALA B 773 -26.88 -4.26 -36.64
CA ALA B 773 -27.40 -3.76 -37.90
C ALA B 773 -26.29 -3.23 -38.80
N GLY B 774 -26.59 -3.14 -40.08
CA GLY B 774 -25.65 -2.60 -41.05
C GLY B 774 -26.38 -2.17 -42.31
N VAL B 775 -25.82 -1.17 -42.99
CA VAL B 775 -26.43 -0.60 -44.18
C VAL B 775 -25.40 -0.52 -45.29
N ILE B 776 -25.90 -0.35 -46.51
CA ILE B 776 -25.08 -0.09 -47.70
C ILE B 776 -25.76 1.06 -48.43
N CYS B 777 -25.27 2.27 -48.24
CA CYS B 777 -25.91 3.46 -48.81
C CYS B 777 -25.61 3.57 -50.30
N SER B 778 -26.29 4.54 -50.94
CA SER B 778 -26.14 4.72 -52.38
C SER B 778 -24.75 5.22 -52.75
N GLU B 779 -24.20 6.13 -51.96
CA GLU B 779 -22.93 6.77 -52.32
C GLU B 779 -21.72 5.89 -52.03
N PHE B 780 -21.89 4.73 -51.41
CA PHE B 780 -20.77 3.82 -51.21
C PHE B 780 -20.31 3.26 -52.55
N MET B 781 -19.01 3.35 -52.80
CA MET B 781 -18.44 2.91 -54.06
C MET B 781 -17.16 2.12 -53.82
N SER B 782 -16.83 1.27 -54.79
CA SER B 782 -15.64 0.45 -54.72
C SER B 782 -15.08 0.27 -56.12
N LEU B 783 -13.81 -0.11 -56.18
CA LEU B 783 -13.11 -0.29 -57.45
C LEU B 783 -12.36 -1.60 -57.45
N ARG B 784 -12.38 -2.30 -58.58
CA ARG B 784 -11.65 -3.54 -58.73
C ARG B 784 -11.39 -3.78 -60.21
N LEU B 785 -10.28 -4.46 -60.50
CA LEU B 785 -9.89 -4.78 -61.87
C LEU B 785 -10.33 -6.21 -62.18
N THR B 786 -11.34 -6.36 -63.02
CA THR B 786 -11.83 -7.68 -63.38
C THR B 786 -10.98 -8.30 -64.48
N SER B 787 -10.98 -9.62 -64.52
CA SER B 787 -10.27 -10.37 -65.54
C SER B 787 -10.98 -11.71 -65.75
N GLU B 788 -10.68 -12.34 -66.88
CA GLU B 788 -11.28 -13.63 -67.17
C GLU B 788 -10.77 -14.71 -66.22
N ALA B 789 -9.51 -14.63 -65.80
CA ALA B 789 -8.96 -15.64 -64.91
C ALA B 789 -9.54 -15.56 -63.51
N SER B 790 -9.61 -14.35 -62.95
CA SER B 790 -10.09 -14.16 -61.59
C SER B 790 -10.98 -12.92 -61.53
N ARG B 791 -11.90 -12.92 -60.56
CA ARG B 791 -12.82 -11.80 -60.43
C ARG B 791 -12.09 -10.52 -60.04
N GLU B 792 -11.13 -10.61 -59.14
CA GLU B 792 -10.26 -9.49 -58.79
C GLU B 792 -8.82 -9.88 -59.03
N ALA B 793 -8.05 -8.96 -59.60
CA ALA B 793 -6.66 -9.23 -59.97
C ALA B 793 -5.94 -7.90 -60.16
N CYS B 794 -4.74 -7.96 -60.72
CA CYS B 794 -3.92 -6.78 -60.93
C CYS B 794 -3.87 -6.36 -62.41
N ALA B 795 -4.70 -6.95 -63.26
CA ALA B 795 -4.71 -6.61 -64.67
C ALA B 795 -6.09 -6.90 -65.24
N GLY B 796 -6.46 -6.15 -66.26
CA GLY B 796 -7.75 -6.33 -66.92
C GLY B 796 -8.49 -5.03 -67.12
N ARG B 797 -9.77 -5.01 -66.75
CA ARG B 797 -10.62 -3.84 -66.88
C ARG B 797 -11.09 -3.40 -65.50
N LEU B 798 -10.88 -2.12 -65.18
CA LEU B 798 -11.28 -1.59 -63.88
C LEU B 798 -12.76 -1.23 -63.90
N GLU B 799 -13.44 -1.52 -62.81
CA GLU B 799 -14.88 -1.31 -62.68
C GLU B 799 -15.19 -0.55 -61.41
N VAL B 800 -16.16 0.37 -61.49
CA VAL B 800 -16.63 1.12 -60.35
C VAL B 800 -18.02 0.63 -59.98
N PHE B 801 -18.36 0.76 -58.71
CA PHE B 801 -19.59 0.21 -58.15
C PHE B 801 -20.37 1.35 -57.49
N TYR B 802 -21.35 1.88 -58.20
CA TYR B 802 -22.14 3.00 -57.70
C TYR B 802 -23.57 2.54 -57.43
N ASN B 803 -24.16 3.09 -56.36
CA ASN B 803 -25.54 2.89 -55.92
C ASN B 803 -26.06 1.47 -56.13
N GLY B 804 -25.23 0.48 -55.83
CA GLY B 804 -25.64 -0.90 -55.96
C GLY B 804 -25.47 -1.51 -57.34
N ALA B 805 -24.80 -0.81 -58.26
CA ALA B 805 -24.63 -1.32 -59.62
C ALA B 805 -23.17 -1.19 -60.03
N TRP B 806 -22.73 -2.12 -60.88
CA TRP B 806 -21.37 -2.16 -61.39
C TRP B 806 -21.30 -1.48 -62.75
N GLY B 807 -20.11 -1.02 -63.10
CA GLY B 807 -19.90 -0.39 -64.40
C GLY B 807 -18.44 -0.06 -64.62
N THR B 808 -18.11 0.21 -65.87
CA THR B 808 -16.74 0.50 -66.28
C THR B 808 -16.48 2.00 -66.25
N VAL B 809 -15.28 2.40 -66.65
CA VAL B 809 -14.82 3.78 -66.58
C VAL B 809 -14.34 4.21 -67.96
N GLY B 810 -14.70 5.42 -68.36
CA GLY B 810 -14.31 5.90 -69.68
C GLY B 810 -12.81 6.02 -69.82
N LYS B 811 -12.29 5.57 -70.97
CA LYS B 811 -10.87 5.61 -71.25
C LYS B 811 -10.38 7.01 -71.63
N SER B 812 -11.21 7.79 -72.31
CA SER B 812 -10.78 9.07 -72.85
C SER B 812 -10.33 10.01 -71.73
N SER B 813 -9.26 10.75 -72.00
CA SER B 813 -8.68 11.71 -71.06
C SER B 813 -8.27 11.04 -69.75
N MET B 814 -7.35 10.08 -69.88
CA MET B 814 -6.81 9.34 -68.74
C MET B 814 -5.31 9.58 -68.68
N SER B 815 -4.90 10.46 -67.77
CA SER B 815 -3.49 10.79 -67.61
C SER B 815 -2.74 9.64 -66.95
N GLU B 816 -1.41 9.75 -66.94
CA GLU B 816 -0.58 8.73 -66.31
C GLU B 816 -0.83 8.67 -64.81
N THR B 817 -0.96 9.83 -64.16
CA THR B 817 -1.22 9.84 -62.72
C THR B 817 -2.56 9.20 -62.38
N THR B 818 -3.52 9.26 -63.30
CA THR B 818 -4.81 8.60 -63.09
C THR B 818 -4.63 7.11 -62.94
N VAL B 819 -3.79 6.51 -63.79
CA VAL B 819 -3.50 5.08 -63.65
C VAL B 819 -2.64 4.82 -62.43
N GLY B 820 -1.88 5.83 -61.99
CA GLY B 820 -1.09 5.67 -60.78
C GLY B 820 -1.95 5.49 -59.54
N VAL B 821 -3.01 6.30 -59.43
CA VAL B 821 -3.90 6.20 -58.27
C VAL B 821 -4.66 4.88 -58.30
N VAL B 822 -5.06 4.43 -59.49
CA VAL B 822 -5.81 3.18 -59.60
C VAL B 822 -4.98 2.00 -59.12
N CYS B 823 -3.73 1.93 -59.56
CA CYS B 823 -2.87 0.81 -59.17
C CYS B 823 -2.49 0.89 -57.69
N ARG B 824 -2.22 2.08 -57.18
CA ARG B 824 -1.88 2.22 -55.77
C ARG B 824 -3.08 1.91 -54.87
N GLN B 825 -4.28 2.30 -55.32
CA GLN B 825 -5.47 2.02 -54.52
C GLN B 825 -5.73 0.52 -54.42
N LEU B 826 -5.51 -0.21 -55.50
CA LEU B 826 -5.74 -1.66 -55.51
C LEU B 826 -4.58 -2.44 -54.90
N GLY B 827 -3.47 -1.78 -54.58
CA GLY B 827 -2.35 -2.46 -53.96
C GLY B 827 -1.52 -3.32 -54.90
N CYS B 828 -1.47 -2.97 -56.18
CA CYS B 828 -0.70 -3.75 -57.15
C CYS B 828 0.71 -3.20 -57.34
N ALA B 829 0.81 -1.93 -57.74
CA ALA B 829 2.11 -1.31 -57.99
C ALA B 829 1.95 0.20 -57.92
N ASP B 830 3.08 0.89 -57.84
CA ASP B 830 3.05 2.35 -57.78
C ASP B 830 2.56 2.97 -59.08
N LYS B 831 2.88 2.35 -60.21
CA LYS B 831 2.53 2.91 -61.52
C LYS B 831 1.99 1.81 -62.41
N GLY B 832 1.24 2.22 -63.43
CA GLY B 832 0.69 1.30 -64.40
C GLY B 832 0.58 1.94 -65.77
N LYS B 833 0.04 1.20 -66.75
CA LYS B 833 -0.09 1.72 -68.10
C LYS B 833 -1.38 1.19 -68.71
N ILE B 834 -1.89 1.94 -69.69
CA ILE B 834 -3.12 1.59 -70.38
C ILE B 834 -2.77 0.75 -71.60
N ASN B 835 -3.48 -0.36 -71.76
CA ASN B 835 -3.31 -1.28 -72.88
C ASN B 835 -4.65 -1.48 -73.56
N PRO B 836 -4.66 -1.87 -74.83
CA PRO B 836 -5.93 -2.11 -75.52
C PRO B 836 -6.65 -3.32 -74.95
N ALA B 837 -7.91 -3.46 -75.34
CA ALA B 837 -8.77 -4.48 -74.78
C ALA B 837 -8.26 -5.88 -75.12
N SER B 838 -8.62 -6.84 -74.27
CA SER B 838 -8.19 -8.22 -74.46
C SER B 838 -8.98 -8.85 -75.61
N LEU B 839 -8.78 -10.16 -75.81
CA LEU B 839 -9.41 -10.84 -76.93
C LEU B 839 -10.94 -10.82 -76.84
N ASP B 840 -11.49 -10.78 -75.64
CA ASP B 840 -12.94 -10.78 -75.46
C ASP B 840 -13.27 -10.20 -74.10
N LYS B 841 -14.54 -9.84 -73.93
CA LYS B 841 -15.06 -9.32 -72.68
C LYS B 841 -15.90 -10.38 -71.98
N ALA B 842 -15.73 -10.49 -70.66
CA ALA B 842 -16.49 -11.47 -69.89
C ALA B 842 -17.98 -11.12 -69.88
N MET B 843 -18.30 -9.85 -69.71
CA MET B 843 -19.69 -9.41 -69.64
C MET B 843 -19.76 -7.94 -70.02
N SER B 844 -20.97 -7.51 -70.37
CA SER B 844 -21.23 -6.11 -70.73
C SER B 844 -21.93 -5.40 -69.58
N ILE B 845 -21.41 -4.25 -69.19
CA ILE B 845 -21.98 -3.46 -68.11
C ILE B 845 -22.07 -2.00 -68.55
N PRO B 846 -23.04 -1.22 -68.08
CA PRO B 846 -23.15 0.17 -68.51
C PRO B 846 -22.01 1.02 -67.95
N MET B 847 -21.39 1.81 -68.83
CA MET B 847 -20.31 2.69 -68.42
C MET B 847 -20.85 3.74 -67.43
N TRP B 848 -20.10 3.96 -66.36
CA TRP B 848 -20.57 4.81 -65.26
C TRP B 848 -20.02 6.23 -65.33
N VAL B 849 -18.70 6.39 -65.38
CA VAL B 849 -18.08 7.70 -65.32
C VAL B 849 -17.06 7.83 -66.45
N ASP B 850 -16.75 9.08 -66.80
CA ASP B 850 -15.82 9.37 -67.88
C ASP B 850 -15.14 10.70 -67.60
N ASN B 851 -14.01 10.91 -68.28
CA ASN B 851 -13.21 12.14 -68.16
C ASN B 851 -12.74 12.35 -66.72
N VAL B 852 -11.97 11.38 -66.23
CA VAL B 852 -11.39 11.42 -64.90
C VAL B 852 -9.97 11.96 -64.99
N GLN B 853 -9.65 12.95 -64.18
CA GLN B 853 -8.33 13.57 -64.16
C GLN B 853 -7.84 13.65 -62.72
N CYS B 854 -7.02 12.69 -62.32
CA CYS B 854 -6.53 12.64 -60.95
C CYS B 854 -5.39 13.65 -60.76
N PRO B 855 -5.47 14.53 -59.77
CA PRO B 855 -4.35 15.42 -59.47
C PRO B 855 -3.28 14.68 -58.68
N LYS B 856 -2.24 15.41 -58.30
CA LYS B 856 -1.14 14.87 -57.53
C LYS B 856 -1.39 15.11 -56.05
N GLY B 857 -1.44 14.03 -55.27
CA GLY B 857 -1.71 14.13 -53.85
C GLY B 857 -2.80 13.22 -53.32
N PRO B 858 -3.91 13.07 -54.05
CA PRO B 858 -4.93 12.11 -53.60
C PRO B 858 -4.42 10.68 -53.64
N ASP B 859 -4.91 9.88 -52.69
CA ASP B 859 -4.56 8.46 -52.59
C ASP B 859 -5.58 7.55 -53.25
N THR B 860 -6.84 7.97 -53.34
CA THR B 860 -7.90 7.15 -53.89
C THR B 860 -8.61 7.91 -55.02
N LEU B 861 -9.25 7.14 -55.91
CA LEU B 861 -9.93 7.72 -57.06
C LEU B 861 -11.15 8.55 -56.66
N TRP B 862 -11.70 8.34 -55.47
CA TRP B 862 -12.92 9.03 -55.07
C TRP B 862 -12.70 10.52 -54.78
N GLN B 863 -11.44 10.97 -54.71
CA GLN B 863 -11.13 12.37 -54.49
C GLN B 863 -10.61 13.06 -55.75
N CYS B 864 -10.83 12.46 -56.93
CA CYS B 864 -10.35 13.01 -58.18
C CYS B 864 -11.51 13.57 -58.98
N PRO B 865 -11.49 14.87 -59.31
CA PRO B 865 -12.62 15.46 -60.04
C PRO B 865 -12.77 14.84 -61.42
N SER B 866 -14.02 14.80 -61.88
CA SER B 866 -14.36 14.21 -63.17
C SER B 866 -15.76 14.68 -63.56
N SER B 867 -16.25 14.15 -64.68
CA SER B 867 -17.60 14.43 -65.12
C SER B 867 -18.60 13.68 -64.24
N PRO B 868 -19.84 14.18 -64.14
CA PRO B 868 -20.82 13.56 -63.25
C PRO B 868 -21.18 12.14 -63.66
N TRP B 869 -21.70 11.39 -62.69
CA TRP B 869 -22.13 10.02 -62.93
C TRP B 869 -23.16 9.97 -64.06
N GLU B 870 -22.98 9.03 -64.98
CA GLU B 870 -23.91 8.86 -66.09
C GLU B 870 -23.96 7.39 -66.45
N LYS B 871 -25.08 6.74 -66.10
CA LYS B 871 -25.28 5.33 -66.43
C LYS B 871 -25.65 5.23 -67.90
N ARG B 872 -24.63 5.11 -68.74
CA ARG B 872 -24.81 5.07 -70.19
C ARG B 872 -24.08 3.87 -70.77
N LEU B 873 -24.61 3.36 -71.88
CA LEU B 873 -23.95 2.29 -72.60
C LEU B 873 -22.77 2.84 -73.40
N ALA B 874 -21.79 1.98 -73.64
CA ALA B 874 -20.58 2.40 -74.33
C ALA B 874 -20.05 1.25 -75.18
N SER B 875 -19.27 1.62 -76.19
CA SER B 875 -18.64 0.62 -77.05
C SER B 875 -17.54 -0.12 -76.29
N PRO B 876 -17.23 -1.35 -76.69
CA PRO B 876 -16.15 -2.09 -76.01
C PRO B 876 -14.79 -1.42 -76.10
N SER B 877 -14.58 -0.55 -77.08
CA SER B 877 -13.30 0.14 -77.19
C SER B 877 -13.15 1.23 -76.13
N GLU B 878 -14.25 1.90 -75.77
CA GLU B 878 -14.18 2.99 -74.81
C GLU B 878 -13.92 2.50 -73.38
N GLU B 879 -14.22 1.24 -73.09
CA GLU B 879 -13.95 0.71 -71.76
C GLU B 879 -12.45 0.70 -71.48
N THR B 880 -12.07 1.18 -70.30
CA THR B 880 -10.67 1.34 -69.95
C THR B 880 -10.08 0.00 -69.52
N TRP B 881 -8.83 -0.24 -69.92
CA TRP B 881 -8.09 -1.43 -69.52
C TRP B 881 -6.78 -1.00 -68.88
N ILE B 882 -6.47 -1.58 -67.71
CA ILE B 882 -5.33 -1.17 -66.91
C ILE B 882 -4.46 -2.39 -66.63
N THR B 883 -3.15 -2.22 -66.79
CA THR B 883 -2.17 -3.26 -66.48
C THR B 883 -1.11 -2.66 -65.58
N CYS B 884 -1.20 -2.95 -64.28
CA CYS B 884 -0.25 -2.42 -63.30
C CYS B 884 1.10 -3.13 -63.42
N ASP B 885 2.14 -2.46 -62.93
CA ASP B 885 3.48 -2.98 -63.01
C ASP B 885 3.68 -4.13 -62.03
N ASN B 886 4.86 -4.74 -62.08
CA ASN B 886 5.17 -5.87 -61.22
C ASN B 886 5.41 -5.43 -59.79
N LYS B 887 5.08 -6.32 -58.85
CA LYS B 887 5.33 -6.04 -57.44
C LYS B 887 6.79 -6.20 -57.07
N ILE B 888 7.53 -7.06 -57.77
CA ILE B 888 8.91 -7.40 -57.45
C ILE B 888 9.81 -6.93 -58.58
N ARG B 889 10.86 -6.19 -58.23
CA ARG B 889 11.85 -5.72 -59.19
C ARG B 889 13.25 -5.99 -58.65
N LEU B 890 14.19 -6.19 -59.57
CA LEU B 890 15.59 -6.37 -59.24
C LEU B 890 16.35 -5.11 -59.58
N GLN B 891 17.15 -4.62 -58.63
CA GLN B 891 17.80 -3.33 -58.76
C GLN B 891 19.30 -3.47 -58.52
N GLU B 892 20.06 -2.56 -59.11
CA GLU B 892 21.51 -2.49 -58.95
C GLU B 892 22.19 -3.80 -59.33
N GLY B 893 21.73 -4.40 -60.42
CA GLY B 893 22.32 -5.61 -60.93
C GLY B 893 22.79 -5.45 -62.36
N PRO B 894 23.95 -6.02 -62.68
CA PRO B 894 24.45 -5.93 -64.06
C PRO B 894 23.54 -6.56 -65.09
N THR B 895 22.83 -7.62 -64.73
CA THR B 895 21.96 -8.34 -65.65
C THR B 895 20.50 -8.11 -65.26
N SER B 896 19.61 -8.33 -66.22
CA SER B 896 18.18 -8.16 -65.97
C SER B 896 17.63 -9.21 -65.02
N CYS B 897 18.37 -10.28 -64.76
CA CYS B 897 17.94 -11.33 -63.86
C CYS B 897 18.74 -11.35 -62.56
N SER B 898 19.52 -10.30 -62.28
CA SER B 898 20.34 -10.23 -61.09
C SER B 898 20.20 -8.86 -60.43
N GLY B 899 20.43 -8.82 -59.14
CA GLY B 899 20.38 -7.57 -58.40
C GLY B 899 19.87 -7.80 -56.99
N ARG B 900 19.19 -6.78 -56.47
CA ARG B 900 18.62 -6.81 -55.13
C ARG B 900 17.11 -6.93 -55.21
N VAL B 901 16.55 -7.76 -54.34
CA VAL B 901 15.11 -8.01 -54.33
C VAL B 901 14.41 -6.85 -53.65
N GLU B 902 13.44 -6.26 -54.35
CA GLU B 902 12.61 -5.20 -53.79
C GLU B 902 11.15 -5.48 -54.13
N ILE B 903 10.27 -5.25 -53.15
CA ILE B 903 8.84 -5.46 -53.32
C ILE B 903 8.11 -4.17 -53.02
N TRP B 904 6.89 -4.07 -53.51
CA TRP B 904 6.04 -2.89 -53.33
C TRP B 904 4.85 -3.26 -52.47
N HIS B 905 4.63 -2.49 -51.40
CA HIS B 905 3.50 -2.71 -50.51
C HIS B 905 3.32 -1.47 -49.65
N GLY B 906 2.06 -1.18 -49.33
CA GLY B 906 1.76 -0.04 -48.48
C GLY B 906 2.02 1.31 -49.11
N GLY B 907 2.13 1.37 -50.43
CA GLY B 907 2.35 2.63 -51.12
C GLY B 907 3.80 3.02 -51.29
N SER B 908 4.74 2.28 -50.70
CA SER B 908 6.16 2.60 -50.80
C SER B 908 6.94 1.33 -51.10
N TRP B 909 8.01 1.49 -51.88
CA TRP B 909 8.88 0.38 -52.23
C TRP B 909 9.64 -0.08 -51.00
N GLY B 910 9.83 -1.40 -50.87
CA GLY B 910 10.49 -1.97 -49.73
C GLY B 910 11.49 -3.04 -50.14
N THR B 911 12.26 -3.48 -49.16
CA THR B 911 13.28 -4.51 -49.33
C THR B 911 12.99 -5.68 -48.40
N VAL B 912 13.74 -6.77 -48.58
CA VAL B 912 13.61 -7.94 -47.73
C VAL B 912 14.96 -8.21 -47.05
N CYS B 913 14.89 -8.82 -45.88
CA CYS B 913 16.09 -9.12 -45.11
C CYS B 913 16.56 -10.55 -45.39
N ASP B 914 17.84 -10.79 -45.12
CA ASP B 914 18.46 -12.07 -45.46
C ASP B 914 18.38 -13.10 -44.34
N ASP B 915 17.66 -12.81 -43.26
CA ASP B 915 17.47 -13.82 -42.22
C ASP B 915 16.71 -15.01 -42.79
N SER B 916 17.25 -16.20 -42.56
CA SER B 916 16.69 -17.45 -43.09
C SER B 916 16.60 -17.45 -44.61
N TRP B 917 17.41 -16.64 -45.29
CA TRP B 917 17.43 -16.61 -46.74
C TRP B 917 18.26 -17.78 -47.27
N ASP B 918 17.78 -18.38 -48.36
CA ASP B 918 18.45 -19.53 -48.95
C ASP B 918 18.10 -19.59 -50.43
N LEU B 919 18.54 -20.67 -51.08
CA LEU B 919 18.27 -20.83 -52.51
C LEU B 919 16.81 -21.11 -52.80
N ASP B 920 16.10 -21.72 -51.84
CA ASP B 920 14.69 -22.04 -52.04
C ASP B 920 13.85 -20.78 -52.26
N ASP B 921 14.10 -19.74 -51.47
CA ASP B 921 13.39 -18.47 -51.67
C ASP B 921 13.77 -17.84 -52.99
N ALA B 922 15.03 -17.96 -53.41
CA ALA B 922 15.46 -17.38 -54.67
C ALA B 922 14.77 -18.03 -55.86
N GLN B 923 14.33 -19.29 -55.71
CA GLN B 923 13.58 -19.95 -56.78
C GLN B 923 12.26 -19.23 -57.03
N VAL B 924 11.56 -18.84 -55.97
CA VAL B 924 10.28 -18.16 -56.12
C VAL B 924 10.46 -16.79 -56.74
N VAL B 925 11.51 -16.08 -56.34
CA VAL B 925 11.76 -14.73 -56.88
C VAL B 925 11.98 -14.79 -58.38
N CYS B 926 12.79 -15.74 -58.83
CA CYS B 926 13.07 -15.87 -60.26
C CYS B 926 11.81 -16.25 -61.04
N GLN B 927 11.01 -17.19 -60.50
CA GLN B 927 9.82 -17.64 -61.21
C GLN B 927 8.80 -16.52 -61.33
N GLN B 928 8.58 -15.75 -60.25
CA GLN B 928 7.61 -14.67 -60.30
C GLN B 928 8.03 -13.59 -61.28
N LEU B 929 9.33 -13.27 -61.33
CA LEU B 929 9.83 -12.29 -62.28
C LEU B 929 9.92 -12.83 -63.70
N GLY B 930 9.71 -14.13 -63.89
CA GLY B 930 9.79 -14.74 -65.20
C GLY B 930 11.19 -15.09 -65.65
N CYS B 931 12.21 -14.86 -64.83
CA CYS B 931 13.59 -15.17 -65.19
C CYS B 931 13.81 -16.67 -65.08
N GLY B 932 15.04 -17.11 -65.40
CA GLY B 932 15.38 -18.51 -65.33
C GLY B 932 15.61 -18.98 -63.91
N PRO B 933 15.97 -20.25 -63.78
CA PRO B 933 16.15 -20.84 -62.44
C PRO B 933 17.25 -20.14 -61.66
N ALA B 934 17.06 -20.07 -60.34
CA ALA B 934 18.04 -19.42 -59.47
C ALA B 934 19.26 -20.31 -59.29
N LEU B 935 20.39 -19.66 -58.99
CA LEU B 935 21.64 -20.37 -58.73
C LEU B 935 22.40 -19.85 -57.51
N LYS B 936 22.06 -18.68 -56.99
CA LYS B 936 22.77 -18.11 -55.85
C LYS B 936 21.79 -17.34 -54.99
N ALA B 937 22.11 -17.25 -53.70
CA ALA B 937 21.33 -16.49 -52.72
C ALA B 937 22.29 -15.62 -51.92
N PHE B 938 22.54 -14.41 -52.41
CA PHE B 938 23.48 -13.52 -51.74
C PHE B 938 22.89 -13.01 -50.42
N LYS B 939 23.78 -12.54 -49.55
CA LYS B 939 23.40 -12.12 -48.21
C LYS B 939 24.26 -10.94 -47.78
N GLU B 940 23.82 -10.29 -46.70
CA GLU B 940 24.54 -9.17 -46.09
C GLU B 940 24.77 -8.03 -47.09
N ALA B 941 23.76 -7.77 -47.92
CA ALA B 941 23.76 -6.66 -48.86
C ALA B 941 24.97 -6.72 -49.79
N GLU B 942 25.04 -7.80 -50.56
CA GLU B 942 26.16 -7.98 -51.49
C GLU B 942 26.09 -6.98 -52.63
N PHE B 943 24.89 -6.68 -53.11
CA PHE B 943 24.70 -5.79 -54.25
C PHE B 943 24.38 -4.35 -53.85
N GLY B 944 24.46 -4.02 -52.57
CA GLY B 944 24.26 -2.66 -52.11
C GLY B 944 23.14 -2.56 -51.09
N GLN B 945 22.96 -1.34 -50.60
CA GLN B 945 21.91 -1.05 -49.64
C GLN B 945 20.69 -0.49 -50.34
N GLY B 946 19.51 -0.97 -49.92
CA GLY B 946 18.26 -0.63 -50.57
C GLY B 946 17.62 0.63 -50.00
N THR B 947 16.38 0.86 -50.43
CA THR B 947 15.61 2.03 -50.03
C THR B 947 14.30 1.60 -49.40
N GLY B 948 13.71 2.50 -48.62
CA GLY B 948 12.42 2.29 -48.03
C GLY B 948 12.48 1.36 -46.83
N PRO B 949 11.30 0.93 -46.35
CA PRO B 949 11.24 0.04 -45.19
C PRO B 949 11.30 -1.44 -45.58
N ILE B 950 11.86 -2.24 -44.69
CA ILE B 950 11.96 -3.67 -44.93
C ILE B 950 10.62 -4.32 -44.62
N TRP B 951 10.06 -5.04 -45.61
CA TRP B 951 8.75 -5.65 -45.45
C TRP B 951 8.84 -7.09 -44.99
N LEU B 952 9.51 -7.94 -45.76
CA LEU B 952 9.54 -9.37 -45.51
C LEU B 952 10.80 -9.76 -44.75
N ASN B 953 10.63 -10.48 -43.65
CA ASN B 953 11.73 -11.01 -42.86
C ASN B 953 11.49 -12.49 -42.61
N GLU B 954 12.59 -13.26 -42.63
CA GLU B 954 12.55 -14.70 -42.41
C GLU B 954 11.66 -15.39 -43.43
N VAL B 955 12.03 -15.23 -44.70
CA VAL B 955 11.30 -15.87 -45.79
C VAL B 955 11.52 -17.37 -45.74
N LYS B 956 10.44 -18.13 -45.81
CA LYS B 956 10.47 -19.58 -45.67
C LYS B 956 9.76 -20.25 -46.85
N CYS B 957 10.11 -19.83 -48.05
CA CYS B 957 9.53 -20.41 -49.26
C CYS B 957 9.90 -21.89 -49.37
N LYS B 958 8.96 -22.69 -49.86
CA LYS B 958 9.21 -24.11 -50.10
C LYS B 958 9.88 -24.37 -51.44
N GLY B 959 10.08 -23.34 -52.26
CA GLY B 959 10.71 -23.49 -53.55
C GLY B 959 9.77 -23.65 -54.72
N ASN B 960 8.46 -23.77 -54.46
CA ASN B 960 7.48 -23.97 -55.53
C ASN B 960 6.30 -23.02 -55.46
N GLU B 961 6.26 -22.11 -54.50
CA GLU B 961 5.15 -21.17 -54.41
C GLU B 961 5.16 -20.23 -55.60
N SER B 962 3.96 -19.87 -56.08
CA SER B 962 3.84 -19.00 -57.24
C SER B 962 4.42 -17.62 -56.97
N SER B 963 4.16 -17.07 -55.78
CA SER B 963 4.64 -15.75 -55.42
C SER B 963 5.13 -15.77 -53.98
N LEU B 964 5.89 -14.73 -53.63
CA LEU B 964 6.44 -14.64 -52.28
C LEU B 964 5.34 -14.52 -51.23
N TRP B 965 4.16 -14.03 -51.62
CA TRP B 965 3.08 -13.84 -50.66
C TRP B 965 2.55 -15.16 -50.13
N ASP B 966 2.77 -16.25 -50.85
CA ASP B 966 2.36 -17.56 -50.35
C ASP B 966 3.28 -18.04 -49.24
N CYS B 967 4.56 -17.72 -49.32
CA CYS B 967 5.52 -18.16 -48.31
C CYS B 967 5.25 -17.47 -46.98
N PRO B 968 5.12 -18.22 -45.88
CA PRO B 968 4.87 -17.58 -44.58
C PRO B 968 6.12 -16.89 -44.06
N ALA B 969 5.96 -15.62 -43.68
CA ALA B 969 7.06 -14.83 -43.15
C ALA B 969 6.46 -13.63 -42.41
N ARG B 970 7.32 -12.94 -41.67
CA ARG B 970 6.92 -11.73 -40.96
C ARG B 970 6.55 -10.67 -41.98
N ARG B 971 5.26 -10.36 -42.09
CA ARG B 971 4.71 -9.59 -43.20
C ARG B 971 4.18 -8.25 -42.70
N TRP B 972 4.58 -7.17 -43.39
CA TRP B 972 4.03 -5.83 -43.19
C TRP B 972 4.03 -5.43 -41.71
N GLY B 973 5.24 -5.37 -41.13
CA GLY B 973 5.36 -5.01 -39.74
C GLY B 973 6.78 -4.66 -39.39
N HIS B 974 7.00 -4.41 -38.11
CA HIS B 974 8.33 -4.07 -37.61
C HIS B 974 9.20 -5.32 -37.66
N SER B 975 10.20 -5.30 -38.54
CA SER B 975 11.22 -6.34 -38.58
C SER B 975 12.50 -5.77 -37.97
N GLU B 976 13.05 -6.47 -36.98
CA GLU B 976 14.25 -6.00 -36.30
C GLU B 976 15.46 -5.90 -37.22
N CYS B 977 15.42 -6.57 -38.37
CA CYS B 977 16.53 -6.52 -39.32
C CYS B 977 16.73 -5.10 -39.84
N GLY B 978 17.99 -4.71 -40.02
CA GLY B 978 18.33 -3.42 -40.55
C GLY B 978 18.58 -3.44 -42.05
N HIS B 979 18.90 -2.27 -42.58
CA HIS B 979 19.13 -2.11 -44.02
C HIS B 979 20.47 -2.65 -44.48
N LYS B 980 21.34 -3.08 -43.58
CA LYS B 980 22.62 -3.66 -43.95
C LYS B 980 22.51 -5.11 -44.37
N GLU B 981 21.35 -5.73 -44.20
CA GLU B 981 21.15 -7.15 -44.45
C GLU B 981 20.15 -7.39 -45.58
N ASP B 982 20.26 -6.62 -46.66
CA ASP B 982 19.37 -6.79 -47.79
C ASP B 982 19.70 -8.06 -48.56
N ALA B 983 18.69 -8.89 -48.78
CA ALA B 983 18.85 -10.12 -49.54
C ALA B 983 18.97 -9.81 -51.02
N ALA B 984 19.83 -10.55 -51.70
CA ALA B 984 20.05 -10.39 -53.13
C ALA B 984 20.01 -11.76 -53.81
N VAL B 985 19.50 -11.78 -55.04
CA VAL B 985 19.39 -13.00 -55.83
C VAL B 985 20.00 -12.75 -57.20
N ASN B 986 20.19 -13.84 -57.94
CA ASN B 986 20.70 -13.79 -59.30
C ASN B 986 20.10 -14.94 -60.08
N CYS B 987 19.41 -14.64 -61.16
CA CYS B 987 18.73 -15.64 -61.98
C CYS B 987 19.47 -15.81 -63.29
N THR B 988 19.19 -16.92 -63.97
CA THR B 988 19.72 -17.14 -65.31
C THR B 988 18.89 -16.36 -66.32
N ASP B 989 19.58 -15.77 -67.29
CA ASP B 989 18.91 -14.94 -68.30
C ASP B 989 17.97 -15.76 -69.17
N ASP C 222 6.90 -4.91 62.43
CA ASP C 222 7.67 -6.13 62.20
C ASP C 222 7.70 -6.48 60.71
N LEU C 223 8.85 -6.95 60.23
CA LEU C 223 9.03 -7.33 58.85
C LEU C 223 9.36 -8.82 58.76
N SER C 224 8.68 -9.52 57.87
CA SER C 224 8.94 -10.95 57.64
C SER C 224 8.43 -11.30 56.25
N LEU C 225 9.35 -11.66 55.36
CA LEU C 225 9.01 -12.01 53.98
C LEU C 225 9.16 -13.51 53.79
N ARG C 226 8.10 -14.15 53.31
CA ARG C 226 8.01 -15.59 53.25
C ARG C 226 7.51 -16.04 51.89
N LEU C 227 8.03 -17.16 51.42
CA LEU C 227 7.61 -17.78 50.17
C LEU C 227 6.48 -18.75 50.45
N VAL C 228 5.42 -18.68 49.63
CA VAL C 228 4.25 -19.54 49.78
C VAL C 228 3.87 -20.11 48.43
N ASP C 229 3.15 -21.24 48.48
CA ASP C 229 2.60 -21.89 47.29
C ASP C 229 3.68 -22.22 46.26
N GLY C 230 4.87 -22.57 46.74
CA GLY C 230 5.97 -22.96 45.87
C GLY C 230 6.25 -24.46 45.94
N VAL C 231 7.09 -24.91 45.02
CA VAL C 231 7.49 -26.31 45.00
C VAL C 231 8.31 -26.65 46.24
N THR C 232 9.22 -25.77 46.63
CA THR C 232 10.03 -25.93 47.83
C THR C 232 9.98 -24.64 48.65
N GLU C 233 10.80 -24.60 49.70
CA GLU C 233 10.89 -23.40 50.53
C GLU C 233 11.79 -22.34 49.92
N CYS C 234 12.58 -22.69 48.92
CA CYS C 234 13.50 -21.75 48.28
C CYS C 234 12.91 -21.06 47.06
N SER C 235 11.65 -21.35 46.73
CA SER C 235 10.99 -20.72 45.59
C SER C 235 9.49 -20.64 45.86
N GLY C 236 8.92 -19.46 45.59
CA GLY C 236 7.50 -19.26 45.80
C GLY C 236 7.14 -17.81 45.67
N ARG C 237 5.84 -17.56 45.77
CA ARG C 237 5.34 -16.18 45.73
C ARG C 237 5.66 -15.46 47.03
N LEU C 238 6.11 -14.21 46.90
CA LEU C 238 6.48 -13.43 48.07
C LEU C 238 5.25 -13.01 48.86
N GLU C 239 5.41 -12.98 50.18
CA GLU C 239 4.38 -12.51 51.11
C GLU C 239 5.07 -11.75 52.23
N VAL C 240 4.77 -10.46 52.34
CA VAL C 240 5.47 -9.56 53.26
C VAL C 240 4.49 -9.07 54.31
N ARG C 241 4.91 -9.10 55.57
CA ARG C 241 4.13 -8.54 56.66
C ARG C 241 4.78 -7.25 57.15
N PHE C 242 3.98 -6.20 57.28
CA PHE C 242 4.42 -4.93 57.86
C PHE C 242 3.27 -4.40 58.70
N GLN C 243 3.62 -3.73 59.80
CA GLN C 243 2.64 -3.17 60.73
C GLN C 243 1.84 -4.29 61.39
N GLY C 244 2.15 -5.54 61.03
CA GLY C 244 1.41 -6.68 61.49
C GLY C 244 0.43 -7.26 60.49
N GLU C 245 0.39 -6.75 59.27
CA GLU C 245 -0.53 -7.22 58.24
C GLU C 245 0.25 -7.76 57.05
N TRP C 246 -0.21 -8.89 56.52
CA TRP C 246 0.47 -9.58 55.43
C TRP C 246 -0.01 -9.06 54.08
N GLY C 247 0.82 -9.22 53.07
CA GLY C 247 0.50 -8.78 51.72
C GLY C 247 1.52 -9.28 50.73
N THR C 248 1.26 -9.00 49.45
CA THR C 248 2.12 -9.41 48.35
C THR C 248 2.62 -8.17 47.60
N ILE C 249 3.77 -8.31 46.95
CA ILE C 249 4.40 -7.21 46.24
C ILE C 249 4.03 -7.29 44.76
N CYS C 250 3.71 -6.14 44.18
CA CYS C 250 3.42 -6.07 42.76
C CYS C 250 4.68 -6.41 41.95
N ASP C 251 4.48 -7.14 40.85
CA ASP C 251 5.61 -7.61 40.06
C ASP C 251 6.34 -6.49 39.34
N ASP C 252 5.73 -5.32 39.18
CA ASP C 252 6.39 -4.22 38.49
C ASP C 252 7.62 -3.75 39.25
N GLY C 253 8.69 -3.49 38.50
CA GLY C 253 9.95 -3.06 39.08
C GLY C 253 10.84 -4.18 39.57
N TRP C 254 10.38 -5.43 39.49
CA TRP C 254 11.20 -6.55 39.95
C TRP C 254 12.40 -6.78 39.04
N ASP C 255 13.54 -7.06 39.65
CA ASP C 255 14.78 -7.32 38.93
C ASP C 255 15.48 -8.51 39.55
N SER C 256 16.33 -9.16 38.76
CA SER C 256 17.05 -10.34 39.23
C SER C 256 17.91 -10.02 40.45
N TYR C 257 18.50 -8.82 40.49
CA TYR C 257 19.30 -8.44 41.64
C TYR C 257 18.44 -8.31 42.90
N ASP C 258 17.22 -7.78 42.76
CA ASP C 258 16.33 -7.68 43.90
C ASP C 258 16.00 -9.06 44.44
N ALA C 259 15.72 -10.02 43.54
CA ALA C 259 15.47 -11.39 43.98
C ALA C 259 16.69 -11.98 44.66
N ALA C 260 17.89 -11.60 44.20
CA ALA C 260 19.11 -12.04 44.87
C ALA C 260 19.18 -11.50 46.29
N VAL C 261 18.79 -10.25 46.49
CA VAL C 261 18.73 -9.70 47.84
C VAL C 261 17.67 -10.41 48.66
N ALA C 262 16.53 -10.73 48.03
CA ALA C 262 15.47 -11.44 48.74
C ALA C 262 15.93 -12.81 49.21
N CYS C 263 16.67 -13.53 48.36
CA CYS C 263 17.16 -14.85 48.74
C CYS C 263 18.12 -14.77 49.93
N LYS C 264 18.83 -13.64 50.06
CA LYS C 264 19.68 -13.45 51.23
C LYS C 264 18.85 -13.37 52.50
N GLN C 265 17.69 -12.70 52.44
CA GLN C 265 16.80 -12.66 53.59
C GLN C 265 16.27 -14.05 53.93
N LEU C 266 15.91 -14.82 52.90
CA LEU C 266 15.41 -16.17 53.12
C LEU C 266 16.50 -17.13 53.59
N GLY C 267 17.76 -16.85 53.27
CA GLY C 267 18.85 -17.75 53.60
C GLY C 267 19.13 -18.81 52.56
N CYS C 268 18.31 -18.90 51.51
CA CYS C 268 18.53 -19.87 50.47
C CYS C 268 19.78 -19.53 49.67
N PRO C 269 20.45 -20.52 49.08
CA PRO C 269 21.64 -20.23 48.28
C PRO C 269 21.29 -19.39 47.06
N THR C 270 22.21 -18.47 46.72
CA THR C 270 21.99 -17.52 45.63
C THR C 270 22.91 -17.80 44.44
N ALA C 271 23.24 -19.07 44.21
CA ALA C 271 24.05 -19.41 43.03
C ALA C 271 23.32 -19.07 41.75
N VAL C 272 22.04 -19.43 41.66
CA VAL C 272 21.18 -19.03 40.56
C VAL C 272 19.89 -18.47 41.14
N THR C 273 19.49 -17.30 40.66
CA THR C 273 18.30 -16.61 41.16
C THR C 273 17.43 -16.19 39.99
N ALA C 274 16.12 -16.35 40.14
CA ALA C 274 15.16 -16.01 39.10
C ALA C 274 14.03 -15.18 39.69
N ILE C 275 13.42 -14.35 38.84
CA ILE C 275 12.35 -13.46 39.28
C ILE C 275 10.97 -14.06 39.15
N GLY C 276 10.86 -15.29 38.65
CA GLY C 276 9.56 -15.87 38.41
C GLY C 276 8.89 -16.37 39.68
N ARG C 277 7.59 -16.57 39.59
CA ARG C 277 6.80 -17.16 40.67
C ARG C 277 6.35 -18.55 40.27
N VAL C 278 6.52 -19.51 41.19
CA VAL C 278 6.35 -20.92 40.89
C VAL C 278 4.94 -21.35 41.25
N ASN C 279 4.14 -21.63 40.21
CA ASN C 279 2.81 -22.24 40.29
C ASN C 279 1.97 -21.75 41.47
N ALA C 280 2.03 -20.46 41.76
CA ALA C 280 1.36 -19.87 42.91
C ALA C 280 0.20 -19.01 42.46
N SER C 281 -0.85 -18.95 43.29
CA SER C 281 -2.04 -18.17 42.98
C SER C 281 -1.82 -16.70 43.34
N LYS C 282 -2.75 -15.86 42.88
CA LYS C 282 -2.68 -14.44 43.18
C LYS C 282 -3.00 -14.15 44.64
N GLY C 283 -3.87 -14.95 45.25
CA GLY C 283 -4.21 -14.75 46.65
C GLY C 283 -5.11 -13.54 46.86
N PHE C 284 -5.06 -13.02 48.08
CA PHE C 284 -5.88 -11.86 48.46
C PHE C 284 -5.16 -11.11 49.56
N GLY C 285 -4.72 -9.90 49.25
CA GLY C 285 -4.06 -9.07 50.25
C GLY C 285 -3.63 -7.75 49.66
N HIS C 286 -3.47 -6.76 50.54
CA HIS C 286 -3.01 -5.45 50.10
C HIS C 286 -1.58 -5.53 49.60
N ILE C 287 -1.29 -4.79 48.54
CA ILE C 287 0.06 -4.72 47.98
C ILE C 287 0.80 -3.62 48.74
N TRP C 288 1.65 -4.04 49.68
CA TRP C 288 2.32 -3.07 50.55
C TRP C 288 3.43 -2.34 49.81
N LEU C 289 4.22 -3.05 49.02
CA LEU C 289 5.37 -2.48 48.34
C LEU C 289 5.15 -2.53 46.82
N ASP C 290 5.44 -1.42 46.15
CA ASP C 290 5.32 -1.34 44.71
C ASP C 290 6.54 -0.64 44.13
N SER C 291 7.00 -1.12 42.98
CA SER C 291 8.13 -0.54 42.25
C SER C 291 9.39 -0.49 43.12
N VAL C 292 9.74 -1.64 43.69
CA VAL C 292 10.96 -1.76 44.49
C VAL C 292 12.15 -1.87 43.56
N SER C 293 13.18 -1.04 43.79
CA SER C 293 14.36 -0.99 42.94
C SER C 293 15.59 -1.31 43.78
N CYS C 294 16.15 -2.50 43.57
CA CYS C 294 17.36 -2.95 44.24
C CYS C 294 18.42 -3.28 43.18
N GLN C 295 19.69 -3.12 43.54
CA GLN C 295 20.78 -3.38 42.61
C GLN C 295 21.62 -4.58 43.03
N GLY C 296 21.44 -5.10 44.25
CA GLY C 296 22.13 -6.30 44.66
C GLY C 296 23.02 -6.14 45.87
N HIS C 297 23.77 -5.03 45.95
CA HIS C 297 24.69 -4.80 47.05
C HIS C 297 23.98 -4.10 48.21
N GLU C 298 22.95 -4.77 48.72
CA GLU C 298 22.13 -4.24 49.79
C GLU C 298 21.86 -5.33 50.83
N PRO C 299 21.65 -4.95 52.09
CA PRO C 299 21.35 -5.98 53.09
C PRO C 299 19.97 -6.61 52.93
N ALA C 300 18.95 -5.80 52.65
CA ALA C 300 17.60 -6.31 52.50
C ALA C 300 16.84 -5.40 51.54
N ILE C 301 15.75 -5.94 50.98
CA ILE C 301 14.98 -5.18 50.00
C ILE C 301 14.14 -4.09 50.63
N TRP C 302 13.86 -4.18 51.93
CA TRP C 302 13.16 -3.09 52.59
C TRP C 302 14.03 -1.84 52.71
N GLN C 303 15.35 -1.99 52.56
CA GLN C 303 16.24 -0.83 52.52
C GLN C 303 16.14 -0.09 51.20
N CYS C 304 15.88 -0.80 50.12
CA CYS C 304 15.74 -0.16 48.81
C CYS C 304 14.49 0.73 48.80
N LYS C 305 14.55 1.78 47.98
CA LYS C 305 13.42 2.68 47.87
C LYS C 305 12.24 2.00 47.19
N HIS C 306 11.04 2.22 47.76
CA HIS C 306 9.81 1.70 47.20
C HIS C 306 8.84 2.84 46.95
N HIS C 307 8.07 2.71 45.87
CA HIS C 307 7.05 3.71 45.54
C HIS C 307 5.92 3.61 46.56
N GLU C 308 5.84 4.60 47.45
CA GLU C 308 4.84 4.67 48.52
C GLU C 308 4.94 3.49 49.47
N TRP C 309 4.16 3.52 50.54
CA TRP C 309 4.05 2.41 51.49
C TRP C 309 2.58 2.03 51.62
N GLY C 310 2.26 0.79 51.29
CA GLY C 310 0.89 0.33 51.35
C GLY C 310 -0.02 0.90 50.29
N LYS C 311 0.52 1.65 49.33
CA LYS C 311 -0.26 2.22 48.24
C LYS C 311 0.16 1.57 46.94
N HIS C 312 -0.81 1.11 46.15
CA HIS C 312 -0.52 0.39 44.93
C HIS C 312 -1.56 0.74 43.88
N TYR C 313 -1.17 0.58 42.61
CA TYR C 313 -2.08 0.73 41.49
C TYR C 313 -1.96 -0.44 40.51
N CYS C 314 -1.29 -1.52 40.89
CA CYS C 314 -1.15 -2.68 40.03
C CYS C 314 -2.42 -3.53 40.07
N ASN C 315 -2.49 -4.48 39.14
CA ASN C 315 -3.52 -5.50 39.19
C ASN C 315 -3.19 -6.50 40.28
N HIS C 316 -4.25 -7.04 40.91
CA HIS C 316 -4.03 -7.95 42.03
C HIS C 316 -3.48 -9.30 41.60
N ASN C 317 -3.65 -9.69 40.33
CA ASN C 317 -3.17 -10.98 39.88
C ASN C 317 -1.65 -11.05 39.88
N GLU C 318 -0.99 -9.99 39.42
CA GLU C 318 0.47 -10.00 39.30
C GLU C 318 1.12 -9.83 40.67
N ASP C 319 1.80 -10.87 41.14
CA ASP C 319 2.55 -10.84 42.38
C ASP C 319 4.03 -11.00 42.09
N ALA C 320 4.86 -10.37 42.91
CA ALA C 320 6.30 -10.51 42.76
C ALA C 320 6.74 -11.92 43.14
N GLY C 321 7.51 -12.55 42.26
CA GLY C 321 7.98 -13.91 42.47
C GLY C 321 9.45 -13.93 42.81
N VAL C 322 9.83 -14.87 43.69
CA VAL C 322 11.22 -15.05 44.10
C VAL C 322 11.56 -16.53 43.95
N THR C 323 12.62 -16.82 43.19
CA THR C 323 13.09 -18.18 42.99
C THR C 323 14.58 -18.22 43.29
N CYS C 324 14.96 -19.02 44.29
CA CYS C 324 16.36 -19.23 44.65
C CYS C 324 16.73 -20.66 44.29
N SER C 325 17.80 -20.82 43.52
CA SER C 325 18.25 -22.12 43.04
C SER C 325 19.63 -22.42 43.57
N ASP C 326 19.84 -23.67 44.01
CA ASP C 326 21.16 -24.09 44.47
C ASP C 326 22.15 -24.14 43.31
N GLY C 327 21.68 -24.38 42.10
CA GLY C 327 22.51 -24.47 40.91
C GLY C 327 22.51 -25.84 40.27
N SER C 328 22.08 -26.87 41.00
CA SER C 328 22.08 -28.23 40.47
C SER C 328 20.69 -28.65 40.00
N ASP C 329 19.63 -28.05 40.55
CA ASP C 329 18.28 -28.47 40.19
C ASP C 329 17.94 -28.10 38.75
N LEU C 330 18.51 -27.01 38.25
CA LEU C 330 18.17 -26.54 36.91
C LEU C 330 18.69 -27.51 35.85
N GLU C 331 17.80 -27.93 34.96
CA GLU C 331 18.13 -28.84 33.89
C GLU C 331 17.43 -28.41 32.61
N LEU C 332 18.06 -28.70 31.47
CA LEU C 332 17.54 -28.35 30.16
C LEU C 332 17.49 -29.60 29.31
N ARG C 333 16.34 -29.84 28.67
CA ARG C 333 16.18 -31.01 27.82
C ARG C 333 15.30 -30.68 26.64
N LEU C 334 15.48 -31.42 25.56
CA LEU C 334 14.71 -31.29 24.33
C LEU C 334 13.94 -32.57 24.10
N ARG C 335 12.65 -32.47 23.83
CA ARG C 335 11.78 -33.63 23.68
C ARG C 335 10.92 -33.50 22.43
N GLY C 336 10.48 -34.65 21.92
CA GLY C 336 9.59 -34.70 20.79
C GLY C 336 10.25 -34.85 19.45
N GLY C 337 11.58 -34.69 19.36
CA GLY C 337 12.28 -34.80 18.11
C GLY C 337 12.89 -36.18 17.90
N GLY C 338 13.44 -36.36 16.69
CA GLY C 338 14.10 -37.62 16.38
C GLY C 338 15.35 -37.85 17.19
N SER C 339 16.16 -36.80 17.36
CA SER C 339 17.38 -36.85 18.14
C SER C 339 17.25 -35.96 19.37
N ARG C 340 18.19 -36.13 20.30
CA ARG C 340 18.20 -35.32 21.51
C ARG C 340 18.53 -33.86 21.22
N CYS C 341 19.18 -33.58 20.08
CA CYS C 341 19.58 -32.22 19.76
C CYS C 341 18.41 -31.36 19.29
N ALA C 342 17.36 -31.98 18.72
CA ALA C 342 16.24 -31.24 18.16
C ALA C 342 14.94 -31.65 18.84
N GLY C 343 14.10 -30.66 19.11
CA GLY C 343 12.82 -30.92 19.71
C GLY C 343 12.29 -29.67 20.40
N THR C 344 11.08 -29.82 20.94
CA THR C 344 10.48 -28.71 21.68
C THR C 344 11.30 -28.43 22.94
N VAL C 345 11.59 -27.14 23.16
CA VAL C 345 12.40 -26.76 24.32
C VAL C 345 11.60 -26.99 25.60
N GLU C 346 12.23 -27.63 26.57
CA GLU C 346 11.58 -27.98 27.81
C GLU C 346 12.56 -27.72 28.95
N VAL C 347 12.06 -27.13 30.04
CA VAL C 347 12.88 -26.72 31.17
C VAL C 347 12.35 -27.40 32.42
N GLU C 348 13.25 -28.04 33.17
CA GLU C 348 12.92 -28.70 34.42
C GLU C 348 13.65 -28.00 35.56
N ILE C 349 12.89 -27.35 36.44
CA ILE C 349 13.45 -26.62 37.58
C ILE C 349 12.73 -27.10 38.83
N GLN C 350 13.49 -27.61 39.80
CA GLN C 350 12.94 -28.17 41.03
C GLN C 350 11.84 -29.19 40.73
N ARG C 351 12.23 -30.20 39.95
CA ARG C 351 11.37 -31.30 39.49
C ARG C 351 10.03 -30.81 38.93
N LEU C 352 9.96 -29.56 38.49
CA LEU C 352 8.75 -29.02 37.89
C LEU C 352 8.97 -28.88 36.39
N LEU C 353 8.04 -29.44 35.61
CA LEU C 353 8.16 -29.51 34.17
C LEU C 353 7.66 -28.20 33.56
N GLY C 354 8.37 -27.72 32.53
CA GLY C 354 7.99 -26.44 31.95
C GLY C 354 8.51 -26.26 30.55
N LYS C 355 7.92 -25.28 29.85
CA LYS C 355 8.25 -24.94 28.48
C LYS C 355 8.74 -23.50 28.39
N VAL C 356 9.01 -23.05 27.17
CA VAL C 356 9.58 -21.73 26.91
C VAL C 356 8.68 -21.01 25.90
N CYS C 357 8.13 -19.86 26.33
CA CYS C 357 7.39 -19.02 25.40
C CYS C 357 8.35 -18.29 24.47
N ASP C 358 7.92 -18.11 23.23
CA ASP C 358 8.81 -17.66 22.16
C ASP C 358 8.68 -16.17 21.83
N ARG C 359 8.44 -15.31 22.83
CA ARG C 359 8.37 -13.88 22.55
C ARG C 359 9.69 -13.34 22.03
N GLY C 360 10.73 -13.38 22.85
CA GLY C 360 12.01 -12.84 22.43
C GLY C 360 12.73 -13.76 21.46
N TRP C 361 12.29 -15.01 21.38
CA TRP C 361 12.96 -16.09 20.65
C TRP C 361 13.54 -15.67 19.30
N GLY C 362 14.83 -15.90 19.12
CA GLY C 362 15.51 -15.64 17.87
C GLY C 362 16.63 -16.63 17.71
N LEU C 363 17.29 -16.58 16.55
CA LEU C 363 18.29 -17.58 16.24
C LEU C 363 19.51 -17.46 17.15
N LYS C 364 19.93 -16.24 17.47
CA LYS C 364 21.17 -16.06 18.22
C LYS C 364 21.04 -16.52 19.67
N GLU C 365 19.91 -16.25 20.33
CA GLU C 365 19.70 -16.84 21.65
C GLU C 365 19.47 -18.34 21.53
N ALA C 366 18.93 -18.80 20.41
CA ALA C 366 18.67 -20.24 20.23
C ALA C 366 19.96 -21.04 20.19
N ASP C 367 21.08 -20.42 19.80
CA ASP C 367 22.36 -21.11 19.77
C ASP C 367 22.82 -21.49 21.17
N VAL C 368 22.39 -20.74 22.19
CA VAL C 368 22.77 -21.05 23.56
C VAL C 368 22.20 -22.38 23.99
N VAL C 369 20.94 -22.65 23.64
CA VAL C 369 20.32 -23.94 23.99
C VAL C 369 21.07 -25.08 23.31
N CYS C 370 21.40 -24.91 22.04
CA CYS C 370 22.16 -25.93 21.32
C CYS C 370 23.57 -26.07 21.91
N ARG C 371 24.20 -24.93 22.25
CA ARG C 371 25.56 -24.97 22.79
C ARG C 371 25.59 -25.61 24.17
N GLN C 372 24.56 -25.34 24.99
CA GLN C 372 24.51 -25.95 26.32
C GLN C 372 24.43 -27.47 26.24
N LEU C 373 23.64 -27.98 25.30
CA LEU C 373 23.54 -29.42 25.08
C LEU C 373 24.74 -29.99 24.35
N GLY C 374 25.64 -29.16 23.84
CA GLY C 374 26.77 -29.66 23.09
C GLY C 374 26.43 -30.16 21.72
N CYS C 375 25.33 -29.69 21.12
CA CYS C 375 24.86 -30.16 19.83
C CYS C 375 25.15 -29.16 18.70
N GLY C 376 26.28 -28.46 18.77
CA GLY C 376 26.65 -27.58 17.70
C GLY C 376 25.80 -26.32 17.65
N SER C 377 25.73 -25.75 16.44
CA SER C 377 24.99 -24.51 16.22
C SER C 377 23.50 -24.78 16.10
N ALA C 378 22.74 -23.71 15.89
CA ALA C 378 21.30 -23.78 15.70
C ALA C 378 20.96 -23.31 14.28
N LEU C 379 20.18 -24.12 13.57
CA LEU C 379 19.86 -23.85 12.17
C LEU C 379 18.47 -23.23 12.00
N LYS C 380 17.43 -23.90 12.48
CA LYS C 380 16.07 -23.41 12.33
C LYS C 380 15.26 -23.75 13.57
N THR C 381 14.22 -22.95 13.81
CA THR C 381 13.38 -23.13 14.98
C THR C 381 12.46 -24.33 14.84
N SER C 382 11.87 -24.51 13.66
CA SER C 382 10.95 -25.63 13.46
C SER C 382 11.67 -26.96 13.55
N TYR C 383 10.95 -27.98 14.00
CA TYR C 383 11.50 -29.32 14.16
C TYR C 383 10.47 -30.34 13.72
N GLN C 384 10.95 -31.50 13.26
CA GLN C 384 10.04 -32.52 12.76
C GLN C 384 9.48 -33.33 13.88
N VAL C 385 8.17 -33.32 14.02
CA VAL C 385 7.54 -34.04 15.11
C VAL C 385 7.74 -35.51 14.98
N TYR C 386 7.95 -36.19 16.11
CA TYR C 386 8.04 -37.62 16.07
C TYR C 386 7.03 -38.16 17.05
N SER C 387 7.23 -37.91 18.33
CA SER C 387 6.30 -38.35 19.36
C SER C 387 5.70 -37.13 20.05
N LYS C 388 4.53 -37.34 20.64
CA LYS C 388 3.85 -36.26 21.34
C LYS C 388 4.55 -35.94 22.65
N ILE C 389 4.28 -34.75 23.17
CA ILE C 389 4.86 -34.27 24.42
C ILE C 389 3.74 -33.92 25.38
N GLN C 390 3.97 -34.17 26.66
CA GLN C 390 2.97 -33.86 27.68
C GLN C 390 2.82 -32.35 27.85
N ALA C 391 1.61 -31.92 28.17
CA ALA C 391 1.30 -30.51 28.35
C ALA C 391 1.57 -30.09 29.79
N THR C 392 2.11 -28.88 29.94
CA THR C 392 2.44 -28.32 31.25
C THR C 392 1.78 -26.96 31.40
N ASN C 393 1.69 -26.50 32.65
CA ASN C 393 1.04 -25.23 32.96
C ASN C 393 2.05 -24.11 33.20
N THR C 394 3.01 -24.32 34.09
CA THR C 394 4.00 -23.29 34.37
C THR C 394 4.87 -23.07 33.14
N TRP C 395 5.11 -21.79 32.81
CA TRP C 395 5.79 -21.42 31.58
C TRP C 395 6.92 -20.45 31.87
N LEU C 396 8.02 -20.61 31.14
CA LEU C 396 9.21 -19.78 31.27
C LEU C 396 9.37 -18.90 30.04
N PHE C 397 9.83 -17.68 30.24
CA PHE C 397 10.12 -16.77 29.13
C PHE C 397 11.17 -15.77 29.56
N LEU C 398 11.85 -15.19 28.57
CA LEU C 398 12.96 -14.29 28.82
C LEU C 398 13.01 -13.24 27.72
N SER C 399 13.69 -12.13 28.01
CA SER C 399 13.72 -11.00 27.07
C SER C 399 14.58 -11.31 25.86
N SER C 400 15.87 -11.54 26.07
CA SER C 400 16.81 -11.80 24.98
C SER C 400 18.12 -12.30 25.56
N CYS C 401 18.97 -12.80 24.68
CA CYS C 401 20.28 -13.31 25.06
C CYS C 401 21.33 -12.80 24.07
N ASN C 402 22.51 -12.46 24.59
CA ASN C 402 23.59 -11.98 23.73
C ASN C 402 24.08 -13.07 22.80
N GLY C 403 24.16 -14.31 23.29
CA GLY C 403 24.73 -15.40 22.54
C GLY C 403 26.18 -15.71 22.88
N ASN C 404 26.85 -14.82 23.60
CA ASN C 404 28.23 -15.04 24.01
C ASN C 404 28.36 -16.08 25.11
N GLU C 405 27.27 -16.44 25.78
CA GLU C 405 27.30 -17.29 26.96
C GLU C 405 27.26 -18.76 26.56
N THR C 406 27.21 -19.63 27.57
CA THR C 406 27.17 -21.08 27.39
C THR C 406 25.89 -21.71 27.92
N SER C 407 25.33 -21.19 29.00
CA SER C 407 24.13 -21.74 29.62
C SER C 407 22.99 -20.74 29.53
N LEU C 408 21.76 -21.26 29.46
CA LEU C 408 20.59 -20.39 29.41
C LEU C 408 20.43 -19.63 30.72
N TRP C 409 20.81 -20.24 31.85
CA TRP C 409 20.75 -19.54 33.12
C TRP C 409 21.69 -18.33 33.17
N ASP C 410 22.69 -18.29 32.30
CA ASP C 410 23.55 -17.11 32.22
C ASP C 410 22.82 -15.91 31.65
N CYS C 411 21.78 -16.13 30.85
CA CYS C 411 20.94 -15.03 30.39
C CYS C 411 20.26 -14.39 31.59
N LYS C 412 20.29 -13.06 31.65
CA LYS C 412 19.85 -12.35 32.82
C LYS C 412 18.38 -11.93 32.71
N ASN C 413 17.72 -11.83 33.87
CA ASN C 413 16.32 -11.42 33.96
C ASN C 413 15.41 -12.38 33.19
N TRP C 414 15.53 -13.66 33.51
CA TRP C 414 14.63 -14.68 32.96
C TRP C 414 13.58 -15.03 33.99
N GLN C 415 12.31 -14.94 33.59
CA GLN C 415 11.19 -15.20 34.49
C GLN C 415 10.79 -16.66 34.42
N TRP C 416 10.48 -17.23 35.59
CA TRP C 416 10.12 -18.64 35.72
C TRP C 416 8.72 -18.72 36.34
N GLY C 417 7.70 -18.72 35.47
CA GLY C 417 6.33 -18.83 35.90
C GLY C 417 5.71 -17.49 36.27
N GLY C 418 4.41 -17.54 36.55
CA GLY C 418 3.65 -16.38 36.95
C GLY C 418 2.78 -15.78 35.86
N LEU C 419 3.01 -16.13 34.60
CA LEU C 419 2.22 -15.62 33.49
C LEU C 419 2.02 -16.73 32.46
N THR C 420 1.05 -16.52 31.58
CA THR C 420 0.71 -17.45 30.53
C THR C 420 0.79 -16.76 29.17
N CYS C 421 0.98 -17.55 28.12
CA CYS C 421 1.11 -17.06 26.75
C CYS C 421 0.04 -17.71 25.87
N ASP C 422 -1.07 -16.99 25.65
CA ASP C 422 -2.03 -17.45 24.66
C ASP C 422 -1.68 -16.94 23.27
N HIS C 423 -1.08 -15.76 23.20
CA HIS C 423 -0.59 -15.24 21.92
C HIS C 423 0.56 -16.08 21.40
N TYR C 424 1.34 -16.68 22.30
CA TYR C 424 2.65 -17.21 22.00
C TYR C 424 2.72 -18.66 22.44
N GLU C 425 3.54 -19.45 21.75
CA GLU C 425 3.54 -20.89 21.91
C GLU C 425 4.91 -21.38 22.35
N GLU C 426 4.97 -22.68 22.62
CA GLU C 426 6.21 -23.35 23.04
C GLU C 426 7.31 -23.17 22.00
N ALA C 427 8.51 -22.83 22.46
CA ALA C 427 9.66 -22.65 21.57
C ALA C 427 10.26 -23.99 21.20
N LYS C 428 10.66 -24.11 19.93
CA LYS C 428 11.27 -25.33 19.41
C LYS C 428 12.58 -25.00 18.72
N ILE C 429 13.38 -26.04 18.45
CA ILE C 429 14.69 -25.85 17.83
C ILE C 429 15.09 -27.13 17.12
N THR C 430 15.88 -26.98 16.06
CA THR C 430 16.68 -28.06 15.51
C THR C 430 18.12 -27.60 15.46
N CYS C 431 19.00 -28.31 16.14
CA CYS C 431 20.42 -27.98 16.14
C CYS C 431 21.13 -28.60 14.95
N SER C 432 22.39 -28.21 14.77
CA SER C 432 23.18 -28.69 13.63
C SER C 432 23.60 -30.13 13.79
N ALA C 433 23.80 -30.59 15.02
CA ALA C 433 24.26 -31.94 15.28
C ALA C 433 23.15 -32.98 15.20
N HIS C 434 21.96 -32.58 14.76
CA HIS C 434 20.88 -33.55 14.60
C HIS C 434 21.25 -34.60 13.55
N ARG C 435 21.68 -34.15 12.37
CA ARG C 435 22.09 -35.03 11.28
C ARG C 435 23.49 -34.60 10.86
N GLU C 436 24.51 -35.24 11.42
CA GLU C 436 25.88 -34.86 11.13
C GLU C 436 26.48 -35.84 10.13
N PRO C 437 26.75 -35.43 8.90
CA PRO C 437 27.34 -36.34 7.91
C PRO C 437 28.86 -36.27 7.87
N ARG C 438 29.45 -37.40 7.49
CA ARG C 438 30.89 -37.47 7.30
C ARG C 438 31.19 -38.57 6.29
N LEU C 439 32.38 -38.49 5.70
CA LEU C 439 32.84 -39.46 4.71
C LEU C 439 34.08 -40.15 5.23
N VAL C 440 34.06 -41.48 5.23
CA VAL C 440 35.17 -42.28 5.74
C VAL C 440 35.47 -43.38 4.73
N GLY C 441 36.70 -43.91 4.81
CA GLY C 441 37.13 -44.96 3.93
C GLY C 441 37.68 -44.53 2.59
N GLY C 442 37.80 -43.22 2.37
CA GLY C 442 38.30 -42.74 1.09
C GLY C 442 39.64 -42.02 1.19
N ASP C 443 40.59 -42.39 0.33
CA ASP C 443 41.88 -41.71 0.31
C ASP C 443 41.75 -40.29 -0.23
N ILE C 444 40.89 -40.08 -1.22
CA ILE C 444 40.66 -38.73 -1.75
C ILE C 444 40.03 -37.88 -0.66
N PRO C 445 40.39 -36.60 -0.54
CA PRO C 445 39.87 -35.80 0.59
C PRO C 445 38.35 -35.69 0.65
N CYS C 446 37.67 -35.65 -0.49
CA CYS C 446 36.22 -35.45 -0.51
C CYS C 446 35.49 -36.62 -1.16
N SER C 447 35.89 -37.84 -0.83
CA SER C 447 35.22 -39.05 -1.31
C SER C 447 35.31 -40.13 -0.25
N GLY C 448 34.24 -40.89 -0.09
CA GLY C 448 34.24 -41.97 0.87
C GLY C 448 32.83 -42.45 1.16
N ARG C 449 32.75 -43.44 2.03
CA ARG C 449 31.46 -43.99 2.43
C ARG C 449 30.76 -43.05 3.39
N VAL C 450 29.45 -42.93 3.23
CA VAL C 450 28.66 -41.94 3.96
C VAL C 450 28.33 -42.47 5.35
N GLU C 451 28.60 -41.66 6.37
CA GLU C 451 28.22 -41.94 7.74
C GLU C 451 27.46 -40.75 8.30
N VAL C 452 26.36 -41.03 9.01
CA VAL C 452 25.48 -39.99 9.53
C VAL C 452 25.31 -40.20 11.03
N LYS C 453 25.43 -39.11 11.79
CA LYS C 453 25.33 -39.15 13.24
C LYS C 453 23.98 -38.57 13.67
N HIS C 454 23.26 -39.31 14.50
CA HIS C 454 21.98 -38.86 15.04
C HIS C 454 22.17 -38.25 16.43
N GLY C 455 22.93 -37.17 16.46
CA GLY C 455 23.19 -36.47 17.73
C GLY C 455 24.24 -37.06 18.64
N ASP C 456 24.16 -38.37 18.90
CA ASP C 456 25.08 -39.03 19.81
C ASP C 456 25.70 -40.31 19.28
N THR C 457 25.12 -40.93 18.26
CA THR C 457 25.61 -42.21 17.76
C THR C 457 25.89 -42.10 16.26
N TRP C 458 26.94 -42.80 15.82
CA TRP C 458 27.36 -42.80 14.42
C TRP C 458 26.87 -44.05 13.73
N GLY C 459 26.32 -43.90 12.53
CA GLY C 459 25.80 -45.02 11.78
C GLY C 459 25.81 -44.74 10.30
N SER C 460 25.85 -45.82 9.52
CA SER C 460 25.88 -45.71 8.07
C SER C 460 24.46 -45.59 7.51
N ILE C 461 24.38 -45.33 6.21
CA ILE C 461 23.12 -45.12 5.50
C ILE C 461 23.01 -46.15 4.39
N CYS C 462 21.86 -46.81 4.31
CA CYS C 462 21.66 -47.83 3.29
C CYS C 462 21.54 -47.20 1.91
N ASP C 463 21.75 -48.04 0.88
CA ASP C 463 21.75 -47.55 -0.50
C ASP C 463 20.37 -47.01 -0.90
N SER C 464 19.31 -47.71 -0.53
CA SER C 464 17.96 -47.30 -0.93
C SER C 464 17.52 -46.01 -0.25
N ASP C 465 18.14 -45.63 0.86
CA ASP C 465 17.72 -44.44 1.60
C ASP C 465 18.32 -43.15 1.07
N PHE C 466 19.22 -43.23 0.08
CA PHE C 466 19.94 -42.06 -0.41
C PHE C 466 19.58 -41.79 -1.86
N SER C 467 19.23 -40.55 -2.15
CA SER C 467 18.99 -40.06 -3.51
C SER C 467 20.07 -39.06 -3.89
N LEU C 468 20.05 -38.65 -5.17
CA LEU C 468 21.05 -37.70 -5.63
C LEU C 468 20.84 -36.31 -5.04
N GLU C 469 19.59 -35.93 -4.79
CA GLU C 469 19.31 -34.63 -4.19
C GLU C 469 19.89 -34.54 -2.78
N ALA C 470 19.74 -35.61 -2.00
CA ALA C 470 20.35 -35.63 -0.67
C ALA C 470 21.87 -35.67 -0.78
N ALA C 471 22.41 -36.37 -1.78
CA ALA C 471 23.85 -36.39 -1.98
C ALA C 471 24.38 -35.00 -2.31
N SER C 472 23.65 -34.26 -3.14
CA SER C 472 24.05 -32.88 -3.44
C SER C 472 24.04 -32.01 -2.20
N VAL C 473 23.03 -32.19 -1.34
CA VAL C 473 23.01 -31.48 -0.07
C VAL C 473 24.17 -31.91 0.80
N LEU C 474 24.51 -33.20 0.77
CA LEU C 474 25.59 -33.71 1.60
C LEU C 474 26.94 -33.13 1.18
N CYS C 475 27.24 -33.15 -0.12
CA CYS C 475 28.54 -32.70 -0.59
C CYS C 475 28.77 -31.23 -0.26
N ARG C 476 27.75 -30.40 -0.42
CA ARG C 476 27.89 -28.97 -0.11
C ARG C 476 27.92 -28.69 1.39
N GLU C 477 27.50 -29.65 2.22
CA GLU C 477 27.50 -29.41 3.66
C GLU C 477 28.92 -29.38 4.22
N LEU C 478 29.79 -30.28 3.74
CA LEU C 478 31.19 -30.30 4.15
C LEU C 478 32.09 -29.53 3.19
N GLN C 479 31.56 -28.45 2.59
CA GLN C 479 32.28 -27.58 1.65
C GLN C 479 33.14 -28.36 0.66
N CYS C 480 32.64 -29.52 0.23
CA CYS C 480 33.33 -30.36 -0.74
C CYS C 480 32.90 -30.08 -2.17
N GLY C 481 32.07 -29.07 -2.39
CA GLY C 481 31.62 -28.72 -3.71
C GLY C 481 30.42 -29.55 -4.16
N THR C 482 30.22 -29.58 -5.47
CA THR C 482 29.11 -30.32 -6.05
C THR C 482 29.41 -31.82 -6.04
N VAL C 483 28.35 -32.61 -6.23
CA VAL C 483 28.49 -34.06 -6.31
C VAL C 483 28.99 -34.46 -7.69
N VAL C 484 29.66 -35.60 -7.77
CA VAL C 484 30.11 -36.17 -9.02
C VAL C 484 29.31 -37.41 -9.40
N SER C 485 29.26 -38.39 -8.49
CA SER C 485 28.49 -39.60 -8.71
C SER C 485 28.22 -40.25 -7.36
N ILE C 486 27.21 -41.11 -7.34
CA ILE C 486 26.84 -41.88 -6.14
C ILE C 486 27.19 -43.33 -6.40
N LEU C 487 28.02 -43.90 -5.53
CA LEU C 487 28.52 -45.26 -5.68
C LEU C 487 27.88 -46.14 -4.60
N GLY C 488 27.06 -47.09 -5.02
CA GLY C 488 26.40 -48.01 -4.13
C GLY C 488 27.10 -49.36 -4.06
N GLY C 489 26.44 -50.30 -3.37
CA GLY C 489 26.97 -51.64 -3.25
C GLY C 489 28.21 -51.76 -2.38
N ALA C 490 28.41 -50.83 -1.45
CA ALA C 490 29.58 -50.84 -0.56
C ALA C 490 30.88 -50.86 -1.36
N HIS C 491 30.92 -50.06 -2.43
CA HIS C 491 32.12 -50.00 -3.27
C HIS C 491 33.31 -49.46 -2.50
N PHE C 492 33.11 -48.37 -1.73
CA PHE C 492 34.22 -47.74 -1.03
C PHE C 492 34.71 -48.61 0.12
N GLY C 493 33.80 -49.27 0.82
CA GLY C 493 34.19 -50.15 1.90
C GLY C 493 32.97 -50.81 2.51
N GLU C 494 33.23 -51.88 3.26
CA GLU C 494 32.18 -52.62 3.95
C GLU C 494 32.00 -52.00 5.34
N GLY C 495 30.91 -51.28 5.52
CA GLY C 495 30.69 -50.55 6.76
C GLY C 495 30.41 -51.47 7.93
N ASN C 496 30.55 -50.90 9.13
CA ASN C 496 30.32 -51.61 10.38
C ASN C 496 29.45 -50.77 11.29
N GLY C 497 28.74 -51.45 12.19
CA GLY C 497 27.86 -50.79 13.13
C GLY C 497 26.41 -50.78 12.66
N GLN C 498 25.61 -50.00 13.39
CA GLN C 498 24.18 -49.93 13.11
C GLN C 498 23.92 -49.17 11.83
N ILE C 499 22.90 -49.60 11.08
CA ILE C 499 22.48 -48.97 9.84
C ILE C 499 21.17 -48.25 10.09
N TRP C 500 21.12 -46.98 9.72
CA TRP C 500 19.89 -46.22 9.84
C TRP C 500 18.87 -46.66 8.79
N ALA C 501 17.61 -46.74 9.20
CA ALA C 501 16.53 -47.09 8.29
C ALA C 501 15.82 -45.90 7.69
N GLU C 502 16.16 -44.69 8.12
CA GLU C 502 15.53 -43.48 7.60
C GLU C 502 16.00 -43.16 6.19
N GLU C 503 15.08 -42.68 5.37
CA GLU C 503 15.38 -42.25 4.00
C GLU C 503 15.15 -40.75 3.87
N PHE C 504 16.08 -40.08 3.21
CA PHE C 504 15.99 -38.63 3.06
C PHE C 504 15.14 -38.26 1.85
N GLN C 505 14.46 -37.12 1.97
CA GLN C 505 13.63 -36.56 0.91
C GLN C 505 14.01 -35.11 0.67
N CYS C 506 15.32 -34.86 0.53
CA CYS C 506 15.81 -33.50 0.34
C CYS C 506 15.31 -32.92 -0.97
N GLU C 507 14.89 -31.65 -0.92
CA GLU C 507 14.51 -30.95 -2.14
C GLU C 507 15.71 -30.71 -3.03
N GLY C 508 16.86 -30.37 -2.44
CA GLY C 508 18.08 -30.19 -3.20
C GLY C 508 18.82 -28.90 -2.89
N HIS C 509 18.17 -27.99 -2.17
CA HIS C 509 18.77 -26.70 -1.85
C HIS C 509 18.98 -26.48 -0.35
N GLU C 510 18.77 -27.52 0.46
CA GLU C 510 18.96 -27.37 1.91
C GLU C 510 20.45 -27.19 2.23
N SER C 511 20.72 -26.28 3.17
CA SER C 511 22.10 -26.01 3.55
C SER C 511 22.70 -27.18 4.33
N HIS C 512 21.92 -27.77 5.23
CA HIS C 512 22.39 -28.86 6.07
C HIS C 512 21.40 -30.02 6.03
N LEU C 513 21.90 -31.21 6.36
CA LEU C 513 21.07 -32.40 6.37
C LEU C 513 19.97 -32.35 7.43
N SER C 514 20.14 -31.55 8.48
CA SER C 514 19.13 -31.47 9.52
C SER C 514 17.83 -30.88 9.00
N LEU C 515 17.92 -29.88 8.12
CA LEU C 515 16.73 -29.25 7.57
C LEU C 515 15.98 -30.14 6.59
N CYS C 516 16.56 -31.28 6.19
CA CYS C 516 15.93 -32.13 5.20
C CYS C 516 14.82 -32.96 5.85
N PRO C 517 13.60 -32.94 5.29
CA PRO C 517 12.56 -33.83 5.80
C PRO C 517 12.92 -35.29 5.56
N VAL C 518 12.46 -36.14 6.47
CA VAL C 518 12.85 -37.55 6.47
C VAL C 518 11.65 -38.40 6.86
N ALA C 519 11.53 -39.57 6.22
CA ALA C 519 10.45 -40.50 6.50
C ALA C 519 11.00 -41.74 7.21
N PRO C 520 10.71 -41.93 8.50
CA PRO C 520 11.23 -43.12 9.19
C PRO C 520 10.59 -44.40 8.69
N ARG C 521 11.30 -45.50 8.91
CA ARG C 521 10.91 -46.82 8.45
C ARG C 521 11.27 -47.84 9.52
N PRO C 522 10.54 -48.96 9.60
CA PRO C 522 10.97 -50.05 10.48
C PRO C 522 12.36 -50.53 10.10
N GLU C 523 13.14 -50.87 11.13
CA GLU C 523 14.57 -51.10 10.97
C GLU C 523 14.85 -52.52 10.48
N GLY C 524 16.13 -52.77 10.17
CA GLY C 524 16.58 -54.08 9.76
C GLY C 524 16.37 -54.44 8.31
N THR C 525 15.96 -53.48 7.48
CA THR C 525 15.65 -53.80 6.09
C THR C 525 16.92 -54.06 5.28
N CYS C 526 17.94 -53.22 5.43
CA CYS C 526 19.11 -53.23 4.57
C CYS C 526 20.24 -54.01 5.23
N SER C 527 20.98 -54.77 4.41
CA SER C 527 22.13 -55.52 4.87
C SER C 527 23.34 -54.60 5.00
N HIS C 528 24.40 -55.12 5.63
CA HIS C 528 25.60 -54.33 5.85
C HIS C 528 26.50 -54.27 4.63
N SER C 529 26.10 -54.86 3.51
CA SER C 529 26.79 -54.71 2.25
C SER C 529 26.15 -53.67 1.34
N ARG C 530 25.20 -52.89 1.87
CA ARG C 530 24.43 -51.93 1.08
C ARG C 530 24.74 -50.49 1.45
N ASP C 531 25.83 -50.24 2.14
CA ASP C 531 26.20 -48.87 2.48
C ASP C 531 26.57 -48.08 1.22
N VAL C 532 26.12 -46.84 1.16
CA VAL C 532 26.28 -46.03 -0.04
C VAL C 532 27.54 -45.19 0.07
N GLY C 533 28.06 -44.79 -1.07
CA GLY C 533 29.22 -43.91 -1.11
C GLY C 533 29.01 -42.79 -2.11
N VAL C 534 29.53 -41.61 -1.77
CA VAL C 534 29.34 -40.41 -2.56
C VAL C 534 30.68 -39.75 -2.81
N VAL C 535 30.93 -39.37 -4.06
CA VAL C 535 32.16 -38.69 -4.47
C VAL C 535 31.84 -37.24 -4.80
N CYS C 536 32.48 -36.31 -4.08
CA CYS C 536 32.27 -34.89 -4.29
C CYS C 536 33.32 -34.33 -5.25
N SER C 537 33.11 -33.08 -5.65
CA SER C 537 33.92 -32.48 -6.70
C SER C 537 35.32 -32.11 -6.22
N ARG C 538 35.44 -31.54 -5.02
CA ARG C 538 36.71 -31.00 -4.58
C ARG C 538 37.71 -32.10 -4.24
N TYR C 539 38.53 -32.49 -5.21
CA TYR C 539 39.46 -33.61 -5.07
C TYR C 539 40.92 -33.17 -5.17
N THR C 540 41.21 -31.90 -4.93
CA THR C 540 42.56 -31.37 -5.06
C THR C 540 43.12 -31.04 -3.68
N GLU C 541 44.33 -31.52 -3.42
CA GLU C 541 45.03 -31.26 -2.16
C GLU C 541 46.37 -30.61 -2.47
N ILE C 542 46.69 -29.53 -1.77
CA ILE C 542 47.93 -28.79 -1.97
C ILE C 542 48.49 -28.37 -0.62
N ARG C 543 49.79 -28.56 -0.44
CA ARG C 543 50.49 -28.20 0.78
C ARG C 543 51.70 -27.34 0.45
N LEU C 544 51.97 -26.37 1.32
CA LEU C 544 53.13 -25.49 1.18
C LEU C 544 54.28 -26.05 2.02
N VAL C 545 55.35 -26.47 1.35
CA VAL C 545 56.45 -27.16 2.00
C VAL C 545 57.71 -26.32 1.92
N ASN C 546 58.69 -26.68 2.75
CA ASN C 546 60.01 -26.07 2.82
C ASN C 546 59.96 -24.58 3.16
N GLY C 547 58.83 -24.09 3.66
CA GLY C 547 58.73 -22.70 4.06
C GLY C 547 58.63 -22.54 5.56
N LYS C 548 59.59 -21.82 6.14
CA LYS C 548 59.55 -21.57 7.58
C LYS C 548 58.30 -20.81 7.98
N THR C 549 57.94 -19.80 7.19
CA THR C 549 56.68 -19.10 7.40
C THR C 549 55.53 -20.06 7.13
N PRO C 550 54.56 -20.17 8.05
CA PRO C 550 53.41 -21.05 7.77
C PRO C 550 52.63 -20.64 6.54
N CYS C 551 52.68 -19.36 6.17
CA CYS C 551 51.91 -18.87 5.03
C CYS C 551 52.68 -19.00 3.72
N GLU C 552 54.01 -19.04 3.76
CA GLU C 552 54.83 -19.08 2.56
C GLU C 552 55.53 -20.43 2.43
N GLY C 553 55.50 -20.99 1.22
CA GLY C 553 56.17 -22.25 0.97
C GLY C 553 55.99 -22.66 -0.47
N ARG C 554 56.76 -23.67 -0.86
CA ARG C 554 56.66 -24.21 -2.22
C ARG C 554 55.36 -24.98 -2.38
N VAL C 555 54.66 -24.71 -3.49
CA VAL C 555 53.42 -25.41 -3.75
C VAL C 555 53.70 -26.88 -4.06
N GLU C 556 52.91 -27.76 -3.45
CA GLU C 556 53.05 -29.20 -3.66
C GLU C 556 51.69 -29.80 -3.99
N LEU C 557 51.67 -30.69 -4.97
CA LEU C 557 50.45 -31.36 -5.41
C LEU C 557 50.61 -32.87 -5.22
N LYS C 558 49.61 -33.50 -4.61
CA LYS C 558 49.62 -34.93 -4.35
C LYS C 558 48.64 -35.61 -5.29
N THR C 559 49.18 -36.28 -6.31
CA THR C 559 48.37 -37.07 -7.23
C THR C 559 49.06 -38.39 -7.47
N LEU C 560 48.26 -39.41 -7.79
CA LEU C 560 48.75 -40.78 -8.00
C LEU C 560 49.46 -41.32 -6.76
N GLY C 561 49.11 -40.80 -5.59
CA GLY C 561 49.68 -41.27 -4.34
C GLY C 561 51.06 -40.76 -4.02
N ALA C 562 51.55 -39.76 -4.75
CA ALA C 562 52.89 -39.22 -4.53
C ALA C 562 52.83 -37.71 -4.49
N TRP C 563 53.74 -37.13 -3.70
CA TRP C 563 53.86 -35.68 -3.59
C TRP C 563 54.78 -35.15 -4.69
N GLY C 564 54.53 -33.89 -5.07
CA GLY C 564 55.38 -33.25 -6.08
C GLY C 564 55.08 -31.77 -6.14
N SER C 565 56.02 -31.04 -6.73
CA SER C 565 55.98 -29.58 -6.80
C SER C 565 55.50 -29.15 -8.17
N LEU C 566 54.68 -28.09 -8.20
CA LEU C 566 54.09 -27.61 -9.43
C LEU C 566 55.13 -26.92 -10.31
N CYS C 567 54.69 -26.51 -11.49
CA CYS C 567 55.58 -25.89 -12.47
C CYS C 567 55.53 -24.37 -12.34
N ASN C 568 56.68 -23.73 -12.54
CA ASN C 568 56.76 -22.28 -12.47
C ASN C 568 55.97 -21.63 -13.61
N SER C 569 56.04 -22.20 -14.81
CA SER C 569 55.30 -21.66 -15.94
C SER C 569 53.79 -21.83 -15.72
N HIS C 570 53.02 -20.94 -16.33
CA HIS C 570 51.56 -20.89 -16.24
C HIS C 570 51.07 -20.59 -14.84
N TRP C 571 51.96 -20.27 -13.91
CA TRP C 571 51.58 -19.94 -12.54
C TRP C 571 51.28 -18.45 -12.46
N ASP C 572 50.09 -18.12 -11.98
CA ASP C 572 49.61 -16.75 -11.95
C ASP C 572 49.47 -16.25 -10.52
N ILE C 573 49.33 -14.94 -10.38
CA ILE C 573 49.08 -14.36 -9.07
C ILE C 573 47.66 -14.67 -8.61
N GLU C 574 46.70 -14.74 -9.54
CA GLU C 574 45.34 -15.10 -9.17
C GLU C 574 45.27 -16.54 -8.64
N ASP C 575 46.09 -17.42 -9.19
CA ASP C 575 46.19 -18.78 -8.63
C ASP C 575 46.72 -18.75 -7.21
N ALA C 576 47.69 -17.85 -6.94
CA ALA C 576 48.17 -17.70 -5.57
C ALA C 576 47.07 -17.16 -4.66
N HIS C 577 46.28 -16.20 -5.16
CA HIS C 577 45.20 -15.66 -4.35
C HIS C 577 44.12 -16.70 -4.08
N VAL C 578 43.77 -17.50 -5.10
CA VAL C 578 42.75 -18.52 -4.91
C VAL C 578 43.24 -19.61 -3.96
N LEU C 579 44.54 -19.89 -3.99
CA LEU C 579 45.10 -20.87 -3.06
C LEU C 579 45.20 -20.30 -1.66
N CYS C 580 45.52 -19.00 -1.55
CA CYS C 580 45.66 -18.39 -0.23
C CYS C 580 44.34 -18.36 0.52
N GLN C 581 43.22 -18.21 -0.20
CA GLN C 581 41.91 -18.24 0.45
C GLN C 581 41.63 -19.61 1.06
N GLN C 582 42.00 -20.68 0.36
CA GLN C 582 41.73 -22.02 0.85
C GLN C 582 42.46 -22.29 2.16
N LEU C 583 43.73 -21.87 2.26
CA LEU C 583 44.47 -22.04 3.49
C LEU C 583 44.14 -21.00 4.54
N LYS C 584 43.43 -19.94 4.15
CA LYS C 584 42.97 -18.87 5.05
C LYS C 584 44.12 -18.11 5.69
N CYS C 585 45.36 -18.29 5.20
CA CYS C 585 46.48 -17.53 5.73
C CYS C 585 46.33 -16.04 5.45
N GLY C 586 45.90 -15.70 4.24
CA GLY C 586 45.79 -14.31 3.81
C GLY C 586 46.28 -14.21 2.38
N VAL C 587 45.65 -13.31 1.62
CA VAL C 587 45.91 -13.23 0.18
C VAL C 587 47.39 -12.98 -0.08
N ALA C 588 47.90 -13.59 -1.15
CA ALA C 588 49.32 -13.49 -1.45
C ALA C 588 49.68 -12.11 -1.99
N LEU C 589 50.99 -11.83 -2.04
CA LEU C 589 51.49 -10.58 -2.59
C LEU C 589 52.28 -10.77 -3.88
N SER C 590 53.14 -11.77 -3.96
CA SER C 590 53.95 -11.97 -5.15
C SER C 590 54.43 -13.41 -5.22
N THR C 591 54.61 -13.90 -6.45
CA THR C 591 55.17 -15.21 -6.69
C THR C 591 56.61 -15.05 -7.14
N PRO C 592 57.60 -15.48 -6.36
CA PRO C 592 58.99 -15.28 -6.76
C PRO C 592 59.34 -16.13 -7.98
N GLY C 593 60.28 -15.62 -8.78
CA GLY C 593 60.79 -16.38 -9.90
C GLY C 593 61.50 -17.63 -9.41
N GLY C 594 60.88 -18.79 -9.62
CA GLY C 594 61.42 -19.99 -9.04
C GLY C 594 61.15 -20.03 -7.54
N ALA C 595 61.99 -20.78 -6.84
CA ALA C 595 61.86 -20.95 -5.39
C ALA C 595 63.22 -20.83 -4.74
N ARG C 596 63.28 -20.07 -3.64
CA ARG C 596 64.46 -20.09 -2.79
C ARG C 596 64.54 -21.36 -1.95
N PHE C 597 63.48 -22.16 -1.94
CA PHE C 597 63.41 -23.38 -1.15
C PHE C 597 63.91 -24.61 -1.91
N GLY C 598 64.34 -24.45 -3.15
CA GLY C 598 64.86 -25.55 -3.93
C GLY C 598 63.78 -26.30 -4.69
N LYS C 599 64.24 -27.22 -5.54
CA LYS C 599 63.31 -28.03 -6.32
C LYS C 599 62.54 -29.01 -5.45
N GLY C 600 63.14 -29.45 -4.35
CA GLY C 600 62.49 -30.40 -3.47
C GLY C 600 62.60 -31.83 -3.96
N ASN C 601 62.17 -32.75 -3.10
CA ASN C 601 62.20 -34.17 -3.43
C ASN C 601 61.07 -34.57 -4.38
N GLY C 602 59.94 -33.87 -4.31
CA GLY C 602 58.79 -34.26 -5.11
C GLY C 602 59.03 -34.09 -6.60
N GLN C 603 58.36 -34.94 -7.37
CA GLN C 603 58.46 -34.88 -8.82
C GLN C 603 57.74 -33.64 -9.36
N ILE C 604 58.30 -33.04 -10.41
CA ILE C 604 57.67 -31.86 -11.01
C ILE C 604 56.34 -32.27 -11.61
N TRP C 605 55.27 -31.61 -11.20
CA TRP C 605 53.95 -31.85 -11.73
C TRP C 605 53.64 -30.83 -12.80
N ARG C 606 53.18 -31.29 -13.95
CA ARG C 606 52.92 -30.44 -15.10
C ARG C 606 51.53 -29.81 -15.09
N HIS C 607 50.77 -30.01 -14.00
CA HIS C 607 49.44 -29.40 -13.91
C HIS C 607 49.53 -27.89 -14.08
N MET C 608 48.70 -27.36 -14.98
CA MET C 608 48.56 -25.92 -15.15
C MET C 608 47.13 -25.54 -14.77
N PHE C 609 47.00 -24.49 -13.97
CA PHE C 609 45.72 -24.00 -13.51
C PHE C 609 45.43 -22.66 -14.15
N HIS C 610 44.23 -22.51 -14.68
CA HIS C 610 43.77 -21.26 -15.29
C HIS C 610 42.66 -20.73 -14.38
N CYS C 611 43.06 -20.01 -13.34
CA CYS C 611 42.14 -19.54 -12.32
C CYS C 611 41.74 -18.10 -12.61
N THR C 612 40.43 -17.84 -12.62
CA THR C 612 39.94 -16.47 -12.77
C THR C 612 40.35 -15.62 -11.58
N GLY C 613 40.27 -16.19 -10.38
CA GLY C 613 40.58 -15.48 -9.15
C GLY C 613 39.42 -15.37 -8.18
N THR C 614 38.18 -15.54 -8.66
CA THR C 614 37.01 -15.46 -7.82
C THR C 614 36.62 -16.79 -7.19
N GLU C 615 37.31 -17.87 -7.52
CA GLU C 615 36.97 -19.17 -6.97
C GLU C 615 37.31 -19.22 -5.48
N GLN C 616 36.62 -20.11 -4.75
CA GLN C 616 36.84 -20.22 -3.31
C GLN C 616 37.85 -21.31 -2.98
N HIS C 617 37.81 -22.44 -3.69
CA HIS C 617 38.75 -23.53 -3.46
C HIS C 617 39.49 -23.85 -4.76
N MET C 618 40.74 -24.28 -4.62
CA MET C 618 41.55 -24.56 -5.80
C MET C 618 41.02 -25.74 -6.59
N GLY C 619 40.22 -26.61 -5.97
CA GLY C 619 39.54 -27.65 -6.71
C GLY C 619 38.49 -27.08 -7.66
N ASP C 620 37.81 -26.00 -7.23
CA ASP C 620 36.82 -25.36 -8.08
C ASP C 620 37.45 -24.70 -9.29
N CYS C 621 38.75 -24.43 -9.26
CA CYS C 621 39.43 -23.83 -10.39
C CYS C 621 39.44 -24.79 -11.57
N PRO C 622 39.31 -24.29 -12.80
CA PRO C 622 39.48 -25.16 -13.98
C PRO C 622 40.92 -25.65 -14.08
N VAL C 623 41.08 -26.94 -14.35
CA VAL C 623 42.38 -27.59 -14.38
C VAL C 623 42.60 -28.20 -15.75
N THR C 624 43.82 -28.11 -16.24
CA THR C 624 44.22 -28.72 -17.51
C THR C 624 45.60 -29.33 -17.32
N ALA C 625 45.67 -30.67 -17.33
CA ALA C 625 46.92 -31.37 -17.17
C ALA C 625 47.24 -32.33 -18.31
N LEU C 626 46.34 -32.50 -19.26
CA LEU C 626 46.58 -33.44 -20.35
C LEU C 626 47.59 -32.86 -21.34
N GLY C 627 48.68 -33.59 -21.55
CA GLY C 627 49.66 -33.17 -22.53
C GLY C 627 50.44 -31.93 -22.20
N ALA C 628 50.45 -31.51 -20.93
CA ALA C 628 51.13 -30.28 -20.56
C ALA C 628 52.61 -30.37 -20.87
N SER C 629 53.18 -29.25 -21.33
CA SER C 629 54.57 -29.23 -21.74
C SER C 629 55.49 -29.52 -20.57
N LEU C 630 56.61 -30.17 -20.86
CA LEU C 630 57.59 -30.48 -19.83
C LEU C 630 58.14 -29.20 -19.22
N CYS C 631 58.24 -29.19 -17.89
CA CYS C 631 58.63 -28.01 -17.12
C CYS C 631 60.14 -27.98 -16.92
N PRO C 632 60.77 -26.81 -17.07
CA PRO C 632 62.19 -26.71 -16.72
C PRO C 632 62.41 -27.01 -15.24
N SER C 633 63.46 -27.79 -14.97
CA SER C 633 63.67 -28.31 -13.62
C SER C 633 64.17 -27.24 -12.66
N GLU C 634 64.83 -26.20 -13.16
CA GLU C 634 65.49 -25.25 -12.28
C GLU C 634 64.49 -24.31 -11.59
N GLN C 635 63.34 -24.06 -12.21
CA GLN C 635 62.37 -23.11 -11.69
C GLN C 635 61.05 -23.81 -11.39
N VAL C 636 60.53 -23.60 -10.18
CA VAL C 636 59.25 -24.15 -9.76
C VAL C 636 58.40 -23.04 -9.17
N ALA C 637 57.09 -23.28 -9.12
CA ALA C 637 56.16 -22.27 -8.62
C ALA C 637 56.23 -22.17 -7.10
N SER C 638 55.82 -21.01 -6.59
CA SER C 638 55.76 -20.76 -5.16
C SER C 638 54.75 -19.66 -4.89
N VAL C 639 54.35 -19.54 -3.62
CA VAL C 639 53.38 -18.53 -3.20
C VAL C 639 53.71 -18.10 -1.77
N ILE C 640 53.64 -16.80 -1.52
CA ILE C 640 53.82 -16.24 -0.20
C ILE C 640 52.47 -15.63 0.21
N CYS C 641 51.70 -16.38 0.98
CA CYS C 641 50.50 -15.82 1.60
C CYS C 641 50.92 -14.70 2.55
N SER C 642 50.25 -13.55 2.45
CA SER C 642 50.68 -12.38 3.21
C SER C 642 50.51 -12.58 4.71
N GLY C 643 49.33 -13.02 5.13
CA GLY C 643 49.04 -13.21 6.54
C GLY C 643 47.88 -12.41 7.08
N ASN C 644 47.22 -11.57 6.28
CA ASN C 644 46.07 -10.80 6.72
C ASN C 644 44.80 -11.47 6.21
N GLN C 645 43.89 -11.79 7.14
CA GLN C 645 42.68 -12.56 6.83
C GLN C 645 41.46 -11.66 6.68
N SER C 646 41.64 -10.46 6.13
CA SER C 646 40.56 -9.49 6.00
C SER C 646 40.41 -9.05 4.56
N GLN C 647 39.16 -8.84 4.13
CA GLN C 647 38.76 -8.26 2.86
C GLN C 647 39.11 -9.12 1.65
N THR C 648 39.68 -10.32 1.85
CA THR C 648 40.15 -11.22 0.80
C THR C 648 40.66 -10.47 -0.43
N LEU C 649 40.15 -10.81 -1.61
CA LEU C 649 40.51 -10.13 -2.85
C LEU C 649 39.25 -9.55 -3.49
N SER C 650 39.30 -8.26 -3.82
CA SER C 650 38.19 -7.55 -4.44
C SER C 650 38.59 -7.09 -5.83
N SER C 651 37.73 -7.34 -6.80
CA SER C 651 38.04 -6.98 -8.18
C SER C 651 38.03 -5.46 -8.37
N CYS C 652 38.89 -4.99 -9.26
CA CYS C 652 38.97 -3.57 -9.57
C CYS C 652 37.99 -3.19 -10.68
N VAL C 670 45.06 -2.16 -6.73
CA VAL C 670 45.83 -2.91 -5.74
C VAL C 670 44.98 -4.07 -5.19
N ALA C 671 45.54 -5.27 -5.24
CA ALA C 671 44.86 -6.49 -4.80
C ALA C 671 43.52 -6.65 -5.51
N CYS C 672 43.58 -6.66 -6.84
CA CYS C 672 42.40 -6.70 -7.68
C CYS C 672 42.50 -7.83 -8.68
N ILE C 673 41.34 -8.29 -9.15
CA ILE C 673 41.28 -9.35 -10.16
C ILE C 673 41.32 -8.81 -11.58
N GLU C 674 41.55 -7.51 -11.75
CA GLU C 674 41.69 -6.87 -13.06
C GLU C 674 40.42 -7.08 -13.90
N SER C 675 39.33 -6.49 -13.42
CA SER C 675 38.07 -6.54 -14.13
C SER C 675 38.19 -5.81 -15.47
N GLY C 676 37.30 -6.17 -16.40
CA GLY C 676 37.36 -5.66 -17.75
C GLY C 676 37.96 -6.62 -18.76
N GLN C 677 38.25 -7.85 -18.35
CA GLN C 677 38.85 -8.84 -19.23
C GLN C 677 37.75 -9.55 -20.03
N LEU C 678 38.12 -10.61 -20.75
CA LEU C 678 37.19 -11.35 -21.59
C LEU C 678 36.55 -12.50 -20.82
N ARG C 679 35.48 -13.05 -21.41
CA ARG C 679 34.80 -14.21 -20.89
C ARG C 679 34.18 -15.00 -22.03
N LEU C 680 34.27 -16.32 -21.96
CA LEU C 680 33.72 -17.21 -22.96
C LEU C 680 32.60 -18.03 -22.33
N VAL C 681 31.47 -18.11 -23.02
CA VAL C 681 30.25 -18.72 -22.48
C VAL C 681 29.62 -19.61 -23.53
N ASN C 682 29.18 -20.81 -23.13
CA ASN C 682 28.40 -21.71 -23.97
C ASN C 682 29.20 -22.18 -25.19
N GLY C 683 30.43 -22.63 -24.96
CA GLY C 683 31.29 -23.10 -26.01
C GLY C 683 31.69 -24.55 -25.96
N GLY C 684 31.23 -25.31 -24.95
CA GLY C 684 31.63 -26.68 -24.80
C GLY C 684 32.99 -26.90 -24.19
N GLY C 685 33.57 -25.87 -23.59
CA GLY C 685 34.88 -25.98 -22.97
C GLY C 685 35.24 -24.70 -22.28
N ARG C 686 36.51 -24.61 -21.89
CA ARG C 686 36.99 -23.39 -21.23
C ARG C 686 37.67 -22.44 -22.21
N CYS C 687 38.20 -22.95 -23.32
CA CYS C 687 38.94 -22.14 -24.27
C CYS C 687 38.09 -21.69 -25.46
N ALA C 688 36.88 -22.21 -25.60
CA ALA C 688 35.98 -21.81 -26.67
C ALA C 688 34.65 -21.38 -26.09
N GLY C 689 34.11 -20.29 -26.62
CA GLY C 689 32.85 -19.77 -26.13
C GLY C 689 32.53 -18.44 -26.78
N ARG C 690 31.31 -17.98 -26.52
CA ARG C 690 30.88 -16.69 -27.02
C ARG C 690 31.58 -15.56 -26.28
N VAL C 691 32.05 -14.57 -27.03
CA VAL C 691 32.89 -13.51 -26.47
C VAL C 691 32.02 -12.54 -25.67
N GLU C 692 32.43 -12.26 -24.43
CA GLU C 692 31.78 -11.28 -23.59
C GLU C 692 32.85 -10.34 -23.02
N ILE C 693 32.56 -9.05 -23.06
CA ILE C 693 33.50 -8.02 -22.62
C ILE C 693 32.90 -7.28 -21.44
N TYR C 694 33.71 -7.01 -20.43
CA TYR C 694 33.30 -6.28 -19.24
C TYR C 694 33.68 -4.81 -19.38
N HIS C 695 32.69 -3.93 -19.29
CA HIS C 695 32.90 -2.49 -19.26
C HIS C 695 32.01 -1.89 -18.20
N GLU C 696 32.58 -1.01 -17.37
CA GLU C 696 31.88 -0.40 -16.23
C GLU C 696 31.35 -1.54 -15.37
N GLY C 697 30.04 -1.66 -15.14
CA GLY C 697 29.50 -2.78 -14.39
C GLY C 697 28.58 -3.64 -15.22
N SER C 698 28.85 -3.75 -16.52
CA SER C 698 28.02 -4.51 -17.43
C SER C 698 28.89 -5.36 -18.36
N TRP C 699 28.39 -6.55 -18.68
CA TRP C 699 29.04 -7.45 -19.63
C TRP C 699 28.23 -7.50 -20.91
N GLY C 700 28.91 -7.37 -22.04
CA GLY C 700 28.23 -7.32 -23.33
C GLY C 700 28.98 -8.11 -24.38
N THR C 701 28.28 -8.34 -25.50
CA THR C 701 28.81 -9.13 -26.60
C THR C 701 29.57 -8.23 -27.58
N ILE C 702 29.91 -8.78 -28.74
CA ILE C 702 30.68 -8.09 -29.77
C ILE C 702 29.92 -8.18 -31.09
N CYS C 703 29.88 -7.07 -31.83
CA CYS C 703 29.24 -7.06 -33.13
C CYS C 703 29.92 -8.04 -34.08
N ASP C 704 29.12 -8.78 -34.83
CA ASP C 704 29.65 -9.80 -35.75
C ASP C 704 30.29 -9.18 -36.98
N ASP C 705 30.05 -7.90 -37.25
CA ASP C 705 30.57 -7.30 -38.48
C ASP C 705 32.09 -7.19 -38.44
N SER C 706 32.72 -7.55 -39.56
CA SER C 706 34.17 -7.46 -39.72
C SER C 706 34.92 -8.25 -38.65
N TRP C 707 34.36 -9.40 -38.28
CA TRP C 707 35.01 -10.29 -37.32
C TRP C 707 35.84 -11.31 -38.09
N ASP C 708 37.16 -11.22 -37.95
CA ASP C 708 38.09 -12.03 -38.73
C ASP C 708 38.88 -12.95 -37.80
N LEU C 709 39.69 -13.81 -38.41
CA LEU C 709 40.61 -14.66 -37.64
C LEU C 709 41.68 -13.82 -36.97
N SER C 710 42.16 -12.79 -37.64
CA SER C 710 43.17 -11.90 -37.04
C SER C 710 42.62 -11.21 -35.81
N ASP C 711 41.35 -10.82 -35.84
CA ASP C 711 40.72 -10.23 -34.67
C ASP C 711 40.59 -11.24 -33.54
N ALA C 712 40.50 -12.53 -33.88
CA ALA C 712 40.33 -13.57 -32.86
C ALA C 712 41.64 -13.96 -32.20
N HIS C 713 42.78 -13.57 -32.77
CA HIS C 713 44.06 -13.85 -32.13
C HIS C 713 44.18 -13.15 -30.79
N VAL C 714 43.71 -11.89 -30.72
CA VAL C 714 43.82 -11.12 -29.48
C VAL C 714 42.96 -11.74 -28.38
N VAL C 715 41.77 -12.23 -28.73
CA VAL C 715 40.89 -12.83 -27.74
C VAL C 715 41.51 -14.08 -27.17
N CYS C 716 42.04 -14.95 -28.04
CA CYS C 716 42.66 -16.18 -27.57
C CYS C 716 43.91 -15.89 -26.74
N ARG C 717 44.70 -14.89 -27.12
CA ARG C 717 45.87 -14.53 -26.34
C ARG C 717 45.48 -14.00 -24.96
N GLN C 718 44.40 -13.21 -24.88
CA GLN C 718 43.93 -12.73 -23.59
C GLN C 718 43.51 -13.87 -22.69
N LEU C 719 42.82 -14.87 -23.25
CA LEU C 719 42.42 -16.04 -22.47
C LEU C 719 43.59 -16.94 -22.12
N GLY C 720 44.76 -16.71 -22.73
CA GLY C 720 45.90 -17.56 -22.49
C GLY C 720 45.88 -18.89 -23.20
N CYS C 721 44.88 -19.12 -24.06
CA CYS C 721 44.77 -20.39 -24.75
C CYS C 721 45.79 -20.53 -25.88
N GLY C 722 46.21 -19.42 -26.47
CA GLY C 722 47.16 -19.46 -27.56
C GLY C 722 46.65 -18.73 -28.79
N GLU C 723 46.77 -19.35 -29.96
CA GLU C 723 46.26 -18.76 -31.18
C GLU C 723 44.80 -19.16 -31.39
N ALA C 724 44.18 -18.57 -32.41
CA ALA C 724 42.81 -18.88 -32.79
C ALA C 724 42.81 -19.73 -34.04
N ILE C 725 41.83 -20.63 -34.14
CA ILE C 725 41.72 -21.52 -35.29
C ILE C 725 40.48 -21.16 -36.09
N ASN C 726 39.48 -20.59 -35.43
CA ASN C 726 38.25 -20.19 -36.09
C ASN C 726 37.69 -18.93 -35.45
N ALA C 727 36.96 -18.15 -36.25
CA ALA C 727 36.22 -16.99 -35.78
C ALA C 727 34.75 -17.19 -36.13
N THR C 728 33.95 -17.49 -35.13
CA THR C 728 32.55 -17.88 -35.31
C THR C 728 31.67 -16.64 -35.32
N GLY C 729 30.77 -16.56 -36.30
CA GLY C 729 29.83 -15.47 -36.41
C GLY C 729 28.39 -15.95 -36.43
N SER C 730 27.48 -14.98 -36.56
CA SER C 730 26.04 -15.23 -36.65
C SER C 730 25.51 -15.98 -35.43
N ALA C 731 26.09 -15.72 -34.26
CA ALA C 731 25.63 -16.30 -33.00
C ALA C 731 25.55 -17.83 -33.07
N HIS C 732 26.55 -18.43 -33.71
CA HIS C 732 26.57 -19.89 -33.81
C HIS C 732 26.72 -20.53 -32.44
N PHE C 733 27.59 -19.98 -31.58
CA PHE C 733 27.80 -20.56 -30.27
C PHE C 733 26.61 -20.32 -29.35
N GLY C 734 26.08 -19.10 -29.33
CA GLY C 734 24.96 -18.79 -28.47
C GLY C 734 24.50 -17.37 -28.67
N GLU C 735 23.44 -17.02 -27.95
CA GLU C 735 22.84 -15.70 -28.00
C GLU C 735 23.09 -14.98 -26.68
N GLY C 736 23.73 -13.81 -26.75
CA GLY C 736 24.06 -13.04 -25.57
C GLY C 736 23.04 -11.93 -25.33
N THR C 737 22.70 -11.74 -24.05
CA THR C 737 21.67 -10.77 -23.69
C THR C 737 22.22 -9.40 -23.36
N GLY C 738 23.53 -9.28 -23.11
CA GLY C 738 24.12 -8.01 -22.75
C GLY C 738 24.15 -7.04 -23.92
N PRO C 739 24.22 -5.75 -23.61
CA PRO C 739 24.28 -4.75 -24.68
C PRO C 739 25.57 -4.82 -25.47
N ILE C 740 25.47 -4.51 -26.77
CA ILE C 740 26.63 -4.56 -27.64
C ILE C 740 27.59 -3.44 -27.26
N TRP C 741 28.88 -3.77 -27.15
CA TRP C 741 29.88 -2.82 -26.69
C TRP C 741 30.73 -2.24 -27.82
N LEU C 742 31.09 -3.04 -28.81
CA LEU C 742 31.94 -2.58 -29.91
C LEU C 742 31.36 -3.00 -31.25
N ASP C 743 31.66 -2.22 -32.28
CA ASP C 743 31.19 -2.45 -33.63
C ASP C 743 32.34 -2.33 -34.62
N GLU C 744 32.43 -3.27 -35.56
CA GLU C 744 33.40 -3.25 -36.64
C GLU C 744 34.83 -3.14 -36.10
N MET C 745 35.23 -4.17 -35.35
CA MET C 745 36.57 -4.21 -34.79
C MET C 745 37.59 -4.54 -35.86
N LYS C 746 38.59 -3.68 -36.01
CA LYS C 746 39.70 -3.89 -36.93
C LYS C 746 40.99 -3.93 -36.13
N CYS C 747 41.63 -5.10 -36.11
CA CYS C 747 42.84 -5.31 -35.31
C CYS C 747 43.92 -5.92 -36.19
N ASN C 748 45.16 -5.51 -35.94
CA ASN C 748 46.29 -6.06 -36.69
C ASN C 748 46.63 -7.48 -36.26
N GLY C 749 46.06 -7.95 -35.15
CA GLY C 749 46.27 -9.31 -34.69
C GLY C 749 47.45 -9.49 -33.75
N LYS C 750 48.26 -8.46 -33.54
CA LYS C 750 49.42 -8.55 -32.66
C LYS C 750 49.25 -7.76 -31.36
N GLU C 751 48.21 -6.94 -31.25
CA GLU C 751 48.00 -6.16 -30.03
C GLU C 751 47.61 -7.07 -28.88
N SER C 752 48.12 -6.74 -27.69
CA SER C 752 47.95 -7.62 -26.55
C SER C 752 46.51 -7.61 -26.02
N ARG C 753 45.87 -6.45 -26.01
CA ARG C 753 44.55 -6.30 -25.43
C ARG C 753 43.51 -5.99 -26.51
N ILE C 754 42.30 -6.52 -26.30
CA ILE C 754 41.25 -6.37 -27.30
C ILE C 754 40.80 -4.92 -27.44
N TRP C 755 40.96 -4.12 -26.37
CA TRP C 755 40.54 -2.73 -26.43
C TRP C 755 41.33 -1.94 -27.45
N GLN C 756 42.62 -2.22 -27.57
CA GLN C 756 43.51 -1.41 -28.39
C GLN C 756 43.14 -1.44 -29.88
N CYS C 757 42.42 -2.46 -30.33
CA CYS C 757 42.04 -2.53 -31.73
C CYS C 757 41.08 -1.39 -32.09
N HIS C 758 41.13 -0.97 -33.34
CA HIS C 758 40.30 0.14 -33.81
C HIS C 758 38.84 -0.28 -33.90
N SER C 759 37.95 0.65 -33.61
CA SER C 759 36.51 0.42 -33.71
C SER C 759 35.83 1.73 -34.09
N HIS C 760 34.53 1.65 -34.39
CA HIS C 760 33.77 2.85 -34.69
C HIS C 760 33.63 3.73 -33.46
N GLY C 761 33.59 3.11 -32.27
CA GLY C 761 33.48 3.86 -31.04
C GLY C 761 33.01 2.99 -29.88
N TRP C 762 33.55 3.23 -28.69
CA TRP C 762 33.13 2.47 -27.52
C TRP C 762 31.64 2.69 -27.26
N GLY C 763 30.91 1.59 -27.07
CA GLY C 763 29.49 1.67 -26.82
C GLY C 763 28.66 2.14 -28.00
N GLN C 764 29.23 2.23 -29.18
CA GLN C 764 28.50 2.62 -30.38
C GLN C 764 28.36 1.41 -31.30
N GLN C 765 27.13 1.15 -31.75
CA GLN C 765 26.86 -0.04 -32.54
C GLN C 765 25.66 0.19 -33.43
N ASN C 766 25.52 -0.65 -34.45
CA ASN C 766 24.34 -0.69 -35.30
C ASN C 766 23.85 -2.12 -35.52
N CYS C 767 24.39 -3.08 -34.78
CA CYS C 767 23.98 -4.48 -34.92
C CYS C 767 22.87 -4.77 -33.91
N ARG C 768 22.57 -6.05 -33.72
CA ARG C 768 21.60 -6.50 -32.73
C ARG C 768 22.16 -7.73 -32.03
N HIS C 769 21.33 -8.33 -31.17
CA HIS C 769 21.76 -9.51 -30.42
C HIS C 769 21.84 -10.74 -31.31
N LYS C 770 21.03 -10.79 -32.37
CA LYS C 770 21.06 -11.95 -33.26
C LYS C 770 22.43 -12.14 -33.90
N GLU C 771 23.16 -11.04 -34.10
CA GLU C 771 24.56 -11.12 -34.55
C GLU C 771 25.46 -11.17 -33.32
N ASP C 772 26.20 -12.26 -33.18
CA ASP C 772 27.14 -12.43 -32.08
C ASP C 772 28.41 -13.06 -32.60
N ALA C 773 29.53 -12.76 -31.95
CA ALA C 773 30.84 -13.24 -32.37
C ALA C 773 31.31 -14.33 -31.43
N GLY C 774 31.72 -15.46 -32.00
CA GLY C 774 32.28 -16.56 -31.23
C GLY C 774 33.70 -16.84 -31.69
N VAL C 775 34.50 -17.40 -30.78
CA VAL C 775 35.89 -17.72 -31.06
C VAL C 775 36.17 -19.14 -30.59
N ILE C 776 36.90 -19.88 -31.40
CA ILE C 776 37.40 -21.21 -31.04
C ILE C 776 38.91 -21.13 -30.96
N CYS C 777 39.44 -21.30 -29.76
CA CYS C 777 40.88 -21.15 -29.55
C CYS C 777 41.61 -22.40 -30.02
N SER C 778 42.95 -22.35 -29.96
CA SER C 778 43.76 -23.47 -30.43
C SER C 778 43.60 -24.69 -29.55
N GLU C 779 43.68 -24.52 -28.23
CA GLU C 779 43.62 -25.64 -27.31
C GLU C 779 42.17 -25.88 -26.86
N PHE C 780 41.36 -26.29 -27.83
CA PHE C 780 40.01 -26.77 -27.58
C PHE C 780 40.01 -28.29 -27.80
N MET C 781 39.62 -29.03 -26.77
CA MET C 781 39.73 -30.48 -26.77
C MET C 781 38.36 -31.12 -26.64
N SER C 782 38.08 -32.10 -27.48
CA SER C 782 36.85 -32.88 -27.41
C SER C 782 37.21 -34.34 -27.61
N LEU C 783 36.37 -35.22 -27.06
CA LEU C 783 36.62 -36.65 -27.08
C LEU C 783 35.45 -37.39 -27.71
N ARG C 784 35.76 -38.42 -28.48
CA ARG C 784 34.74 -39.21 -29.16
C ARG C 784 35.32 -40.57 -29.51
N LEU C 785 34.43 -41.51 -29.83
CA LEU C 785 34.82 -42.82 -30.33
C LEU C 785 34.38 -42.94 -31.79
N THR C 786 35.28 -43.43 -32.63
CA THR C 786 35.02 -43.58 -34.06
C THR C 786 34.80 -45.06 -34.39
N SER C 787 33.70 -45.35 -35.07
CA SER C 787 33.36 -46.70 -35.48
C SER C 787 32.93 -46.70 -36.94
N GLU C 788 32.92 -47.89 -37.54
CA GLU C 788 32.53 -48.01 -38.94
C GLU C 788 31.07 -47.60 -39.14
N ALA C 789 30.18 -48.03 -38.24
CA ALA C 789 28.76 -47.79 -38.42
C ALA C 789 28.42 -46.31 -38.22
N SER C 790 28.92 -45.71 -37.14
CA SER C 790 28.57 -44.35 -36.79
C SER C 790 29.83 -43.57 -36.43
N ARG C 791 29.77 -42.24 -36.64
CA ARG C 791 30.89 -41.39 -36.28
C ARG C 791 31.10 -41.34 -34.78
N GLU C 792 30.02 -41.47 -34.01
CA GLU C 792 30.08 -41.57 -32.56
C GLU C 792 29.44 -42.88 -32.13
N ALA C 793 30.09 -43.59 -31.22
CA ALA C 793 29.59 -44.87 -30.74
C ALA C 793 30.17 -45.14 -29.36
N CYS C 794 29.57 -46.11 -28.67
CA CYS C 794 30.07 -46.52 -27.36
C CYS C 794 31.23 -47.49 -27.45
N ALA C 795 31.57 -47.95 -28.65
CA ALA C 795 32.69 -48.86 -28.86
C ALA C 795 33.38 -48.49 -30.16
N GLY C 796 34.70 -48.38 -30.11
CA GLY C 796 35.46 -48.04 -31.30
C GLY C 796 36.78 -47.39 -30.93
N ARG C 797 37.41 -46.80 -31.96
CA ARG C 797 38.69 -46.13 -31.77
C ARG C 797 38.51 -44.83 -31.00
N LEU C 798 39.45 -44.55 -30.10
CA LEU C 798 39.42 -43.34 -29.30
C LEU C 798 40.15 -42.22 -30.03
N GLU C 799 39.50 -41.07 -30.13
CA GLU C 799 40.06 -39.91 -30.83
C GLU C 799 39.97 -38.69 -29.93
N VAL C 800 40.98 -37.82 -30.03
CA VAL C 800 41.00 -36.57 -29.30
C VAL C 800 41.24 -35.44 -30.30
N PHE C 801 40.72 -34.26 -29.99
CA PHE C 801 40.74 -33.12 -30.89
C PHE C 801 41.62 -32.03 -30.30
N TYR C 802 42.59 -31.55 -31.08
CA TYR C 802 43.51 -30.54 -30.60
C TYR C 802 44.09 -29.79 -31.79
N ASN C 803 44.13 -28.46 -31.67
CA ASN C 803 44.66 -27.58 -32.72
C ASN C 803 44.01 -27.85 -34.07
N GLY C 804 42.69 -28.09 -34.04
CA GLY C 804 41.94 -28.29 -35.26
C GLY C 804 42.11 -29.63 -35.93
N ALA C 805 42.76 -30.58 -35.28
CA ALA C 805 43.01 -31.90 -35.86
C ALA C 805 42.63 -32.98 -34.87
N TRP C 806 42.19 -34.12 -35.40
CA TRP C 806 41.86 -35.29 -34.60
C TRP C 806 43.08 -36.20 -34.48
N GLY C 807 43.25 -36.77 -33.30
CA GLY C 807 44.39 -37.65 -33.05
C GLY C 807 44.00 -38.80 -32.15
N THR C 808 44.65 -39.93 -32.37
CA THR C 808 44.45 -41.12 -31.54
C THR C 808 45.30 -41.02 -30.27
N VAL C 809 45.10 -42.00 -29.38
CA VAL C 809 45.82 -42.07 -28.11
C VAL C 809 46.46 -43.44 -28.00
N GLY C 810 47.70 -43.46 -27.50
CA GLY C 810 48.42 -44.71 -27.37
C GLY C 810 47.88 -45.58 -26.24
N LYS C 811 48.14 -46.88 -26.36
CA LYS C 811 47.70 -47.85 -25.38
C LYS C 811 48.68 -48.07 -24.24
N SER C 812 49.87 -47.48 -24.31
CA SER C 812 50.86 -47.67 -23.26
C SER C 812 50.41 -47.03 -21.96
N SER C 813 50.70 -47.69 -20.84
CA SER C 813 50.35 -47.24 -19.50
C SER C 813 48.85 -47.06 -19.31
N MET C 814 48.04 -47.73 -20.13
CA MET C 814 46.59 -47.64 -20.00
C MET C 814 46.13 -48.31 -18.71
N SER C 815 45.24 -47.64 -18.00
CA SER C 815 44.76 -48.12 -16.70
C SER C 815 43.24 -48.19 -16.70
N GLU C 816 42.72 -49.01 -15.79
CA GLU C 816 41.27 -49.19 -15.69
C GLU C 816 40.57 -47.90 -15.32
N THR C 817 41.17 -47.12 -14.41
CA THR C 817 40.57 -45.84 -14.02
C THR C 817 40.50 -44.89 -15.20
N THR C 818 41.55 -44.87 -16.04
CA THR C 818 41.53 -44.03 -17.23
C THR C 818 40.42 -44.47 -18.19
N VAL C 819 40.22 -45.78 -18.33
CA VAL C 819 39.16 -46.28 -19.19
C VAL C 819 37.79 -45.86 -18.66
N GLY C 820 37.61 -45.95 -17.34
CA GLY C 820 36.35 -45.52 -16.76
C GLY C 820 36.09 -44.04 -16.94
N VAL C 821 37.14 -43.22 -16.78
CA VAL C 821 36.98 -41.78 -16.93
C VAL C 821 36.60 -41.43 -18.36
N VAL C 822 37.17 -42.13 -19.33
CA VAL C 822 36.82 -41.89 -20.74
C VAL C 822 35.35 -42.21 -20.98
N CYS C 823 34.89 -43.35 -20.47
CA CYS C 823 33.50 -43.75 -20.70
C CYS C 823 32.53 -42.80 -20.01
N ARG C 824 32.84 -42.37 -18.79
CA ARG C 824 31.92 -41.51 -18.05
C ARG C 824 31.84 -40.12 -18.68
N GLN C 825 32.93 -39.64 -19.27
CA GLN C 825 32.94 -38.31 -19.86
C GLN C 825 31.96 -38.21 -21.03
N LEU C 826 31.89 -39.26 -21.86
CA LEU C 826 31.04 -39.26 -23.03
C LEU C 826 29.67 -39.90 -22.78
N GLY C 827 29.38 -40.28 -21.52
CA GLY C 827 28.06 -40.77 -21.19
C GLY C 827 27.67 -42.10 -21.81
N CYS C 828 28.59 -43.05 -21.88
CA CYS C 828 28.27 -44.37 -22.42
C CYS C 828 28.00 -45.38 -21.31
N ALA C 829 28.86 -45.44 -20.29
CA ALA C 829 28.71 -46.37 -19.19
C ALA C 829 29.58 -45.90 -18.03
N ASP C 830 29.62 -46.70 -16.96
CA ASP C 830 30.40 -46.35 -15.79
C ASP C 830 31.83 -46.86 -15.89
N LYS C 831 32.00 -48.17 -16.03
CA LYS C 831 33.27 -48.77 -16.38
C LYS C 831 33.28 -49.14 -17.86
N GLY C 832 34.40 -49.69 -18.30
CA GLY C 832 34.58 -50.13 -19.67
C GLY C 832 35.76 -51.07 -19.75
N LYS C 833 36.02 -51.55 -20.96
CA LYS C 833 37.11 -52.49 -21.19
C LYS C 833 37.79 -52.18 -22.52
N ILE C 834 39.02 -52.65 -22.66
CA ILE C 834 39.86 -52.38 -23.81
C ILE C 834 39.81 -53.60 -24.73
N ASN C 835 39.31 -53.41 -25.94
CA ASN C 835 39.33 -54.48 -26.93
C ASN C 835 40.49 -54.29 -27.90
N PRO C 836 40.96 -55.37 -28.51
CA PRO C 836 42.05 -55.25 -29.48
C PRO C 836 41.63 -54.45 -30.70
N ALA C 837 42.62 -54.05 -31.49
CA ALA C 837 42.37 -53.22 -32.66
C ALA C 837 41.51 -53.94 -33.67
N SER C 838 40.55 -53.22 -34.25
CA SER C 838 39.66 -53.78 -35.24
C SER C 838 40.36 -53.86 -36.61
N LEU C 839 39.68 -54.48 -37.56
CA LEU C 839 40.29 -54.70 -38.87
C LEU C 839 40.36 -53.43 -39.70
N ASP C 840 39.44 -52.49 -39.48
CA ASP C 840 39.36 -51.28 -40.30
C ASP C 840 39.63 -50.05 -39.45
N LYS C 841 40.50 -49.17 -39.95
CA LYS C 841 40.78 -47.88 -39.33
C LYS C 841 40.63 -46.79 -40.38
N ALA C 842 40.11 -45.64 -39.95
CA ALA C 842 39.74 -44.57 -40.87
C ALA C 842 40.85 -43.54 -40.96
N MET C 843 41.41 -43.37 -42.16
CA MET C 843 42.30 -42.27 -42.51
C MET C 843 43.66 -42.34 -41.82
N SER C 844 43.83 -43.29 -40.90
CA SER C 844 45.07 -43.46 -40.14
C SER C 844 45.56 -42.13 -39.58
N ILE C 845 44.69 -41.51 -38.78
CA ILE C 845 44.97 -40.19 -38.21
C ILE C 845 46.12 -40.32 -37.22
N PRO C 846 46.90 -39.25 -36.99
CA PRO C 846 48.08 -39.39 -36.12
C PRO C 846 47.74 -39.54 -34.64
N MET C 847 48.77 -39.64 -33.80
CA MET C 847 48.60 -39.71 -32.36
C MET C 847 48.93 -38.35 -31.75
N TRP C 848 48.08 -37.89 -30.83
CA TRP C 848 48.26 -36.60 -30.19
C TRP C 848 48.88 -36.70 -28.80
N VAL C 849 48.68 -37.80 -28.08
CA VAL C 849 49.10 -37.90 -26.70
C VAL C 849 49.27 -39.37 -26.35
N ASP C 850 50.26 -39.66 -25.49
CA ASP C 850 50.55 -41.02 -25.07
C ASP C 850 50.85 -41.03 -23.57
N ASN C 851 50.76 -42.21 -22.98
CA ASN C 851 51.03 -42.43 -21.56
C ASN C 851 50.08 -41.61 -20.69
N VAL C 852 48.79 -41.87 -20.83
CA VAL C 852 47.76 -41.20 -20.05
C VAL C 852 47.56 -41.98 -18.74
N GLN C 853 47.73 -41.29 -17.62
CA GLN C 853 47.54 -41.87 -16.30
C GLN C 853 46.49 -41.05 -15.56
N CYS C 854 45.34 -41.65 -15.30
CA CYS C 854 44.24 -40.93 -14.67
C CYS C 854 44.17 -41.28 -13.19
N PRO C 855 44.10 -40.28 -12.31
CA PRO C 855 43.90 -40.58 -10.88
C PRO C 855 42.43 -40.81 -10.56
N LYS C 856 42.12 -41.00 -9.28
CA LYS C 856 40.75 -41.15 -8.84
C LYS C 856 40.17 -39.79 -8.48
N GLY C 857 39.01 -39.47 -9.05
CA GLY C 857 38.40 -38.17 -8.82
C GLY C 857 38.03 -37.34 -10.05
N PRO C 858 38.89 -37.27 -11.07
CA PRO C 858 38.55 -36.41 -12.22
C PRO C 858 37.58 -37.09 -13.16
N ASP C 859 36.47 -36.42 -13.44
CA ASP C 859 35.47 -36.96 -14.35
C ASP C 859 35.91 -36.82 -15.80
N THR C 860 36.61 -35.75 -16.14
CA THR C 860 37.06 -35.50 -17.50
C THR C 860 38.52 -35.89 -17.68
N LEU C 861 38.88 -36.18 -18.94
CA LEU C 861 40.22 -36.65 -19.25
C LEU C 861 41.26 -35.53 -19.22
N TRP C 862 40.82 -34.26 -19.29
CA TRP C 862 41.77 -33.16 -19.35
C TRP C 862 42.58 -32.99 -18.07
N GLN C 863 42.13 -33.56 -16.96
CA GLN C 863 42.80 -33.40 -15.69
C GLN C 863 43.79 -34.51 -15.38
N CYS C 864 44.02 -35.42 -16.32
CA CYS C 864 44.91 -36.56 -16.06
C CYS C 864 46.29 -36.30 -16.64
N PRO C 865 47.35 -36.48 -15.85
CA PRO C 865 48.71 -36.23 -16.36
C PRO C 865 49.06 -37.19 -17.48
N SER C 866 49.97 -36.74 -18.34
CA SER C 866 50.38 -37.50 -19.51
C SER C 866 51.68 -36.92 -20.04
N SER C 867 52.16 -37.50 -21.14
CA SER C 867 53.31 -36.99 -21.86
C SER C 867 52.93 -35.72 -22.63
N PRO C 868 53.92 -34.88 -22.96
CA PRO C 868 53.59 -33.63 -23.66
C PRO C 868 52.95 -33.88 -25.02
N TRP C 869 52.12 -32.92 -25.44
CA TRP C 869 51.45 -33.03 -26.73
C TRP C 869 52.47 -33.19 -27.84
N GLU C 870 52.19 -34.11 -28.76
CA GLU C 870 53.10 -34.40 -29.86
C GLU C 870 52.30 -34.93 -31.04
N LYS C 871 52.70 -34.53 -32.25
CA LYS C 871 52.11 -35.03 -33.48
C LYS C 871 53.04 -36.08 -34.07
N ARG C 872 52.52 -37.29 -34.28
CA ARG C 872 53.36 -38.40 -34.74
C ARG C 872 52.46 -39.50 -35.29
N LEU C 873 52.84 -40.02 -36.46
CA LEU C 873 52.11 -41.15 -37.04
C LEU C 873 52.36 -42.41 -36.21
N ALA C 874 51.32 -43.21 -36.05
CA ALA C 874 51.35 -44.34 -35.13
C ALA C 874 50.97 -45.63 -35.86
N SER C 875 51.41 -46.75 -35.28
CA SER C 875 51.09 -48.07 -35.78
C SER C 875 49.64 -48.44 -35.44
N PRO C 876 49.02 -49.32 -36.22
CA PRO C 876 47.63 -49.72 -35.92
C PRO C 876 47.47 -50.39 -34.57
N SER C 877 48.53 -51.00 -34.03
CA SER C 877 48.42 -51.62 -32.71
C SER C 877 48.54 -50.61 -31.59
N GLU C 878 49.15 -49.45 -31.84
CA GLU C 878 49.36 -48.48 -30.78
C GLU C 878 48.09 -47.71 -30.44
N GLU C 879 47.23 -47.47 -31.42
CA GLU C 879 46.03 -46.68 -31.18
C GLU C 879 45.08 -47.41 -30.24
N THR C 880 44.37 -46.65 -29.41
CA THR C 880 43.53 -47.21 -28.37
C THR C 880 42.10 -47.43 -28.87
N TRP C 881 41.57 -48.61 -28.58
CA TRP C 881 40.18 -48.95 -28.85
C TRP C 881 39.50 -49.29 -27.53
N ILE C 882 38.38 -48.63 -27.26
CA ILE C 882 37.70 -48.72 -25.97
C ILE C 882 36.28 -49.20 -26.21
N THR C 883 35.81 -50.14 -25.39
CA THR C 883 34.44 -50.61 -25.41
C THR C 883 33.81 -50.35 -24.06
N CYS C 884 32.88 -49.39 -24.01
CA CYS C 884 32.15 -49.11 -22.79
C CYS C 884 31.06 -50.15 -22.59
N ASP C 885 30.64 -50.30 -21.34
CA ASP C 885 29.65 -51.31 -20.99
C ASP C 885 28.26 -50.89 -21.45
N ASN C 886 27.31 -51.80 -21.29
CA ASN C 886 25.94 -51.54 -21.70
C ASN C 886 25.25 -50.59 -20.71
N LYS C 887 24.19 -49.95 -21.18
CA LYS C 887 23.48 -48.97 -20.35
C LYS C 887 22.37 -49.61 -19.51
N ILE C 888 21.87 -50.78 -19.89
CA ILE C 888 20.80 -51.45 -19.17
C ILE C 888 21.30 -52.82 -18.73
N ARG C 889 21.19 -53.11 -17.44
CA ARG C 889 21.57 -54.41 -16.90
C ARG C 889 20.61 -54.78 -15.77
N LEU C 890 20.45 -56.09 -15.58
CA LEU C 890 19.50 -56.63 -14.63
C LEU C 890 20.22 -57.14 -13.39
N GLN C 891 19.58 -56.97 -12.24
CA GLN C 891 20.19 -57.28 -10.95
C GLN C 891 19.31 -58.22 -10.14
N GLU C 892 19.96 -58.93 -9.21
CA GLU C 892 19.29 -59.72 -8.18
C GLU C 892 18.31 -60.73 -8.79
N GLY C 893 18.83 -61.50 -9.75
CA GLY C 893 18.03 -62.50 -10.41
C GLY C 893 18.71 -63.85 -10.43
N PRO C 894 17.93 -64.92 -10.55
CA PRO C 894 18.53 -66.26 -10.63
C PRO C 894 19.44 -66.44 -11.84
N THR C 895 19.14 -65.77 -12.96
CA THR C 895 19.94 -65.84 -14.16
C THR C 895 20.32 -64.43 -14.59
N SER C 896 21.11 -64.34 -15.66
CA SER C 896 21.56 -63.05 -16.16
C SER C 896 20.55 -62.39 -17.10
N CYS C 897 19.50 -63.10 -17.51
CA CYS C 897 18.48 -62.56 -18.40
C CYS C 897 17.23 -62.11 -17.66
N SER C 898 17.25 -62.12 -16.32
CA SER C 898 16.12 -61.68 -15.53
C SER C 898 16.62 -60.90 -14.33
N GLY C 899 15.80 -59.97 -13.87
CA GLY C 899 16.13 -59.16 -12.71
C GLY C 899 15.53 -57.78 -12.83
N ARG C 900 15.92 -56.92 -11.90
CA ARG C 900 15.46 -55.55 -11.87
C ARG C 900 16.23 -54.69 -12.87
N VAL C 901 15.50 -53.87 -13.63
CA VAL C 901 16.13 -53.04 -14.65
C VAL C 901 16.95 -51.93 -13.99
N GLU C 902 18.07 -51.59 -14.61
CA GLU C 902 18.93 -50.52 -14.16
C GLU C 902 19.38 -49.71 -15.36
N ILE C 903 19.35 -48.39 -15.23
CA ILE C 903 19.73 -47.48 -16.31
C ILE C 903 20.82 -46.55 -15.80
N TRP C 904 21.89 -46.41 -16.58
CA TRP C 904 23.01 -45.56 -16.24
C TRP C 904 22.94 -44.25 -17.01
N HIS C 905 22.97 -43.14 -16.27
CA HIS C 905 23.00 -41.81 -16.88
C HIS C 905 23.51 -40.83 -15.84
N GLY C 906 24.32 -39.87 -16.28
CA GLY C 906 24.87 -38.89 -15.38
C GLY C 906 25.86 -39.43 -14.38
N GLY C 907 26.50 -40.55 -14.69
CA GLY C 907 27.47 -41.14 -13.80
C GLY C 907 26.92 -42.03 -12.70
N SER C 908 25.62 -42.27 -12.68
CA SER C 908 24.99 -43.04 -11.62
C SER C 908 24.00 -44.03 -12.21
N TRP C 909 23.73 -45.09 -11.44
CA TRP C 909 22.77 -46.11 -11.81
C TRP C 909 21.41 -45.81 -11.19
N GLY C 910 20.35 -45.97 -11.99
CA GLY C 910 19.01 -45.70 -11.53
C GLY C 910 18.06 -46.80 -11.97
N THR C 911 16.86 -46.78 -11.37
CA THR C 911 15.83 -47.77 -11.64
C THR C 911 14.70 -47.17 -12.46
N VAL C 912 13.89 -48.05 -13.02
CA VAL C 912 12.74 -47.66 -13.83
C VAL C 912 11.48 -48.06 -13.08
N CYS C 913 10.58 -47.09 -12.88
CA CYS C 913 9.37 -47.33 -12.12
C CYS C 913 8.40 -48.23 -12.89
N ASP C 914 7.40 -48.75 -12.18
CA ASP C 914 6.46 -49.71 -12.75
C ASP C 914 5.22 -49.06 -13.34
N ASP C 915 5.09 -47.73 -13.26
CA ASP C 915 3.92 -47.07 -13.82
C ASP C 915 3.85 -47.32 -15.32
N SER C 916 2.70 -47.84 -15.77
CA SER C 916 2.48 -48.18 -17.18
C SER C 916 3.49 -49.21 -17.68
N TRP C 917 3.95 -50.10 -16.80
CA TRP C 917 4.82 -51.19 -17.20
C TRP C 917 4.01 -52.37 -17.72
N ASP C 918 4.44 -52.92 -18.85
CA ASP C 918 3.73 -54.02 -19.48
C ASP C 918 4.69 -54.75 -20.41
N LEU C 919 4.14 -55.68 -21.20
CA LEU C 919 4.98 -56.53 -22.05
C LEU C 919 5.72 -55.72 -23.10
N ASP C 920 5.09 -54.69 -23.66
CA ASP C 920 5.72 -53.91 -24.72
C ASP C 920 7.00 -53.24 -24.25
N ASP C 921 6.98 -52.68 -23.03
CA ASP C 921 8.20 -52.10 -22.48
C ASP C 921 9.23 -53.18 -22.18
N ALA C 922 8.79 -54.33 -21.68
CA ALA C 922 9.71 -55.41 -21.36
C ALA C 922 10.33 -56.02 -22.63
N GLN C 923 9.63 -55.93 -23.75
CA GLN C 923 10.15 -56.51 -24.99
C GLN C 923 11.44 -55.81 -25.43
N VAL C 924 11.52 -54.49 -25.23
CA VAL C 924 12.71 -53.75 -25.60
C VAL C 924 13.88 -54.15 -24.71
N VAL C 925 13.64 -54.30 -23.40
CA VAL C 925 14.72 -54.63 -22.49
C VAL C 925 15.31 -55.99 -22.82
N CYS C 926 14.46 -56.98 -23.06
CA CYS C 926 14.95 -58.32 -23.39
C CYS C 926 15.59 -58.38 -24.76
N GLN C 927 15.37 -57.38 -25.62
CA GLN C 927 15.96 -57.38 -26.95
C GLN C 927 17.39 -56.85 -26.92
N GLN C 928 17.57 -55.61 -26.47
CA GLN C 928 18.88 -54.96 -26.52
C GLN C 928 19.87 -55.56 -25.53
N LEU C 929 19.39 -56.35 -24.57
CA LEU C 929 20.29 -57.03 -23.63
C LEU C 929 20.98 -58.24 -24.24
N GLY C 930 20.59 -58.64 -25.46
CA GLY C 930 21.12 -59.83 -26.06
C GLY C 930 20.47 -61.12 -25.61
N CYS C 931 19.42 -61.04 -24.82
CA CYS C 931 18.70 -62.22 -24.35
C CYS C 931 17.59 -62.57 -25.35
N GLY C 932 16.77 -63.56 -25.01
CA GLY C 932 15.71 -63.99 -25.88
C GLY C 932 14.51 -63.06 -25.83
N PRO C 933 13.46 -63.45 -26.56
CA PRO C 933 12.23 -62.65 -26.55
C PRO C 933 11.61 -62.59 -25.17
N ALA C 934 10.92 -61.48 -24.90
CA ALA C 934 10.32 -61.27 -23.59
C ALA C 934 9.21 -62.27 -23.33
N LEU C 935 9.14 -62.74 -22.08
CA LEU C 935 8.10 -63.67 -21.64
C LEU C 935 7.22 -63.11 -20.53
N LYS C 936 7.72 -62.21 -19.70
CA LYS C 936 6.92 -61.69 -18.59
C LYS C 936 7.53 -60.38 -18.11
N ALA C 937 6.65 -59.49 -17.64
CA ALA C 937 7.03 -58.21 -17.05
C ALA C 937 6.50 -58.15 -15.63
N PHE C 938 7.32 -57.63 -14.71
CA PHE C 938 6.99 -57.60 -13.30
C PHE C 938 6.88 -56.16 -12.80
N LYS C 939 6.06 -55.99 -11.77
CA LYS C 939 5.87 -54.71 -11.10
C LYS C 939 5.98 -54.90 -9.60
N GLU C 940 5.99 -53.79 -8.87
CA GLU C 940 6.02 -53.79 -7.41
C GLU C 940 7.26 -54.49 -6.86
N ALA C 941 8.38 -54.39 -7.57
CA ALA C 941 9.67 -54.93 -7.13
C ALA C 941 9.58 -56.44 -6.86
N GLU C 942 9.32 -57.19 -7.93
CA GLU C 942 9.27 -58.64 -7.82
C GLU C 942 10.65 -59.25 -7.64
N PHE C 943 11.72 -58.46 -7.81
CA PHE C 943 13.08 -58.95 -7.66
C PHE C 943 13.88 -58.12 -6.66
N GLY C 944 13.22 -57.45 -5.73
CA GLY C 944 13.89 -56.71 -4.69
C GLY C 944 13.88 -55.21 -4.95
N GLN C 945 14.04 -54.46 -3.87
CA GLN C 945 14.09 -53.01 -3.96
C GLN C 945 15.39 -52.56 -4.64
N GLY C 946 15.33 -51.41 -5.28
CA GLY C 946 16.40 -50.96 -6.15
C GLY C 946 17.43 -50.08 -5.46
N THR C 947 18.32 -49.53 -6.27
CA THR C 947 19.41 -48.69 -5.80
C THR C 947 19.45 -47.40 -6.62
N GLY C 948 19.96 -46.34 -6.00
CA GLY C 948 20.14 -45.08 -6.67
C GLY C 948 18.83 -44.36 -6.95
N PRO C 949 18.87 -43.39 -7.86
CA PRO C 949 17.66 -42.60 -8.17
C PRO C 949 16.71 -43.33 -9.11
N ILE C 950 15.65 -42.64 -9.53
CA ILE C 950 14.66 -43.18 -10.46
C ILE C 950 14.75 -42.34 -11.73
N TRP C 951 15.47 -42.84 -12.73
CA TRP C 951 15.71 -42.05 -13.95
C TRP C 951 14.46 -41.98 -14.81
N LEU C 952 13.77 -43.10 -15.01
CA LEU C 952 12.66 -43.18 -15.93
C LEU C 952 11.37 -43.48 -15.19
N ASN C 953 10.25 -43.25 -15.88
CA ASN C 953 8.92 -43.51 -15.35
C ASN C 953 7.92 -43.41 -16.48
N GLU C 954 6.93 -44.30 -16.46
CA GLU C 954 5.84 -44.32 -17.45
C GLU C 954 6.40 -44.47 -18.87
N VAL C 955 7.14 -45.56 -19.07
CA VAL C 955 7.70 -45.87 -20.38
C VAL C 955 6.60 -46.37 -21.29
N LYS C 956 6.53 -45.84 -22.50
CA LYS C 956 5.50 -46.21 -23.48
C LYS C 956 6.21 -46.53 -24.80
N CYS C 957 6.59 -47.79 -24.98
CA CYS C 957 7.21 -48.26 -26.21
C CYS C 957 6.13 -48.72 -27.19
N LYS C 958 6.52 -48.81 -28.47
CA LYS C 958 5.61 -49.28 -29.51
C LYS C 958 5.91 -50.71 -29.94
N GLY C 959 6.92 -51.35 -29.37
CA GLY C 959 7.11 -52.78 -29.56
C GLY C 959 8.50 -53.24 -29.96
N ASN C 960 9.18 -52.50 -30.84
CA ASN C 960 10.46 -52.96 -31.34
C ASN C 960 11.48 -51.83 -31.46
N GLU C 961 11.59 -51.00 -30.42
CA GLU C 961 12.61 -49.95 -30.42
C GLU C 961 14.00 -50.53 -30.25
N SER C 962 15.00 -49.79 -30.74
CA SER C 962 16.38 -50.21 -30.57
C SER C 962 16.79 -50.16 -29.10
N SER C 963 16.29 -49.18 -28.36
CA SER C 963 16.63 -49.02 -26.95
C SER C 963 15.49 -48.31 -26.24
N LEU C 964 15.55 -48.32 -24.91
CA LEU C 964 14.55 -47.63 -24.11
C LEU C 964 14.58 -46.12 -24.31
N TRP C 965 15.66 -45.58 -24.86
CA TRP C 965 15.77 -44.14 -25.06
C TRP C 965 14.77 -43.63 -26.07
N ASP C 966 14.43 -44.44 -27.08
CA ASP C 966 13.48 -44.01 -28.09
C ASP C 966 12.07 -43.92 -27.53
N CYS C 967 11.72 -44.79 -26.58
CA CYS C 967 10.38 -44.76 -26.00
C CYS C 967 10.19 -43.50 -25.16
N PRO C 968 9.14 -42.71 -25.41
CA PRO C 968 8.93 -41.51 -24.62
C PRO C 968 8.65 -41.83 -23.16
N ALA C 969 9.20 -41.01 -22.27
CA ALA C 969 9.01 -41.14 -20.83
C ALA C 969 9.57 -39.88 -20.18
N ARG C 970 9.47 -39.82 -18.85
CA ARG C 970 10.07 -38.73 -18.08
C ARG C 970 11.56 -38.96 -17.98
N ARG C 971 12.24 -38.74 -19.11
CA ARG C 971 13.65 -39.09 -19.23
C ARG C 971 14.51 -38.19 -18.38
N TRP C 972 15.39 -38.80 -17.58
CA TRP C 972 16.29 -38.09 -16.68
C TRP C 972 15.54 -37.10 -15.80
N GLY C 973 14.39 -37.52 -15.31
CA GLY C 973 13.55 -36.65 -14.52
C GLY C 973 13.15 -37.30 -13.20
N HIS C 974 13.09 -36.46 -12.17
CA HIS C 974 12.60 -36.92 -10.87
C HIS C 974 11.14 -37.35 -10.99
N SER C 975 10.81 -38.45 -10.33
CA SER C 975 9.47 -39.02 -10.41
C SER C 975 8.86 -39.12 -9.01
N GLU C 976 7.56 -38.82 -8.92
CA GLU C 976 6.83 -39.01 -7.67
C GLU C 976 6.77 -40.48 -7.27
N CYS C 977 7.00 -41.38 -8.21
CA CYS C 977 7.00 -42.81 -7.89
C CYS C 977 8.13 -43.15 -6.93
N GLY C 978 7.82 -44.02 -5.96
CA GLY C 978 8.80 -44.39 -4.96
C GLY C 978 9.71 -45.51 -5.41
N HIS C 979 10.73 -45.78 -4.58
CA HIS C 979 11.69 -46.83 -4.90
C HIS C 979 11.05 -48.21 -4.82
N LYS C 980 10.01 -48.37 -4.01
CA LYS C 980 9.33 -49.66 -3.88
C LYS C 980 8.53 -50.03 -5.12
N GLU C 981 8.35 -49.11 -6.06
CA GLU C 981 7.58 -49.37 -7.27
C GLU C 981 8.47 -49.56 -8.49
N ASP C 982 9.74 -49.92 -8.30
CA ASP C 982 10.62 -50.15 -9.42
C ASP C 982 10.34 -51.50 -10.07
N ALA C 983 10.65 -51.60 -11.36
CA ALA C 983 10.21 -52.71 -12.19
C ALA C 983 11.31 -53.75 -12.40
N ALA C 984 10.88 -54.95 -12.75
CA ALA C 984 11.77 -56.06 -13.07
C ALA C 984 11.18 -56.83 -14.25
N VAL C 985 12.04 -57.57 -14.96
CA VAL C 985 11.63 -58.30 -16.15
C VAL C 985 12.19 -59.71 -16.10
N ASN C 986 11.55 -60.60 -16.86
CA ASN C 986 12.02 -61.97 -17.06
C ASN C 986 12.01 -62.25 -18.56
N CYS C 987 13.12 -62.75 -19.07
CA CYS C 987 13.29 -62.94 -20.50
C CYS C 987 13.80 -64.35 -20.79
N THR C 988 13.79 -64.71 -22.07
CA THR C 988 14.26 -66.01 -22.50
C THR C 988 15.78 -66.09 -22.43
N ASP C 989 16.30 -67.29 -22.23
CA ASP C 989 17.74 -67.52 -22.22
C ASP C 989 18.26 -67.60 -23.65
N VAL D 2 -11.90 26.69 31.23
CA VAL D 2 -12.78 27.80 31.55
C VAL D 2 -13.97 27.81 30.60
N LEU D 3 -14.70 26.70 30.55
CA LEU D 3 -15.84 26.57 29.66
C LEU D 3 -17.01 27.37 30.21
N SER D 4 -17.40 28.43 29.51
CA SER D 4 -18.57 29.20 29.87
C SER D 4 -19.83 28.40 29.53
N PRO D 5 -20.98 28.76 30.13
CA PRO D 5 -22.21 28.03 29.81
C PRO D 5 -22.55 28.03 28.33
N ALA D 6 -22.23 29.11 27.61
CA ALA D 6 -22.42 29.12 26.17
C ALA D 6 -21.42 28.23 25.48
N ASP D 7 -20.26 28.00 26.10
CA ASP D 7 -19.23 27.15 25.51
C ASP D 7 -19.60 25.68 25.64
N LYS D 8 -20.22 25.30 26.75
CA LYS D 8 -20.60 23.90 26.94
C LYS D 8 -21.77 23.52 26.05
N THR D 9 -22.64 24.48 25.72
CA THR D 9 -23.78 24.19 24.85
C THR D 9 -23.29 23.78 23.47
N ASN D 10 -22.28 24.47 22.94
CA ASN D 10 -21.71 24.10 21.65
C ASN D 10 -21.05 22.73 21.72
N VAL D 11 -20.37 22.43 22.84
CA VAL D 11 -19.68 21.15 22.98
C VAL D 11 -20.66 19.99 22.94
N LYS D 12 -21.75 20.09 23.70
CA LYS D 12 -22.76 19.03 23.70
C LYS D 12 -23.42 18.90 22.34
N ALA D 13 -23.74 20.03 21.70
CA ALA D 13 -24.38 19.98 20.39
C ALA D 13 -23.43 19.43 19.32
N ALA D 14 -22.18 19.89 19.32
CA ALA D 14 -21.23 19.40 18.33
C ALA D 14 -20.94 17.92 18.50
N TRP D 15 -20.76 17.47 19.74
CA TRP D 15 -20.52 16.05 19.99
C TRP D 15 -21.76 15.23 19.64
N GLY D 16 -22.94 15.80 19.83
CA GLY D 16 -24.15 15.09 19.43
C GLY D 16 -24.23 14.87 17.93
N LYS D 17 -23.79 15.86 17.14
CA LYS D 17 -23.79 15.71 15.70
C LYS D 17 -22.78 14.67 15.22
N VAL D 18 -21.77 14.38 16.05
CA VAL D 18 -20.82 13.32 15.72
C VAL D 18 -21.53 11.98 15.66
N GLY D 19 -22.38 11.70 16.65
CA GLY D 19 -23.23 10.53 16.59
C GLY D 19 -22.44 9.25 16.80
N ALA D 20 -22.86 8.19 16.10
CA ALA D 20 -22.27 6.87 16.30
C ALA D 20 -20.88 6.78 15.71
N HIS D 21 -20.50 7.71 14.83
CA HIS D 21 -19.16 7.70 14.24
C HIS D 21 -18.07 8.13 15.21
N ALA D 22 -18.36 8.33 16.50
CA ALA D 22 -17.34 8.76 17.43
C ALA D 22 -16.23 7.72 17.57
N GLY D 23 -16.59 6.45 17.64
CA GLY D 23 -15.58 5.40 17.81
C GLY D 23 -14.61 5.35 16.65
N GLU D 24 -15.12 5.50 15.41
CA GLU D 24 -14.24 5.52 14.26
C GLU D 24 -13.38 6.78 14.23
N TYR D 25 -13.95 7.92 14.65
CA TYR D 25 -13.18 9.15 14.70
C TYR D 25 -12.02 9.05 15.69
N GLY D 26 -12.27 8.45 16.85
CA GLY D 26 -11.19 8.23 17.80
C GLY D 26 -10.11 7.31 17.27
N ALA D 27 -10.52 6.26 16.55
CA ALA D 27 -9.56 5.33 15.98
C ALA D 27 -8.71 6.00 14.90
N GLU D 28 -9.35 6.81 14.04
CA GLU D 28 -8.59 7.50 13.00
C GLU D 28 -7.60 8.48 13.60
N ALA D 29 -8.00 9.20 14.65
CA ALA D 29 -7.08 10.14 15.30
C ALA D 29 -5.89 9.41 15.91
N LEU D 30 -6.13 8.25 16.53
CA LEU D 30 -5.03 7.47 17.08
C LEU D 30 -4.05 7.05 16.01
N GLU D 31 -4.56 6.55 14.88
CA GLU D 31 -3.69 6.16 13.77
C GLU D 31 -3.01 7.38 13.15
N ARG D 32 -3.75 8.49 13.04
CA ARG D 32 -3.20 9.69 12.45
C ARG D 32 -2.01 10.21 13.26
N MET D 33 -2.12 10.17 14.58
CA MET D 33 -1.04 10.68 15.43
C MET D 33 0.17 9.75 15.40
N PHE D 34 -0.06 8.44 15.24
CA PHE D 34 1.03 7.47 15.31
C PHE D 34 2.04 7.71 14.20
N LEU D 35 1.56 7.80 12.96
CA LEU D 35 2.47 7.99 11.82
C LEU D 35 2.98 9.41 11.72
N SER D 36 2.20 10.40 12.18
CA SER D 36 2.63 11.79 12.12
C SER D 36 3.68 12.11 13.17
N PHE D 37 3.58 11.49 14.35
CA PHE D 37 4.53 11.67 15.45
C PHE D 37 5.07 10.31 15.84
N PRO D 38 6.13 9.83 15.18
CA PRO D 38 6.60 8.46 15.43
C PRO D 38 7.03 8.19 16.86
N THR D 39 7.47 9.22 17.59
CA THR D 39 7.92 8.99 18.97
C THR D 39 6.78 8.53 19.87
N THR D 40 5.53 8.75 19.46
CA THR D 40 4.39 8.36 20.28
C THR D 40 4.26 6.84 20.38
N LYS D 41 4.72 6.11 19.37
CA LYS D 41 4.59 4.66 19.37
C LYS D 41 5.34 3.99 20.52
N THR D 42 6.34 4.67 21.10
CA THR D 42 7.10 4.07 22.19
C THR D 42 6.24 3.82 23.43
N TYR D 43 5.10 4.52 23.56
CA TYR D 43 4.24 4.31 24.71
C TYR D 43 3.33 3.10 24.54
N PHE D 44 3.22 2.56 23.33
CA PHE D 44 2.45 1.35 23.08
C PHE D 44 3.41 0.21 22.76
N PRO D 45 3.85 -0.55 23.76
CA PRO D 45 4.91 -1.54 23.48
C PRO D 45 4.44 -2.74 22.68
N HIS D 46 3.27 -3.30 23.00
CA HIS D 46 2.82 -4.55 22.40
C HIS D 46 1.75 -4.37 21.33
N PHE D 47 1.17 -3.18 21.22
CA PHE D 47 0.09 -2.97 20.26
C PHE D 47 0.62 -3.03 18.83
N ASP D 48 -0.18 -3.64 17.95
CA ASP D 48 0.16 -3.68 16.53
C ASP D 48 -0.17 -2.33 15.89
N LEU D 49 0.85 -1.67 15.37
CA LEU D 49 0.72 -0.31 14.85
C LEU D 49 0.43 -0.26 13.35
N SER D 50 0.15 -1.41 12.73
CA SER D 50 -0.17 -1.44 11.31
C SER D 50 -1.48 -0.71 11.05
N HIS D 51 -1.57 -0.11 9.87
CA HIS D 51 -2.77 0.63 9.50
C HIS D 51 -3.99 -0.29 9.43
N GLY D 52 -5.09 0.16 10.00
CA GLY D 52 -6.31 -0.63 10.01
C GLY D 52 -6.32 -1.77 11.00
N SER D 53 -5.41 -1.77 11.97
CA SER D 53 -5.34 -2.84 12.94
C SER D 53 -6.59 -2.86 13.82
N ALA D 54 -6.98 -4.07 14.24
CA ALA D 54 -8.16 -4.22 15.09
C ALA D 54 -7.94 -3.57 16.45
N GLN D 55 -6.73 -3.70 17.02
CA GLN D 55 -6.45 -3.11 18.32
C GLN D 55 -6.55 -1.59 18.26
N VAL D 56 -6.03 -0.98 17.19
CA VAL D 56 -6.16 0.46 17.02
C VAL D 56 -7.64 0.85 16.91
N LYS D 57 -8.40 0.09 16.13
CA LYS D 57 -9.85 0.32 16.05
C LYS D 57 -10.50 0.09 17.42
N GLY D 58 -10.06 -0.95 18.13
CA GLY D 58 -10.59 -1.19 19.46
C GLY D 58 -10.22 -0.11 20.45
N HIS D 59 -8.98 0.39 20.38
CA HIS D 59 -8.56 1.45 21.28
C HIS D 59 -9.30 2.75 20.98
N GLY D 60 -9.51 3.06 19.70
CA GLY D 60 -10.23 4.26 19.34
C GLY D 60 -11.66 4.26 19.86
N LYS D 61 -12.29 3.09 19.90
CA LYS D 61 -13.65 3.00 20.41
C LYS D 61 -13.71 3.31 21.90
N LYS D 62 -12.74 2.81 22.67
CA LYS D 62 -12.73 3.07 24.11
C LYS D 62 -12.36 4.51 24.41
N VAL D 63 -11.47 5.11 23.60
CA VAL D 63 -11.11 6.51 23.79
C VAL D 63 -12.31 7.40 23.52
N ALA D 64 -13.03 7.16 22.42
CA ALA D 64 -14.23 7.94 22.12
C ALA D 64 -15.34 7.66 23.13
N ASP D 65 -15.37 6.45 23.68
CA ASP D 65 -16.36 6.14 24.71
C ASP D 65 -16.10 7.00 25.95
N ALA D 66 -14.83 7.14 26.34
CA ALA D 66 -14.50 7.95 27.50
C ALA D 66 -14.84 9.42 27.28
N LEU D 67 -14.55 9.94 26.09
CA LEU D 67 -14.86 11.34 25.80
C LEU D 67 -16.36 11.59 25.79
N THR D 68 -17.13 10.66 25.20
CA THR D 68 -18.58 10.81 25.19
C THR D 68 -19.15 10.76 26.60
N ASN D 69 -18.54 9.98 27.48
CA ASN D 69 -18.94 9.99 28.88
C ASN D 69 -18.62 11.32 29.54
N ALA D 70 -17.48 11.92 29.18
CA ALA D 70 -17.09 13.19 29.77
C ALA D 70 -18.05 14.31 29.39
N VAL D 71 -18.55 14.28 28.15
CA VAL D 71 -19.49 15.32 27.72
C VAL D 71 -20.77 15.27 28.54
N ALA D 72 -21.28 14.05 28.78
CA ALA D 72 -22.48 13.91 29.60
C ALA D 72 -22.23 14.34 31.04
N HIS D 73 -20.97 14.33 31.48
CA HIS D 73 -20.57 14.76 32.81
C HIS D 73 -19.67 15.99 32.73
N VAL D 74 -20.05 16.96 31.89
CA VAL D 74 -19.19 18.11 31.63
C VAL D 74 -19.00 18.94 32.88
N ASP D 75 -20.03 19.04 33.72
CA ASP D 75 -19.92 19.83 34.94
C ASP D 75 -18.92 19.22 35.91
N ASP D 76 -18.86 17.89 35.98
CA ASP D 76 -17.95 17.18 36.89
C ASP D 76 -17.12 16.22 36.03
N MET D 77 -16.00 16.72 35.52
CA MET D 77 -15.07 15.94 34.72
C MET D 77 -14.09 15.10 35.56
N PRO D 78 -13.47 15.63 36.62
CA PRO D 78 -12.45 14.84 37.32
C PRO D 78 -12.95 13.52 37.88
N ASN D 79 -14.20 13.46 38.34
CA ASN D 79 -14.73 12.19 38.84
C ASN D 79 -15.03 11.23 37.70
N ALA D 80 -15.58 11.73 36.59
CA ALA D 80 -15.88 10.87 35.46
C ALA D 80 -14.61 10.34 34.81
N LEU D 81 -13.48 11.03 34.97
CA LEU D 81 -12.21 10.59 34.43
C LEU D 81 -11.21 10.24 35.53
N SER D 82 -11.71 9.83 36.70
CA SER D 82 -10.82 9.57 37.84
C SER D 82 -9.96 8.34 37.58
N ALA D 83 -10.56 7.25 37.12
CA ALA D 83 -9.82 6.02 36.88
C ALA D 83 -8.79 6.21 35.78
N LEU D 84 -9.16 6.90 34.70
CA LEU D 84 -8.25 7.09 33.58
C LEU D 84 -7.09 8.00 33.94
N SER D 85 -7.34 8.99 34.81
CA SER D 85 -6.27 9.89 35.22
C SER D 85 -5.18 9.15 35.98
N ASP D 86 -5.56 8.22 36.86
CA ASP D 86 -4.57 7.46 37.60
C ASP D 86 -3.79 6.52 36.69
N LEU D 87 -4.47 5.85 35.77
CA LEU D 87 -3.80 4.90 34.88
C LEU D 87 -2.84 5.62 33.94
N HIS D 88 -3.24 6.78 33.41
CA HIS D 88 -2.43 7.47 32.42
C HIS D 88 -1.23 8.19 33.04
N ALA D 89 -1.28 8.48 34.34
CA ALA D 89 -0.22 9.25 34.99
C ALA D 89 0.60 8.43 35.97
N HIS D 90 -0.04 7.54 36.73
CA HIS D 90 0.65 6.78 37.76
C HIS D 90 1.21 5.46 37.25
N LYS D 91 0.59 4.85 36.25
CA LYS D 91 1.03 3.56 35.73
C LYS D 91 1.96 3.70 34.53
N LEU D 92 1.47 4.32 33.46
CA LEU D 92 2.23 4.40 32.22
C LEU D 92 3.16 5.60 32.16
N ARG D 93 2.96 6.60 33.03
CA ARG D 93 3.79 7.80 33.07
C ARG D 93 3.87 8.46 31.69
N VAL D 94 2.71 8.61 31.05
CA VAL D 94 2.66 9.23 29.73
C VAL D 94 2.98 10.72 29.86
N ASP D 95 3.93 11.18 29.06
CA ASP D 95 4.32 12.58 29.13
C ASP D 95 3.17 13.48 28.70
N PRO D 96 2.97 14.62 29.37
CA PRO D 96 1.86 15.51 28.99
C PRO D 96 1.98 16.07 27.59
N VAL D 97 3.18 16.08 27.00
CA VAL D 97 3.35 16.65 25.67
C VAL D 97 2.60 15.83 24.62
N ASN D 98 2.43 14.52 24.86
CA ASN D 98 1.74 13.68 23.89
C ASN D 98 0.25 13.97 23.83
N PHE D 99 -0.33 14.47 24.92
CA PHE D 99 -1.77 14.73 24.94
C PHE D 99 -2.14 15.84 23.98
N LYS D 100 -1.32 16.90 23.89
CA LYS D 100 -1.62 17.97 22.94
C LYS D 100 -1.48 17.50 21.50
N LEU D 101 -0.71 16.43 21.28
CA LEU D 101 -0.63 15.85 19.94
C LEU D 101 -1.91 15.11 19.58
N LEU D 102 -2.43 14.32 20.51
CA LEU D 102 -3.67 13.59 20.26
C LEU D 102 -4.85 14.53 20.08
N SER D 103 -4.92 15.59 20.90
CA SER D 103 -6.03 16.53 20.81
C SER D 103 -6.03 17.24 19.46
N HIS D 104 -4.85 17.64 18.97
CA HIS D 104 -4.76 18.27 17.66
C HIS D 104 -5.18 17.32 16.55
N CYS D 105 -4.73 16.06 16.62
CA CYS D 105 -5.10 15.08 15.60
C CYS D 105 -6.59 14.79 15.63
N LEU D 106 -7.18 14.71 16.82
CA LEU D 106 -8.61 14.48 16.93
C LEU D 106 -9.40 15.62 16.33
N LEU D 107 -8.96 16.86 16.56
CA LEU D 107 -9.65 18.01 15.99
C LEU D 107 -9.55 18.02 14.47
N VAL D 108 -8.39 17.62 13.94
CA VAL D 108 -8.22 17.56 12.49
C VAL D 108 -9.16 16.51 11.90
N THR D 109 -9.30 15.37 12.56
CA THR D 109 -10.20 14.33 12.08
C THR D 109 -11.65 14.83 12.06
N LEU D 110 -12.06 15.52 13.13
CA LEU D 110 -13.41 16.08 13.17
C LEU D 110 -13.59 17.16 12.11
N ALA D 111 -12.58 18.00 11.91
CA ALA D 111 -12.69 19.07 10.93
C ALA D 111 -12.76 18.54 9.51
N ALA D 112 -11.95 17.52 9.20
CA ALA D 112 -11.93 16.99 7.84
C ALA D 112 -13.21 16.22 7.52
N HIS D 113 -13.65 15.36 8.43
CA HIS D 113 -14.83 14.54 8.17
C HIS D 113 -16.13 15.33 8.32
N LEU D 114 -16.16 16.35 9.17
CA LEU D 114 -17.36 17.14 9.43
C LEU D 114 -17.03 18.61 9.28
N PRO D 115 -16.87 19.09 8.04
CA PRO D 115 -16.44 20.48 7.84
C PRO D 115 -17.57 21.50 7.96
N ALA D 116 -18.81 21.08 7.63
CA ALA D 116 -19.92 22.03 7.60
C ALA D 116 -20.23 22.58 8.99
N GLU D 117 -20.21 21.72 10.00
CA GLU D 117 -20.60 22.14 11.34
C GLU D 117 -19.48 22.84 12.11
N PHE D 118 -18.24 22.78 11.61
CA PHE D 118 -17.11 23.38 12.30
C PHE D 118 -16.99 24.87 11.95
N THR D 119 -17.96 25.64 12.47
CA THR D 119 -17.85 27.08 12.48
C THR D 119 -16.76 27.50 13.47
N PRO D 120 -16.15 28.68 13.27
CA PRO D 120 -15.10 29.11 14.20
C PRO D 120 -15.54 29.15 15.66
N ALA D 121 -16.81 29.46 15.93
CA ALA D 121 -17.31 29.41 17.30
C ALA D 121 -17.24 28.00 17.87
N VAL D 122 -17.64 27.00 17.08
CA VAL D 122 -17.59 25.61 17.53
C VAL D 122 -16.13 25.16 17.69
N HIS D 123 -15.25 25.61 16.79
CA HIS D 123 -13.86 25.19 16.84
C HIS D 123 -13.21 25.58 18.16
N ALA D 124 -13.45 26.82 18.62
CA ALA D 124 -12.90 27.25 19.90
C ALA D 124 -13.52 26.45 21.05
N SER D 125 -14.83 26.24 21.01
CA SER D 125 -15.51 25.53 22.10
C SER D 125 -15.03 24.08 22.19
N LEU D 126 -14.89 23.40 21.04
CA LEU D 126 -14.43 22.02 21.06
C LEU D 126 -12.96 21.94 21.43
N ASP D 127 -12.18 22.97 21.10
CA ASP D 127 -10.77 23.00 21.50
C ASP D 127 -10.64 23.14 23.00
N LYS D 128 -11.44 24.02 23.61
CA LYS D 128 -11.36 24.22 25.05
C LYS D 128 -11.81 22.96 25.80
N PHE D 129 -12.76 22.21 25.22
CA PHE D 129 -13.19 20.98 25.86
C PHE D 129 -12.07 19.94 25.88
N LEU D 130 -11.35 19.80 24.78
CA LEU D 130 -10.28 18.82 24.71
C LEU D 130 -9.09 19.23 25.58
N ALA D 131 -8.85 20.54 25.70
CA ALA D 131 -7.81 21.01 26.61
C ALA D 131 -8.17 20.70 28.06
N SER D 132 -9.45 20.77 28.39
CA SER D 132 -9.88 20.44 29.76
C SER D 132 -9.64 18.96 30.06
N VAL D 133 -9.85 18.09 29.07
CA VAL D 133 -9.67 16.66 29.30
C VAL D 133 -8.19 16.34 29.52
N SER D 134 -7.31 16.93 28.70
CA SER D 134 -5.89 16.62 28.81
C SER D 134 -5.32 17.08 30.15
N THR D 135 -5.73 18.25 30.64
CA THR D 135 -5.25 18.74 31.92
C THR D 135 -5.67 17.82 33.06
N VAL D 136 -6.90 17.33 33.01
CA VAL D 136 -7.39 16.44 34.07
C VAL D 136 -6.58 15.15 34.11
N LEU D 137 -6.28 14.58 32.94
CA LEU D 137 -5.56 13.31 32.88
C LEU D 137 -4.11 13.47 33.34
N THR D 138 -3.49 14.61 33.06
CA THR D 138 -2.08 14.82 33.34
C THR D 138 -1.83 15.59 34.63
N SER D 139 -2.87 15.89 35.40
CA SER D 139 -2.71 16.78 36.55
C SER D 139 -1.90 16.16 37.69
N LYS D 140 -1.68 14.85 37.67
CA LYS D 140 -0.90 14.18 38.71
C LYS D 140 0.39 13.57 38.17
N TYR D 141 0.83 13.98 36.99
CA TYR D 141 2.09 13.48 36.45
C TYR D 141 3.27 13.93 37.30
N ARG D 142 4.21 13.03 37.51
CA ARG D 142 5.44 13.34 38.24
C ARG D 142 6.54 12.33 37.94
N VAL E 2 16.43 16.08 0.76
CA VAL E 2 17.07 15.96 2.06
C VAL E 2 16.03 15.73 3.15
N HIS E 3 15.18 16.73 3.37
CA HIS E 3 14.19 16.62 4.44
C HIS E 3 13.04 15.69 4.05
N LEU E 4 12.59 15.76 2.80
CA LEU E 4 11.39 15.05 2.38
C LEU E 4 11.69 14.15 1.19
N THR E 5 10.96 13.02 1.15
CA THR E 5 11.06 12.11 0.02
C THR E 5 10.40 12.74 -1.21
N PRO E 6 10.83 12.35 -2.42
CA PRO E 6 10.23 12.96 -3.62
C PRO E 6 8.73 12.72 -3.75
N GLU E 7 8.23 11.55 -3.33
CA GLU E 7 6.79 11.33 -3.36
C GLU E 7 6.07 12.25 -2.39
N GLU E 8 6.66 12.48 -1.21
CA GLU E 8 6.07 13.42 -0.26
C GLU E 8 6.04 14.84 -0.81
N LYS E 9 7.11 15.24 -1.51
CA LYS E 9 7.19 16.59 -2.04
C LYS E 9 6.12 16.83 -3.11
N SER E 10 5.83 15.80 -3.92
CA SER E 10 4.87 15.97 -5.00
C SER E 10 3.47 16.28 -4.46
N ALA E 11 3.04 15.56 -3.43
CA ALA E 11 1.71 15.78 -2.87
C ALA E 11 1.59 17.16 -2.24
N VAL E 12 2.63 17.58 -1.51
CA VAL E 12 2.60 18.89 -0.84
C VAL E 12 2.49 20.01 -1.88
N THR E 13 3.29 19.93 -2.94
CA THR E 13 3.23 20.94 -3.99
C THR E 13 1.90 20.87 -4.74
N ALA E 14 1.34 19.66 -4.86
CA ALA E 14 0.08 19.50 -5.59
C ALA E 14 -1.07 20.20 -4.89
N LEU E 15 -1.25 19.95 -3.59
CA LEU E 15 -2.37 20.53 -2.86
C LEU E 15 -2.26 22.06 -2.81
N TRP E 16 -1.03 22.59 -2.77
CA TRP E 16 -0.85 24.02 -2.67
C TRP E 16 -1.32 24.75 -3.93
N GLY E 17 -1.55 24.00 -5.01
CA GLY E 17 -2.14 24.59 -6.19
C GLY E 17 -3.64 24.85 -6.04
N LYS E 18 -4.34 23.96 -5.34
CA LYS E 18 -5.79 24.08 -5.23
C LYS E 18 -6.21 25.21 -4.31
N VAL E 19 -5.31 25.64 -3.43
CA VAL E 19 -5.67 26.57 -2.35
C VAL E 19 -6.16 27.90 -2.91
N ASN E 20 -7.04 28.55 -2.15
CA ASN E 20 -7.49 29.91 -2.44
C ASN E 20 -6.73 30.83 -1.49
N VAL E 21 -5.66 31.45 -2.00
CA VAL E 21 -4.76 32.23 -1.16
C VAL E 21 -5.49 33.39 -0.50
N ASP E 22 -6.49 33.95 -1.20
CA ASP E 22 -7.21 35.10 -0.67
C ASP E 22 -7.95 34.77 0.62
N GLU E 23 -8.58 33.61 0.69
CA GLU E 23 -9.44 33.27 1.82
C GLU E 23 -8.80 32.36 2.84
N VAL E 24 -7.86 31.50 2.44
CA VAL E 24 -7.23 30.59 3.39
C VAL E 24 -6.41 31.38 4.40
N GLY E 25 -5.69 32.40 3.95
CA GLY E 25 -4.87 33.19 4.88
C GLY E 25 -5.71 33.90 5.92
N GLY E 26 -6.84 34.48 5.50
CA GLY E 26 -7.73 35.11 6.46
C GLY E 26 -8.37 34.10 7.41
N GLU E 27 -8.61 32.89 6.92
CA GLU E 27 -9.23 31.86 7.75
C GLU E 27 -8.31 31.44 8.89
N ALA E 28 -7.05 31.13 8.58
CA ALA E 28 -6.13 30.65 9.61
C ALA E 28 -5.82 31.74 10.62
N LEU E 29 -5.57 32.97 10.16
CA LEU E 29 -5.28 34.06 11.08
C LEU E 29 -6.48 34.37 11.97
N GLY E 30 -7.69 34.32 11.41
CA GLY E 30 -8.88 34.56 12.20
C GLY E 30 -9.10 33.49 13.26
N ARG E 31 -8.75 32.24 12.95
CA ARG E 31 -8.93 31.16 13.91
C ARG E 31 -7.94 31.28 15.06
N LEU E 32 -6.69 31.60 14.76
CA LEU E 32 -5.68 31.73 15.81
C LEU E 32 -6.02 32.87 16.76
N LEU E 33 -6.60 33.95 16.24
CA LEU E 33 -6.91 35.11 17.07
C LEU E 33 -8.14 34.89 17.94
N VAL E 34 -8.85 33.77 17.78
CA VAL E 34 -10.06 33.52 18.55
C VAL E 34 -9.90 32.26 19.39
N VAL E 35 -9.03 31.35 18.95
CA VAL E 35 -8.75 30.15 19.73
C VAL E 35 -7.72 30.44 20.82
N TYR E 36 -6.62 31.10 20.46
CA TYR E 36 -5.59 31.51 21.40
C TYR E 36 -5.65 33.04 21.51
N PRO E 37 -6.47 33.59 22.39
CA PRO E 37 -6.69 35.04 22.39
C PRO E 37 -5.64 35.82 23.17
N TRP E 38 -4.36 35.48 23.00
CA TRP E 38 -3.28 36.35 23.45
C TRP E 38 -2.50 36.95 22.29
N THR E 39 -2.83 36.58 21.04
CA THR E 39 -2.21 37.18 19.88
C THR E 39 -2.92 38.45 19.41
N GLN E 40 -4.06 38.78 20.01
CA GLN E 40 -4.71 40.05 19.71
C GLN E 40 -3.88 41.24 20.14
N ARG E 41 -2.93 41.03 21.05
CA ARG E 41 -2.06 42.11 21.50
C ARG E 41 -1.16 42.61 20.37
N PHE E 42 -0.65 41.68 19.55
CA PHE E 42 0.25 42.07 18.47
C PHE E 42 -0.48 42.72 17.31
N PHE E 43 -1.76 42.41 17.13
CA PHE E 43 -2.55 42.91 16.00
C PHE E 43 -3.51 44.03 16.42
N GLU E 44 -3.10 44.90 17.34
CA GLU E 44 -3.94 46.02 17.74
C GLU E 44 -4.08 47.05 16.64
N SER E 45 -3.17 47.07 15.66
CA SER E 45 -3.27 47.99 14.55
C SER E 45 -4.41 47.65 13.58
N PHE E 46 -5.04 46.49 13.75
CA PHE E 46 -6.05 46.02 12.82
C PHE E 46 -7.47 46.35 13.24
N GLY E 47 -7.65 47.12 14.31
CA GLY E 47 -8.97 47.57 14.72
C GLY E 47 -9.65 46.68 15.73
N ASP E 48 -10.96 46.49 15.58
CA ASP E 48 -11.74 45.72 16.53
C ASP E 48 -11.51 44.23 16.33
N LEU E 49 -11.23 43.53 17.43
CA LEU E 49 -11.01 42.08 17.39
C LEU E 49 -11.68 41.37 18.56
N SER E 50 -12.65 42.00 19.22
CA SER E 50 -13.23 41.43 20.43
C SER E 50 -14.04 40.18 20.14
N THR E 51 -14.89 40.22 19.11
CA THR E 51 -15.81 39.13 18.84
C THR E 51 -15.36 38.31 17.64
N PRO E 52 -15.67 37.00 17.62
CA PRO E 52 -15.19 36.15 16.52
C PRO E 52 -15.60 36.61 15.14
N ASP E 53 -16.83 37.12 14.98
CA ASP E 53 -17.26 37.57 13.66
C ASP E 53 -16.48 38.79 13.22
N ALA E 54 -16.15 39.69 14.15
CA ALA E 54 -15.31 40.84 13.82
C ALA E 54 -13.91 40.39 13.42
N VAL E 55 -13.38 39.37 14.09
CA VAL E 55 -12.07 38.84 13.74
C VAL E 55 -12.08 38.28 12.33
N MET E 56 -13.11 37.50 12.00
CA MET E 56 -13.22 36.96 10.64
C MET E 56 -13.48 38.05 9.62
N GLY E 57 -14.37 38.98 9.94
CA GLY E 57 -14.77 40.03 9.02
C GLY E 57 -13.85 41.23 8.94
N ASN E 58 -12.79 41.28 9.72
CA ASN E 58 -11.87 42.41 9.69
C ASN E 58 -11.05 42.35 8.41
N PRO E 59 -11.05 43.40 7.58
CA PRO E 59 -10.24 43.37 6.35
C PRO E 59 -8.74 43.25 6.60
N LYS E 60 -8.25 43.82 7.71
CA LYS E 60 -6.80 43.88 7.90
C LYS E 60 -6.20 42.50 8.14
N VAL E 61 -6.85 41.66 8.94
CA VAL E 61 -6.32 40.33 9.19
C VAL E 61 -6.37 39.49 7.92
N LYS E 62 -7.41 39.67 7.12
CA LYS E 62 -7.49 38.97 5.83
C LYS E 62 -6.33 39.36 4.93
N ALA E 63 -6.04 40.66 4.85
CA ALA E 63 -4.88 41.11 4.07
C ALA E 63 -3.59 40.58 4.65
N HIS E 64 -3.46 40.59 5.98
CA HIS E 64 -2.28 40.02 6.62
C HIS E 64 -2.21 38.52 6.38
N GLY E 65 -3.36 37.87 6.19
CA GLY E 65 -3.35 36.45 5.86
C GLY E 65 -2.72 36.17 4.51
N LYS E 66 -2.92 37.09 3.56
CA LYS E 66 -2.27 36.95 2.26
C LYS E 66 -0.75 37.01 2.39
N LYS E 67 -0.26 37.93 3.23
CA LYS E 67 1.18 38.03 3.46
C LYS E 67 1.73 36.77 4.12
N VAL E 68 1.00 36.24 5.11
CA VAL E 68 1.46 35.03 5.79
C VAL E 68 1.47 33.84 4.84
N LEU E 69 0.41 33.68 4.05
CA LEU E 69 0.33 32.54 3.14
C LEU E 69 1.42 32.61 2.07
N GLY E 70 1.62 33.79 1.49
CA GLY E 70 2.64 33.93 0.45
C GLY E 70 4.04 33.63 0.96
N ALA E 71 4.35 34.07 2.18
CA ALA E 71 5.65 33.75 2.77
C ALA E 71 5.80 32.24 2.97
N PHE E 72 4.71 31.56 3.33
CA PHE E 72 4.75 30.10 3.44
C PHE E 72 5.05 29.47 2.09
N SER E 73 4.41 29.97 1.02
CA SER E 73 4.71 29.47 -0.31
C SER E 73 6.14 29.78 -0.73
N ASP E 74 6.63 30.97 -0.38
CA ASP E 74 8.01 31.33 -0.68
C ASP E 74 8.98 30.42 0.06
N GLY E 75 8.67 30.06 1.30
CA GLY E 75 9.50 29.13 2.04
C GLY E 75 9.55 27.75 1.38
N LEU E 76 8.43 27.34 0.78
CA LEU E 76 8.37 26.04 0.13
C LEU E 76 9.21 25.96 -1.13
N ALA E 77 9.74 27.08 -1.62
CA ALA E 77 10.52 27.10 -2.85
C ALA E 77 11.76 26.22 -2.73
N HIS E 78 12.49 26.33 -1.62
CA HIS E 78 13.70 25.55 -1.40
C HIS E 78 13.90 25.38 0.11
N LEU E 79 14.02 24.13 0.54
CA LEU E 79 13.99 23.84 1.98
C LEU E 79 15.30 24.21 2.66
N ASP E 80 16.43 23.98 2.00
CA ASP E 80 17.72 24.24 2.65
C ASP E 80 17.99 25.73 2.81
N ASN E 81 17.31 26.55 2.01
CA ASN E 81 17.46 28.00 2.04
C ASN E 81 16.61 28.60 3.18
N LEU E 82 15.79 27.77 3.84
CA LEU E 82 14.84 28.27 4.83
C LEU E 82 15.53 29.14 5.89
N LYS E 83 16.78 28.82 6.23
CA LYS E 83 17.54 29.68 7.13
C LYS E 83 17.74 31.05 6.50
N GLY E 84 18.07 31.09 5.22
CA GLY E 84 18.29 32.37 4.55
C GLY E 84 17.01 33.00 4.03
N THR E 85 16.01 32.18 3.70
CA THR E 85 14.75 32.72 3.20
C THR E 85 14.04 33.53 4.26
N PHE E 86 14.00 33.02 5.50
CA PHE E 86 13.26 33.65 6.58
C PHE E 86 14.13 34.51 7.48
N ALA E 87 15.42 34.65 7.16
CA ALA E 87 16.30 35.46 8.00
C ALA E 87 15.85 36.91 8.04
N THR E 88 15.41 37.44 6.90
CA THR E 88 14.91 38.82 6.87
C THR E 88 13.65 38.97 7.71
N LEU E 89 12.72 38.01 7.61
CA LEU E 89 11.47 38.11 8.35
C LEU E 89 11.66 37.79 9.82
N SER E 90 12.55 36.84 10.14
CA SER E 90 12.74 36.42 11.52
C SER E 90 13.23 37.57 12.38
N GLU E 91 14.06 38.44 11.81
CA GLU E 91 14.55 39.60 12.54
C GLU E 91 13.42 40.53 12.94
N LEU E 92 12.46 40.74 12.04
CA LEU E 92 11.30 41.56 12.35
C LEU E 92 10.50 40.97 13.50
N HIS E 93 10.31 39.65 13.50
CA HIS E 93 9.51 38.99 14.52
C HIS E 93 10.26 38.79 15.84
N CYS E 94 11.56 39.08 15.88
CA CYS E 94 12.36 38.88 17.07
C CYS E 94 12.82 40.16 17.75
N ASP E 95 13.14 41.21 16.99
CA ASP E 95 13.66 42.45 17.56
C ASP E 95 12.61 43.54 17.69
N LYS E 96 11.61 43.57 16.81
CA LYS E 96 10.60 44.63 16.84
C LYS E 96 9.31 44.19 17.50
N LEU E 97 8.73 43.07 17.07
CA LEU E 97 7.48 42.58 17.65
C LEU E 97 7.69 41.62 18.81
N HIS E 98 8.81 40.89 18.83
CA HIS E 98 9.10 39.91 19.89
C HIS E 98 8.01 38.84 19.96
N VAL E 99 7.84 38.13 18.85
CA VAL E 99 6.87 37.05 18.76
C VAL E 99 7.53 35.77 19.23
N ASP E 100 6.95 35.16 20.27
CA ASP E 100 7.54 33.95 20.84
C ASP E 100 7.56 32.83 19.80
N PRO E 101 8.60 32.00 19.78
CA PRO E 101 8.66 30.92 18.79
C PRO E 101 7.49 29.95 18.85
N GLU E 102 6.83 29.83 20.00
CA GLU E 102 5.70 28.92 20.09
C GLU E 102 4.54 29.36 19.19
N ASN E 103 4.31 30.66 19.07
CA ASN E 103 3.23 31.14 18.23
C ASN E 103 3.44 30.75 16.77
N PHE E 104 4.70 30.60 16.35
CA PHE E 104 4.96 30.06 15.01
C PHE E 104 4.52 28.60 14.93
N ARG E 105 4.72 27.83 16.01
CA ARG E 105 4.29 26.45 16.01
C ARG E 105 2.77 26.35 16.12
N LEU E 106 2.14 27.30 16.81
CA LEU E 106 0.69 27.29 16.94
C LEU E 106 0.02 27.67 15.62
N LEU E 107 0.53 28.70 14.94
CA LEU E 107 -0.05 29.11 13.68
C LEU E 107 0.07 28.01 12.62
N GLY E 108 1.21 27.32 12.60
CA GLY E 108 1.36 26.20 11.69
C GLY E 108 0.39 25.07 11.97
N ASN E 109 0.17 24.76 13.26
CA ASN E 109 -0.78 23.72 13.61
C ASN E 109 -2.19 24.10 13.21
N VAL E 110 -2.57 25.37 13.40
CA VAL E 110 -3.88 25.83 12.96
C VAL E 110 -4.00 25.76 11.45
N LEU E 111 -2.90 26.04 10.74
CA LEU E 111 -2.92 25.96 9.28
C LEU E 111 -3.26 24.55 8.81
N VAL E 112 -2.72 23.53 9.48
CA VAL E 112 -3.04 22.16 9.12
C VAL E 112 -4.53 21.88 9.32
N CYS E 113 -5.09 22.38 10.43
CA CYS E 113 -6.52 22.21 10.67
C CYS E 113 -7.35 22.94 9.64
N VAL E 114 -6.93 24.15 9.25
CA VAL E 114 -7.66 24.91 8.24
C VAL E 114 -7.64 24.19 6.90
N LEU E 115 -6.46 23.68 6.51
CA LEU E 115 -6.35 22.96 5.25
C LEU E 115 -7.19 21.70 5.27
N ALA E 116 -7.21 20.99 6.41
CA ALA E 116 -8.05 19.81 6.53
C ALA E 116 -9.53 20.18 6.41
N HIS E 117 -9.93 21.30 7.00
CA HIS E 117 -11.33 21.73 6.93
C HIS E 117 -11.72 22.08 5.49
N HIS E 118 -10.83 22.75 4.76
CA HIS E 118 -11.18 23.20 3.41
C HIS E 118 -11.16 22.05 2.42
N PHE E 119 -10.32 21.04 2.63
CA PHE E 119 -10.17 19.96 1.67
C PHE E 119 -11.09 18.78 1.97
N GLY E 120 -10.94 18.16 3.13
CA GLY E 120 -11.79 17.05 3.52
C GLY E 120 -11.04 15.73 3.50
N LYS E 121 -11.62 14.72 2.83
CA LYS E 121 -11.02 13.39 2.78
C LYS E 121 -9.66 13.39 2.08
N GLU E 122 -9.42 14.35 1.19
CA GLU E 122 -8.15 14.42 0.48
C GLU E 122 -6.97 14.69 1.43
N PHE E 123 -7.22 15.13 2.65
CA PHE E 123 -6.17 15.34 3.64
C PHE E 123 -5.78 13.97 4.23
N THR E 124 -5.15 13.18 3.37
CA THR E 124 -4.75 11.83 3.75
C THR E 124 -3.70 11.89 4.86
N PRO E 125 -3.74 10.99 5.83
CA PRO E 125 -2.83 11.07 6.99
C PRO E 125 -1.37 11.13 6.58
N PRO E 126 -0.92 10.37 5.57
CA PRO E 126 0.45 10.60 5.08
C PRO E 126 0.68 12.00 4.54
N VAL E 127 -0.34 12.62 3.92
CA VAL E 127 -0.18 13.97 3.40
C VAL E 127 0.02 14.97 4.53
N GLN E 128 -0.77 14.84 5.61
CA GLN E 128 -0.62 15.75 6.72
C GLN E 128 0.69 15.53 7.47
N ALA E 129 1.23 14.31 7.43
CA ALA E 129 2.52 14.04 8.05
C ALA E 129 3.62 14.85 7.38
N ALA E 130 3.61 14.90 6.04
CA ALA E 130 4.57 15.72 5.33
C ALA E 130 4.36 17.20 5.64
N TYR E 131 3.09 17.63 5.73
CA TYR E 131 2.81 19.03 6.02
C TYR E 131 3.31 19.42 7.40
N GLN E 132 3.15 18.53 8.39
CA GLN E 132 3.63 18.82 9.73
C GLN E 132 5.16 18.94 9.75
N LYS E 133 5.85 18.09 8.99
CA LYS E 133 7.30 18.21 8.87
C LYS E 133 7.69 19.53 8.24
N VAL E 134 6.92 19.98 7.24
CA VAL E 134 7.16 21.29 6.65
C VAL E 134 6.92 22.39 7.67
N VAL E 135 5.81 22.29 8.43
CA VAL E 135 5.48 23.32 9.41
C VAL E 135 6.54 23.37 10.51
N ALA E 136 7.00 22.21 10.98
CA ALA E 136 7.99 22.18 12.05
C ALA E 136 9.27 22.87 11.62
N GLY E 137 9.70 22.67 10.38
CA GLY E 137 10.89 23.34 9.89
C GLY E 137 10.72 24.85 9.82
N VAL E 138 9.56 25.31 9.33
CA VAL E 138 9.32 26.74 9.21
C VAL E 138 9.28 27.39 10.58
N ALA E 139 8.62 26.75 11.55
CA ALA E 139 8.59 27.29 12.90
C ALA E 139 9.99 27.34 13.51
N ASN E 140 10.80 26.31 13.23
CA ASN E 140 12.18 26.31 13.71
C ASN E 140 13.02 27.35 12.96
N ALA E 141 12.81 27.46 11.64
CA ALA E 141 13.60 28.39 10.85
C ALA E 141 13.34 29.83 11.26
N LEU E 142 12.08 30.20 11.48
CA LEU E 142 11.77 31.55 11.89
C LEU E 142 12.17 31.81 13.34
N ALA E 143 12.43 30.73 14.10
CA ALA E 143 12.87 30.88 15.49
C ALA E 143 14.37 30.75 15.65
N HIS E 144 15.08 30.22 14.64
CA HIS E 144 16.53 30.03 14.78
C HIS E 144 17.27 31.34 14.86
N LYS E 145 16.65 32.44 14.41
CA LYS E 145 17.26 33.76 14.60
C LYS E 145 17.36 34.10 16.08
N TYR E 146 16.39 33.65 16.87
CA TYR E 146 16.35 34.00 18.29
C TYR E 146 17.58 33.45 19.00
N HIS E 147 18.15 34.26 19.89
CA HIS E 147 19.33 33.87 20.63
C HIS E 147 19.47 34.67 21.92
N CYS F 33 52.02 50.74 45.78
CA CYS F 33 51.21 51.83 45.27
C CYS F 33 52.04 52.77 44.39
N PRO F 34 51.39 53.46 43.47
CA PRO F 34 52.12 54.40 42.60
C PRO F 34 52.79 55.50 43.42
N LYS F 35 53.98 55.90 42.97
CA LYS F 35 54.74 56.92 43.67
C LYS F 35 54.17 58.31 43.37
N PRO F 36 53.78 59.08 44.38
CA PRO F 36 53.29 60.43 44.13
C PRO F 36 54.40 61.31 43.61
N PRO F 37 54.08 62.33 42.82
CA PRO F 37 55.12 63.25 42.34
C PRO F 37 55.74 64.02 43.49
N GLU F 38 57.05 64.27 43.37
CA GLU F 38 57.77 64.98 44.41
C GLU F 38 57.33 66.44 44.46
N ILE F 39 57.20 66.97 45.67
CA ILE F 39 56.86 68.37 45.90
C ILE F 39 57.94 69.00 46.75
N ALA F 40 58.06 70.33 46.65
CA ALA F 40 59.11 71.03 47.36
C ALA F 40 58.73 71.23 48.82
N HIS F 41 59.59 70.75 49.73
CA HIS F 41 59.43 70.93 51.17
C HIS F 41 58.10 70.35 51.66
N GLY F 42 57.95 69.04 51.50
CA GLY F 42 56.75 68.37 51.96
C GLY F 42 56.96 66.88 52.08
N TYR F 43 56.38 66.32 53.14
CA TYR F 43 56.33 64.87 53.33
C TYR F 43 54.87 64.42 53.26
N VAL F 44 54.64 63.32 52.55
CA VAL F 44 53.31 62.92 52.12
C VAL F 44 52.77 61.83 53.04
N GLU F 45 51.52 62.01 53.47
CA GLU F 45 50.76 60.97 54.15
C GLU F 45 49.50 60.70 53.34
N HIS F 46 49.13 59.43 53.26
CA HIS F 46 48.16 58.98 52.26
C HIS F 46 46.78 58.78 52.87
N SER F 47 45.76 59.06 52.05
CA SER F 47 44.37 58.87 52.45
C SER F 47 43.58 58.57 51.18
N VAL F 48 43.14 57.32 51.03
CA VAL F 48 42.53 56.86 49.79
C VAL F 48 41.04 56.62 50.01
N ARG F 49 40.28 56.71 48.91
CA ARG F 49 38.84 56.49 48.94
C ARG F 49 38.52 55.02 48.65
N TYR F 50 37.36 54.58 49.15
CA TYR F 50 36.85 53.24 48.92
C TYR F 50 35.47 53.34 48.29
N GLN F 51 35.29 52.68 47.14
CA GLN F 51 34.01 52.67 46.45
C GLN F 51 33.71 51.26 45.96
N CYS F 52 32.46 50.84 46.08
CA CYS F 52 32.07 49.50 45.63
C CYS F 52 31.82 49.50 44.13
N LYS F 53 32.03 48.34 43.52
CA LYS F 53 31.80 48.17 42.09
C LYS F 53 30.32 48.34 41.77
N ASN F 54 30.05 48.81 40.55
CA ASN F 54 28.67 48.97 40.10
C ASN F 54 27.94 47.64 40.15
N TYR F 55 26.61 47.72 40.30
CA TYR F 55 25.68 46.62 40.57
C TYR F 55 25.84 46.12 42.00
N TYR F 56 26.65 46.77 42.83
CA TYR F 56 26.73 46.50 44.25
C TYR F 56 26.50 47.79 45.03
N LYS F 57 26.15 47.65 46.30
CA LYS F 57 25.93 48.78 47.19
C LYS F 57 26.87 48.68 48.38
N LEU F 58 27.53 49.79 48.69
CA LEU F 58 28.46 49.83 49.80
C LEU F 58 27.73 49.77 51.13
N ARG F 59 28.30 49.04 52.08
CA ARG F 59 27.76 48.92 53.44
C ARG F 59 28.87 49.26 54.42
N THR F 60 28.89 50.50 54.89
CA THR F 60 29.85 50.93 55.89
C THR F 60 29.33 52.19 56.57
N GLU F 61 29.70 52.37 57.84
CA GLU F 61 29.22 53.52 58.59
C GLU F 61 29.95 54.80 58.21
N GLY F 62 31.24 54.70 57.88
CA GLY F 62 32.03 55.87 57.56
C GLY F 62 32.01 56.21 56.08
N ASP F 63 32.72 57.29 55.74
CA ASP F 63 32.84 57.69 54.34
C ASP F 63 33.63 56.69 53.53
N GLY F 64 34.59 56.00 54.16
CA GLY F 64 35.43 55.04 53.48
C GLY F 64 36.82 55.54 53.15
N VAL F 65 37.16 56.78 53.53
CA VAL F 65 38.51 57.28 53.29
C VAL F 65 39.47 56.57 54.25
N TYR F 66 40.46 55.88 53.67
CA TYR F 66 41.40 55.06 54.43
C TYR F 66 42.73 55.80 54.50
N THR F 67 43.19 56.08 55.72
CA THR F 67 44.40 56.85 55.94
C THR F 67 45.55 55.91 56.30
N LEU F 68 46.66 56.03 55.56
CA LEU F 68 47.86 55.27 55.86
C LEU F 68 48.49 55.79 57.14
N ASN F 69 49.00 54.88 57.96
CA ASN F 69 49.56 55.21 59.26
C ASN F 69 50.93 54.55 59.42
N ASN F 70 51.52 54.73 60.60
CA ASN F 70 52.83 54.15 60.87
C ASN F 70 52.79 52.63 60.87
N GLU F 71 51.71 52.05 61.40
CA GLU F 71 51.54 50.61 61.39
C GLU F 71 51.27 50.06 59.99
N LYS F 72 51.09 50.93 59.00
CA LYS F 72 50.98 50.62 57.57
C LYS F 72 49.68 49.93 57.20
N GLN F 73 48.71 49.83 58.10
CA GLN F 73 47.40 49.32 57.76
C GLN F 73 46.40 50.47 57.72
N TRP F 74 45.71 50.62 56.60
CA TRP F 74 44.88 51.78 56.35
C TRP F 74 43.61 51.71 57.18
N ILE F 75 43.24 52.83 57.79
CA ILE F 75 42.14 52.91 58.74
C ILE F 75 41.25 54.10 58.41
N ASN F 76 39.94 53.87 58.41
CA ASN F 76 38.96 54.93 58.40
C ASN F 76 38.46 55.15 59.82
N LYS F 77 38.08 56.39 60.13
CA LYS F 77 37.76 56.74 61.51
C LYS F 77 36.55 55.98 62.02
N ALA F 78 35.44 56.02 61.27
CA ALA F 78 34.23 55.34 61.73
C ALA F 78 34.33 53.83 61.55
N VAL F 79 34.85 53.37 60.41
CA VAL F 79 34.87 51.94 60.13
C VAL F 79 35.94 51.23 60.97
N GLY F 80 36.97 51.95 61.37
CA GLY F 80 38.04 51.31 62.14
C GLY F 80 38.77 50.28 61.31
N ASP F 81 38.99 49.10 61.90
CA ASP F 81 39.77 48.05 61.25
C ASP F 81 39.00 47.33 60.16
N LYS F 82 37.69 47.13 60.34
CA LYS F 82 36.92 46.32 59.41
C LYS F 82 36.83 46.97 58.04
N LEU F 83 36.91 46.15 56.99
CA LEU F 83 36.79 46.62 55.62
C LEU F 83 35.32 46.82 55.25
N PRO F 84 35.02 47.84 54.45
CA PRO F 84 33.64 48.01 53.97
C PRO F 84 33.23 46.84 53.08
N GLU F 85 31.95 46.50 53.13
CA GLU F 85 31.41 45.38 52.37
C GLU F 85 30.63 45.89 51.16
N CYS F 86 30.67 45.11 50.09
CA CYS F 86 29.92 45.38 48.86
C CYS F 86 28.86 44.30 48.72
N GLU F 87 27.61 44.66 49.02
CA GLU F 87 26.49 43.73 48.97
C GLU F 87 25.71 43.91 47.68
N ALA F 88 24.89 42.91 47.37
CA ALA F 88 24.07 42.94 46.17
C ALA F 88 22.97 44.00 46.28
N VAL F 89 22.54 44.51 45.13
CA VAL F 89 21.43 45.45 45.05
C VAL F 89 20.13 44.66 44.89
N CYS F 90 19.10 45.09 45.60
CA CYS F 90 17.80 44.44 45.60
C CYS F 90 16.92 44.98 44.47
N GLY F 91 16.45 44.08 43.61
CA GLY F 91 15.31 44.37 42.76
C GLY F 91 15.44 45.60 41.89
N LYS F 92 16.61 45.83 41.31
CA LYS F 92 16.85 46.97 40.43
C LYS F 92 17.40 46.46 39.11
N PRO F 93 16.56 45.82 38.29
CA PRO F 93 17.04 45.31 37.01
C PRO F 93 17.45 46.44 36.07
N LYS F 94 18.43 46.14 35.21
CA LYS F 94 18.87 47.13 34.23
C LYS F 94 17.74 47.49 33.27
N ASN F 95 17.00 46.49 32.81
CA ASN F 95 15.87 46.71 31.90
C ASN F 95 14.57 46.37 32.63
N PRO F 96 13.81 47.37 33.08
CA PRO F 96 12.52 47.07 33.71
C PRO F 96 11.53 46.53 32.70
N ALA F 97 10.54 45.80 33.21
CA ALA F 97 9.51 45.20 32.38
C ALA F 97 8.49 46.26 31.97
N ASN F 98 7.40 45.84 31.34
CA ASN F 98 6.37 46.75 30.87
C ASN F 98 5.68 47.46 32.03
N ILE F 103 4.02 28.88 31.55
CA ILE F 103 3.20 30.01 31.10
C ILE F 103 2.48 29.63 29.81
N LEU F 104 1.24 30.09 29.67
CA LEU F 104 0.45 29.92 28.46
C LEU F 104 0.37 31.28 27.77
N GLY F 105 1.22 31.48 26.78
CA GLY F 105 1.30 32.76 26.09
C GLY F 105 2.30 33.68 26.75
N GLY F 106 1.82 34.80 27.28
CA GLY F 106 2.71 35.73 27.94
C GLY F 106 3.58 36.50 26.95
N HIS F 107 4.45 37.33 27.53
CA HIS F 107 5.39 38.14 26.78
C HIS F 107 6.77 37.53 26.86
N LEU F 108 7.45 37.45 25.71
CA LEU F 108 8.82 36.96 25.68
C LEU F 108 9.73 37.91 26.46
N ASP F 109 10.60 37.32 27.29
CA ASP F 109 11.57 38.10 28.05
C ASP F 109 12.82 38.27 27.19
N ALA F 110 12.86 39.36 26.43
CA ALA F 110 13.96 39.62 25.51
C ALA F 110 15.01 40.54 26.10
N LYS F 111 14.62 41.46 26.98
CA LYS F 111 15.55 42.42 27.58
C LYS F 111 16.18 41.92 28.87
N GLY F 112 15.90 40.70 29.28
CA GLY F 112 16.43 40.17 30.53
C GLY F 112 15.91 40.93 31.74
N SER F 113 14.59 41.11 31.81
CA SER F 113 13.96 41.91 32.85
C SER F 113 13.73 41.16 34.15
N PHE F 114 14.05 39.86 34.20
CA PHE F 114 13.86 39.04 35.40
C PHE F 114 15.15 38.30 35.70
N PRO F 115 16.13 38.98 36.31
CA PRO F 115 17.41 38.34 36.63
C PRO F 115 17.43 37.54 37.92
N TRP F 116 16.28 37.29 38.54
CA TRP F 116 16.22 36.49 39.75
C TRP F 116 15.65 35.10 39.52
N GLN F 117 15.10 34.82 38.35
CA GLN F 117 14.59 33.49 38.05
C GLN F 117 15.74 32.51 37.86
N ALA F 118 15.53 31.27 38.29
CA ALA F 118 16.54 30.24 38.18
C ALA F 118 15.87 28.91 37.88
N LYS F 119 16.24 28.29 36.77
CA LYS F 119 15.68 27.00 36.40
C LYS F 119 16.27 25.90 37.28
N MET F 120 15.44 24.90 37.60
CA MET F 120 15.87 23.73 38.35
C MET F 120 15.38 22.49 37.61
N VAL F 121 16.29 21.55 37.36
CA VAL F 121 16.01 20.36 36.58
C VAL F 121 16.20 19.14 37.48
N SER F 122 15.20 18.25 37.50
CA SER F 122 15.21 17.05 38.32
C SER F 122 15.84 15.90 37.53
N HIS F 123 15.67 14.68 38.04
CA HIS F 123 16.28 13.50 37.42
C HIS F 123 15.80 13.31 35.99
N HIS F 124 14.48 13.29 35.80
CA HIS F 124 13.86 12.96 34.52
C HIS F 124 13.72 14.17 33.60
N ASN F 125 14.55 15.20 33.79
CA ASN F 125 14.48 16.43 33.00
C ASN F 125 13.16 17.16 33.19
N LEU F 126 12.55 17.01 34.35
CA LEU F 126 11.34 17.74 34.71
C LEU F 126 11.77 19.09 35.27
N THR F 127 11.97 20.06 34.38
CA THR F 127 12.46 21.36 34.78
C THR F 127 11.40 22.10 35.60
N THR F 128 11.89 23.06 36.40
CA THR F 128 11.03 23.82 37.30
C THR F 128 11.76 25.12 37.62
N GLY F 129 11.00 26.14 38.00
CA GLY F 129 11.54 27.43 38.34
C GLY F 129 11.94 27.53 39.80
N ALA F 130 12.71 28.57 40.10
CA ALA F 130 13.15 28.86 41.46
C ALA F 130 13.63 30.31 41.51
N THR F 131 13.14 31.04 42.51
CA THR F 131 13.51 32.45 42.66
C THR F 131 14.79 32.59 43.48
N LEU F 132 15.37 33.78 43.44
CA LEU F 132 16.65 34.09 44.08
C LEU F 132 16.40 35.16 45.13
N ILE F 133 16.60 34.81 46.40
CA ILE F 133 16.27 35.71 47.50
C ILE F 133 17.50 36.47 47.96
N ASN F 134 18.51 35.74 48.43
CA ASN F 134 19.76 36.32 48.92
C ASN F 134 20.90 35.87 48.02
N GLU F 135 22.05 36.52 48.19
CA GLU F 135 23.18 36.29 47.29
C GLU F 135 23.57 34.82 47.20
N GLN F 136 23.34 34.06 48.27
CA GLN F 136 23.69 32.65 48.30
C GLN F 136 22.50 31.71 48.35
N TRP F 137 21.30 32.20 48.65
CA TRP F 137 20.15 31.36 48.92
C TRP F 137 19.09 31.54 47.84
N LEU F 138 18.42 30.43 47.51
CA LEU F 138 17.28 30.42 46.60
C LEU F 138 16.03 29.99 47.35
N LEU F 139 14.88 30.24 46.75
CA LEU F 139 13.58 29.90 47.32
C LEU F 139 12.77 29.11 46.31
N THR F 140 12.19 28.00 46.75
CA THR F 140 11.35 27.16 45.90
C THR F 140 10.26 26.53 46.77
N THR F 141 9.57 25.55 46.21
CA THR F 141 8.51 24.84 46.92
C THR F 141 9.01 23.47 47.37
N ALA F 142 8.35 22.94 48.40
CA ALA F 142 8.73 21.63 48.93
C ALA F 142 8.50 20.53 47.91
N LYS F 143 7.39 20.57 47.18
CA LYS F 143 7.08 19.53 46.21
C LYS F 143 8.06 19.50 45.05
N ASN F 144 8.79 20.59 44.80
CA ASN F 144 9.84 20.57 43.79
C ASN F 144 10.98 19.64 44.18
N LEU F 145 11.20 19.46 45.48
CA LEU F 145 12.30 18.66 45.99
C LEU F 145 11.88 17.25 46.36
N PHE F 146 10.61 16.89 46.17
CA PHE F 146 10.13 15.54 46.41
C PHE F 146 9.99 14.73 45.14
N LEU F 147 10.39 15.28 43.99
CA LEU F 147 10.28 14.54 42.73
C LEU F 147 11.17 13.31 42.76
N ASN F 148 10.61 12.18 42.35
CA ASN F 148 11.25 10.86 42.36
C ASN F 148 11.65 10.41 43.76
N HIS F 149 11.21 11.11 44.80
CA HIS F 149 11.53 10.79 46.18
C HIS F 149 10.24 10.55 46.97
N SER F 150 10.39 9.95 48.13
CA SER F 150 9.27 9.76 49.03
C SER F 150 8.88 11.07 49.69
N GLU F 151 7.68 11.11 50.26
CA GLU F 151 7.20 12.32 50.91
C GLU F 151 7.96 12.64 52.20
N ASN F 152 8.70 11.67 52.76
CA ASN F 152 9.50 11.89 53.96
C ASN F 152 10.99 11.76 53.67
N ALA F 153 11.41 11.95 52.43
CA ALA F 153 12.81 11.83 52.07
C ALA F 153 13.63 12.92 52.76
N THR F 154 14.84 12.56 53.18
CA THR F 154 15.71 13.50 53.88
C THR F 154 16.36 14.47 52.88
N ALA F 155 16.94 15.53 53.42
CA ALA F 155 17.59 16.53 52.59
C ALA F 155 18.83 15.99 51.89
N LYS F 156 19.41 14.92 52.43
CA LYS F 156 20.66 14.40 51.86
C LYS F 156 20.44 13.72 50.52
N ASP F 157 19.25 13.15 50.30
CA ASP F 157 18.98 12.50 49.01
C ASP F 157 18.73 13.52 47.90
N ILE F 158 18.06 14.62 48.22
CA ILE F 158 17.68 15.60 47.20
C ILE F 158 18.90 16.36 46.69
N ALA F 159 19.83 16.68 47.59
CA ALA F 159 20.92 17.61 47.25
C ALA F 159 21.76 17.20 46.05
N PRO F 160 22.22 15.95 45.91
CA PRO F 160 23.19 15.66 44.83
C PRO F 160 22.65 15.84 43.43
N THR F 161 21.33 15.90 43.23
CA THR F 161 20.76 15.81 41.89
C THR F 161 20.12 17.09 41.38
N LEU F 162 19.85 18.07 42.23
CA LEU F 162 19.23 19.32 41.78
C LEU F 162 20.23 20.10 40.93
N THR F 163 19.82 20.49 39.73
CA THR F 163 20.68 21.16 38.77
C THR F 163 20.12 22.55 38.49
N LEU F 164 20.71 23.56 39.12
CA LEU F 164 20.27 24.94 38.98
C LEU F 164 20.97 25.60 37.79
N TYR F 165 20.25 26.50 37.14
CA TYR F 165 20.72 27.18 35.93
C TYR F 165 20.43 28.68 36.01
N VAL F 166 20.79 29.30 37.14
CA VAL F 166 20.57 30.74 37.27
C VAL F 166 21.41 31.49 36.24
N GLY F 167 20.93 32.67 35.87
CA GLY F 167 21.56 33.43 34.81
C GLY F 167 21.17 32.90 33.44
N LYS F 168 21.97 33.26 32.44
CA LYS F 168 21.73 32.77 31.08
C LYS F 168 21.82 31.25 31.03
N LYS F 169 23.02 30.71 31.29
CA LYS F 169 23.19 29.27 31.34
C LYS F 169 24.17 28.82 32.43
N GLN F 170 24.56 29.71 33.33
CA GLN F 170 25.57 29.38 34.34
C GLN F 170 25.06 28.31 35.30
N LEU F 171 25.60 27.09 35.16
CA LEU F 171 25.27 26.03 36.10
C LEU F 171 25.86 26.33 37.47
N VAL F 172 25.13 25.97 38.51
CA VAL F 172 25.52 26.25 39.89
C VAL F 172 25.41 24.96 40.70
N GLU F 173 26.40 24.71 41.56
CA GLU F 173 26.42 23.53 42.41
C GLU F 173 25.89 23.91 43.79
N ILE F 174 24.97 23.10 44.31
CA ILE F 174 24.31 23.39 45.57
C ILE F 174 25.00 22.61 46.69
N GLU F 175 24.68 23.00 47.93
CA GLU F 175 25.27 22.38 49.11
C GLU F 175 24.23 21.89 50.10
N LYS F 176 23.12 22.59 50.27
CA LYS F 176 22.12 22.24 51.26
C LYS F 176 20.73 22.56 50.72
N VAL F 177 19.75 21.76 51.15
CA VAL F 177 18.36 21.89 50.71
C VAL F 177 17.51 21.82 51.97
N VAL F 178 17.08 22.98 52.47
CA VAL F 178 16.28 23.06 53.69
C VAL F 178 14.81 23.11 53.32
N LEU F 179 14.01 22.28 53.97
CA LEU F 179 12.56 22.26 53.78
C LEU F 179 11.89 23.05 54.91
N HIS F 180 10.59 23.31 54.74
CA HIS F 180 9.88 23.97 55.82
C HIS F 180 9.58 22.98 56.94
N PRO F 181 9.53 23.44 58.19
CA PRO F 181 9.12 22.53 59.28
C PRO F 181 7.75 21.93 59.06
N ASN F 182 6.82 22.69 58.49
CA ASN F 182 5.50 22.19 58.11
C ASN F 182 5.42 22.22 56.58
N TYR F 183 5.89 21.13 55.96
CA TYR F 183 5.81 21.02 54.51
C TYR F 183 4.43 20.62 54.02
N SER F 184 3.51 20.29 54.91
CA SER F 184 2.14 19.96 54.55
C SER F 184 1.22 21.17 54.62
N GLN F 185 1.72 22.32 55.06
CA GLN F 185 0.92 23.54 55.14
C GLN F 185 1.51 24.72 54.38
N VAL F 186 2.84 24.80 54.26
CA VAL F 186 3.49 25.84 53.47
C VAL F 186 4.55 25.19 52.59
N ASP F 187 4.26 25.10 51.29
CA ASP F 187 5.16 24.46 50.33
C ASP F 187 6.29 25.42 49.99
N ILE F 188 7.28 25.48 50.88
CA ILE F 188 8.42 26.38 50.74
C ILE F 188 9.68 25.63 51.12
N GLY F 189 10.71 25.76 50.30
CA GLY F 189 12.00 25.17 50.61
C GLY F 189 13.13 26.10 50.19
N LEU F 190 14.13 26.19 51.05
CA LEU F 190 15.29 27.05 50.83
C LEU F 190 16.48 26.23 50.37
N ILE F 191 17.24 26.77 49.43
CA ILE F 191 18.41 26.12 48.86
C ILE F 191 19.62 27.01 49.12
N LYS F 192 20.69 26.42 49.63
CA LYS F 192 21.94 27.13 49.87
C LYS F 192 22.96 26.71 48.82
N LEU F 193 23.58 27.69 48.16
CA LEU F 193 24.62 27.41 47.21
C LEU F 193 25.98 27.32 47.90
N LYS F 194 26.93 26.66 47.23
CA LYS F 194 28.25 26.46 47.82
C LYS F 194 28.96 27.80 48.02
N GLN F 195 28.88 28.70 47.05
CA GLN F 195 29.51 30.00 47.15
C GLN F 195 28.61 31.05 46.51
N LYS F 196 28.85 32.30 46.87
CA LYS F 196 28.04 33.40 46.36
C LYS F 196 28.18 33.53 44.85
N VAL F 197 27.08 33.95 44.21
CA VAL F 197 27.05 34.13 42.76
C VAL F 197 27.22 35.61 42.46
N SER F 198 28.09 35.92 41.50
CA SER F 198 28.36 37.31 41.14
C SER F 198 27.09 37.98 40.62
N VAL F 199 26.89 39.23 40.99
CA VAL F 199 25.70 39.98 40.63
C VAL F 199 26.00 40.72 39.33
N ASN F 200 25.68 40.10 38.21
CA ASN F 200 25.84 40.70 36.90
C ASN F 200 24.55 41.39 36.49
N GLU F 201 24.45 41.81 35.23
CA GLU F 201 23.20 42.36 34.73
C GLU F 201 22.14 41.30 34.49
N ARG F 202 22.52 40.03 34.47
CA ARG F 202 21.59 38.92 34.27
C ARG F 202 21.44 38.05 35.51
N VAL F 203 22.00 38.46 36.64
CA VAL F 203 21.85 37.76 37.91
C VAL F 203 21.68 38.80 39.00
N MET F 204 20.54 38.77 39.69
CA MET F 204 20.27 39.74 40.73
C MET F 204 19.23 39.21 41.71
N PRO F 205 19.53 39.19 43.01
CA PRO F 205 18.53 38.77 43.99
C PRO F 205 17.42 39.80 44.15
N ILE F 206 16.24 39.29 44.51
CA ILE F 206 15.09 40.11 44.85
C ILE F 206 14.75 39.84 46.31
N CYS F 207 14.82 40.88 47.14
CA CYS F 207 14.53 40.66 48.55
C CYS F 207 13.05 40.91 48.83
N LEU F 208 12.63 40.46 49.96
CA LEU F 208 11.35 40.34 50.65
C LEU F 208 10.76 41.71 50.97
N PRO F 209 9.44 41.83 50.94
CA PRO F 209 8.81 43.12 51.26
C PRO F 209 8.69 43.32 52.76
N SER F 210 8.48 44.57 53.15
CA SER F 210 8.22 44.92 54.54
C SER F 210 6.74 44.89 54.88
N LYS F 211 5.87 45.04 53.89
CA LYS F 211 4.42 45.01 54.08
C LYS F 211 3.83 43.98 53.12
N ASP F 212 2.50 43.93 53.07
CA ASP F 212 1.80 42.97 52.22
C ASP F 212 1.26 43.66 50.99
N TYR F 213 1.65 43.16 49.81
CA TYR F 213 1.12 43.65 48.55
C TYR F 213 0.01 42.76 48.00
N ALA F 214 -0.44 41.77 48.77
CA ALA F 214 -1.48 40.84 48.31
C ALA F 214 -2.87 41.44 48.58
N GLU F 215 -3.12 42.59 47.98
CA GLU F 215 -4.42 43.25 48.01
C GLU F 215 -5.07 43.12 46.63
N VAL F 216 -6.37 42.82 46.63
CA VAL F 216 -7.08 42.55 45.39
C VAL F 216 -6.93 43.74 44.44
N GLY F 217 -6.53 43.45 43.21
CA GLY F 217 -6.28 44.47 42.21
C GLY F 217 -4.81 44.75 41.96
N ARG F 218 -3.91 44.23 42.78
CA ARG F 218 -2.47 44.44 42.60
C ARG F 218 -1.98 43.51 41.50
N VAL F 219 -1.76 44.05 40.32
CA VAL F 219 -1.33 43.26 39.17
C VAL F 219 0.16 42.99 39.27
N GLY F 220 0.54 41.72 39.22
CA GLY F 220 1.93 41.33 39.38
C GLY F 220 2.43 40.50 38.22
N TYR F 221 3.74 40.50 38.04
CA TYR F 221 4.40 39.80 36.95
C TYR F 221 4.92 38.46 37.43
N VAL F 222 4.65 37.41 36.67
CA VAL F 222 5.11 36.06 36.99
C VAL F 222 5.93 35.55 35.82
N SER F 223 7.17 35.15 36.10
CA SER F 223 8.06 34.57 35.10
C SER F 223 8.06 33.05 35.27
N GLY F 224 8.13 32.34 34.14
CA GLY F 224 7.94 30.90 34.16
C GLY F 224 8.94 30.18 33.28
N TRP F 225 9.26 28.96 33.69
CA TRP F 225 10.13 28.06 32.94
C TRP F 225 9.40 26.77 32.57
N GLY F 226 8.07 26.74 32.71
CA GLY F 226 7.31 25.52 32.60
C GLY F 226 6.68 25.33 31.24
N ARG F 227 5.62 24.52 31.20
CA ARG F 227 5.01 24.13 29.95
C ARG F 227 4.26 25.29 29.30
N ASN F 228 4.24 25.28 27.98
CA ASN F 228 3.51 26.25 27.19
C ASN F 228 2.20 25.62 26.69
N ALA F 229 1.53 26.30 25.76
CA ALA F 229 0.24 25.83 25.28
C ALA F 229 0.32 24.45 24.62
N ASN F 230 1.50 24.03 24.19
CA ASN F 230 1.70 22.70 23.65
C ASN F 230 2.25 21.71 24.67
N PHE F 231 2.34 22.13 25.93
CA PHE F 231 2.80 21.32 27.06
C PHE F 231 4.26 20.93 26.99
N LYS F 232 5.02 21.49 26.06
CA LYS F 232 6.47 21.30 26.03
C LYS F 232 7.15 22.44 26.79
N PHE F 233 8.17 22.09 27.55
CA PHE F 233 8.84 23.08 28.38
C PHE F 233 9.39 24.21 27.52
N THR F 234 9.14 25.45 27.94
CA THR F 234 9.56 26.59 27.16
C THR F 234 11.08 26.73 27.17
N ASP F 235 11.64 26.99 25.99
CA ASP F 235 13.08 27.21 25.86
C ASP F 235 13.47 28.66 26.09
N HIS F 236 12.49 29.56 26.23
CA HIS F 236 12.74 30.96 26.52
C HIS F 236 11.90 31.36 27.73
N LEU F 237 12.42 32.31 28.51
CA LEU F 237 11.69 32.80 29.68
C LEU F 237 10.54 33.68 29.24
N LYS F 238 9.35 33.41 29.76
CA LYS F 238 8.14 34.18 29.47
C LYS F 238 7.58 34.76 30.75
N TYR F 239 6.70 35.76 30.60
CA TYR F 239 6.07 36.37 31.77
C TYR F 239 4.72 36.93 31.37
N VAL F 240 3.85 37.09 32.37
CA VAL F 240 2.49 37.54 32.17
C VAL F 240 2.04 38.23 33.44
N MET F 241 1.21 39.27 33.30
CA MET F 241 0.69 39.99 34.45
C MET F 241 -0.60 39.29 34.92
N LEU F 242 -0.63 38.92 36.20
CA LEU F 242 -1.82 38.33 36.77
C LEU F 242 -2.31 39.15 37.96
N PRO F 243 -3.60 39.44 38.03
CA PRO F 243 -4.13 40.20 39.16
C PRO F 243 -4.54 39.31 40.32
N VAL F 244 -4.31 39.81 41.54
CA VAL F 244 -4.75 39.08 42.72
C VAL F 244 -6.27 39.06 42.75
N ALA F 245 -6.83 38.01 43.36
CA ALA F 245 -8.27 37.79 43.38
C ALA F 245 -8.76 37.64 44.81
N ASP F 246 -10.05 37.90 44.99
CA ASP F 246 -10.68 37.73 46.30
C ASP F 246 -10.52 36.29 46.78
N GLN F 247 -10.06 36.14 48.02
CA GLN F 247 -9.82 34.80 48.57
C GLN F 247 -11.04 34.27 49.31
N ASP F 248 -12.20 34.41 48.68
CA ASP F 248 -13.40 33.68 49.09
C ASP F 248 -13.92 32.88 47.89
N GLN F 249 -14.02 33.54 46.74
CA GLN F 249 -14.43 32.87 45.52
C GLN F 249 -13.35 31.93 45.00
N CYS F 250 -12.10 32.11 45.44
CA CYS F 250 -11.05 31.15 45.11
C CYS F 250 -11.23 29.85 45.88
N ILE F 251 -11.53 29.96 47.18
CA ILE F 251 -11.75 28.77 48.00
C ILE F 251 -13.05 28.08 47.59
N ARG F 252 -14.12 28.85 47.38
CA ARG F 252 -15.38 28.25 46.95
C ARG F 252 -15.27 27.60 45.58
N HIS F 253 -14.38 28.11 44.73
CA HIS F 253 -14.17 27.47 43.43
C HIS F 253 -13.40 26.17 43.57
N TYR F 254 -12.63 26.02 44.64
CA TYR F 254 -11.79 24.84 44.82
C TYR F 254 -12.35 23.89 45.87
N GLU F 255 -12.60 24.40 47.07
CA GLU F 255 -13.00 23.57 48.20
C GLU F 255 -14.50 23.53 48.42
N GLY F 256 -15.30 24.09 47.52
CA GLY F 256 -16.73 24.02 47.56
C GLY F 256 -17.40 25.08 48.43
N SER F 257 -16.82 25.40 49.58
CA SER F 257 -17.41 26.36 50.49
C SER F 257 -16.34 26.82 51.48
N THR F 258 -16.62 27.92 52.16
CA THR F 258 -15.75 28.42 53.21
C THR F 258 -16.03 27.80 54.56
N VAL F 259 -17.06 26.96 54.66
CA VAL F 259 -17.40 26.27 55.91
C VAL F 259 -16.68 24.93 55.90
N PRO F 260 -15.86 24.62 56.92
CA PRO F 260 -15.11 23.35 56.89
C PRO F 260 -15.99 22.12 56.81
N GLU F 261 -17.17 22.14 57.43
CA GLU F 261 -18.03 20.96 57.43
C GLU F 261 -18.56 20.64 56.03
N LYS F 262 -18.81 21.66 55.21
CA LYS F 262 -19.41 21.48 53.90
C LYS F 262 -18.38 21.47 52.78
N LYS F 263 -17.09 21.50 53.11
CA LYS F 263 -16.04 21.48 52.10
C LYS F 263 -16.00 20.11 51.40
N THR F 264 -15.99 20.12 50.08
CA THR F 264 -15.87 18.91 49.28
C THR F 264 -14.91 19.15 48.12
N PRO F 265 -14.10 18.15 47.75
CA PRO F 265 -13.13 18.34 46.67
C PRO F 265 -13.78 18.45 45.29
N LYS F 266 -13.77 19.64 44.71
CA LYS F 266 -14.35 19.86 43.38
C LYS F 266 -13.42 20.73 42.54
N SER F 267 -12.13 20.43 42.58
CA SER F 267 -11.17 21.15 41.76
C SER F 267 -11.30 20.69 40.31
N PRO F 268 -11.54 21.59 39.36
CA PRO F 268 -11.78 21.16 37.97
C PRO F 268 -10.60 20.50 37.30
N VAL F 269 -9.44 20.41 37.95
CA VAL F 269 -8.28 19.72 37.38
C VAL F 269 -8.02 18.38 38.04
N GLY F 270 -8.72 18.03 39.11
CA GLY F 270 -8.56 16.75 39.76
C GLY F 270 -7.56 16.72 40.89
N VAL F 271 -6.80 17.79 41.11
CA VAL F 271 -5.84 17.88 42.20
C VAL F 271 -6.24 19.04 43.10
N GLN F 272 -6.35 18.77 44.39
CA GLN F 272 -6.78 19.79 45.33
C GLN F 272 -5.60 20.69 45.72
N PRO F 273 -5.70 22.00 45.52
CA PRO F 273 -4.63 22.89 45.97
C PRO F 273 -4.61 22.98 47.49
N ILE F 274 -3.44 23.34 48.01
CA ILE F 274 -3.22 23.49 49.45
C ILE F 274 -3.59 24.92 49.82
N LEU F 275 -4.75 25.08 50.45
CA LEU F 275 -5.31 26.39 50.76
C LEU F 275 -5.40 26.60 52.25
N ASN F 276 -4.88 27.73 52.72
CA ASN F 276 -5.00 28.16 54.11
C ASN F 276 -4.72 29.65 54.16
N GLU F 277 -4.54 30.19 55.36
CA GLU F 277 -4.34 31.62 55.53
C GLU F 277 -2.99 32.11 55.01
N HIS F 278 -2.07 31.22 54.67
CA HIS F 278 -0.78 31.58 54.10
C HIS F 278 -0.78 31.51 52.58
N THR F 279 -1.92 31.73 51.94
CA THR F 279 -2.02 31.64 50.49
C THR F 279 -2.87 32.80 49.96
N PHE F 280 -2.63 33.15 48.70
CA PHE F 280 -3.50 34.07 47.98
C PHE F 280 -3.59 33.60 46.53
N CYS F 281 -4.73 33.86 45.91
CA CYS F 281 -5.02 33.35 44.58
C CYS F 281 -5.00 34.47 43.56
N ALA F 282 -4.37 34.20 42.41
CA ALA F 282 -4.32 35.13 41.30
C ALA F 282 -4.97 34.49 40.08
N GLY F 283 -5.93 35.20 39.49
CA GLY F 283 -6.65 34.68 38.34
C GLY F 283 -5.88 34.84 37.05
N MET F 284 -6.62 34.75 35.95
CA MET F 284 -6.03 34.86 34.62
C MET F 284 -5.82 36.34 34.26
N SER F 285 -5.09 36.56 33.18
CA SER F 285 -4.84 37.91 32.69
C SER F 285 -6.02 38.36 31.82
N LYS F 286 -5.87 39.52 31.17
CA LYS F 286 -6.92 40.01 30.28
C LYS F 286 -7.11 39.08 29.10
N TYR F 287 -6.01 38.57 28.53
CA TYR F 287 -6.05 37.75 27.33
C TYR F 287 -6.14 36.26 27.64
N GLN F 288 -6.63 35.89 28.82
CA GLN F 288 -6.83 34.50 29.22
C GLN F 288 -5.49 33.73 29.19
N GLU F 289 -4.56 34.20 30.00
CA GLU F 289 -3.28 33.54 30.19
C GLU F 289 -3.14 33.09 31.63
N ASP F 290 -2.46 31.97 31.83
CA ASP F 290 -2.28 31.41 33.16
C ASP F 290 -1.01 30.58 33.16
N THR F 291 -0.77 29.87 34.28
CA THR F 291 0.46 29.13 34.49
C THR F 291 0.15 27.63 34.54
N CYS F 292 0.79 26.87 33.68
CA CYS F 292 0.63 25.42 33.65
C CYS F 292 1.73 24.77 34.49
N TYR F 293 1.92 23.46 34.33
CA TYR F 293 2.89 22.73 35.13
C TYR F 293 4.30 23.25 34.93
N GLY F 294 5.15 22.98 35.91
CA GLY F 294 6.56 23.33 35.83
C GLY F 294 6.90 24.75 36.20
N ASP F 295 5.92 25.55 36.63
CA ASP F 295 6.15 26.94 36.98
C ASP F 295 6.22 27.17 38.48
N ALA F 296 6.19 26.10 39.27
CA ALA F 296 6.27 26.25 40.73
C ALA F 296 7.62 26.82 41.13
N GLY F 297 7.64 27.52 42.26
CA GLY F 297 8.83 28.20 42.72
C GLY F 297 9.03 29.58 42.16
N SER F 298 8.28 29.96 41.12
CA SER F 298 8.41 31.27 40.53
C SER F 298 7.91 32.34 41.49
N ALA F 299 8.27 33.59 41.20
CA ALA F 299 7.97 34.70 42.08
C ALA F 299 6.85 35.56 41.49
N PHE F 300 5.84 35.85 42.31
CA PHE F 300 4.80 36.82 41.96
C PHE F 300 5.35 38.20 42.32
N ALA F 301 6.17 38.73 41.43
CA ALA F 301 6.85 40.00 41.66
C ALA F 301 5.92 41.16 41.29
N VAL F 302 5.86 42.15 42.17
CA VAL F 302 5.07 43.36 41.94
C VAL F 302 6.03 44.54 41.89
N HIS F 303 5.64 45.56 41.13
CA HIS F 303 6.48 46.74 40.93
C HIS F 303 5.98 47.85 41.87
N ASP F 304 6.83 48.21 42.83
CA ASP F 304 6.53 49.31 43.74
C ASP F 304 6.98 50.60 43.07
N LEU F 305 6.05 51.28 42.39
CA LEU F 305 6.41 52.42 41.56
C LEU F 305 6.95 53.58 42.38
N GLU F 306 6.51 53.72 43.64
CA GLU F 306 7.02 54.79 44.48
C GLU F 306 8.52 54.62 44.74
N GLU F 307 8.95 53.40 45.03
CA GLU F 307 10.36 53.12 45.30
C GLU F 307 11.09 52.53 44.11
N ASP F 308 10.39 52.21 43.02
CA ASP F 308 10.99 51.64 41.81
C ASP F 308 11.82 50.40 42.14
N THR F 309 11.26 49.53 42.97
CA THR F 309 11.91 48.28 43.35
C THR F 309 10.92 47.14 43.22
N TRP F 310 11.43 45.97 42.82
CA TRP F 310 10.61 44.79 42.60
C TRP F 310 10.62 43.94 43.86
N TYR F 311 9.44 43.68 44.40
CA TYR F 311 9.28 42.91 45.63
C TYR F 311 8.54 41.62 45.33
N ALA F 312 8.92 40.55 46.01
CA ALA F 312 8.27 39.25 45.86
C ALA F 312 7.12 39.16 46.86
N THR F 313 5.89 39.13 46.35
CA THR F 313 4.72 39.06 47.20
C THR F 313 4.19 37.63 47.36
N GLY F 314 4.52 36.74 46.45
CA GLY F 314 4.05 35.37 46.55
C GLY F 314 4.90 34.45 45.72
N ILE F 315 4.87 33.17 46.09
CA ILE F 315 5.63 32.12 45.42
C ILE F 315 4.63 31.10 44.91
N LEU F 316 4.68 30.80 43.61
CA LEU F 316 3.72 29.90 43.01
C LEU F 316 3.85 28.50 43.60
N SER F 317 2.74 27.94 44.06
CA SER F 317 2.69 26.63 44.68
C SER F 317 1.86 25.64 43.88
N PHE F 318 0.62 25.99 43.55
CA PHE F 318 -0.26 25.13 42.77
C PHE F 318 -0.30 25.68 41.35
N ASP F 319 0.55 25.11 40.48
CA ASP F 319 0.66 25.56 39.10
C ASP F 319 -0.09 24.66 38.13
N LYS F 320 -0.82 23.68 38.63
CA LYS F 320 -1.47 22.70 37.76
C LYS F 320 -2.82 23.19 37.22
N SER F 321 -3.21 24.43 37.51
CA SER F 321 -4.48 24.94 37.02
C SER F 321 -4.50 25.05 35.50
N CYS F 322 -3.42 25.59 34.92
CA CYS F 322 -3.30 25.84 33.48
C CYS F 322 -4.52 26.67 33.05
N ALA F 323 -5.19 26.33 31.96
CA ALA F 323 -6.33 27.12 31.49
C ALA F 323 -7.68 26.54 31.90
N VAL F 324 -7.70 25.45 32.66
CA VAL F 324 -8.96 24.85 33.07
C VAL F 324 -9.53 25.56 34.28
N ALA F 325 -8.78 25.59 35.38
CA ALA F 325 -9.20 26.32 36.56
C ALA F 325 -9.05 27.82 36.31
N GLU F 326 -9.43 28.62 37.30
CA GLU F 326 -9.42 30.07 37.17
C GLU F 326 -8.54 30.77 38.20
N TYR F 327 -7.85 30.03 39.06
CA TYR F 327 -7.06 30.64 40.11
C TYR F 327 -5.82 29.80 40.38
N GLY F 328 -4.69 30.47 40.53
CA GLY F 328 -3.44 29.84 40.93
C GLY F 328 -3.11 30.24 42.36
N VAL F 329 -2.56 29.30 43.13
CA VAL F 329 -2.33 29.49 44.55
C VAL F 329 -0.86 29.86 44.77
N TYR F 330 -0.63 30.95 45.49
CA TYR F 330 0.71 31.46 45.73
C TYR F 330 0.94 31.55 47.23
N VAL F 331 2.11 31.12 47.69
CA VAL F 331 2.45 31.18 49.10
C VAL F 331 2.94 32.59 49.43
N LYS F 332 2.33 33.22 50.43
CA LYS F 332 2.70 34.58 50.79
C LYS F 332 4.11 34.63 51.35
N VAL F 333 4.89 35.60 50.87
CA VAL F 333 6.28 35.75 51.31
C VAL F 333 6.34 36.26 52.75
N THR F 334 5.45 37.18 53.11
CA THR F 334 5.49 37.78 54.44
C THR F 334 5.29 36.75 55.54
N SER F 335 4.42 35.77 55.32
CA SER F 335 4.18 34.73 56.32
C SER F 335 5.42 33.88 56.58
N ILE F 336 6.32 33.77 55.61
CA ILE F 336 7.54 32.99 55.75
C ILE F 336 8.77 33.87 55.88
N GLN F 337 8.60 35.18 55.98
CA GLN F 337 9.74 36.07 56.08
C GLN F 337 10.53 35.83 57.36
N ASP F 338 9.85 35.58 58.47
CA ASP F 338 10.54 35.33 59.73
C ASP F 338 11.34 34.05 59.68
N TRP F 339 10.77 32.99 59.09
CA TRP F 339 11.45 31.71 59.04
C TRP F 339 12.63 31.74 58.08
N VAL F 340 12.49 32.45 56.96
CA VAL F 340 13.57 32.53 55.97
C VAL F 340 14.80 33.20 56.58
N GLN F 341 14.59 34.29 57.33
CA GLN F 341 15.71 35.00 57.93
C GLN F 341 16.45 34.12 58.93
N LYS F 342 15.73 33.31 59.70
CA LYS F 342 16.37 32.43 60.68
C LYS F 342 17.27 31.41 59.99
N THR F 343 16.79 30.79 58.91
CA THR F 343 17.58 29.79 58.20
C THR F 343 18.82 30.42 57.58
N ILE F 344 18.69 31.61 57.00
CA ILE F 344 19.82 32.26 56.35
C ILE F 344 20.92 32.56 57.37
N ALA F 345 20.53 32.96 58.58
CA ALA F 345 21.51 33.24 59.62
C ALA F 345 22.36 32.03 59.96
N GLU F 346 21.79 30.83 59.87
CA GLU F 346 22.53 29.61 60.12
C GLU F 346 23.13 29.05 58.83
N CYS G 33 54.54 52.91 48.56
CA CYS G 33 53.75 52.79 49.78
C CYS G 33 52.95 51.47 49.78
N PRO G 34 52.64 50.97 50.97
CA PRO G 34 51.87 49.72 51.06
C PRO G 34 50.50 49.85 50.41
N LYS G 35 50.04 48.75 49.83
CA LYS G 35 48.74 48.74 49.17
C LYS G 35 47.62 48.86 50.21
N PRO G 36 46.53 49.56 49.89
CA PRO G 36 45.40 49.58 50.80
C PRO G 36 44.71 48.23 50.84
N PRO G 37 44.13 47.85 51.98
CA PRO G 37 43.47 46.54 52.07
C PRO G 37 42.34 46.41 51.05
N GLU G 38 42.23 45.23 50.48
CA GLU G 38 41.29 44.99 49.39
C GLU G 38 39.91 44.64 49.95
N ILE G 39 38.88 45.05 49.22
CA ILE G 39 37.49 44.77 49.56
C ILE G 39 36.90 43.91 48.45
N ALA G 40 36.06 42.95 48.83
CA ALA G 40 35.42 42.09 47.85
C ALA G 40 34.47 42.90 46.97
N HIS G 41 34.60 42.72 45.66
CA HIS G 41 33.76 43.42 44.67
C HIS G 41 33.81 44.93 44.85
N GLY G 42 34.99 45.48 45.13
CA GLY G 42 35.13 46.91 45.31
C GLY G 42 36.44 47.45 44.78
N TYR G 43 36.44 48.72 44.37
CA TYR G 43 37.61 49.36 43.82
C TYR G 43 38.08 50.49 44.75
N VAL G 44 39.39 50.66 44.83
CA VAL G 44 40.00 51.67 45.71
C VAL G 44 40.58 52.77 44.83
N GLU G 45 40.14 54.00 45.08
CA GLU G 45 40.66 55.17 44.38
C GLU G 45 41.78 55.76 45.24
N HIS G 46 43.02 55.51 44.84
CA HIS G 46 44.16 55.93 45.64
C HIS G 46 44.30 57.45 45.66
N SER G 47 44.71 57.98 46.81
CA SER G 47 44.90 59.41 46.98
C SER G 47 45.91 59.64 48.10
N VAL G 48 46.77 60.63 47.92
CA VAL G 48 47.82 60.96 48.87
C VAL G 48 47.77 62.47 49.15
N ARG G 49 47.95 62.85 50.41
CA ARG G 49 47.93 64.25 50.80
C ARG G 49 49.32 64.67 51.28
N TYR G 50 49.72 65.89 50.94
CA TYR G 50 51.05 66.38 51.28
C TYR G 50 50.99 67.19 52.56
N GLN G 51 51.72 66.75 53.58
CA GLN G 51 51.86 67.48 54.83
C GLN G 51 53.06 68.41 54.72
N CYS G 52 52.87 69.65 55.13
CA CYS G 52 53.93 70.65 54.96
C CYS G 52 55.15 70.31 55.80
N LYS G 53 56.32 70.62 55.26
CA LYS G 53 57.57 70.38 55.97
C LYS G 53 57.64 71.24 57.23
N ASN G 54 58.31 70.70 58.25
CA ASN G 54 58.48 71.43 59.50
C ASN G 54 59.26 72.71 59.26
N TYR G 55 58.90 73.75 60.01
CA TYR G 55 59.43 75.11 59.96
C TYR G 55 58.90 75.87 58.74
N TYR G 56 58.19 75.19 57.84
CA TYR G 56 57.66 75.80 56.63
C TYR G 56 56.13 75.83 56.69
N LYS G 57 55.55 76.72 55.88
CA LYS G 57 54.10 76.81 55.72
C LYS G 57 53.76 76.71 54.24
N LEU G 58 52.62 76.08 53.95
CA LEU G 58 52.22 75.82 52.57
C LEU G 58 51.96 77.13 51.84
N ARG G 59 52.79 77.43 50.85
CA ARG G 59 52.58 78.64 50.04
C ARG G 59 51.31 78.53 49.21
N THR G 60 51.06 77.36 48.64
CA THR G 60 49.89 77.18 47.78
C THR G 60 48.60 77.30 48.58
N GLU G 61 47.55 77.78 47.92
CA GLU G 61 46.25 77.89 48.55
C GLU G 61 45.59 76.53 48.77
N GLY G 62 46.01 75.50 48.03
CA GLY G 62 45.45 74.18 48.21
C GLY G 62 46.03 73.47 49.42
N ASP G 63 45.21 72.57 50.00
CA ASP G 63 45.66 71.78 51.14
C ASP G 63 46.65 70.70 50.72
N GLY G 64 46.56 70.22 49.48
CA GLY G 64 47.53 69.29 48.94
C GLY G 64 47.10 67.85 48.85
N VAL G 65 45.79 67.57 48.83
CA VAL G 65 45.31 66.19 48.73
C VAL G 65 45.35 65.76 47.27
N TYR G 66 46.39 65.03 46.89
CA TYR G 66 46.50 64.50 45.53
C TYR G 66 45.77 63.17 45.44
N THR G 67 45.09 62.94 44.31
CA THR G 67 44.38 61.70 44.06
C THR G 67 44.89 61.05 42.80
N LEU G 68 45.04 59.72 42.85
CA LEU G 68 45.54 58.98 41.71
C LEU G 68 44.48 58.91 40.62
N ASN G 69 44.90 59.06 39.37
CA ASN G 69 44.01 59.05 38.22
C ASN G 69 44.51 58.03 37.20
N ASN G 70 43.76 57.87 36.12
CA ASN G 70 44.13 56.91 35.08
C ASN G 70 45.42 57.32 34.38
N GLU G 71 45.76 58.60 34.39
CA GLU G 71 46.95 59.11 33.73
C GLU G 71 48.17 59.15 34.65
N LYS G 72 48.09 58.51 35.82
CA LYS G 72 49.25 58.17 36.66
C LYS G 72 49.81 59.40 37.37
N GLN G 73 49.31 60.59 37.05
CA GLN G 73 49.77 61.82 37.70
C GLN G 73 48.72 62.24 38.73
N TRP G 74 49.14 62.30 40.00
CA TRP G 74 48.24 62.67 41.08
C TRP G 74 47.93 64.16 41.03
N ILE G 75 46.68 64.51 41.35
CA ILE G 75 46.19 65.87 41.18
C ILE G 75 45.34 66.26 42.38
N ASN G 76 45.51 67.48 42.87
CA ASN G 76 44.59 68.08 43.82
C ASN G 76 43.71 69.09 43.09
N LYS G 77 42.44 69.15 43.48
CA LYS G 77 41.49 70.01 42.78
C LYS G 77 41.88 71.48 42.88
N ALA G 78 42.30 71.92 44.07
CA ALA G 78 42.61 73.33 44.27
C ALA G 78 43.91 73.72 43.58
N VAL G 79 44.96 72.91 43.74
CA VAL G 79 46.27 73.29 43.20
C VAL G 79 46.36 73.00 41.71
N GLY G 80 45.53 72.09 41.20
CA GLY G 80 45.61 71.75 39.79
C GLY G 80 46.90 71.03 39.47
N ASP G 81 47.45 71.31 38.28
CA ASP G 81 48.69 70.66 37.85
C ASP G 81 49.88 71.11 38.68
N LYS G 82 49.89 72.37 39.10
CA LYS G 82 51.01 72.91 39.86
C LYS G 82 51.17 72.17 41.18
N LEU G 83 52.42 71.78 41.48
CA LEU G 83 52.70 71.02 42.70
C LEU G 83 52.74 71.95 43.92
N PRO G 84 52.28 71.46 45.07
CA PRO G 84 52.36 72.27 46.29
C PRO G 84 53.80 72.52 46.71
N GLU G 85 54.02 73.68 47.33
CA GLU G 85 55.34 74.04 47.83
C GLU G 85 55.18 74.79 49.14
N CYS G 86 56.09 74.54 50.07
CA CYS G 86 56.05 75.13 51.41
C CYS G 86 57.13 76.20 51.52
N GLU G 87 56.77 77.34 52.09
CA GLU G 87 57.69 78.45 52.28
C GLU G 87 57.88 78.70 53.78
N ALA G 88 59.02 79.32 54.11
CA ALA G 88 59.34 79.63 55.50
C ALA G 88 58.40 80.68 56.06
#